data_9GKU
#
_entry.id   9GKU
#
_cell.length_a   103.861
_cell.length_b   103.698
_cell.length_c   104.499
_cell.angle_alpha   113.603
_cell.angle_beta   92.995
_cell.angle_gamma   120.605
#
_symmetry.space_group_name_H-M   'P 1'
#
loop_
_entity.id
_entity.type
_entity.pdbx_description
1 polymer 'Propanil hydrolase'
2 non-polymer 'ACETATE ION'
3 non-polymer beta-D-glucopyranose
4 non-polymer 'ZINC ION'
5 non-polymer 'POTASSIUM ION'
6 water water
#
_entity_poly.entity_id   1
_entity_poly.type   'polypeptide(L)'
_entity_poly.pdbx_seq_one_letter_code
;MAHHHHHHVGTMSNTGFYTHESTFWHSTGVQALYFPIGEWVQPPSGTYGADTPETKRRFLNLLRMSGLTDRLVMPAGEPV
TVEDCLRIHPADYIRRFKEASDAGGGDLGMLAPFSKGGFEIALMSAGLARAAIDDVLTGKVRNAYALSRPAGHHCLPDTP
MGFCLLANIPIAIEAARARHGIERVAVVDWDVHHGNGTQACYYDRSDVLTISVHQDRCFPPGYSGVEERGEGAGLGHNIN
IPLPAGSGQDTYVHAFETIVLPALDRYRPDLIVVASGLDANAVDPLARMLLFSESYRVLTGMMMDAADRLCEGRLAVVHE
GGYSEAYVPFCGQAIVETLAGVRTGVVDPELEMFALWQPGDRINRFHRELVDEMAAVLLG
;
_entity_poly.pdbx_strand_id   A,B,C,D,E,F,G,H
#
# COMPACT_ATOMS: atom_id res chain seq x y z
N GLY A 10 -41.21 10.65 -48.53
CA GLY A 10 -39.94 10.90 -49.20
C GLY A 10 -39.05 9.67 -49.33
N THR A 11 -37.76 9.87 -49.14
CA THR A 11 -36.74 8.87 -49.44
C THR A 11 -36.32 8.17 -48.14
N MET A 12 -35.03 8.03 -47.85
CA MET A 12 -34.55 7.22 -46.73
C MET A 12 -34.67 7.99 -45.41
N SER A 13 -34.86 7.25 -44.33
CA SER A 13 -34.98 7.80 -42.98
C SER A 13 -33.61 7.85 -42.30
N ASN A 14 -33.61 8.33 -41.06
CA ASN A 14 -32.44 8.35 -40.19
C ASN A 14 -32.57 7.33 -39.06
N THR A 15 -33.37 6.28 -39.27
CA THR A 15 -33.58 5.24 -38.27
C THR A 15 -32.84 3.98 -38.70
N GLY A 16 -32.04 3.44 -37.77
CA GLY A 16 -31.31 2.22 -38.01
C GLY A 16 -32.07 1.02 -37.47
N PHE A 17 -31.92 -0.12 -38.15
CA PHE A 17 -32.47 -1.40 -37.68
C PHE A 17 -31.36 -2.44 -37.75
N TYR A 18 -31.00 -3.01 -36.60
CA TYR A 18 -29.81 -3.83 -36.45
C TYR A 18 -30.24 -5.28 -36.24
N THR A 19 -29.98 -6.14 -37.21
CA THR A 19 -30.37 -7.52 -37.11
C THR A 19 -29.33 -8.39 -37.81
N HIS A 20 -29.22 -9.65 -37.38
CA HIS A 20 -28.34 -10.61 -38.03
C HIS A 20 -28.99 -11.99 -38.00
N GLU A 21 -28.82 -12.74 -39.08
CA GLU A 21 -29.53 -14.01 -39.23
C GLU A 21 -29.21 -14.96 -38.09
N SER A 22 -27.98 -14.90 -37.55
CA SER A 22 -27.57 -15.88 -36.54
C SER A 22 -28.38 -15.76 -35.25
N THR A 23 -28.94 -14.58 -34.96
CA THR A 23 -29.75 -14.43 -33.76
C THR A 23 -30.95 -15.38 -33.78
N PHE A 24 -31.41 -15.77 -34.96
CA PHE A 24 -32.54 -16.68 -35.06
C PHE A 24 -32.11 -18.13 -34.98
N TRP A 25 -30.80 -18.39 -34.90
CA TRP A 25 -30.28 -19.74 -34.79
C TRP A 25 -30.00 -20.17 -33.35
N HIS A 26 -30.08 -19.25 -32.40
CA HIS A 26 -30.00 -19.63 -31.00
C HIS A 26 -31.22 -20.47 -30.64
N SER A 27 -31.00 -21.55 -29.91
CA SER A 27 -32.09 -22.45 -29.52
C SER A 27 -31.97 -22.77 -28.04
N THR A 28 -33.10 -22.71 -27.32
CA THR A 28 -33.12 -23.10 -25.93
C THR A 28 -33.29 -24.60 -25.73
N GLY A 29 -33.44 -25.40 -26.80
CA GLY A 29 -33.65 -26.83 -26.63
C GLY A 29 -35.13 -27.18 -26.55
N VAL A 30 -35.40 -28.44 -26.19
CA VAL A 30 -36.78 -28.94 -26.15
C VAL A 30 -37.39 -28.61 -24.79
N GLN A 31 -38.32 -27.68 -24.78
CA GLN A 31 -39.14 -27.40 -23.60
C GLN A 31 -40.58 -27.29 -24.07
N ALA A 32 -41.51 -27.57 -23.16
CA ALA A 32 -42.91 -27.26 -23.39
C ALA A 32 -43.14 -25.89 -22.77
N LEU A 33 -43.41 -24.89 -23.62
CA LEU A 33 -43.27 -23.50 -23.23
C LEU A 33 -41.85 -23.34 -22.68
N TYR A 34 -41.67 -22.94 -21.43
CA TYR A 34 -40.34 -22.92 -20.81
C TYR A 34 -40.12 -24.07 -19.84
N PHE A 35 -41.06 -25.02 -19.75
CA PHE A 35 -40.94 -26.14 -18.81
C PHE A 35 -39.99 -27.19 -19.37
N PRO A 36 -39.00 -27.63 -18.61
CA PRO A 36 -38.15 -28.73 -19.08
C PRO A 36 -38.95 -30.03 -19.20
N ILE A 37 -38.64 -30.80 -20.25
CA ILE A 37 -39.30 -32.08 -20.40
C ILE A 37 -38.72 -33.08 -19.39
N GLY A 38 -39.49 -34.12 -19.10
CA GLY A 38 -39.13 -35.00 -18.01
C GLY A 38 -40.32 -35.87 -17.68
N GLU A 39 -40.42 -36.23 -16.40
CA GLU A 39 -41.38 -37.28 -16.04
C GLU A 39 -42.83 -36.85 -16.32
N TRP A 40 -43.20 -35.61 -15.99
CA TRP A 40 -44.60 -35.20 -16.13
C TRP A 40 -44.85 -34.17 -17.23
N VAL A 41 -43.81 -33.61 -17.84
CA VAL A 41 -43.96 -32.65 -18.92
C VAL A 41 -43.70 -33.36 -20.23
N GLN A 42 -44.76 -33.58 -20.99
CA GLN A 42 -44.68 -34.30 -22.25
C GLN A 42 -43.93 -33.46 -23.29
N PRO A 43 -43.07 -34.07 -24.10
CA PRO A 43 -42.43 -33.33 -25.18
C PRO A 43 -43.47 -32.68 -26.07
N PRO A 44 -43.23 -31.45 -26.50
CA PRO A 44 -44.21 -30.77 -27.36
C PRO A 44 -44.21 -31.32 -28.77
N SER A 45 -45.37 -31.22 -29.42
CA SER A 45 -45.47 -31.44 -30.86
C SER A 45 -45.61 -30.09 -31.52
N GLY A 46 -44.76 -29.82 -32.50
CA GLY A 46 -44.74 -28.51 -33.13
C GLY A 46 -43.86 -27.56 -32.35
N THR A 47 -44.42 -26.41 -31.96
CA THR A 47 -43.63 -25.38 -31.31
C THR A 47 -43.01 -25.90 -30.02
N TYR A 48 -41.67 -25.88 -29.95
CA TYR A 48 -40.94 -26.20 -28.74
C TYR A 48 -40.29 -24.93 -28.23
N GLY A 49 -40.23 -24.79 -26.90
CA GLY A 49 -39.67 -23.61 -26.27
C GLY A 49 -40.65 -22.46 -26.13
N ALA A 50 -40.18 -21.42 -25.43
CA ALA A 50 -40.89 -20.16 -25.26
C ALA A 50 -40.25 -19.04 -26.06
N ASP A 51 -38.95 -18.81 -25.84
CA ASP A 51 -38.16 -17.91 -26.68
C ASP A 51 -37.83 -18.67 -27.97
N THR A 52 -38.82 -18.75 -28.86
CA THR A 52 -38.58 -19.39 -30.14
C THR A 52 -38.04 -18.39 -31.15
N PRO A 53 -37.28 -18.84 -32.13
CA PRO A 53 -36.80 -17.91 -33.17
C PRO A 53 -37.93 -17.13 -33.82
N GLU A 54 -39.09 -17.76 -34.03
CA GLU A 54 -40.18 -17.09 -34.72
C GLU A 54 -40.77 -15.94 -33.93
N THR A 55 -40.67 -15.96 -32.59
CA THR A 55 -41.17 -14.84 -31.80
C THR A 55 -40.39 -13.56 -32.06
N LYS A 56 -39.21 -13.65 -32.68
CA LYS A 56 -38.47 -12.49 -33.13
C LYS A 56 -38.41 -12.37 -34.65
N ARG A 57 -38.27 -13.49 -35.37
CA ARG A 57 -38.14 -13.41 -36.82
C ARG A 57 -39.41 -12.86 -37.48
N ARG A 58 -40.59 -13.20 -36.95
CA ARG A 58 -41.81 -12.73 -37.59
C ARG A 58 -41.94 -11.21 -37.53
N PHE A 59 -41.33 -10.59 -36.50
CA PHE A 59 -41.22 -9.13 -36.44
C PHE A 59 -40.44 -8.61 -37.66
N LEU A 60 -39.23 -9.13 -37.89
CA LEU A 60 -38.46 -8.73 -39.05
C LEU A 60 -39.21 -9.01 -40.35
N ASN A 61 -39.87 -10.17 -40.42
CA ASN A 61 -40.59 -10.53 -41.66
C ASN A 61 -41.67 -9.51 -41.98
N LEU A 62 -42.45 -9.09 -40.97
CA LEU A 62 -43.49 -8.09 -41.22
C LEU A 62 -42.87 -6.76 -41.64
N LEU A 63 -41.76 -6.37 -41.00
CA LEU A 63 -41.05 -5.15 -41.42
C LEU A 63 -40.68 -5.21 -42.91
N ARG A 64 -40.16 -6.35 -43.37
CA ARG A 64 -39.85 -6.49 -44.79
C ARG A 64 -41.11 -6.41 -45.65
N MET A 65 -42.17 -7.13 -45.26
CA MET A 65 -43.41 -7.11 -46.03
C MET A 65 -44.02 -5.72 -46.12
N SER A 66 -43.86 -4.91 -45.08
CA SER A 66 -44.47 -3.59 -45.06
C SER A 66 -43.78 -2.63 -46.02
N GLY A 67 -42.59 -2.96 -46.47
CA GLY A 67 -41.79 -2.07 -47.28
C GLY A 67 -40.95 -1.08 -46.49
N LEU A 68 -41.05 -1.10 -45.16
CA LEU A 68 -40.37 -0.09 -44.35
C LEU A 68 -38.85 -0.25 -44.39
N THR A 69 -38.36 -1.48 -44.52
CA THR A 69 -36.92 -1.71 -44.55
C THR A 69 -36.23 -0.96 -45.70
N ASP A 70 -36.96 -0.63 -46.76
CA ASP A 70 -36.38 0.17 -47.84
C ASP A 70 -35.89 1.51 -47.33
N ARG A 71 -36.48 2.02 -46.25
CA ARG A 71 -36.21 3.36 -45.76
C ARG A 71 -35.50 3.35 -44.41
N LEU A 72 -34.94 2.20 -44.01
CA LEU A 72 -34.21 2.07 -42.77
C LEU A 72 -32.74 1.82 -43.08
N VAL A 73 -31.86 2.36 -42.26
CA VAL A 73 -30.44 2.04 -42.34
C VAL A 73 -30.25 0.69 -41.66
N MET A 74 -29.72 -0.28 -42.40
CA MET A 74 -29.56 -1.65 -41.90
C MET A 74 -28.12 -2.13 -42.05
N PRO A 75 -27.25 -1.75 -41.13
CA PRO A 75 -25.85 -2.15 -41.23
C PRO A 75 -25.68 -3.64 -40.94
N ALA A 76 -24.61 -4.19 -41.49
CA ALA A 76 -24.26 -5.57 -41.20
C ALA A 76 -23.94 -5.71 -39.71
N GLY A 77 -24.42 -6.80 -39.11
CA GLY A 77 -24.15 -7.04 -37.71
C GLY A 77 -22.70 -7.43 -37.47
N GLU A 78 -22.12 -6.89 -36.40
CA GLU A 78 -20.78 -7.25 -35.97
C GLU A 78 -20.85 -7.61 -34.49
N PRO A 79 -20.24 -8.70 -34.07
CA PRO A 79 -20.32 -9.09 -32.66
C PRO A 79 -19.44 -8.20 -31.78
N VAL A 80 -19.73 -8.23 -30.48
CA VAL A 80 -18.81 -7.67 -29.50
C VAL A 80 -17.68 -8.67 -29.28
N THR A 81 -16.63 -8.24 -28.60
CA THR A 81 -15.48 -9.08 -28.29
C THR A 81 -15.57 -9.55 -26.85
N VAL A 82 -14.76 -10.56 -26.52
CA VAL A 82 -14.62 -10.99 -25.12
C VAL A 82 -14.18 -9.82 -24.25
N GLU A 83 -13.29 -8.96 -24.77
CA GLU A 83 -12.88 -7.78 -24.02
C GLU A 83 -14.07 -6.88 -23.68
N ASP A 84 -15.00 -6.70 -24.65
CA ASP A 84 -16.21 -5.92 -24.36
C ASP A 84 -17.02 -6.57 -23.26
N CYS A 85 -17.13 -7.91 -23.28
CA CYS A 85 -17.91 -8.59 -22.26
C CYS A 85 -17.28 -8.45 -20.87
N LEU A 86 -15.94 -8.39 -20.80
CA LEU A 86 -15.26 -8.33 -19.52
C LEU A 86 -15.41 -6.98 -18.82
N ARG A 87 -15.93 -5.95 -19.50
CA ARG A 87 -16.26 -4.73 -18.79
C ARG A 87 -17.43 -4.91 -17.84
N ILE A 88 -18.23 -5.96 -18.01
CA ILE A 88 -19.40 -6.24 -17.20
C ILE A 88 -19.27 -7.56 -16.46
N HIS A 89 -18.83 -8.65 -17.18
CA HIS A 89 -18.84 -10.03 -16.72
C HIS A 89 -17.46 -10.46 -16.27
N PRO A 90 -17.35 -11.30 -15.24
CA PRO A 90 -16.03 -11.81 -14.85
C PRO A 90 -15.54 -12.82 -15.87
N ALA A 91 -14.21 -12.92 -15.96
CA ALA A 91 -13.64 -13.86 -16.92
C ALA A 91 -14.08 -15.29 -16.65
N ASP A 92 -14.36 -15.63 -15.40
CA ASP A 92 -14.75 -16.99 -15.09
C ASP A 92 -16.09 -17.35 -15.71
N TYR A 93 -17.04 -16.42 -15.71
CA TYR A 93 -18.33 -16.69 -16.36
C TYR A 93 -18.15 -16.86 -17.86
N ILE A 94 -17.45 -15.91 -18.50
CA ILE A 94 -17.24 -15.97 -19.94
C ILE A 94 -16.52 -17.26 -20.32
N ARG A 95 -15.55 -17.68 -19.51
CA ARG A 95 -14.82 -18.92 -19.80
C ARG A 95 -15.75 -20.14 -19.73
N ARG A 96 -16.59 -20.21 -18.70
CA ARG A 96 -17.46 -21.37 -18.56
C ARG A 96 -18.56 -21.37 -19.62
N PHE A 97 -19.04 -20.18 -20.00
CA PHE A 97 -20.03 -20.06 -21.06
C PHE A 97 -19.46 -20.54 -22.39
N LYS A 98 -18.26 -20.05 -22.74
CA LYS A 98 -17.62 -20.49 -23.97
C LYS A 98 -17.36 -21.99 -23.95
N GLU A 99 -16.90 -22.51 -22.81
CA GLU A 99 -16.61 -23.94 -22.69
C GLU A 99 -17.84 -24.78 -22.97
N ALA A 100 -18.97 -24.44 -22.34
CA ALA A 100 -20.20 -25.21 -22.56
C ALA A 100 -20.70 -25.05 -23.99
N SER A 101 -20.57 -23.85 -24.56
CA SER A 101 -21.03 -23.61 -25.93
C SER A 101 -20.22 -24.40 -26.93
N ASP A 102 -18.93 -24.62 -26.66
CA ASP A 102 -18.09 -25.41 -27.55
C ASP A 102 -18.42 -26.89 -27.48
N ALA A 103 -18.98 -27.35 -26.37
CA ALA A 103 -19.44 -28.73 -26.28
C ALA A 103 -20.86 -28.81 -26.81
N GLY A 104 -21.83 -29.03 -25.93
CA GLY A 104 -23.20 -29.22 -26.38
C GLY A 104 -24.19 -28.19 -25.88
N GLY A 105 -23.71 -27.07 -25.37
CA GLY A 105 -24.60 -26.10 -24.75
C GLY A 105 -24.76 -26.38 -23.26
N GLY A 106 -25.79 -25.78 -22.68
CA GLY A 106 -26.04 -25.99 -21.25
C GLY A 106 -26.98 -24.94 -20.70
N ASP A 107 -26.88 -24.75 -19.38
CA ASP A 107 -27.64 -23.72 -18.69
C ASP A 107 -26.87 -23.38 -17.42
N LEU A 108 -26.22 -22.21 -17.42
CA LEU A 108 -25.33 -21.81 -16.34
C LEU A 108 -26.05 -20.98 -15.28
N GLY A 109 -27.35 -20.77 -15.42
CA GLY A 109 -28.07 -19.97 -14.47
C GLY A 109 -29.47 -20.48 -14.20
N MET A 110 -30.42 -19.55 -14.15
CA MET A 110 -31.83 -19.84 -13.85
C MET A 110 -32.62 -19.61 -15.13
N LEU A 111 -33.06 -20.69 -15.78
CA LEU A 111 -33.93 -20.58 -16.96
C LEU A 111 -33.23 -19.84 -18.09
N ALA A 112 -31.97 -20.22 -18.35
CA ALA A 112 -31.14 -19.62 -19.40
C ALA A 112 -30.47 -20.71 -20.24
N PRO A 113 -31.24 -21.61 -20.84
CA PRO A 113 -30.64 -22.67 -21.64
C PRO A 113 -30.12 -22.17 -22.99
N PHE A 114 -29.09 -22.85 -23.50
CA PHE A 114 -28.56 -22.54 -24.82
C PHE A 114 -27.95 -23.80 -25.41
N SER A 115 -27.77 -23.77 -26.73
CA SER A 115 -27.28 -24.90 -27.50
C SER A 115 -25.84 -24.68 -27.93
N LYS A 116 -25.27 -25.69 -28.61
CA LYS A 116 -23.92 -25.59 -29.13
C LYS A 116 -23.80 -24.36 -30.00
N GLY A 117 -22.72 -23.61 -29.81
CA GLY A 117 -22.51 -22.37 -30.55
C GLY A 117 -23.24 -21.15 -30.02
N GLY A 118 -23.99 -21.29 -28.92
CA GLY A 118 -24.74 -20.17 -28.41
C GLY A 118 -23.89 -18.99 -27.95
N PHE A 119 -22.63 -19.25 -27.60
CA PHE A 119 -21.77 -18.15 -27.17
C PHE A 119 -21.53 -17.16 -28.30
N GLU A 120 -21.15 -17.66 -29.48
CA GLU A 120 -20.92 -16.77 -30.62
C GLU A 120 -22.18 -16.01 -30.99
N ILE A 121 -23.34 -16.66 -30.91
CA ILE A 121 -24.58 -15.96 -31.23
C ILE A 121 -24.88 -14.90 -30.17
N ALA A 122 -24.62 -15.21 -28.90
CA ALA A 122 -24.78 -14.19 -27.86
C ALA A 122 -23.86 -12.99 -28.10
N LEU A 123 -22.64 -13.23 -28.59
CA LEU A 123 -21.76 -12.11 -28.92
C LEU A 123 -22.34 -11.27 -30.05
N MET A 124 -22.95 -11.92 -31.06
CA MET A 124 -23.58 -11.16 -32.13
C MET A 124 -24.77 -10.35 -31.63
N SER A 125 -25.60 -10.97 -30.79
CA SER A 125 -26.76 -10.26 -30.27
C SER A 125 -26.33 -9.01 -29.50
N ALA A 126 -25.32 -9.16 -28.65
CA ALA A 126 -24.80 -8.00 -27.93
C ALA A 126 -24.19 -6.99 -28.89
N GLY A 127 -23.62 -7.47 -30.00
CA GLY A 127 -23.06 -6.57 -31.00
C GLY A 127 -24.10 -5.73 -31.70
N LEU A 128 -25.32 -6.24 -31.87
CA LEU A 128 -26.36 -5.42 -32.45
C LEU A 128 -26.69 -4.24 -31.54
N ALA A 129 -26.75 -4.49 -30.23
CA ALA A 129 -27.02 -3.42 -29.29
C ALA A 129 -25.86 -2.43 -29.23
N ARG A 130 -24.63 -2.94 -29.24
CA ARG A 130 -23.44 -2.07 -29.21
C ARG A 130 -23.42 -1.15 -30.43
N ALA A 131 -23.62 -1.72 -31.63
CA ALA A 131 -23.59 -0.90 -32.84
C ALA A 131 -24.72 0.11 -32.88
N ALA A 132 -25.92 -0.30 -32.43
CA ALA A 132 -27.05 0.63 -32.43
C ALA A 132 -26.75 1.84 -31.57
N ILE A 133 -26.23 1.61 -30.36
CA ILE A 133 -25.90 2.72 -29.47
C ILE A 133 -24.77 3.56 -30.04
N ASP A 134 -23.74 2.90 -30.57
CA ASP A 134 -22.61 3.64 -31.14
C ASP A 134 -23.04 4.53 -32.31
N ASP A 135 -23.88 4.00 -33.20
CA ASP A 135 -24.28 4.76 -34.38
C ASP A 135 -25.21 5.91 -34.03
N VAL A 136 -26.02 5.75 -32.98
CA VAL A 136 -26.81 6.89 -32.50
C VAL A 136 -25.90 7.96 -31.93
N LEU A 137 -24.87 7.55 -31.20
CA LEU A 137 -23.98 8.51 -30.56
C LEU A 137 -23.17 9.30 -31.58
N THR A 138 -22.61 8.61 -32.58
CA THR A 138 -21.81 9.29 -33.59
C THR A 138 -22.66 10.02 -34.62
N GLY A 139 -23.99 9.93 -34.53
CA GLY A 139 -24.86 10.62 -35.46
C GLY A 139 -25.09 9.93 -36.78
N LYS A 140 -24.62 8.69 -36.95
CA LYS A 140 -24.91 7.93 -38.17
C LYS A 140 -26.42 7.82 -38.40
N VAL A 141 -27.16 7.51 -37.34
CA VAL A 141 -28.61 7.50 -37.37
C VAL A 141 -29.11 8.36 -36.23
N ARG A 142 -30.35 8.83 -36.36
CA ARG A 142 -30.95 9.57 -35.26
C ARG A 142 -31.42 8.65 -34.14
N ASN A 143 -31.99 7.51 -34.49
CA ASN A 143 -32.44 6.54 -33.51
C ASN A 143 -32.29 5.16 -34.13
N ALA A 144 -32.52 4.13 -33.33
CA ALA A 144 -32.22 2.77 -33.78
C ALA A 144 -33.05 1.76 -33.01
N TYR A 145 -33.32 0.63 -33.66
CA TYR A 145 -33.89 -0.55 -33.01
C TYR A 145 -32.94 -1.72 -33.27
N ALA A 146 -32.50 -2.38 -32.21
CA ALA A 146 -31.62 -3.55 -32.32
C ALA A 146 -32.43 -4.80 -31.98
N LEU A 147 -32.58 -5.69 -32.96
CA LEU A 147 -33.34 -6.93 -32.75
C LEU A 147 -32.41 -7.97 -32.12
N SER A 148 -32.08 -7.73 -30.85
CA SER A 148 -31.19 -8.65 -30.14
C SER A 148 -31.95 -9.90 -29.74
N ARG A 149 -31.33 -11.04 -29.94
CA ARG A 149 -31.76 -12.33 -29.42
C ARG A 149 -30.49 -13.18 -29.39
N PRO A 150 -30.13 -13.76 -28.25
CA PRO A 150 -30.84 -13.72 -26.97
C PRO A 150 -30.85 -12.35 -26.32
N ALA A 151 -31.87 -12.15 -25.49
CA ALA A 151 -32.08 -10.93 -24.75
C ALA A 151 -31.02 -10.77 -23.65
N GLY A 152 -31.07 -9.64 -22.95
CA GLY A 152 -30.02 -9.30 -22.01
C GLY A 152 -30.40 -8.81 -20.63
N HIS A 153 -31.62 -8.29 -20.43
CA HIS A 153 -31.85 -7.47 -19.24
C HIS A 153 -32.00 -8.26 -17.93
N HIS A 154 -32.09 -9.59 -17.99
CA HIS A 154 -32.08 -10.38 -16.76
C HIS A 154 -30.69 -10.88 -16.38
N CYS A 155 -29.68 -10.71 -17.24
CA CYS A 155 -28.39 -11.32 -17.00
C CYS A 155 -27.63 -10.54 -15.93
N LEU A 156 -27.31 -11.21 -14.83
CA LEU A 156 -26.46 -10.59 -13.83
C LEU A 156 -25.01 -10.68 -14.27
N PRO A 157 -24.12 -9.86 -13.70
CA PRO A 157 -22.71 -9.97 -14.08
C PRO A 157 -22.15 -11.39 -14.04
N ASP A 158 -22.53 -12.20 -13.04
CA ASP A 158 -21.99 -13.54 -12.96
CA ASP A 158 -22.03 -13.54 -12.82
C ASP A 158 -23.03 -14.64 -13.18
N THR A 159 -24.28 -14.28 -13.44
CA THR A 159 -25.33 -15.29 -13.54
C THR A 159 -26.33 -14.99 -14.65
N PRO A 160 -26.38 -15.81 -15.70
CA PRO A 160 -27.42 -15.64 -16.72
C PRO A 160 -28.76 -16.09 -16.17
N MET A 161 -29.83 -15.47 -16.69
CA MET A 161 -31.16 -15.70 -16.14
C MET A 161 -32.21 -15.39 -17.19
N GLY A 162 -33.32 -16.12 -17.14
CA GLY A 162 -34.51 -15.74 -17.87
C GLY A 162 -34.29 -15.44 -19.34
N PHE A 163 -33.67 -16.38 -20.05
CA PHE A 163 -33.39 -16.32 -21.48
C PHE A 163 -32.27 -15.37 -21.85
N CYS A 164 -31.56 -14.79 -20.88
CA CYS A 164 -30.53 -13.79 -21.14
C CYS A 164 -29.17 -14.36 -20.76
N LEU A 165 -28.23 -14.35 -21.70
CA LEU A 165 -26.93 -14.97 -21.52
C LEU A 165 -25.80 -13.97 -21.34
N LEU A 166 -25.96 -12.75 -21.87
CA LEU A 166 -25.00 -11.67 -21.69
C LEU A 166 -25.77 -10.40 -21.38
N ALA A 167 -25.12 -9.44 -20.71
CA ALA A 167 -25.80 -8.20 -20.35
C ALA A 167 -25.69 -7.21 -21.52
N ASN A 168 -26.58 -7.39 -22.50
CA ASN A 168 -26.45 -6.68 -23.78
C ASN A 168 -26.34 -5.16 -23.59
N ILE A 169 -27.29 -4.57 -22.90
CA ILE A 169 -27.31 -3.10 -22.80
C ILE A 169 -26.12 -2.59 -22.00
N PRO A 170 -25.81 -3.17 -20.82
CA PRO A 170 -24.60 -2.71 -20.11
C PRO A 170 -23.31 -2.90 -20.89
N ILE A 171 -23.14 -4.01 -21.61
CA ILE A 171 -21.94 -4.17 -22.43
C ILE A 171 -21.86 -3.06 -23.46
N ALA A 172 -23.00 -2.73 -24.09
CA ALA A 172 -23.04 -1.70 -25.11
C ALA A 172 -22.71 -0.33 -24.53
N ILE A 173 -23.25 -0.04 -23.35
CA ILE A 173 -23.00 1.25 -22.70
C ILE A 173 -21.53 1.35 -22.32
N GLU A 174 -20.96 0.30 -21.71
CA GLU A 174 -19.56 0.39 -21.30
C GLU A 174 -18.64 0.49 -22.51
N ALA A 175 -19.00 -0.13 -23.64
CA ALA A 175 -18.19 0.03 -24.83
C ALA A 175 -18.28 1.45 -25.35
N ALA A 176 -19.46 2.06 -25.27
CA ALA A 176 -19.61 3.46 -25.68
C ALA A 176 -18.83 4.39 -24.77
N ARG A 177 -18.70 4.05 -23.48
CA ARG A 177 -17.89 4.86 -22.58
C ARG A 177 -16.43 4.80 -22.97
N ALA A 178 -15.91 3.60 -23.23
CA ALA A 178 -14.51 3.45 -23.59
C ALA A 178 -14.16 4.18 -24.88
N ARG A 179 -15.13 4.31 -25.78
CA ARG A 179 -14.92 4.88 -27.10
C ARG A 179 -15.27 6.37 -27.18
N HIS A 180 -16.31 6.80 -26.48
CA HIS A 180 -16.79 8.19 -26.56
C HIS A 180 -16.85 8.92 -25.23
N GLY A 181 -16.63 8.25 -24.10
CA GLY A 181 -16.64 8.92 -22.81
C GLY A 181 -17.98 9.44 -22.35
N ILE A 182 -19.09 8.92 -22.87
CA ILE A 182 -20.41 9.43 -22.52
C ILE A 182 -20.64 9.32 -21.01
N GLU A 183 -21.29 10.34 -20.43
CA GLU A 183 -21.33 10.53 -18.97
C GLU A 183 -22.63 10.07 -18.32
N ARG A 184 -23.79 10.44 -18.87
CA ARG A 184 -25.07 10.07 -18.26
C ARG A 184 -25.96 9.38 -19.28
N VAL A 185 -26.41 8.17 -18.97
CA VAL A 185 -27.30 7.40 -19.82
C VAL A 185 -28.51 6.97 -19.01
N ALA A 186 -29.69 7.02 -19.62
CA ALA A 186 -30.89 6.49 -18.99
C ALA A 186 -31.34 5.25 -19.75
N VAL A 187 -31.69 4.20 -19.02
CA VAL A 187 -32.25 2.97 -19.57
C VAL A 187 -33.70 2.86 -19.08
N VAL A 188 -34.65 2.86 -20.00
CA VAL A 188 -36.06 2.73 -19.66
C VAL A 188 -36.49 1.36 -20.19
N ASP A 189 -36.86 0.46 -19.29
CA ASP A 189 -37.10 -0.95 -19.62
C ASP A 189 -38.61 -1.17 -19.55
N TRP A 190 -39.26 -1.31 -20.72
CA TRP A 190 -40.68 -1.58 -20.77
C TRP A 190 -41.01 -3.03 -21.12
N ASP A 191 -40.01 -3.90 -21.23
CA ASP A 191 -40.28 -5.32 -21.14
C ASP A 191 -41.10 -5.55 -19.88
N VAL A 192 -42.05 -6.50 -19.97
CA VAL A 192 -42.99 -6.69 -18.86
C VAL A 192 -42.35 -7.29 -17.62
N HIS A 193 -41.12 -7.79 -17.71
CA HIS A 193 -40.44 -8.37 -16.57
C HIS A 193 -39.40 -7.40 -16.04
N HIS A 194 -39.04 -7.57 -14.77
CA HIS A 194 -38.10 -6.65 -14.14
C HIS A 194 -36.70 -6.77 -14.73
N GLY A 195 -36.08 -5.63 -15.06
CA GLY A 195 -34.72 -5.63 -15.55
C GLY A 195 -33.69 -5.75 -14.43
N ASN A 196 -33.65 -6.93 -13.78
CA ASN A 196 -32.77 -7.12 -12.63
C ASN A 196 -31.30 -7.12 -13.04
N GLY A 197 -30.99 -7.57 -14.25
CA GLY A 197 -29.61 -7.53 -14.71
C GLY A 197 -29.10 -6.12 -14.86
N THR A 198 -29.84 -5.27 -15.59
CA THR A 198 -29.45 -3.87 -15.75
C THR A 198 -29.36 -3.19 -14.40
N GLN A 199 -30.33 -3.44 -13.52
CA GLN A 199 -30.29 -2.86 -12.18
C GLN A 199 -28.99 -3.22 -11.47
N ALA A 200 -28.62 -4.50 -11.51
CA ALA A 200 -27.45 -4.96 -10.77
C ALA A 200 -26.17 -4.36 -11.33
N CYS A 201 -26.11 -4.20 -12.65
CA CYS A 201 -24.86 -3.75 -13.26
C CYS A 201 -24.50 -2.33 -12.83
N TYR A 202 -25.50 -1.49 -12.55
CA TYR A 202 -25.27 -0.07 -12.29
C TYR A 202 -25.77 0.36 -10.91
N TYR A 203 -26.04 -0.59 -10.01
CA TYR A 203 -26.80 -0.27 -8.81
C TYR A 203 -26.08 0.76 -7.95
N ASP A 204 -24.75 0.74 -7.93
CA ASP A 204 -23.97 1.67 -7.11
C ASP A 204 -23.40 2.83 -7.91
N ARG A 205 -23.96 3.12 -9.08
CA ARG A 205 -23.38 4.09 -10.00
C ARG A 205 -24.41 5.14 -10.37
N SER A 206 -23.95 6.38 -10.53
CA SER A 206 -24.80 7.49 -10.90
C SER A 206 -24.79 7.77 -12.40
N ASP A 207 -23.91 7.13 -13.16
CA ASP A 207 -23.78 7.42 -14.59
C ASP A 207 -24.77 6.67 -15.47
N VAL A 208 -25.60 5.80 -14.89
CA VAL A 208 -26.75 5.23 -15.58
C VAL A 208 -27.95 5.30 -14.65
N LEU A 209 -29.04 5.90 -15.14
CA LEU A 209 -30.33 5.84 -14.48
C LEU A 209 -31.09 4.65 -15.06
N THR A 210 -31.39 3.67 -14.22
CA THR A 210 -32.09 2.46 -14.64
C THR A 210 -33.53 2.51 -14.15
N ILE A 211 -34.47 2.42 -15.09
CA ILE A 211 -35.90 2.47 -14.80
C ILE A 211 -36.52 1.21 -15.38
N SER A 212 -37.30 0.51 -14.56
CA SER A 212 -38.03 -0.67 -15.04
C SER A 212 -39.50 -0.54 -14.70
N VAL A 213 -40.36 -0.66 -15.71
CA VAL A 213 -41.79 -0.84 -15.53
C VAL A 213 -42.06 -2.30 -15.79
N HIS A 214 -42.73 -2.98 -14.85
CA HIS A 214 -42.89 -4.42 -14.97
C HIS A 214 -44.12 -4.90 -14.23
N GLN A 215 -44.60 -6.07 -14.63
CA GLN A 215 -45.71 -6.70 -13.92
C GLN A 215 -45.26 -7.09 -12.52
N ASP A 216 -46.01 -6.65 -11.52
CA ASP A 216 -45.68 -6.95 -10.13
C ASP A 216 -45.58 -8.46 -9.95
N ARG A 217 -44.45 -8.90 -9.40
CA ARG A 217 -44.20 -10.27 -8.94
C ARG A 217 -43.92 -11.29 -10.05
N CYS A 218 -43.78 -10.87 -11.31
CA CYS A 218 -43.73 -11.83 -12.41
C CYS A 218 -42.35 -12.47 -12.60
N PHE A 219 -41.38 -11.72 -13.11
CA PHE A 219 -40.04 -12.28 -13.21
C PHE A 219 -38.98 -11.22 -12.96
N PRO A 220 -38.08 -11.44 -11.97
CA PRO A 220 -38.01 -12.60 -11.06
C PRO A 220 -39.28 -12.81 -10.23
N PRO A 221 -39.67 -14.05 -9.99
CA PRO A 221 -40.98 -14.31 -9.38
C PRO A 221 -41.04 -13.72 -7.99
N GLY A 222 -42.09 -12.97 -7.74
CA GLY A 222 -42.28 -12.41 -6.42
C GLY A 222 -41.66 -11.08 -6.15
N TYR A 223 -40.99 -10.49 -7.11
CA TYR A 223 -40.28 -9.25 -6.89
C TYR A 223 -41.14 -8.07 -7.31
N SER A 224 -41.17 -7.05 -6.46
CA SER A 224 -41.83 -5.78 -6.75
C SER A 224 -40.79 -4.68 -6.95
N GLY A 225 -40.14 -4.26 -5.86
CA GLY A 225 -38.90 -3.53 -5.93
C GLY A 225 -38.93 -2.02 -5.79
N VAL A 226 -40.06 -1.42 -5.40
CA VAL A 226 -40.14 0.05 -5.35
C VAL A 226 -39.08 0.62 -4.43
N GLU A 227 -38.80 -0.07 -3.32
CA GLU A 227 -37.88 0.49 -2.34
C GLU A 227 -36.42 0.28 -2.70
N GLU A 228 -36.13 -0.49 -3.75
CA GLU A 228 -34.74 -0.69 -4.16
C GLU A 228 -34.37 0.43 -5.12
N ARG A 229 -33.71 1.46 -4.59
CA ARG A 229 -33.46 2.68 -5.35
C ARG A 229 -31.97 2.96 -5.54
N GLY A 230 -31.12 1.98 -5.32
CA GLY A 230 -29.69 2.12 -5.55
C GLY A 230 -28.92 2.17 -4.24
N GLU A 231 -27.61 2.35 -4.36
CA GLU A 231 -26.76 2.44 -3.19
C GLU A 231 -25.57 3.33 -3.50
N GLY A 232 -25.04 3.98 -2.46
CA GLY A 232 -23.86 4.80 -2.67
C GLY A 232 -24.12 5.93 -3.64
N ALA A 233 -23.16 6.15 -4.54
CA ALA A 233 -23.34 7.15 -5.57
C ALA A 233 -24.57 6.87 -6.42
N GLY A 234 -25.01 5.62 -6.46
CA GLY A 234 -26.19 5.25 -7.22
C GLY A 234 -27.51 5.48 -6.53
N LEU A 235 -27.52 6.01 -5.30
CA LEU A 235 -28.78 6.18 -4.59
C LEU A 235 -29.65 7.19 -5.32
N GLY A 236 -30.88 6.79 -5.61
CA GLY A 236 -31.81 7.61 -6.38
C GLY A 236 -31.73 7.42 -7.88
N HIS A 237 -30.85 6.55 -8.37
CA HIS A 237 -30.66 6.35 -9.79
C HIS A 237 -31.16 4.98 -10.26
N ASN A 238 -32.00 4.34 -9.47
CA ASN A 238 -32.72 3.14 -9.90
C ASN A 238 -34.18 3.33 -9.51
N ILE A 239 -35.08 3.04 -10.45
CA ILE A 239 -36.50 3.29 -10.25
C ILE A 239 -37.26 2.07 -10.74
N ASN A 240 -37.93 1.37 -9.84
CA ASN A 240 -38.80 0.25 -10.19
C ASN A 240 -40.25 0.68 -10.07
N ILE A 241 -41.04 0.35 -11.10
CA ILE A 241 -42.45 0.69 -11.17
C ILE A 241 -43.21 -0.61 -11.40
N PRO A 242 -43.50 -1.38 -10.35
CA PRO A 242 -44.31 -2.58 -10.53
C PRO A 242 -45.77 -2.21 -10.72
N LEU A 243 -46.36 -2.73 -11.78
CA LEU A 243 -47.76 -2.49 -12.08
C LEU A 243 -48.55 -3.77 -11.91
N PRO A 244 -49.82 -3.68 -11.52
CA PRO A 244 -50.61 -4.90 -11.33
C PRO A 244 -50.77 -5.68 -12.62
N ALA A 245 -50.81 -7.00 -12.48
CA ALA A 245 -51.28 -7.85 -13.58
C ALA A 245 -52.63 -7.34 -14.05
N GLY A 246 -52.85 -7.40 -15.36
CA GLY A 246 -54.09 -6.89 -15.92
C GLY A 246 -54.11 -5.41 -16.21
N SER A 247 -52.96 -4.74 -16.17
CA SER A 247 -52.90 -3.32 -16.53
C SER A 247 -52.91 -3.17 -18.03
N GLY A 248 -53.62 -2.14 -18.51
CA GLY A 248 -53.67 -1.81 -19.90
C GLY A 248 -52.97 -0.51 -20.24
N GLN A 249 -53.33 0.05 -21.41
CA GLN A 249 -52.63 1.20 -21.94
C GLN A 249 -52.77 2.42 -21.03
N ASP A 250 -53.95 2.65 -20.47
CA ASP A 250 -54.16 3.82 -19.60
CA ASP A 250 -54.12 3.84 -19.64
C ASP A 250 -53.20 3.82 -18.43
N THR A 251 -53.06 2.66 -17.76
CA THR A 251 -52.16 2.55 -16.62
C THR A 251 -50.71 2.77 -17.04
N TYR A 252 -50.29 2.12 -18.13
CA TYR A 252 -48.91 2.30 -18.59
C TYR A 252 -48.63 3.76 -18.94
N VAL A 253 -49.54 4.39 -19.70
CA VAL A 253 -49.33 5.78 -20.09
C VAL A 253 -49.25 6.69 -18.86
N HIS A 254 -50.09 6.43 -17.85
CA HIS A 254 -50.04 7.23 -16.62
C HIS A 254 -48.71 7.08 -15.91
N ALA A 255 -48.19 5.85 -15.83
CA ALA A 255 -46.89 5.65 -15.18
C ALA A 255 -45.78 6.36 -15.92
N PHE A 256 -45.86 6.40 -17.27
CA PHE A 256 -44.83 7.10 -18.03
C PHE A 256 -44.95 8.61 -17.87
N GLU A 257 -46.18 9.14 -17.87
CA GLU A 257 -46.36 10.58 -17.74
C GLU A 257 -45.95 11.09 -16.37
N THR A 258 -46.22 10.33 -15.32
CA THR A 258 -46.06 10.83 -13.97
C THR A 258 -44.81 10.33 -13.25
N ILE A 259 -44.14 9.30 -13.78
CA ILE A 259 -42.91 8.82 -13.15
C ILE A 259 -41.75 8.83 -14.13
N VAL A 260 -41.88 8.13 -15.27
CA VAL A 260 -40.75 7.96 -16.15
C VAL A 260 -40.28 9.30 -16.73
N LEU A 261 -41.18 10.04 -17.35
CA LEU A 261 -40.79 11.30 -17.98
C LEU A 261 -40.21 12.30 -16.99
N PRO A 262 -40.83 12.53 -15.82
CA PRO A 262 -40.19 13.44 -14.85
C PRO A 262 -38.84 12.95 -14.35
N ALA A 263 -38.67 11.64 -14.18
CA ALA A 263 -37.37 11.13 -13.77
C ALA A 263 -36.31 11.42 -14.82
N LEU A 264 -36.65 11.26 -16.10
CA LEU A 264 -35.69 11.58 -17.15
C LEU A 264 -35.34 13.07 -17.17
N ASP A 265 -36.35 13.94 -17.00
CA ASP A 265 -36.11 15.39 -16.98
C ASP A 265 -35.13 15.76 -15.88
N ARG A 266 -35.29 15.17 -14.70
CA ARG A 266 -34.41 15.49 -13.58
C ARG A 266 -33.01 14.94 -13.78
N TYR A 267 -32.87 13.81 -14.46
CA TYR A 267 -31.57 13.17 -14.57
C TYR A 267 -30.71 13.79 -15.67
N ARG A 268 -31.34 14.31 -16.74
CA ARG A 268 -30.68 14.95 -17.86
CA ARG A 268 -30.69 14.95 -17.87
C ARG A 268 -29.72 13.98 -18.54
N PRO A 269 -30.21 12.92 -19.17
CA PRO A 269 -29.32 11.95 -19.83
C PRO A 269 -28.76 12.52 -21.12
N ASP A 270 -27.60 12.00 -21.50
CA ASP A 270 -27.01 12.28 -22.80
C ASP A 270 -27.39 11.24 -23.84
N LEU A 271 -28.07 10.18 -23.42
CA LEU A 271 -28.57 9.14 -24.31
C LEU A 271 -29.68 8.41 -23.58
N ILE A 272 -30.73 8.06 -24.32
CA ILE A 272 -31.80 7.24 -23.77
C ILE A 272 -31.77 5.91 -24.49
N VAL A 273 -31.68 4.83 -23.72
CA VAL A 273 -31.78 3.47 -24.24
C VAL A 273 -33.09 2.88 -23.71
N VAL A 274 -33.90 2.31 -24.61
CA VAL A 274 -35.10 1.60 -24.20
C VAL A 274 -34.80 0.11 -24.28
N ALA A 275 -35.05 -0.61 -23.18
CA ALA A 275 -35.02 -2.07 -23.22
C ALA A 275 -36.43 -2.48 -23.61
N SER A 276 -36.59 -2.91 -24.85
CA SER A 276 -37.91 -3.05 -25.45
C SER A 276 -38.26 -4.53 -25.55
N GLY A 277 -38.84 -5.08 -24.48
CA GLY A 277 -39.58 -6.30 -24.61
C GLY A 277 -40.99 -6.00 -25.07
N LEU A 278 -41.55 -6.89 -25.89
CA LEU A 278 -42.93 -6.74 -26.34
C LEU A 278 -43.87 -7.72 -25.65
N ASP A 279 -43.46 -8.24 -24.49
CA ASP A 279 -44.25 -9.23 -23.76
C ASP A 279 -45.33 -8.65 -22.86
N ALA A 280 -45.53 -7.33 -22.84
CA ALA A 280 -46.72 -6.78 -22.21
C ALA A 280 -47.92 -6.80 -23.15
N ASN A 281 -47.77 -7.39 -24.34
CA ASN A 281 -48.88 -7.41 -25.29
C ASN A 281 -50.02 -8.29 -24.78
N ALA A 282 -51.21 -8.04 -25.34
CA ALA A 282 -52.47 -8.55 -24.79
C ALA A 282 -52.63 -10.07 -24.88
N VAL A 283 -51.85 -10.77 -25.71
CA VAL A 283 -51.96 -12.22 -25.83
C VAL A 283 -50.66 -12.92 -25.49
N ASP A 284 -49.78 -12.26 -24.70
CA ASP A 284 -48.53 -12.95 -24.45
C ASP A 284 -48.76 -14.06 -23.42
N PRO A 285 -48.13 -15.22 -23.59
CA PRO A 285 -48.25 -16.27 -22.56
C PRO A 285 -47.45 -15.99 -21.30
N LEU A 286 -46.39 -15.17 -21.35
CA LEU A 286 -45.48 -15.04 -20.23
C LEU A 286 -45.74 -13.81 -19.37
N ALA A 287 -46.87 -13.13 -19.57
CA ALA A 287 -47.32 -12.10 -18.66
C ALA A 287 -48.81 -11.88 -18.87
N ARG A 288 -49.38 -10.97 -18.08
CA ARG A 288 -50.82 -10.76 -17.95
C ARG A 288 -51.22 -9.33 -18.28
N MET A 289 -50.47 -8.63 -19.12
CA MET A 289 -50.81 -7.24 -19.41
CA MET A 289 -50.75 -7.23 -19.44
C MET A 289 -51.62 -7.13 -20.69
N LEU A 290 -52.11 -5.91 -20.95
CA LEU A 290 -53.09 -5.66 -22.01
C LEU A 290 -52.64 -4.59 -23.00
N LEU A 291 -51.33 -4.44 -23.21
CA LEU A 291 -50.89 -3.49 -24.23
C LEU A 291 -51.14 -4.05 -25.63
N PHE A 292 -51.26 -3.14 -26.59
CA PHE A 292 -51.39 -3.55 -27.99
C PHE A 292 -50.62 -2.56 -28.86
N SER A 293 -50.70 -2.74 -30.18
CA SER A 293 -49.79 -2.01 -31.06
C SER A 293 -49.94 -0.50 -30.89
N GLU A 294 -51.16 -0.04 -30.69
CA GLU A 294 -51.37 1.39 -30.47
C GLU A 294 -50.65 1.87 -29.21
N SER A 295 -50.61 1.05 -28.16
CA SER A 295 -49.94 1.43 -26.93
C SER A 295 -48.46 1.69 -27.16
N TYR A 296 -47.83 0.84 -27.99
CA TYR A 296 -46.40 1.01 -28.24
C TYR A 296 -46.10 2.22 -29.11
N ARG A 297 -47.04 2.64 -29.97
CA ARG A 297 -46.87 3.91 -30.66
C ARG A 297 -46.81 5.07 -29.68
N VAL A 298 -47.72 5.06 -28.71
CA VAL A 298 -47.78 6.12 -27.70
C VAL A 298 -46.50 6.14 -26.87
N LEU A 299 -46.08 4.98 -26.37
CA LEU A 299 -44.90 4.95 -25.52
C LEU A 299 -43.65 5.33 -26.30
N THR A 300 -43.54 4.89 -27.56
CA THR A 300 -42.37 5.24 -28.36
C THR A 300 -42.34 6.74 -28.65
N GLY A 301 -43.48 7.32 -28.98
CA GLY A 301 -43.56 8.76 -29.18
C GLY A 301 -43.14 9.53 -27.94
N MET A 302 -43.52 9.04 -26.76
CA MET A 302 -43.12 9.70 -25.53
CA MET A 302 -43.11 9.68 -25.52
C MET A 302 -41.60 9.66 -25.35
N MET A 303 -40.98 8.51 -25.61
CA MET A 303 -39.54 8.39 -25.49
C MET A 303 -38.84 9.26 -26.54
N MET A 304 -39.41 9.35 -27.74
CA MET A 304 -38.83 10.22 -28.75
C MET A 304 -38.95 11.69 -28.35
N ASP A 305 -40.08 12.08 -27.78
CA ASP A 305 -40.23 13.44 -27.29
C ASP A 305 -39.21 13.75 -26.20
N ALA A 306 -39.04 12.82 -25.25
CA ALA A 306 -38.06 13.01 -24.19
C ALA A 306 -36.65 13.16 -24.77
N ALA A 307 -36.27 12.27 -25.69
CA ALA A 307 -34.94 12.33 -26.29
C ALA A 307 -34.76 13.62 -27.09
N ASP A 308 -35.82 14.07 -27.77
CA ASP A 308 -35.75 15.34 -28.50
C ASP A 308 -35.45 16.50 -27.56
N ARG A 309 -36.08 16.52 -26.38
CA ARG A 309 -35.88 17.60 -25.43
C ARG A 309 -34.54 17.49 -24.72
N LEU A 310 -34.15 16.27 -24.34
CA LEU A 310 -33.06 16.09 -23.40
C LEU A 310 -31.72 15.77 -24.04
N CYS A 311 -31.69 15.11 -25.19
CA CYS A 311 -30.40 14.65 -25.72
C CYS A 311 -30.41 14.58 -27.24
N GLU A 312 -31.01 15.57 -27.88
CA GLU A 312 -30.89 15.76 -29.33
C GLU A 312 -31.42 14.55 -30.11
N GLY A 313 -32.47 13.93 -29.59
CA GLY A 313 -33.10 12.80 -30.25
C GLY A 313 -32.40 11.48 -30.10
N ARG A 314 -31.29 11.42 -29.37
CA ARG A 314 -30.50 10.19 -29.27
C ARG A 314 -31.27 9.13 -28.47
N LEU A 315 -31.78 8.13 -29.18
CA LEU A 315 -32.66 7.12 -28.61
C LEU A 315 -32.32 5.79 -29.28
N ALA A 316 -31.84 4.83 -28.51
CA ALA A 316 -31.53 3.50 -29.01
C ALA A 316 -32.46 2.50 -28.35
N VAL A 317 -33.13 1.67 -29.14
CA VAL A 317 -34.13 0.74 -28.65
C VAL A 317 -33.59 -0.66 -28.89
N VAL A 318 -33.50 -1.46 -27.83
CA VAL A 318 -32.87 -2.78 -27.88
C VAL A 318 -33.91 -3.83 -27.49
N HIS A 319 -34.13 -4.82 -28.36
CA HIS A 319 -35.16 -5.81 -28.11
C HIS A 319 -34.82 -6.68 -26.91
N GLU A 320 -35.84 -7.06 -26.14
CA GLU A 320 -35.69 -7.99 -25.02
C GLU A 320 -36.61 -9.15 -25.25
N GLY A 321 -37.74 -9.23 -24.54
CA GLY A 321 -38.66 -10.34 -24.64
C GLY A 321 -39.82 -10.09 -25.59
N GLY A 322 -40.80 -11.00 -25.53
CA GLY A 322 -41.96 -11.00 -26.41
C GLY A 322 -42.18 -12.42 -26.90
N TYR A 323 -43.34 -13.02 -26.58
CA TYR A 323 -43.51 -14.47 -26.74
C TYR A 323 -44.75 -14.87 -27.52
N SER A 324 -45.47 -13.92 -28.10
CA SER A 324 -46.62 -14.23 -28.96
C SER A 324 -46.15 -14.18 -30.41
N GLU A 325 -45.97 -15.36 -31.03
CA GLU A 325 -45.58 -15.39 -32.44
C GLU A 325 -46.56 -14.61 -33.31
N ALA A 326 -47.86 -14.69 -32.98
CA ALA A 326 -48.88 -14.06 -33.80
C ALA A 326 -48.91 -12.54 -33.64
N TYR A 327 -48.73 -12.04 -32.41
CA TYR A 327 -49.00 -10.62 -32.19
C TYR A 327 -47.77 -9.74 -32.01
N VAL A 328 -46.65 -10.28 -31.53
CA VAL A 328 -45.43 -9.48 -31.38
C VAL A 328 -45.11 -8.70 -32.66
N PRO A 329 -45.23 -9.28 -33.87
CA PRO A 329 -44.87 -8.51 -35.07
C PRO A 329 -45.58 -7.17 -35.21
N PHE A 330 -46.86 -7.09 -34.84
CA PHE A 330 -47.60 -5.85 -35.01
C PHE A 330 -47.14 -4.79 -34.00
N CYS A 331 -46.72 -5.23 -32.82
CA CYS A 331 -46.20 -4.30 -31.83
C CYS A 331 -44.82 -3.79 -32.24
N GLY A 332 -43.94 -4.68 -32.68
CA GLY A 332 -42.63 -4.25 -33.14
C GLY A 332 -42.73 -3.33 -34.35
N GLN A 333 -43.58 -3.69 -35.31
CA GLN A 333 -43.78 -2.84 -36.48
C GLN A 333 -44.20 -1.44 -36.06
N ALA A 334 -45.11 -1.33 -35.10
CA ALA A 334 -45.61 -0.02 -34.67
C ALA A 334 -44.49 0.81 -34.05
N ILE A 335 -43.60 0.18 -33.29
CA ILE A 335 -42.47 0.91 -32.70
C ILE A 335 -41.56 1.45 -33.78
N VAL A 336 -41.20 0.62 -34.76
CA VAL A 336 -40.24 1.05 -35.77
C VAL A 336 -40.86 2.12 -36.67
N GLU A 337 -42.14 1.98 -37.01
CA GLU A 337 -42.83 3.05 -37.74
C GLU A 337 -42.77 4.37 -36.97
N THR A 338 -42.99 4.32 -35.67
CA THR A 338 -42.94 5.54 -34.87
C THR A 338 -41.54 6.14 -34.85
N LEU A 339 -40.53 5.29 -34.71
CA LEU A 339 -39.14 5.76 -34.70
C LEU A 339 -38.77 6.44 -36.00
N ALA A 340 -39.26 5.91 -37.12
CA ALA A 340 -38.95 6.46 -38.44
C ALA A 340 -39.91 7.56 -38.85
N GLY A 341 -40.97 7.81 -38.10
CA GLY A 341 -41.90 8.87 -38.44
C GLY A 341 -42.72 8.59 -39.68
N VAL A 342 -43.01 7.32 -39.97
CA VAL A 342 -43.79 6.95 -41.15
C VAL A 342 -44.90 6.02 -40.73
N ARG A 343 -45.90 5.92 -41.60
CA ARG A 343 -46.93 4.90 -41.53
C ARG A 343 -46.80 4.01 -42.75
N THR A 344 -47.33 2.79 -42.63
CA THR A 344 -47.28 1.85 -43.76
C THR A 344 -48.69 1.34 -44.03
N GLY A 345 -48.81 0.39 -44.96
CA GLY A 345 -50.07 -0.24 -45.24
C GLY A 345 -50.47 -1.33 -44.29
N VAL A 346 -49.61 -1.66 -43.32
CA VAL A 346 -49.91 -2.74 -42.38
C VAL A 346 -51.16 -2.39 -41.58
N VAL A 347 -52.09 -3.34 -41.53
CA VAL A 347 -53.30 -3.25 -40.71
C VAL A 347 -53.18 -4.27 -39.60
N ASP A 348 -53.10 -3.80 -38.36
CA ASP A 348 -53.15 -4.70 -37.21
C ASP A 348 -54.57 -5.26 -37.11
N PRO A 349 -54.77 -6.57 -37.28
CA PRO A 349 -56.14 -7.10 -37.32
C PRO A 349 -56.85 -7.08 -35.99
N GLU A 350 -56.14 -6.82 -34.89
CA GLU A 350 -56.74 -6.89 -33.56
C GLU A 350 -57.02 -5.52 -32.95
N LEU A 351 -56.87 -4.42 -33.70
CA LEU A 351 -57.00 -3.10 -33.10
C LEU A 351 -58.33 -2.93 -32.39
N GLU A 352 -59.41 -3.40 -33.02
CA GLU A 352 -60.73 -3.21 -32.44
C GLU A 352 -60.92 -4.07 -31.19
N MET A 353 -60.55 -5.36 -31.28
CA MET A 353 -60.79 -6.25 -30.15
C MET A 353 -59.94 -5.88 -28.94
N PHE A 354 -58.65 -5.58 -29.16
CA PHE A 354 -57.79 -5.30 -28.02
C PHE A 354 -58.12 -3.97 -27.36
N ALA A 355 -58.69 -3.02 -28.12
CA ALA A 355 -59.24 -1.81 -27.48
C ALA A 355 -60.44 -2.13 -26.60
N LEU A 356 -61.32 -3.05 -27.05
CA LEU A 356 -62.46 -3.45 -26.24
C LEU A 356 -62.04 -4.22 -25.00
N TRP A 357 -60.89 -4.89 -25.03
CA TRP A 357 -60.42 -5.65 -23.89
C TRP A 357 -59.91 -4.77 -22.76
N GLN A 358 -59.65 -3.49 -23.02
CA GLN A 358 -59.00 -2.63 -22.03
C GLN A 358 -59.84 -2.54 -20.75
N PRO A 359 -59.21 -2.38 -19.60
CA PRO A 359 -59.96 -2.38 -18.34
C PRO A 359 -60.96 -1.23 -18.28
N GLY A 360 -62.02 -1.45 -17.52
CA GLY A 360 -63.03 -0.44 -17.27
C GLY A 360 -62.51 0.70 -16.41
N ASP A 361 -63.38 1.70 -16.24
CA ASP A 361 -63.00 2.92 -15.54
CA ASP A 361 -63.00 2.92 -15.53
C ASP A 361 -62.65 2.65 -14.08
N ARG A 362 -63.41 1.76 -13.41
CA ARG A 362 -63.16 1.50 -11.99
C ARG A 362 -61.74 0.99 -11.78
N ILE A 363 -61.33 0.01 -12.58
CA ILE A 363 -60.00 -0.55 -12.45
C ILE A 363 -58.94 0.48 -12.80
N ASN A 364 -59.13 1.24 -13.88
CA ASN A 364 -58.13 2.22 -14.26
C ASN A 364 -57.93 3.27 -13.18
N ARG A 365 -59.02 3.70 -12.56
CA ARG A 365 -58.94 4.67 -11.46
C ARG A 365 -58.08 4.13 -10.34
N PHE A 366 -58.33 2.88 -9.92
CA PHE A 366 -57.55 2.30 -8.84
C PHE A 366 -56.09 2.12 -9.24
N HIS A 367 -55.84 1.67 -10.46
CA HIS A 367 -54.46 1.53 -10.91
C HIS A 367 -53.75 2.87 -10.94
N ARG A 368 -54.45 3.93 -11.33
CA ARG A 368 -53.87 5.27 -11.30
C ARG A 368 -53.50 5.67 -9.88
N GLU A 369 -54.36 5.36 -8.91
CA GLU A 369 -54.06 5.66 -7.52
C GLU A 369 -52.78 4.96 -7.06
N LEU A 370 -52.61 3.69 -7.45
CA LEU A 370 -51.38 2.97 -7.11
C LEU A 370 -50.16 3.63 -7.74
N VAL A 371 -50.29 4.05 -9.00
CA VAL A 371 -49.20 4.73 -9.67
C VAL A 371 -48.90 6.06 -8.98
N ASP A 372 -49.95 6.80 -8.61
CA ASP A 372 -49.75 8.09 -7.95
C ASP A 372 -49.00 7.92 -6.62
N GLU A 373 -49.29 6.84 -5.88
CA GLU A 373 -48.59 6.61 -4.62
C GLU A 373 -47.12 6.32 -4.86
N MET A 374 -46.80 5.55 -5.89
CA MET A 374 -45.41 5.29 -6.20
C MET A 374 -44.71 6.58 -6.62
N ALA A 375 -45.38 7.42 -7.40
CA ALA A 375 -44.77 8.66 -7.85
C ALA A 375 -44.42 9.57 -6.68
N ALA A 376 -45.31 9.63 -5.69
CA ALA A 376 -45.04 10.47 -4.52
C ALA A 376 -43.77 10.01 -3.78
N VAL A 377 -43.54 8.69 -3.74
CA VAL A 377 -42.35 8.13 -3.09
C VAL A 377 -41.11 8.34 -3.96
N LEU A 378 -41.20 7.95 -5.24
CA LEU A 378 -40.02 7.90 -6.11
C LEU A 378 -39.58 9.29 -6.53
N LEU A 379 -40.51 10.24 -6.61
CA LEU A 379 -40.13 11.60 -6.94
C LEU A 379 -40.23 12.50 -5.70
N GLY B 10 44.53 -39.66 -5.87
CA GLY B 10 44.22 -39.72 -7.29
C GLY B 10 42.75 -39.78 -7.65
N THR B 11 42.44 -39.22 -8.82
CA THR B 11 41.13 -39.10 -9.48
C THR B 11 39.81 -39.29 -8.71
N MET B 12 39.49 -40.52 -8.29
CA MET B 12 38.08 -40.89 -8.12
C MET B 12 37.41 -40.24 -6.91
N SER B 13 36.20 -39.72 -7.12
CA SER B 13 35.32 -39.27 -6.05
C SER B 13 34.37 -40.41 -5.66
N ASN B 14 33.45 -40.10 -4.74
CA ASN B 14 32.42 -41.05 -4.32
C ASN B 14 31.06 -40.70 -4.90
N THR B 15 31.02 -39.97 -6.00
CA THR B 15 29.77 -39.56 -6.65
C THR B 15 29.58 -40.36 -7.92
N GLY B 16 28.38 -40.90 -8.10
CA GLY B 16 28.02 -41.62 -9.30
C GLY B 16 27.26 -40.74 -10.29
N PHE B 17 27.47 -40.99 -11.58
CA PHE B 17 26.70 -40.35 -12.64
C PHE B 17 26.19 -41.44 -13.58
N TYR B 18 24.87 -41.50 -13.74
CA TYR B 18 24.19 -42.59 -14.42
C TYR B 18 23.58 -42.05 -15.70
N THR B 19 24.08 -42.53 -16.83
CA THR B 19 23.63 -42.03 -18.12
C THR B 19 23.74 -43.16 -19.14
N HIS B 20 22.89 -43.12 -20.15
CA HIS B 20 23.00 -44.07 -21.25
C HIS B 20 22.61 -43.39 -22.54
N GLU B 21 23.31 -43.74 -23.62
CA GLU B 21 23.12 -43.07 -24.90
C GLU B 21 21.67 -43.10 -25.36
N SER B 22 20.94 -44.18 -25.08
CA SER B 22 19.59 -44.33 -25.63
C SER B 22 18.62 -43.27 -25.11
N THR B 23 18.89 -42.70 -23.92
CA THR B 23 18.02 -41.64 -23.42
C THR B 23 17.96 -40.45 -24.36
N PHE B 24 18.98 -40.24 -25.19
CA PHE B 24 18.98 -39.14 -26.14
C PHE B 24 18.30 -39.48 -27.45
N TRP B 25 17.86 -40.74 -27.62
CA TRP B 25 17.20 -41.16 -28.83
C TRP B 25 15.69 -41.11 -28.72
N HIS B 26 15.16 -40.85 -27.53
CA HIS B 26 13.73 -40.61 -27.38
C HIS B 26 13.36 -39.32 -28.09
N SER B 27 12.25 -39.34 -28.84
CA SER B 27 11.80 -38.16 -29.56
C SER B 27 10.31 -37.97 -29.34
N THR B 28 9.92 -36.71 -29.08
CA THR B 28 8.51 -36.39 -28.94
C THR B 28 7.81 -36.13 -30.27
N GLY B 29 8.54 -36.14 -31.38
CA GLY B 29 7.94 -35.81 -32.67
C GLY B 29 8.09 -34.34 -33.02
N VAL B 30 7.38 -33.95 -34.07
CA VAL B 30 7.49 -32.57 -34.58
C VAL B 30 6.47 -31.70 -33.85
N GLN B 31 6.97 -30.85 -32.95
CA GLN B 31 6.20 -29.78 -32.36
C GLN B 31 6.99 -28.49 -32.50
N ALA B 32 6.27 -27.37 -32.48
CA ALA B 32 6.92 -26.07 -32.33
C ALA B 32 6.89 -25.77 -30.84
N LEU B 33 8.07 -25.76 -30.21
CA LEU B 33 8.16 -25.87 -28.75
C LEU B 33 7.39 -27.13 -28.35
N TYR B 34 6.32 -27.00 -27.58
CA TYR B 34 5.46 -28.14 -27.30
C TYR B 34 4.14 -28.08 -28.07
N PHE B 35 3.98 -27.11 -28.97
CA PHE B 35 2.69 -26.96 -29.66
C PHE B 35 2.62 -27.99 -30.78
N PRO B 36 1.58 -28.82 -30.83
CA PRO B 36 1.41 -29.71 -31.99
C PRO B 36 1.23 -28.91 -33.27
N ILE B 37 1.79 -29.42 -34.36
CA ILE B 37 1.68 -28.75 -35.64
C ILE B 37 0.35 -29.06 -36.29
N GLY B 38 0.13 -28.47 -37.45
CA GLY B 38 -1.21 -28.51 -37.99
C GLY B 38 -1.98 -27.27 -37.58
N GLU B 39 -2.93 -26.89 -38.43
CA GLU B 39 -3.80 -25.74 -38.22
C GLU B 39 -3.02 -24.44 -38.34
N TRP B 40 -2.76 -23.79 -37.21
CA TRP B 40 -2.16 -22.47 -37.22
C TRP B 40 -0.73 -22.49 -36.71
N VAL B 41 -0.20 -23.65 -36.35
CA VAL B 41 1.16 -23.77 -35.84
C VAL B 41 2.03 -24.30 -36.98
N GLN B 42 2.92 -23.45 -37.48
CA GLN B 42 3.76 -23.81 -38.61
C GLN B 42 4.85 -24.80 -38.14
N PRO B 43 5.15 -25.82 -38.92
CA PRO B 43 6.25 -26.73 -38.56
C PRO B 43 7.52 -25.94 -38.32
N PRO B 44 8.31 -26.32 -37.32
CA PRO B 44 9.53 -25.56 -37.03
C PRO B 44 10.60 -25.83 -38.08
N SER B 45 11.48 -24.85 -38.26
CA SER B 45 12.69 -24.99 -39.05
C SER B 45 13.86 -24.94 -38.07
N GLY B 46 14.66 -25.99 -38.06
CA GLY B 46 15.66 -26.10 -37.01
C GLY B 46 15.14 -26.97 -35.89
N THR B 47 15.35 -26.55 -34.64
CA THR B 47 15.01 -27.42 -33.52
C THR B 47 13.50 -27.60 -33.41
N TYR B 48 13.09 -28.86 -33.32
CA TYR B 48 11.70 -29.25 -33.17
C TYR B 48 11.52 -29.81 -31.76
N GLY B 49 10.37 -29.52 -31.15
CA GLY B 49 10.08 -30.00 -29.82
C GLY B 49 10.58 -29.07 -28.74
N ALA B 50 10.23 -29.41 -27.50
CA ALA B 50 10.70 -28.73 -26.32
C ALA B 50 11.63 -29.61 -25.50
N ASP B 51 11.21 -30.83 -25.19
CA ASP B 51 12.11 -31.84 -24.63
C ASP B 51 12.96 -32.38 -25.77
N THR B 52 13.95 -31.58 -26.18
CA THR B 52 14.85 -32.08 -27.22
C THR B 52 15.99 -32.86 -26.58
N PRO B 53 16.56 -33.81 -27.30
CA PRO B 53 17.71 -34.54 -26.77
C PRO B 53 18.83 -33.61 -26.32
N GLU B 54 19.04 -32.50 -27.03
CA GLU B 54 20.15 -31.60 -26.71
C GLU B 54 19.96 -30.90 -25.36
N THR B 55 18.72 -30.71 -24.90
CA THR B 55 18.51 -30.10 -23.58
C THR B 55 19.04 -30.98 -22.45
N LYS B 56 19.33 -32.25 -22.72
CA LYS B 56 19.97 -33.14 -21.77
C LYS B 56 21.39 -33.53 -22.18
N ARG B 57 21.64 -33.74 -23.48
CA ARG B 57 22.95 -34.19 -23.91
C ARG B 57 24.02 -33.14 -23.66
N ARG B 58 23.69 -31.86 -23.84
CA ARG B 58 24.70 -30.81 -23.67
C ARG B 58 25.21 -30.75 -22.22
N PHE B 59 24.39 -31.17 -21.26
CA PHE B 59 24.81 -31.26 -19.87
C PHE B 59 25.92 -32.32 -19.74
N LEU B 60 25.67 -33.53 -20.24
CA LEU B 60 26.70 -34.57 -20.29
C LEU B 60 27.95 -34.07 -21.01
N ASN B 61 27.77 -33.42 -22.17
CA ASN B 61 28.93 -32.99 -22.95
C ASN B 61 29.81 -32.03 -22.15
N LEU B 62 29.19 -31.10 -21.44
CA LEU B 62 29.96 -30.16 -20.63
C LEU B 62 30.66 -30.89 -19.47
N LEU B 63 29.99 -31.85 -18.85
CA LEU B 63 30.64 -32.65 -17.81
C LEU B 63 31.89 -33.30 -18.35
N ARG B 64 31.82 -33.84 -19.56
N ARG B 64 31.83 -33.81 -19.58
CA ARG B 64 33.00 -34.46 -20.17
CA ARG B 64 32.99 -34.48 -20.18
C ARG B 64 34.08 -33.42 -20.44
C ARG B 64 34.08 -33.47 -20.53
N MET B 65 33.70 -32.31 -21.09
CA MET B 65 34.70 -31.28 -21.39
C MET B 65 35.38 -30.75 -20.14
N SER B 66 34.68 -30.71 -19.02
CA SER B 66 35.22 -30.16 -17.79
C SER B 66 36.26 -31.06 -17.13
N GLY B 67 36.37 -32.30 -17.57
CA GLY B 67 37.23 -33.26 -16.92
C GLY B 67 36.62 -33.95 -15.72
N LEU B 68 35.42 -33.53 -15.28
CA LEU B 68 34.87 -34.06 -14.05
C LEU B 68 34.50 -35.53 -14.15
N THR B 69 34.15 -36.01 -15.35
CA THR B 69 33.76 -37.41 -15.51
C THR B 69 34.89 -38.36 -15.14
N ASP B 70 36.14 -37.91 -15.26
CA ASP B 70 37.27 -38.72 -14.80
C ASP B 70 37.11 -39.11 -13.34
N ARG B 71 36.56 -38.20 -12.53
CA ARG B 71 36.47 -38.38 -11.09
C ARG B 71 35.11 -38.90 -10.63
N LEU B 72 34.26 -39.33 -11.56
CA LEU B 72 32.92 -39.82 -11.25
C LEU B 72 32.84 -41.30 -11.55
N VAL B 73 32.12 -42.04 -10.70
CA VAL B 73 31.77 -43.43 -10.96
C VAL B 73 30.62 -43.44 -11.97
N MET B 74 30.84 -44.06 -13.13
CA MET B 74 29.87 -44.04 -14.22
C MET B 74 29.52 -45.45 -14.66
N PRO B 75 28.65 -46.12 -13.92
CA PRO B 75 28.28 -47.50 -14.29
C PRO B 75 27.48 -47.54 -15.58
N ALA B 76 27.58 -48.68 -16.27
CA ALA B 76 26.78 -48.89 -17.47
C ALA B 76 25.29 -48.91 -17.09
N GLY B 77 24.48 -48.29 -17.94
CA GLY B 77 23.05 -48.22 -17.67
C GLY B 77 22.37 -49.57 -17.85
N GLU B 78 21.37 -49.83 -17.01
CA GLU B 78 20.64 -51.09 -17.05
C GLU B 78 19.17 -50.80 -16.83
N PRO B 79 18.29 -51.24 -17.74
CA PRO B 79 16.88 -50.85 -17.64
C PRO B 79 16.16 -51.56 -16.51
N VAL B 80 15.05 -50.96 -16.07
CA VAL B 80 14.13 -51.70 -15.20
C VAL B 80 13.39 -52.74 -16.02
N THR B 81 12.80 -53.71 -15.33
CA THR B 81 11.97 -54.73 -15.94
C THR B 81 10.50 -54.33 -15.86
N VAL B 82 9.65 -55.09 -16.56
CA VAL B 82 8.21 -54.88 -16.44
C VAL B 82 7.77 -55.15 -15.01
N GLU B 83 8.38 -56.13 -14.35
CA GLU B 83 8.11 -56.38 -12.94
C GLU B 83 8.36 -55.13 -12.10
N ASP B 84 9.45 -54.41 -12.36
CA ASP B 84 9.72 -53.17 -11.63
C ASP B 84 8.62 -52.14 -11.87
N CYS B 85 8.16 -52.03 -13.13
CA CYS B 85 7.12 -51.04 -13.44
C CYS B 85 5.81 -51.39 -12.77
N LEU B 86 5.49 -52.68 -12.67
CA LEU B 86 4.20 -53.12 -12.14
C LEU B 86 4.04 -52.83 -10.65
N ARG B 87 5.11 -52.47 -9.94
CA ARG B 87 4.94 -52.00 -8.57
C ARG B 87 4.28 -50.63 -8.50
N ILE B 88 4.11 -49.95 -9.63
CA ILE B 88 3.55 -48.60 -9.65
C ILE B 88 2.43 -48.52 -10.68
N HIS B 89 2.63 -49.14 -11.84
CA HIS B 89 1.72 -49.00 -12.97
C HIS B 89 0.87 -50.23 -13.17
N PRO B 90 -0.40 -50.06 -13.56
CA PRO B 90 -1.24 -51.22 -13.88
C PRO B 90 -0.75 -51.91 -15.14
N ALA B 91 -0.86 -53.25 -15.15
CA ALA B 91 -0.41 -54.04 -16.30
C ALA B 91 -1.01 -53.55 -17.60
N ASP B 92 -2.20 -52.97 -17.56
CA ASP B 92 -2.85 -52.54 -18.79
C ASP B 92 -2.15 -51.33 -19.42
N TYR B 93 -1.72 -50.37 -18.59
CA TYR B 93 -0.97 -49.24 -19.13
C TYR B 93 0.32 -49.71 -19.77
N ILE B 94 1.08 -50.54 -19.06
CA ILE B 94 2.34 -51.06 -19.58
C ILE B 94 2.12 -51.77 -20.91
N ARG B 95 1.00 -52.47 -21.05
CA ARG B 95 0.72 -53.20 -22.28
C ARG B 95 0.38 -52.26 -23.43
N ARG B 96 -0.43 -51.23 -23.18
CA ARG B 96 -0.78 -50.28 -24.22
C ARG B 96 0.43 -49.44 -24.62
N PHE B 97 1.24 -49.05 -23.64
CA PHE B 97 2.48 -48.33 -23.91
C PHE B 97 3.39 -49.15 -24.81
N LYS B 98 3.67 -50.40 -24.42
CA LYS B 98 4.54 -51.28 -25.19
C LYS B 98 3.98 -51.54 -26.58
N GLU B 99 2.66 -51.56 -26.73
CA GLU B 99 2.02 -51.81 -28.01
C GLU B 99 2.15 -50.63 -28.97
N ALA B 100 1.91 -49.41 -28.48
CA ALA B 100 2.11 -48.22 -29.31
C ALA B 100 3.59 -48.06 -29.67
N SER B 101 4.49 -48.33 -28.72
CA SER B 101 5.91 -48.22 -28.98
C SER B 101 6.37 -49.19 -30.07
N ASP B 102 5.87 -50.43 -30.03
CA ASP B 102 6.21 -51.41 -31.05
C ASP B 102 5.68 -51.03 -32.43
N ALA B 103 4.63 -50.20 -32.47
CA ALA B 103 4.13 -49.65 -33.74
C ALA B 103 4.84 -48.35 -34.06
N GLY B 104 4.09 -47.25 -34.16
CA GLY B 104 4.70 -45.99 -34.54
C GLY B 104 4.76 -44.95 -33.43
N GLY B 105 4.65 -45.37 -32.18
CA GLY B 105 4.62 -44.42 -31.08
C GLY B 105 3.21 -43.91 -30.84
N GLY B 106 3.12 -42.83 -30.08
CA GLY B 106 1.81 -42.23 -29.84
C GLY B 106 1.87 -41.28 -28.65
N ASP B 107 0.69 -41.04 -28.07
CA ASP B 107 0.55 -40.20 -26.87
C ASP B 107 -0.63 -40.77 -26.11
N LEU B 108 -0.37 -41.41 -24.98
CA LEU B 108 -1.39 -42.06 -24.19
C LEU B 108 -1.86 -41.22 -23.01
N GLY B 109 -1.40 -39.97 -22.92
CA GLY B 109 -1.82 -39.09 -21.84
C GLY B 109 -1.99 -37.65 -22.30
N MET B 110 -1.65 -36.71 -21.43
CA MET B 110 -1.72 -35.28 -21.74
C MET B 110 -0.30 -34.80 -21.96
N LEU B 111 0.02 -34.43 -23.20
CA LEU B 111 1.33 -33.88 -23.55
C LEU B 111 2.47 -34.84 -23.20
N ALA B 112 2.32 -36.11 -23.60
CA ALA B 112 3.34 -37.14 -23.38
C ALA B 112 3.61 -37.95 -24.66
N PRO B 113 3.94 -37.27 -25.76
CA PRO B 113 4.19 -38.01 -27.00
C PRO B 113 5.51 -38.78 -26.96
N PHE B 114 5.54 -39.89 -27.70
CA PHE B 114 6.75 -40.68 -27.86
C PHE B 114 6.74 -41.33 -29.23
N SER B 115 7.91 -41.82 -29.64
CA SER B 115 8.12 -42.37 -30.96
C SER B 115 8.33 -43.88 -30.87
N LYS B 116 8.47 -44.52 -32.03
CA LYS B 116 8.76 -45.95 -32.09
C LYS B 116 9.95 -46.30 -31.21
N GLY B 117 9.80 -47.34 -30.40
CA GLY B 117 10.86 -47.76 -29.50
C GLY B 117 10.93 -46.99 -28.20
N GLY B 118 10.03 -46.02 -27.97
CA GLY B 118 10.11 -45.23 -26.76
C GLY B 118 9.92 -46.02 -25.49
N PHE B 119 9.23 -47.17 -25.58
CA PHE B 119 9.03 -47.97 -24.38
C PHE B 119 10.37 -48.46 -23.82
N GLU B 120 11.22 -49.03 -24.66
CA GLU B 120 12.49 -49.54 -24.18
C GLU B 120 13.39 -48.43 -23.65
N ILE B 121 13.34 -47.25 -24.28
CA ILE B 121 14.11 -46.12 -23.78
C ILE B 121 13.60 -45.68 -22.42
N ALA B 122 12.27 -45.66 -22.23
CA ALA B 122 11.72 -45.31 -20.92
C ALA B 122 12.19 -46.29 -19.85
N LEU B 123 12.24 -47.58 -20.16
CA LEU B 123 12.79 -48.56 -19.21
C LEU B 123 14.23 -48.22 -18.85
N MET B 124 15.01 -47.78 -19.83
CA MET B 124 16.40 -47.44 -19.53
C MET B 124 16.48 -46.19 -18.64
N SER B 125 15.67 -45.18 -18.94
CA SER B 125 15.68 -43.96 -18.14
C SER B 125 15.31 -44.25 -16.69
N ALA B 126 14.26 -45.06 -16.50
CA ALA B 126 13.90 -45.48 -15.15
C ALA B 126 15.01 -46.31 -14.52
N GLY B 127 15.70 -47.11 -15.33
CA GLY B 127 16.82 -47.90 -14.81
C GLY B 127 17.96 -47.06 -14.28
N LEU B 128 18.22 -45.90 -14.88
CA LEU B 128 19.26 -45.02 -14.35
C LEU B 128 18.90 -44.54 -12.95
N ALA B 129 17.61 -44.20 -12.73
CA ALA B 129 17.18 -43.80 -11.40
C ALA B 129 17.25 -44.95 -10.42
N ARG B 130 16.81 -46.15 -10.82
CA ARG B 130 16.86 -47.31 -9.93
C ARG B 130 18.29 -47.61 -9.51
N ALA B 131 19.22 -47.65 -10.47
CA ALA B 131 20.61 -47.95 -10.14
C ALA B 131 21.23 -46.88 -9.25
N ALA B 132 20.90 -45.61 -9.49
CA ALA B 132 21.48 -44.55 -8.68
C ALA B 132 21.04 -44.66 -7.23
N ILE B 133 19.75 -44.90 -7.00
CA ILE B 133 19.25 -45.07 -5.65
C ILE B 133 19.81 -46.33 -5.01
N ASP B 134 19.86 -47.43 -5.76
CA ASP B 134 20.39 -48.69 -5.24
C ASP B 134 21.85 -48.54 -4.83
N ASP B 135 22.68 -47.96 -5.70
CA ASP B 135 24.10 -47.80 -5.37
C ASP B 135 24.31 -46.86 -4.20
N VAL B 136 23.46 -45.86 -4.02
CA VAL B 136 23.57 -45.02 -2.83
C VAL B 136 23.22 -45.82 -1.59
N LEU B 137 22.17 -46.66 -1.66
CA LEU B 137 21.75 -47.42 -0.49
C LEU B 137 22.80 -48.47 -0.09
N THR B 138 23.42 -49.13 -1.07
CA THR B 138 24.44 -50.13 -0.78
C THR B 138 25.80 -49.54 -0.44
N GLY B 139 25.99 -48.24 -0.60
CA GLY B 139 27.26 -47.62 -0.27
C GLY B 139 28.31 -47.69 -1.37
N LYS B 140 27.95 -48.19 -2.55
CA LYS B 140 28.88 -48.15 -3.68
C LYS B 140 29.32 -46.72 -3.98
N VAL B 141 28.39 -45.76 -3.88
CA VAL B 141 28.67 -44.35 -4.00
C VAL B 141 28.02 -43.62 -2.84
N ARG B 142 28.59 -42.47 -2.45
CA ARG B 142 27.98 -41.66 -1.41
C ARG B 142 26.73 -40.95 -1.92
N ASN B 143 26.78 -40.39 -3.12
CA ASN B 143 25.63 -39.73 -3.72
C ASN B 143 25.70 -39.95 -5.23
N ALA B 144 24.66 -39.50 -5.93
CA ALA B 144 24.57 -39.82 -7.35
C ALA B 144 23.66 -38.85 -8.07
N TYR B 145 23.91 -38.68 -9.37
CA TYR B 145 23.04 -37.96 -10.30
C TYR B 145 22.68 -38.91 -11.43
N ALA B 146 21.39 -39.05 -11.71
CA ALA B 146 20.90 -39.89 -12.80
C ALA B 146 20.32 -39.00 -13.89
N LEU B 147 20.88 -39.08 -15.09
CA LEU B 147 20.42 -38.27 -16.22
C LEU B 147 19.29 -38.99 -16.95
N SER B 148 18.15 -39.06 -16.28
CA SER B 148 16.99 -39.75 -16.83
C SER B 148 16.34 -38.86 -17.87
N ARG B 149 16.03 -39.44 -19.00
CA ARG B 149 15.21 -38.88 -20.07
C ARG B 149 14.59 -40.06 -20.82
N PRO B 150 13.26 -40.11 -20.97
CA PRO B 150 12.24 -39.15 -20.51
C PRO B 150 12.14 -39.05 -18.99
N ALA B 151 11.62 -37.90 -18.51
CA ALA B 151 11.48 -37.62 -17.09
C ALA B 151 10.32 -38.43 -16.51
N GLY B 152 10.05 -38.24 -15.22
CA GLY B 152 9.06 -39.08 -14.57
C GLY B 152 8.03 -38.45 -13.65
N HIS B 153 8.30 -37.24 -13.12
CA HIS B 153 7.59 -36.77 -11.95
C HIS B 153 6.15 -36.31 -12.22
N HIS B 154 5.73 -36.20 -13.48
CA HIS B 154 4.33 -35.94 -13.79
C HIS B 154 3.53 -37.19 -14.10
N CYS B 155 4.18 -38.35 -14.22
CA CYS B 155 3.50 -39.57 -14.64
C CYS B 155 2.65 -40.11 -13.49
N LEU B 156 1.35 -40.22 -13.71
CA LEU B 156 0.45 -40.85 -12.77
C LEU B 156 0.49 -42.36 -12.98
N PRO B 157 0.08 -43.14 -11.97
CA PRO B 157 0.10 -44.61 -12.13
C PRO B 157 -0.48 -45.13 -13.44
N ASP B 158 -1.55 -44.53 -13.96
CA ASP B 158 -2.10 -45.01 -15.22
C ASP B 158 -2.20 -43.95 -16.31
N THR B 159 -1.59 -42.77 -16.11
CA THR B 159 -1.67 -41.72 -17.12
C THR B 159 -0.34 -40.99 -17.25
N PRO B 160 0.36 -41.13 -18.37
CA PRO B 160 1.57 -40.32 -18.59
C PRO B 160 1.16 -38.87 -18.84
N MET B 161 2.05 -37.95 -18.47
CA MET B 161 1.73 -36.53 -18.57
CA MET B 161 1.73 -36.52 -18.54
C MET B 161 3.02 -35.74 -18.68
N GLY B 162 2.95 -34.63 -19.41
CA GLY B 162 4.01 -33.63 -19.44
C GLY B 162 5.41 -34.18 -19.62
N PHE B 163 5.59 -34.91 -20.71
CA PHE B 163 6.87 -35.46 -21.15
C PHE B 163 7.31 -36.66 -20.33
N CYS B 164 6.49 -37.15 -19.40
CA CYS B 164 6.86 -38.25 -18.51
C CYS B 164 6.03 -39.47 -18.83
N LEU B 165 6.68 -40.61 -19.03
CA LEU B 165 6.03 -41.83 -19.50
C LEU B 165 6.02 -42.96 -18.47
N LEU B 166 6.97 -42.97 -17.54
CA LEU B 166 6.98 -43.88 -16.41
C LEU B 166 7.33 -43.08 -15.16
N ALA B 167 6.87 -43.57 -14.01
CA ALA B 167 7.12 -42.89 -12.73
C ALA B 167 8.50 -43.29 -12.23
N ASN B 168 9.54 -42.65 -12.79
CA ASN B 168 10.92 -43.07 -12.56
C ASN B 168 11.26 -43.18 -11.07
N ILE B 169 11.03 -42.12 -10.32
CA ILE B 169 11.43 -42.10 -8.91
C ILE B 169 10.62 -43.11 -8.10
N PRO B 170 9.29 -43.16 -8.21
CA PRO B 170 8.54 -44.20 -7.49
C PRO B 170 8.95 -45.63 -7.86
N ILE B 171 9.15 -45.92 -9.16
CA ILE B 171 9.63 -47.24 -9.57
C ILE B 171 10.94 -47.57 -8.87
N ALA B 172 11.85 -46.60 -8.77
CA ALA B 172 13.14 -46.84 -8.15
C ALA B 172 13.01 -47.03 -6.65
N ILE B 173 12.13 -46.26 -6.01
CA ILE B 173 11.96 -46.40 -4.56
C ILE B 173 11.37 -47.76 -4.23
N GLU B 174 10.34 -48.18 -4.97
CA GLU B 174 9.70 -49.47 -4.72
C GLU B 174 10.62 -50.64 -5.04
N ALA B 175 11.52 -50.47 -6.02
CA ALA B 175 12.51 -51.51 -6.29
C ALA B 175 13.47 -51.65 -5.11
N ALA B 176 13.83 -50.54 -4.47
CA ALA B 176 14.75 -50.60 -3.34
C ALA B 176 14.05 -51.04 -2.06
N ARG B 177 12.73 -50.82 -1.96
CA ARG B 177 11.96 -51.41 -0.88
C ARG B 177 11.98 -52.93 -0.97
N ALA B 178 11.69 -53.46 -2.17
CA ALA B 178 11.65 -54.90 -2.34
C ALA B 178 13.01 -55.55 -2.14
N ARG B 179 14.08 -54.85 -2.49
CA ARG B 179 15.41 -55.45 -2.40
C ARG B 179 16.11 -55.18 -1.07
N HIS B 180 15.87 -54.02 -0.45
CA HIS B 180 16.57 -53.63 0.76
C HIS B 180 15.67 -53.32 1.94
N GLY B 181 14.37 -53.16 1.75
CA GLY B 181 13.50 -52.84 2.86
C GLY B 181 13.72 -51.48 3.46
N ILE B 182 13.94 -50.45 2.63
CA ILE B 182 14.05 -49.09 3.11
C ILE B 182 12.71 -48.67 3.73
N GLU B 183 12.77 -47.88 4.81
CA GLU B 183 11.56 -47.56 5.58
C GLU B 183 11.01 -46.17 5.34
N ARG B 184 11.87 -45.14 5.26
CA ARG B 184 11.40 -43.77 5.08
C ARG B 184 12.29 -43.05 4.09
N VAL B 185 11.69 -42.47 3.06
CA VAL B 185 12.39 -41.79 1.98
C VAL B 185 11.74 -40.42 1.80
N ALA B 186 12.57 -39.39 1.61
CA ALA B 186 12.07 -38.07 1.27
C ALA B 186 12.40 -37.79 -0.20
N VAL B 187 11.42 -37.24 -0.93
CA VAL B 187 11.60 -36.81 -2.31
C VAL B 187 11.39 -35.29 -2.34
N VAL B 188 12.46 -34.57 -2.67
CA VAL B 188 12.45 -33.10 -2.72
C VAL B 188 12.52 -32.73 -4.19
N ASP B 189 11.47 -32.14 -4.72
CA ASP B 189 11.28 -31.94 -6.16
C ASP B 189 11.49 -30.45 -6.44
N TRP B 190 12.63 -30.09 -7.03
CA TRP B 190 12.90 -28.70 -7.35
C TRP B 190 12.78 -28.40 -8.85
N ASP B 191 12.34 -29.36 -9.65
CA ASP B 191 11.81 -29.02 -10.97
C ASP B 191 10.77 -27.94 -10.80
N VAL B 192 10.69 -27.03 -11.77
CA VAL B 192 9.85 -25.84 -11.61
C VAL B 192 8.37 -26.17 -11.71
N HIS B 193 8.02 -27.37 -12.14
CA HIS B 193 6.64 -27.78 -12.29
C HIS B 193 6.26 -28.72 -11.14
N HIS B 194 4.96 -28.81 -10.85
CA HIS B 194 4.53 -29.59 -9.71
C HIS B 194 4.72 -31.09 -9.95
N GLY B 195 5.32 -31.79 -8.99
CA GLY B 195 5.47 -33.22 -9.10
C GLY B 195 4.18 -33.97 -8.79
N ASN B 196 3.19 -33.85 -9.67
CA ASN B 196 1.89 -34.46 -9.42
C ASN B 196 1.96 -35.99 -9.45
N GLY B 197 2.85 -36.55 -10.26
CA GLY B 197 2.99 -38.00 -10.29
C GLY B 197 3.52 -38.56 -8.99
N THR B 198 4.61 -37.98 -8.48
CA THR B 198 5.19 -38.46 -7.23
C THR B 198 4.19 -38.31 -6.09
N GLN B 199 3.52 -37.15 -6.02
CA GLN B 199 2.49 -36.93 -5.01
C GLN B 199 1.41 -38.00 -5.09
N ALA B 200 0.92 -38.30 -6.30
CA ALA B 200 -0.17 -39.26 -6.43
C ALA B 200 0.26 -40.66 -6.01
N CYS B 201 1.49 -41.05 -6.34
CA CYS B 201 1.95 -42.41 -6.01
C CYS B 201 2.02 -42.65 -4.51
N TYR B 202 2.19 -41.60 -3.71
CA TYR B 202 2.40 -41.77 -2.28
C TYR B 202 1.41 -40.98 -1.43
N TYR B 203 0.30 -40.53 -2.01
CA TYR B 203 -0.54 -39.55 -1.32
C TYR B 203 -1.07 -40.08 0.00
N ASP B 204 -1.33 -41.39 0.09
CA ASP B 204 -1.93 -41.99 1.28
C ASP B 204 -0.93 -42.82 2.09
N ARG B 205 0.37 -42.57 1.94
CA ARG B 205 1.40 -43.34 2.61
C ARG B 205 2.33 -42.42 3.37
N SER B 206 2.87 -42.93 4.48
CA SER B 206 3.78 -42.16 5.32
C SER B 206 5.23 -42.57 5.11
N ASP B 207 5.48 -43.62 4.34
CA ASP B 207 6.85 -44.08 4.13
C ASP B 207 7.59 -43.29 3.06
N VAL B 208 6.94 -42.30 2.43
CA VAL B 208 7.62 -41.35 1.56
C VAL B 208 7.09 -39.95 1.88
N LEU B 209 7.99 -39.03 2.21
CA LEU B 209 7.65 -37.62 2.32
C LEU B 209 7.88 -36.97 0.96
N THR B 210 6.83 -36.48 0.34
CA THR B 210 6.91 -35.87 -0.99
C THR B 210 6.79 -34.36 -0.86
N ILE B 211 7.79 -33.65 -1.37
CA ILE B 211 7.88 -32.20 -1.26
C ILE B 211 8.07 -31.66 -2.66
N SER B 212 7.28 -30.65 -3.05
CA SER B 212 7.42 -30.05 -4.37
C SER B 212 7.45 -28.54 -4.21
N VAL B 213 8.52 -27.92 -4.69
CA VAL B 213 8.59 -26.47 -4.89
C VAL B 213 8.34 -26.24 -6.38
N HIS B 214 7.41 -25.36 -6.72
CA HIS B 214 7.07 -25.21 -8.13
C HIS B 214 6.49 -23.81 -8.37
N GLN B 215 6.55 -23.38 -9.63
CA GLN B 215 5.92 -22.12 -9.99
C GLN B 215 4.41 -22.27 -9.84
N ASP B 216 3.81 -21.35 -9.09
CA ASP B 216 2.37 -21.37 -8.91
C ASP B 216 1.66 -21.36 -10.25
N ARG B 217 0.74 -22.32 -10.43
CA ARG B 217 -0.17 -22.41 -11.57
C ARG B 217 0.46 -22.80 -12.90
N CYS B 218 1.72 -23.23 -12.93
CA CYS B 218 2.39 -23.47 -14.21
C CYS B 218 2.02 -24.82 -14.84
N PHE B 219 2.48 -25.92 -14.26
CA PHE B 219 2.09 -27.21 -14.78
C PHE B 219 2.02 -28.25 -13.68
N PRO B 220 0.87 -28.93 -13.50
CA PRO B 220 -0.39 -28.76 -14.25
C PRO B 220 -0.94 -27.33 -14.19
N PRO B 221 -1.53 -26.83 -15.27
CA PRO B 221 -1.90 -25.41 -15.34
C PRO B 221 -3.00 -25.08 -14.33
N GLY B 222 -2.82 -23.97 -13.61
CA GLY B 222 -3.77 -23.51 -12.62
C GLY B 222 -3.63 -24.10 -11.24
N TYR B 223 -2.71 -25.05 -11.04
CA TYR B 223 -2.59 -25.76 -9.77
C TYR B 223 -1.60 -25.09 -8.84
N SER B 224 -1.99 -24.92 -7.57
CA SER B 224 -1.14 -24.40 -6.52
C SER B 224 -0.81 -25.51 -5.52
N GLY B 225 -1.82 -25.99 -4.76
CA GLY B 225 -1.72 -27.22 -4.03
C GLY B 225 -1.33 -27.15 -2.57
N VAL B 226 -1.25 -25.96 -1.96
CA VAL B 226 -0.82 -25.86 -0.56
C VAL B 226 -1.68 -26.73 0.33
N GLU B 227 -2.98 -26.76 0.08
CA GLU B 227 -3.90 -27.45 0.98
C GLU B 227 -3.93 -28.96 0.77
N GLU B 228 -3.22 -29.50 -0.22
CA GLU B 228 -3.17 -30.94 -0.42
C GLU B 228 -2.01 -31.48 0.39
N ARG B 229 -2.31 -31.98 1.59
CA ARG B 229 -1.31 -32.38 2.56
C ARG B 229 -1.21 -33.89 2.74
N GLY B 230 -1.94 -34.66 1.95
CA GLY B 230 -1.97 -36.10 2.07
C GLY B 230 -3.34 -36.57 2.56
N GLU B 231 -3.44 -37.89 2.75
CA GLU B 231 -4.68 -38.45 3.28
C GLU B 231 -4.39 -39.76 3.98
N GLY B 232 -5.21 -40.06 4.99
CA GLY B 232 -4.97 -41.28 5.76
C GLY B 232 -3.62 -41.20 6.46
N ALA B 233 -2.88 -42.31 6.39
CA ALA B 233 -1.55 -42.34 6.97
C ALA B 233 -0.60 -41.33 6.33
N GLY B 234 -0.94 -40.84 5.14
CA GLY B 234 -0.14 -39.84 4.47
C GLY B 234 -0.41 -38.40 4.83
N LEU B 235 -1.39 -38.13 5.69
CA LEU B 235 -1.67 -36.75 6.06
C LEU B 235 -0.46 -36.14 6.76
N GLY B 236 -0.04 -34.96 6.29
CA GLY B 236 1.16 -34.33 6.76
C GLY B 236 2.43 -34.79 6.07
N HIS B 237 2.32 -35.70 5.11
CA HIS B 237 3.49 -36.26 4.44
C HIS B 237 3.58 -35.85 2.97
N ASN B 238 2.81 -34.84 2.57
CA ASN B 238 2.96 -34.21 1.27
C ASN B 238 2.95 -32.70 1.49
N ILE B 239 3.90 -32.01 0.85
CA ILE B 239 4.11 -30.59 1.08
C ILE B 239 4.30 -29.90 -0.26
N ASN B 240 3.34 -29.08 -0.66
CA ASN B 240 3.45 -28.28 -1.88
C ASN B 240 3.81 -26.84 -1.52
N ILE B 241 4.81 -26.30 -2.21
CA ILE B 241 5.29 -24.95 -2.02
C ILE B 241 5.21 -24.20 -3.35
N PRO B 242 4.05 -23.66 -3.72
CA PRO B 242 3.95 -22.88 -4.96
C PRO B 242 4.55 -21.50 -4.75
N LEU B 243 5.53 -21.16 -5.59
CA LEU B 243 6.15 -19.87 -5.52
C LEU B 243 5.70 -19.00 -6.70
N PRO B 244 5.69 -17.68 -6.54
CA PRO B 244 5.26 -16.81 -7.63
C PRO B 244 6.21 -16.89 -8.80
N ALA B 245 5.65 -16.75 -10.01
CA ALA B 245 6.48 -16.52 -11.18
C ALA B 245 7.37 -15.32 -10.94
N GLY B 246 8.59 -15.37 -11.46
CA GLY B 246 9.54 -14.32 -11.22
C GLY B 246 10.31 -14.44 -9.92
N SER B 247 10.24 -15.58 -9.23
CA SER B 247 11.06 -15.78 -8.04
C SER B 247 12.48 -16.15 -8.43
N GLY B 248 13.45 -15.65 -7.67
CA GLY B 248 14.83 -16.00 -7.91
C GLY B 248 15.47 -16.75 -6.75
N GLN B 249 16.78 -16.63 -6.64
CA GLN B 249 17.51 -17.43 -5.67
C GLN B 249 17.08 -17.14 -4.24
N ASP B 250 16.88 -15.87 -3.89
CA ASP B 250 16.53 -15.51 -2.52
C ASP B 250 15.26 -16.23 -2.08
N THR B 251 14.24 -16.21 -2.94
CA THR B 251 12.97 -16.85 -2.58
C THR B 251 13.13 -18.35 -2.44
N TYR B 252 13.85 -18.98 -3.36
CA TYR B 252 14.04 -20.43 -3.29
C TYR B 252 14.80 -20.80 -2.02
N VAL B 253 15.90 -20.08 -1.74
CA VAL B 253 16.69 -20.40 -0.56
C VAL B 253 15.85 -20.25 0.71
N HIS B 254 15.07 -19.17 0.79
CA HIS B 254 14.21 -18.96 1.96
C HIS B 254 13.20 -20.10 2.12
N ALA B 255 12.58 -20.53 1.01
CA ALA B 255 11.64 -21.65 1.06
C ALA B 255 12.33 -22.93 1.54
N PHE B 256 13.56 -23.17 1.10
CA PHE B 256 14.27 -24.36 1.55
C PHE B 256 14.65 -24.24 3.03
N GLU B 257 15.10 -23.04 3.44
CA GLU B 257 15.50 -22.83 4.82
C GLU B 257 14.33 -22.98 5.79
N THR B 258 13.16 -22.45 5.42
CA THR B 258 12.08 -22.34 6.38
C THR B 258 11.02 -23.44 6.25
N ILE B 259 10.98 -24.16 5.13
CA ILE B 259 9.98 -25.20 4.94
C ILE B 259 10.64 -26.55 4.68
N VAL B 260 11.46 -26.63 3.62
CA VAL B 260 12.00 -27.92 3.19
C VAL B 260 12.87 -28.54 4.27
N LEU B 261 13.89 -27.79 4.73
CA LEU B 261 14.82 -28.35 5.71
C LEU B 261 14.15 -28.69 7.03
N PRO B 262 13.32 -27.84 7.64
CA PRO B 262 12.59 -28.26 8.84
C PRO B 262 11.76 -29.51 8.62
N ALA B 263 11.13 -29.67 7.45
CA ALA B 263 10.30 -30.84 7.20
C ALA B 263 11.14 -32.10 7.13
N LEU B 264 12.34 -32.01 6.55
CA LEU B 264 13.23 -33.15 6.51
C LEU B 264 13.74 -33.52 7.90
N ASP B 265 14.09 -32.52 8.71
CA ASP B 265 14.54 -32.79 10.06
C ASP B 265 13.47 -33.49 10.86
N ARG B 266 12.21 -33.09 10.67
CA ARG B 266 11.12 -33.67 11.43
C ARG B 266 10.81 -35.10 10.99
N TYR B 267 10.90 -35.34 9.67
CA TYR B 267 10.51 -36.64 9.12
C TYR B 267 11.58 -37.71 9.35
N ARG B 268 12.84 -37.32 9.46
CA ARG B 268 13.99 -38.22 9.63
C ARG B 268 14.02 -39.30 8.55
N PRO B 269 14.27 -38.93 7.30
CA PRO B 269 14.33 -39.95 6.25
C PRO B 269 15.61 -40.76 6.33
N ASP B 270 15.55 -41.96 5.75
CA ASP B 270 16.73 -42.81 5.63
C ASP B 270 17.43 -42.64 4.28
N LEU B 271 16.82 -41.90 3.36
CA LEU B 271 17.40 -41.58 2.07
C LEU B 271 16.70 -40.32 1.58
N ILE B 272 17.45 -39.43 0.94
CA ILE B 272 16.88 -38.25 0.31
C ILE B 272 17.06 -38.38 -1.19
N VAL B 273 15.95 -38.25 -1.92
CA VAL B 273 15.94 -38.24 -3.38
C VAL B 273 15.52 -36.84 -3.83
N VAL B 274 16.29 -36.25 -4.73
CA VAL B 274 15.94 -34.95 -5.30
C VAL B 274 15.46 -35.18 -6.73
N ALA B 275 14.25 -34.75 -7.03
CA ALA B 275 13.76 -34.70 -8.41
C ALA B 275 14.27 -33.41 -9.00
N SER B 276 15.34 -33.50 -9.79
CA SER B 276 16.12 -32.33 -10.23
C SER B 276 15.76 -31.95 -11.66
N GLY B 277 14.70 -31.16 -11.80
CA GLY B 277 14.50 -30.43 -13.03
C GLY B 277 15.29 -29.14 -12.96
N LEU B 278 15.82 -28.73 -14.12
CA LEU B 278 16.61 -27.51 -14.20
C LEU B 278 15.86 -26.40 -14.91
N ASP B 279 14.53 -26.49 -14.96
CA ASP B 279 13.71 -25.56 -15.70
C ASP B 279 13.30 -24.32 -14.90
N ALA B 280 13.75 -24.17 -13.64
CA ALA B 280 13.66 -22.89 -12.96
C ALA B 280 14.79 -21.95 -13.34
N ASN B 281 15.65 -22.34 -14.31
CA ASN B 281 16.75 -21.45 -14.68
C ASN B 281 16.22 -20.21 -15.38
N ALA B 282 17.04 -19.16 -15.35
CA ALA B 282 16.66 -17.80 -15.72
C ALA B 282 16.31 -17.61 -17.19
N VAL B 283 16.63 -18.56 -18.06
CA VAL B 283 16.30 -18.41 -19.48
C VAL B 283 15.44 -19.57 -19.98
N ASP B 284 14.76 -20.26 -19.10
CA ASP B 284 14.00 -21.40 -19.58
C ASP B 284 12.72 -20.92 -20.26
N PRO B 285 12.34 -21.51 -21.39
CA PRO B 285 11.07 -21.10 -22.02
C PRO B 285 9.83 -21.61 -21.31
N LEU B 286 9.91 -22.68 -20.54
CA LEU B 286 8.72 -23.30 -19.98
C LEU B 286 8.47 -22.92 -18.53
N ALA B 287 9.15 -21.91 -18.02
CA ALA B 287 8.80 -21.32 -16.73
C ALA B 287 9.33 -19.90 -16.69
N ARG B 288 9.04 -19.22 -15.57
CA ARG B 288 9.30 -17.79 -15.41
C ARG B 288 10.19 -17.50 -14.20
N MET B 289 11.07 -18.43 -13.84
CA MET B 289 11.89 -18.25 -12.65
C MET B 289 13.28 -17.77 -13.02
N LEU B 290 14.03 -17.38 -11.98
CA LEU B 290 15.31 -16.68 -12.13
C LEU B 290 16.48 -17.41 -11.46
N LEU B 291 16.41 -18.72 -11.32
CA LEU B 291 17.56 -19.41 -10.75
C LEU B 291 18.71 -19.48 -11.76
N PHE B 292 19.93 -19.60 -11.23
CA PHE B 292 21.09 -19.74 -12.10
C PHE B 292 22.07 -20.70 -11.46
N SER B 293 23.24 -20.88 -12.09
CA SER B 293 24.12 -21.98 -11.66
C SER B 293 24.49 -21.86 -10.17
N GLU B 294 24.71 -20.64 -9.69
CA GLU B 294 25.06 -20.47 -8.28
C GLU B 294 23.93 -20.95 -7.38
N SER B 295 22.68 -20.72 -7.78
CA SER B 295 21.52 -21.14 -7.00
C SER B 295 21.50 -22.65 -6.82
N TYR B 296 21.81 -23.39 -7.89
CA TYR B 296 21.79 -24.84 -7.77
C TYR B 296 22.94 -25.35 -6.91
N ARG B 297 24.07 -24.63 -6.86
CA ARG B 297 25.12 -24.99 -5.91
C ARG B 297 24.61 -24.86 -4.47
N VAL B 298 23.93 -23.75 -4.18
CA VAL B 298 23.43 -23.53 -2.82
C VAL B 298 22.39 -24.60 -2.47
N LEU B 299 21.43 -24.83 -3.35
CA LEU B 299 20.40 -25.81 -3.05
C LEU B 299 20.99 -27.21 -2.90
N THR B 300 21.95 -27.56 -3.75
CA THR B 300 22.55 -28.88 -3.62
C THR B 300 23.31 -28.99 -2.30
N GLY B 301 24.04 -27.94 -1.94
CA GLY B 301 24.73 -27.94 -0.66
C GLY B 301 23.79 -28.16 0.51
N MET B 302 22.61 -27.54 0.47
CA MET B 302 21.64 -27.70 1.55
C MET B 302 21.16 -29.14 1.63
N MET B 303 20.91 -29.78 0.49
CA MET B 303 20.47 -31.17 0.49
C MET B 303 21.58 -32.10 0.95
N MET B 304 22.83 -31.80 0.57
CA MET B 304 23.94 -32.61 1.04
C MET B 304 24.11 -32.47 2.56
N ASP B 305 23.97 -31.25 3.08
CA ASP B 305 24.05 -31.04 4.52
C ASP B 305 22.95 -31.79 5.25
N ALA B 306 21.73 -31.75 4.71
CA ALA B 306 20.63 -32.49 5.33
C ALA B 306 20.89 -33.99 5.29
N ALA B 307 21.35 -34.49 4.14
CA ALA B 307 21.68 -35.91 4.06
C ALA B 307 22.80 -36.28 5.03
N ASP B 308 23.79 -35.40 5.18
CA ASP B 308 24.87 -35.69 6.12
C ASP B 308 24.34 -35.80 7.55
N ARG B 309 23.40 -34.94 7.93
CA ARG B 309 22.87 -34.95 9.29
C ARG B 309 21.88 -36.08 9.51
N LEU B 310 21.02 -36.37 8.52
CA LEU B 310 19.90 -37.26 8.72
C LEU B 310 20.17 -38.71 8.32
N CYS B 311 20.90 -38.94 7.22
CA CYS B 311 20.97 -40.30 6.67
C CYS B 311 22.34 -40.59 6.06
N GLU B 312 23.40 -40.20 6.75
CA GLU B 312 24.77 -40.60 6.40
C GLU B 312 25.11 -40.23 4.95
N GLY B 313 24.64 -39.06 4.51
CA GLY B 313 24.95 -38.54 3.20
C GLY B 313 24.22 -39.18 2.04
N ARG B 314 23.27 -40.06 2.29
CA ARG B 314 22.59 -40.78 1.22
C ARG B 314 21.68 -39.81 0.46
N LEU B 315 22.15 -39.36 -0.71
CA LEU B 315 21.42 -38.43 -1.54
C LEU B 315 21.49 -38.90 -2.98
N ALA B 316 20.35 -39.14 -3.61
CA ALA B 316 20.29 -39.51 -5.02
C ALA B 316 19.52 -38.42 -5.75
N VAL B 317 20.05 -37.97 -6.88
CA VAL B 317 19.48 -36.84 -7.60
C VAL B 317 19.10 -37.33 -9.00
N VAL B 318 17.83 -37.17 -9.37
CA VAL B 318 17.29 -37.74 -10.59
C VAL B 318 16.80 -36.61 -11.49
N HIS B 319 17.29 -36.58 -12.72
CA HIS B 319 16.96 -35.47 -13.62
C HIS B 319 15.50 -35.51 -14.02
N GLU B 320 14.89 -34.33 -14.11
CA GLU B 320 13.53 -34.23 -14.63
C GLU B 320 13.51 -33.29 -15.85
N GLY B 321 12.96 -32.09 -15.72
CA GLY B 321 12.86 -31.16 -16.82
C GLY B 321 14.10 -30.26 -16.97
N GLY B 322 13.98 -29.28 -17.87
CA GLY B 322 15.05 -28.35 -18.21
C GLY B 322 15.08 -28.16 -19.71
N TYR B 323 14.82 -26.94 -20.18
CA TYR B 323 14.48 -26.72 -21.58
C TYR B 323 15.34 -25.68 -22.29
N SER B 324 16.37 -25.16 -21.65
CA SER B 324 17.31 -24.24 -22.28
C SER B 324 18.55 -25.03 -22.68
N GLU B 325 18.70 -25.30 -23.99
CA GLU B 325 19.92 -25.98 -24.46
C GLU B 325 21.17 -25.19 -24.09
N ALA B 326 21.09 -23.87 -24.10
CA ALA B 326 22.29 -23.09 -23.84
C ALA B 326 22.66 -23.07 -22.37
N TYR B 327 21.69 -22.97 -21.47
CA TYR B 327 22.04 -22.71 -20.09
C TYR B 327 21.90 -23.89 -19.13
N VAL B 328 21.04 -24.85 -19.44
CA VAL B 328 20.88 -26.04 -18.59
C VAL B 328 22.23 -26.69 -18.30
N PRO B 329 23.15 -26.79 -19.27
CA PRO B 329 24.44 -27.45 -18.96
C PRO B 329 25.17 -26.83 -17.79
N PHE B 330 25.13 -25.50 -17.67
CA PHE B 330 25.88 -24.86 -16.59
C PHE B 330 25.25 -25.13 -15.24
N CYS B 331 23.92 -25.27 -15.20
CA CYS B 331 23.27 -25.57 -13.94
C CYS B 331 23.52 -27.01 -13.53
N GLY B 332 23.44 -27.93 -14.50
CA GLY B 332 23.72 -29.32 -14.19
C GLY B 332 25.15 -29.53 -13.75
N GLN B 333 26.09 -28.86 -14.44
CA GLN B 333 27.49 -28.94 -14.06
C GLN B 333 27.69 -28.51 -12.60
N ALA B 334 27.06 -27.41 -12.22
CA ALA B 334 27.20 -26.91 -10.85
C ALA B 334 26.69 -27.93 -9.84
N ILE B 335 25.58 -28.60 -10.14
CA ILE B 335 25.03 -29.59 -9.22
C ILE B 335 26.03 -30.73 -9.01
N VAL B 336 26.55 -31.27 -10.12
CA VAL B 336 27.42 -32.43 -10.02
C VAL B 336 28.73 -32.05 -9.34
N GLU B 337 29.26 -30.86 -9.63
CA GLU B 337 30.45 -30.40 -8.92
C GLU B 337 30.20 -30.34 -7.43
N THR B 338 29.02 -29.89 -7.01
CA THR B 338 28.74 -29.80 -5.59
C THR B 338 28.64 -31.19 -4.97
N LEU B 339 27.95 -32.10 -5.63
CA LEU B 339 27.84 -33.47 -5.16
C LEU B 339 29.20 -34.11 -5.00
N ALA B 340 30.09 -33.88 -5.96
CA ALA B 340 31.41 -34.50 -5.95
C ALA B 340 32.40 -33.75 -5.07
N GLY B 341 32.05 -32.55 -4.62
CA GLY B 341 32.93 -31.77 -3.76
C GLY B 341 34.14 -31.23 -4.47
N VAL B 342 34.08 -31.07 -5.79
CA VAL B 342 35.22 -30.58 -6.56
C VAL B 342 34.77 -29.44 -7.46
N ARG B 343 35.68 -28.51 -7.70
CA ARG B 343 35.48 -27.46 -8.69
C ARG B 343 36.27 -27.78 -9.95
N THR B 344 35.85 -27.19 -11.07
CA THR B 344 36.53 -27.38 -12.34
C THR B 344 36.91 -26.03 -12.94
N GLY B 345 37.43 -26.06 -14.16
CA GLY B 345 37.74 -24.80 -14.81
C GLY B 345 36.57 -24.19 -15.55
N VAL B 346 35.40 -24.82 -15.52
CA VAL B 346 34.24 -24.28 -16.21
C VAL B 346 33.91 -22.90 -15.68
N VAL B 347 33.68 -21.96 -16.59
CA VAL B 347 33.23 -20.63 -16.23
C VAL B 347 31.83 -20.45 -16.81
N ASP B 348 30.86 -20.19 -15.94
CA ASP B 348 29.50 -19.89 -16.38
C ASP B 348 29.50 -18.48 -16.96
N PRO B 349 29.27 -18.32 -18.28
CA PRO B 349 29.40 -16.99 -18.88
C PRO B 349 28.34 -16.02 -18.40
N GLU B 350 27.24 -16.50 -17.83
CA GLU B 350 26.16 -15.63 -17.38
C GLU B 350 26.13 -15.45 -15.86
N LEU B 351 27.16 -15.91 -15.16
CA LEU B 351 27.15 -15.89 -13.70
C LEU B 351 26.80 -14.50 -13.17
N GLU B 352 27.49 -13.48 -13.66
CA GLU B 352 27.26 -12.13 -13.15
C GLU B 352 25.95 -11.55 -13.70
N MET B 353 25.66 -11.77 -14.98
CA MET B 353 24.45 -11.22 -15.58
C MET B 353 23.20 -11.71 -14.84
N PHE B 354 23.13 -13.02 -14.59
CA PHE B 354 21.94 -13.55 -13.92
C PHE B 354 21.88 -13.15 -12.45
N ALA B 355 23.02 -12.87 -11.81
CA ALA B 355 22.98 -12.28 -10.48
C ALA B 355 22.38 -10.89 -10.52
N LEU B 356 22.72 -10.10 -11.56
CA LEU B 356 22.18 -8.75 -11.68
C LEU B 356 20.70 -8.74 -12.07
N TRP B 357 20.20 -9.84 -12.64
CA TRP B 357 18.80 -9.98 -12.98
C TRP B 357 17.91 -10.26 -11.77
N GLN B 358 18.49 -10.59 -10.62
CA GLN B 358 17.68 -11.04 -9.49
C GLN B 358 16.72 -9.94 -9.05
N PRO B 359 15.55 -10.31 -8.53
CA PRO B 359 14.60 -9.29 -8.08
C PRO B 359 15.20 -8.40 -7.01
N GLY B 360 14.67 -7.18 -6.92
CA GLY B 360 15.11 -6.25 -5.91
C GLY B 360 14.60 -6.61 -4.53
N ASP B 361 15.06 -5.84 -3.54
CA ASP B 361 14.75 -6.19 -2.16
C ASP B 361 13.26 -6.07 -1.85
N ARG B 362 12.57 -5.13 -2.49
CA ARG B 362 11.14 -4.97 -2.27
CA ARG B 362 11.14 -4.98 -2.24
C ARG B 362 10.38 -6.22 -2.67
N ILE B 363 10.69 -6.78 -3.84
CA ILE B 363 10.02 -8.00 -4.26
C ILE B 363 10.43 -9.18 -3.39
N ASN B 364 11.73 -9.29 -3.10
CA ASN B 364 12.20 -10.42 -2.31
C ASN B 364 11.56 -10.43 -0.92
N ARG B 365 11.41 -9.25 -0.31
CA ARG B 365 10.77 -9.19 1.00
C ARG B 365 9.32 -9.65 0.93
N PHE B 366 8.61 -9.25 -0.13
CA PHE B 366 7.22 -9.70 -0.28
C PHE B 366 7.16 -11.21 -0.49
N HIS B 367 8.05 -11.74 -1.34
CA HIS B 367 8.04 -13.19 -1.57
C HIS B 367 8.38 -13.96 -0.30
N ARG B 368 9.29 -13.42 0.51
CA ARG B 368 9.59 -14.06 1.79
C ARG B 368 8.35 -14.10 2.69
N GLU B 369 7.57 -13.02 2.70
CA GLU B 369 6.33 -13.00 3.46
C GLU B 369 5.38 -14.10 3.01
N LEU B 370 5.27 -14.31 1.69
CA LEU B 370 4.41 -15.38 1.21
C LEU B 370 4.92 -16.74 1.66
N VAL B 371 6.24 -16.94 1.64
CA VAL B 371 6.80 -18.21 2.10
C VAL B 371 6.57 -18.40 3.59
N ASP B 372 6.75 -17.32 4.36
CA ASP B 372 6.51 -17.37 5.80
C ASP B 372 5.07 -17.78 6.10
N GLU B 373 4.11 -17.24 5.34
CA GLU B 373 2.71 -17.61 5.56
C GLU B 373 2.48 -19.09 5.26
N MET B 374 3.05 -19.59 4.17
CA MET B 374 2.94 -21.02 3.86
C MET B 374 3.61 -21.86 4.93
N ALA B 375 4.76 -21.42 5.43
CA ALA B 375 5.46 -22.17 6.46
C ALA B 375 4.62 -22.32 7.73
N ALA B 376 3.74 -21.36 8.00
CA ALA B 376 2.85 -21.47 9.14
C ALA B 376 1.77 -22.53 8.90
N VAL B 377 1.12 -22.48 7.74
CA VAL B 377 0.12 -23.50 7.40
C VAL B 377 0.76 -24.88 7.31
N LEU B 378 1.89 -24.96 6.59
CA LEU B 378 2.44 -26.26 6.17
C LEU B 378 3.14 -26.99 7.31
N LEU B 379 4.09 -26.33 7.98
CA LEU B 379 4.78 -27.00 9.08
C LEU B 379 3.82 -27.28 10.23
N GLY B 380 2.75 -26.50 10.35
CA GLY B 380 1.71 -26.77 11.33
C GLY B 380 1.07 -25.52 11.91
N GLY C 10 -30.41 55.77 7.50
CA GLY C 10 -29.74 54.51 7.24
C GLY C 10 -28.66 54.15 8.23
N THR C 11 -29.05 53.80 9.45
CA THR C 11 -28.13 53.26 10.44
C THR C 11 -28.46 51.84 10.86
N MET C 12 -29.74 51.53 11.05
CA MET C 12 -30.17 50.21 11.48
C MET C 12 -29.92 49.19 10.38
N SER C 13 -29.67 47.94 10.78
CA SER C 13 -29.46 46.86 9.83
C SER C 13 -30.78 46.16 9.53
N ASN C 14 -30.72 45.19 8.62
CA ASN C 14 -31.83 44.30 8.31
C ASN C 14 -31.65 42.93 8.96
N THR C 15 -30.88 42.84 10.03
CA THR C 15 -30.61 41.59 10.73
C THR C 15 -31.33 41.61 12.08
N GLY C 16 -32.07 40.55 12.36
CA GLY C 16 -32.76 40.40 13.62
C GLY C 16 -31.97 39.56 14.60
N PHE C 17 -32.08 39.88 15.89
CA PHE C 17 -31.51 39.07 16.96
C PHE C 17 -32.59 38.81 17.98
N TYR C 18 -32.88 37.55 18.24
CA TYR C 18 -34.02 37.12 19.02
C TYR C 18 -33.54 36.49 20.31
N THR C 19 -33.81 37.14 21.44
CA THR C 19 -33.35 36.66 22.73
C THR C 19 -34.36 37.07 23.78
N HIS C 20 -34.47 36.24 24.83
CA HIS C 20 -35.31 36.56 25.98
C HIS C 20 -34.60 36.15 27.26
N GLU C 21 -34.77 36.95 28.31
CA GLU C 21 -34.04 36.72 29.56
C GLU C 21 -34.32 35.33 30.13
N SER C 22 -35.52 34.80 29.94
CA SER C 22 -35.87 33.54 30.60
C SER C 22 -35.03 32.36 30.09
N THR C 23 -34.52 32.45 28.86
CA THR C 23 -33.66 31.38 28.34
C THR C 23 -32.44 31.14 29.22
N PHE C 24 -32.01 32.18 29.94
CA PHE C 24 -30.84 32.04 30.80
C PHE C 24 -31.21 31.52 32.18
N TRP C 25 -32.51 31.33 32.45
CA TRP C 25 -32.97 30.80 33.73
C TRP C 25 -33.18 29.29 33.70
N HIS C 26 -33.13 28.65 32.54
CA HIS C 26 -33.17 27.20 32.50
C HIS C 26 -31.90 26.65 33.16
N SER C 27 -32.06 25.61 33.98
CA SER C 27 -30.93 25.00 34.67
C SER C 27 -30.99 23.49 34.53
N THR C 28 -29.85 22.87 34.19
CA THR C 28 -29.74 21.43 34.15
C THR C 28 -29.52 20.80 35.53
N GLY C 29 -29.35 21.59 36.58
CA GLY C 29 -29.09 21.00 37.88
C GLY C 29 -27.61 20.89 38.15
N VAL C 30 -27.27 20.19 39.22
CA VAL C 30 -25.87 20.09 39.64
C VAL C 30 -25.22 18.89 38.98
N GLN C 31 -24.28 19.17 38.07
CA GLN C 31 -23.43 18.14 37.51
C GLN C 31 -22.02 18.70 37.45
N ALA C 32 -21.04 17.80 37.37
CA ALA C 32 -19.66 18.17 37.09
C ALA C 32 -19.49 18.00 35.58
N LEU C 33 -19.29 19.12 34.88
CA LEU C 33 -19.49 19.13 33.42
C LEU C 33 -20.89 18.60 33.15
N TYR C 34 -21.05 17.52 32.41
CA TYR C 34 -22.36 16.88 32.25
C TYR C 34 -22.52 15.62 33.10
N PHE C 35 -21.55 15.30 33.97
CA PHE C 35 -21.58 14.06 34.74
C PHE C 35 -22.50 14.23 35.94
N PRO C 36 -23.49 13.36 36.12
CA PRO C 36 -24.30 13.42 37.35
C PRO C 36 -23.44 13.18 38.58
N ILE C 37 -23.75 13.91 39.66
CA ILE C 37 -23.02 13.71 40.91
C ILE C 37 -23.53 12.46 41.61
N GLY C 38 -22.74 11.97 42.55
CA GLY C 38 -23.04 10.70 43.20
C GLY C 38 -21.78 10.14 43.79
N GLU C 39 -21.59 8.81 43.72
CA GLU C 39 -20.56 8.22 44.57
C GLU C 39 -19.16 8.65 44.19
N TRP C 40 -18.83 8.65 42.89
CA TRP C 40 -17.45 8.96 42.49
C TRP C 40 -17.27 10.31 41.80
N VAL C 41 -18.35 11.01 41.46
CA VAL C 41 -18.26 12.34 40.87
C VAL C 41 -18.55 13.36 41.95
N GLN C 42 -17.51 14.08 42.36
CA GLN C 42 -17.61 15.07 43.43
C GLN C 42 -18.42 16.28 42.97
N PRO C 43 -19.28 16.83 43.82
CA PRO C 43 -20.00 18.05 43.43
C PRO C 43 -19.02 19.14 43.03
N PRO C 44 -19.33 19.89 41.97
CA PRO C 44 -18.42 20.96 41.55
C PRO C 44 -18.43 22.13 42.52
N SER C 45 -17.27 22.77 42.66
CA SER C 45 -17.17 24.05 43.34
C SER C 45 -17.08 25.11 42.25
N GLY C 46 -17.99 26.08 42.29
CA GLY C 46 -18.06 27.06 41.22
C GLY C 46 -18.99 26.59 40.12
N THR C 47 -18.51 26.67 38.88
CA THR C 47 -19.36 26.36 37.73
C THR C 47 -19.89 24.93 37.80
N TYR C 48 -21.22 24.82 37.75
CA TYR C 48 -21.89 23.52 37.76
C TYR C 48 -22.61 23.35 36.42
N GLY C 49 -22.59 22.13 35.91
CA GLY C 49 -23.19 21.84 34.62
C GLY C 49 -22.26 22.10 33.45
N ALA C 50 -22.78 21.78 32.26
CA ALA C 50 -22.09 22.00 30.99
C ALA C 50 -22.82 23.05 30.15
N ASP C 51 -24.11 22.86 29.89
CA ASP C 51 -24.94 23.90 29.30
C ASP C 51 -25.28 24.89 30.42
N THR C 52 -24.30 25.75 30.74
CA THR C 52 -24.58 26.74 31.77
C THR C 52 -25.17 27.98 31.12
N PRO C 53 -25.95 28.76 31.86
CA PRO C 53 -26.48 30.00 31.27
C PRO C 53 -25.39 30.91 30.69
N GLU C 54 -24.23 30.98 31.35
CA GLU C 54 -23.17 31.86 30.87
C GLU C 54 -22.61 31.46 29.51
N THR C 55 -22.67 30.18 29.15
CA THR C 55 -22.22 29.78 27.82
C THR C 55 -23.06 30.39 26.71
N LYS C 56 -24.24 30.92 27.03
CA LYS C 56 -25.03 31.67 26.07
C LYS C 56 -25.14 33.15 26.41
N ARG C 57 -25.25 33.51 27.69
CA ARG C 57 -25.40 34.92 28.04
C ARG C 57 -24.18 35.74 27.66
N ARG C 58 -22.97 35.17 27.79
CA ARG C 58 -21.79 35.97 27.49
C ARG C 58 -21.71 36.38 26.02
N PHE C 59 -22.31 35.57 25.15
CA PHE C 59 -22.48 35.93 23.73
C PHE C 59 -23.33 37.21 23.62
N LEU C 60 -24.53 37.20 24.22
CA LEU C 60 -25.34 38.41 24.23
C LEU C 60 -24.60 39.59 24.85
N ASN C 61 -23.88 39.34 25.95
CA ASN C 61 -23.20 40.44 26.64
C ASN C 61 -22.18 41.10 25.73
N LEU C 62 -21.38 40.30 25.01
CA LEU C 62 -20.39 40.88 24.11
C LEU C 62 -21.05 41.65 22.97
N LEU C 63 -22.15 41.12 22.45
CA LEU C 63 -22.89 41.85 21.41
C LEU C 63 -23.31 43.24 21.90
N ARG C 64 -23.81 43.30 23.13
CA ARG C 64 -24.16 44.59 23.72
C ARG C 64 -22.95 45.50 23.86
N MET C 65 -21.85 44.96 24.41
CA MET C 65 -20.65 45.77 24.60
C MET C 65 -20.10 46.29 23.28
N SER C 66 -20.24 45.51 22.22
CA SER C 66 -19.66 45.88 20.92
C SER C 66 -20.40 47.06 20.30
N GLY C 67 -21.60 47.36 20.77
CA GLY C 67 -22.45 48.37 20.16
C GLY C 67 -23.32 47.86 19.03
N LEU C 68 -23.11 46.61 18.58
CA LEU C 68 -23.84 46.13 17.40
C LEU C 68 -25.34 46.05 17.66
N THR C 69 -25.77 45.83 18.90
CA THR C 69 -27.20 45.70 19.16
C THR C 69 -27.97 46.95 18.76
N ASP C 70 -27.32 48.12 18.78
CA ASP C 70 -28.01 49.34 18.37
C ASP C 70 -28.42 49.30 16.90
N ARG C 71 -27.85 48.39 16.12
CA ARG C 71 -28.12 48.29 14.70
C ARG C 71 -28.86 47.01 14.33
N LEU C 72 -29.24 46.20 15.31
CA LEU C 72 -30.01 44.98 15.08
C LEU C 72 -31.47 45.21 15.46
N VAL C 73 -32.36 44.54 14.73
CA VAL C 73 -33.76 44.47 15.12
C VAL C 73 -33.88 43.42 16.21
N MET C 74 -34.39 43.81 17.37
CA MET C 74 -34.48 42.91 18.53
C MET C 74 -35.89 42.85 19.08
N PRO C 75 -36.78 42.06 18.45
CA PRO C 75 -38.17 41.98 18.90
C PRO C 75 -38.30 41.26 20.23
N ALA C 76 -39.37 41.58 20.95
CA ALA C 76 -39.65 40.89 22.21
C ALA C 76 -39.93 39.42 21.94
N GLY C 77 -39.38 38.55 22.78
CA GLY C 77 -39.60 37.13 22.62
C GLY C 77 -41.04 36.75 22.93
N GLU C 78 -41.58 35.82 22.14
CA GLU C 78 -42.93 35.30 22.30
C GLU C 78 -42.83 33.78 22.23
N PRO C 79 -43.41 33.05 23.18
CA PRO C 79 -43.27 31.59 23.17
C PRO C 79 -44.16 30.94 22.12
N VAL C 80 -43.79 29.72 21.73
CA VAL C 80 -44.72 28.91 20.95
C VAL C 80 -45.80 28.37 21.87
N THR C 81 -46.88 27.84 21.28
CA THR C 81 -47.98 27.23 22.00
C THR C 81 -47.84 25.71 22.00
N VAL C 82 -48.60 25.07 22.88
CA VAL C 82 -48.69 23.61 22.84
C VAL C 82 -49.14 23.13 21.47
N GLU C 83 -50.11 23.84 20.88
CA GLU C 83 -50.53 23.52 19.51
C GLU C 83 -49.35 23.47 18.56
N ASP C 84 -48.44 24.46 18.64
CA ASP C 84 -47.24 24.45 17.81
C ASP C 84 -46.39 23.22 18.08
N CYS C 85 -46.25 22.84 19.36
CA CYS C 85 -45.41 21.69 19.70
C CYS C 85 -45.99 20.39 19.13
N LEU C 86 -47.32 20.30 19.08
CA LEU C 86 -48.00 19.08 18.63
C LEU C 86 -47.86 18.83 17.14
N ARG C 87 -47.39 19.81 16.36
CA ARG C 87 -47.08 19.49 14.97
C ARG C 87 -45.86 18.59 14.83
N ILE C 88 -45.07 18.44 15.90
CA ILE C 88 -43.86 17.63 15.89
C ILE C 88 -43.92 16.54 16.96
N HIS C 89 -44.35 16.91 18.18
CA HIS C 89 -44.28 16.02 19.34
C HIS C 89 -45.65 15.42 19.65
N PRO C 90 -45.69 14.18 20.12
CA PRO C 90 -46.96 13.60 20.57
C PRO C 90 -47.43 14.28 21.84
N ALA C 91 -48.76 14.33 21.99
CA ALA C 91 -49.35 14.94 23.17
C ALA C 91 -48.84 14.31 24.46
N ASP C 92 -48.54 13.01 24.43
CA ASP C 92 -48.09 12.35 25.65
C ASP C 92 -46.75 12.90 26.14
N TYR C 93 -45.81 13.14 25.23
CA TYR C 93 -44.53 13.72 25.65
C TYR C 93 -44.75 15.12 26.22
N ILE C 94 -45.52 15.96 25.54
CA ILE C 94 -45.76 17.31 26.03
C ILE C 94 -46.43 17.26 27.39
N ARG C 95 -47.39 16.34 27.57
CA ARG C 95 -48.07 16.22 28.86
C ARG C 95 -47.09 15.83 29.97
N ARG C 96 -46.23 14.84 29.72
CA ARG C 96 -45.33 14.41 30.77
C ARG C 96 -44.26 15.46 31.06
N PHE C 97 -43.83 16.20 30.03
CA PHE C 97 -42.86 17.28 30.20
C PHE C 97 -43.44 18.39 31.09
N LYS C 98 -44.64 18.86 30.74
CA LYS C 98 -45.30 19.87 31.54
C LYS C 98 -45.51 19.38 32.98
N GLU C 99 -45.91 18.12 33.12
CA GLU C 99 -46.16 17.54 34.44
C GLU C 99 -44.92 17.59 35.32
N ALA C 100 -43.78 17.14 34.80
CA ALA C 100 -42.56 17.16 35.59
C ALA C 100 -42.09 18.60 35.83
N SER C 101 -42.22 19.47 34.83
CA SER C 101 -41.83 20.87 35.02
C SER C 101 -42.63 21.53 36.13
N ASP C 102 -43.91 21.19 36.23
CA ASP C 102 -44.73 21.81 37.27
C ASP C 102 -44.36 21.29 38.65
N ALA C 103 -43.78 20.09 38.73
CA ALA C 103 -43.29 19.58 40.01
C ALA C 103 -41.90 20.14 40.27
N GLY C 104 -40.88 19.30 40.11
CA GLY C 104 -39.54 19.77 40.42
C GLY C 104 -38.56 19.61 39.28
N GLY C 105 -39.05 19.42 38.06
CA GLY C 105 -38.15 19.14 36.95
C GLY C 105 -37.88 17.65 36.81
N GLY C 106 -36.88 17.34 36.00
CA GLY C 106 -36.54 15.94 35.80
C GLY C 106 -35.66 15.76 34.56
N ASP C 107 -35.72 14.54 34.01
CA ASP C 107 -35.00 14.20 32.79
C ASP C 107 -35.79 13.08 32.13
N LEU C 108 -36.46 13.39 31.02
CA LEU C 108 -37.34 12.43 30.38
C LEU C 108 -36.66 11.68 29.23
N GLY C 109 -35.37 11.88 29.04
CA GLY C 109 -34.65 11.24 27.94
C GLY C 109 -33.24 10.92 28.33
N MET C 110 -32.30 11.17 27.41
CA MET C 110 -30.89 10.85 27.60
C MET C 110 -30.12 12.16 27.70
N LEU C 111 -29.59 12.45 28.89
CA LEU C 111 -28.80 13.66 29.13
C LEU C 111 -29.58 14.93 28.77
N ALA C 112 -30.84 14.99 29.23
CA ALA C 112 -31.69 16.15 28.99
C ALA C 112 -32.36 16.62 30.29
N PRO C 113 -31.58 16.95 31.32
CA PRO C 113 -32.19 17.39 32.59
C PRO C 113 -32.76 18.80 32.51
N PHE C 114 -33.77 19.05 33.33
CA PHE C 114 -34.33 20.40 33.45
C PHE C 114 -34.88 20.57 34.86
N SER C 115 -35.14 21.83 35.21
CA SER C 115 -35.59 22.20 36.55
C SER C 115 -37.04 22.65 36.50
N LYS C 116 -37.58 22.96 37.68
CA LYS C 116 -38.94 23.49 37.79
C LYS C 116 -39.11 24.68 36.85
N GLY C 117 -40.21 24.69 36.11
CA GLY C 117 -40.47 25.76 35.18
C GLY C 117 -39.80 25.63 33.83
N GLY C 118 -39.03 24.57 33.60
CA GLY C 118 -38.33 24.42 32.35
C GLY C 118 -39.23 24.31 31.14
N PHE C 119 -40.46 23.84 31.33
CA PHE C 119 -41.37 23.71 30.19
C PHE C 119 -41.64 25.07 29.57
N GLU C 120 -42.01 26.04 30.40
CA GLU C 120 -42.31 27.38 29.88
C GLU C 120 -41.09 28.02 29.24
N ILE C 121 -39.91 27.80 29.82
CA ILE C 121 -38.69 28.33 29.20
C ILE C 121 -38.44 27.67 27.86
N ALA C 122 -38.65 26.35 27.77
CA ALA C 122 -38.50 25.67 26.48
C ALA C 122 -39.45 26.23 25.43
N LEU C 123 -40.68 26.59 25.83
CA LEU C 123 -41.60 27.20 24.89
C LEU C 123 -41.08 28.56 24.42
N MET C 124 -40.47 29.33 25.33
CA MET C 124 -39.88 30.60 24.90
C MET C 124 -38.71 30.38 23.96
N SER C 125 -37.84 29.41 24.26
CA SER C 125 -36.69 29.13 23.41
C SER C 125 -37.14 28.76 22.00
N ALA C 126 -38.15 27.89 21.89
CA ALA C 126 -38.68 27.55 20.59
C ALA C 126 -39.34 28.75 19.93
N GLY C 127 -39.95 29.62 20.72
CA GLY C 127 -40.57 30.82 20.17
C GLY C 127 -39.57 31.77 19.52
N LEU C 128 -38.35 31.85 20.07
CA LEU C 128 -37.34 32.68 19.42
C LEU C 128 -37.03 32.17 18.03
N ALA C 129 -36.91 30.85 17.88
CA ALA C 129 -36.66 30.26 16.57
C ALA C 129 -37.86 30.47 15.64
N ARG C 130 -39.08 30.33 16.18
CA ARG C 130 -40.27 30.48 15.36
C ARG C 130 -40.37 31.91 14.83
N ALA C 131 -40.18 32.90 15.71
CA ALA C 131 -40.28 34.29 15.30
C ALA C 131 -39.18 34.65 14.32
N ALA C 132 -37.96 34.15 14.54
CA ALA C 132 -36.86 34.45 13.63
C ALA C 132 -37.22 33.98 12.22
N ILE C 133 -37.69 32.75 12.10
CA ILE C 133 -38.03 32.20 10.79
C ILE C 133 -39.20 32.95 10.18
N ASP C 134 -40.21 33.27 11.00
CA ASP C 134 -41.37 33.98 10.47
C ASP C 134 -40.98 35.36 9.96
N ASP C 135 -40.18 36.10 10.74
CA ASP C 135 -39.80 37.45 10.35
C ASP C 135 -38.92 37.47 9.12
N VAL C 136 -38.07 36.46 8.94
CA VAL C 136 -37.33 36.33 7.69
C VAL C 136 -38.29 36.07 6.53
N LEU C 137 -39.30 35.23 6.76
CA LEU C 137 -40.21 34.85 5.68
C LEU C 137 -41.11 36.01 5.26
N THR C 138 -41.61 36.78 6.22
CA THR C 138 -42.46 37.92 5.90
C THR C 138 -41.66 39.14 5.47
N GLY C 139 -40.33 39.07 5.47
CA GLY C 139 -39.53 40.19 5.07
C GLY C 139 -39.33 41.27 6.11
N LYS C 140 -39.75 41.04 7.36
CA LYS C 140 -39.49 42.02 8.42
C LYS C 140 -37.99 42.21 8.64
N VAL C 141 -37.21 41.15 8.46
CA VAL C 141 -35.75 41.23 8.48
C VAL C 141 -35.22 40.42 7.32
N ARG C 142 -34.00 40.73 6.89
CA ARG C 142 -33.37 39.95 5.83
C ARG C 142 -32.84 38.62 6.34
N ASN C 143 -32.20 38.62 7.50
CA ASN C 143 -31.72 37.39 8.12
C ASN C 143 -31.84 37.57 9.63
N ALA C 144 -31.53 36.50 10.37
CA ALA C 144 -31.79 36.55 11.80
C ALA C 144 -30.91 35.54 12.53
N TYR C 145 -30.64 35.85 13.80
CA TYR C 145 -30.03 34.91 14.72
C TYR C 145 -30.93 34.78 15.94
N ALA C 146 -31.33 33.55 16.27
CA ALA C 146 -32.15 33.28 17.44
C ALA C 146 -31.31 32.62 18.52
N LEU C 147 -31.18 33.28 19.67
CA LEU C 147 -30.36 32.73 20.76
C LEU C 147 -31.21 31.80 21.61
N SER C 148 -31.53 30.64 21.03
CA SER C 148 -32.36 29.65 21.70
C SER C 148 -31.54 28.91 22.76
N ARG C 149 -32.12 28.76 23.95
CA ARG C 149 -31.58 27.91 25.00
C ARG C 149 -32.82 27.59 25.83
N PRO C 150 -33.14 26.31 26.07
CA PRO C 150 -32.38 25.13 25.65
C PRO C 150 -32.39 24.90 24.14
N ALA C 151 -31.39 24.18 23.67
CA ALA C 151 -31.21 23.87 22.25
C ALA C 151 -32.25 22.85 21.80
N GLY C 152 -32.20 22.51 20.52
CA GLY C 152 -33.26 21.67 19.98
C GLY C 152 -32.86 20.49 19.11
N HIS C 153 -31.66 20.49 18.54
CA HIS C 153 -31.43 19.63 17.36
C HIS C 153 -31.22 18.16 17.70
N HIS C 154 -31.08 17.79 18.98
CA HIS C 154 -31.05 16.39 19.35
C HIS C 154 -32.40 15.85 19.77
N CYS C 155 -33.43 16.70 19.92
CA CYS C 155 -34.70 16.25 20.46
C CYS C 155 -35.46 15.46 19.41
N LEU C 156 -35.73 14.19 19.69
CA LEU C 156 -36.59 13.39 18.84
C LEU C 156 -38.05 13.72 19.11
N PRO C 157 -38.94 13.41 18.17
CA PRO C 157 -40.37 13.65 18.43
C PRO C 157 -40.85 13.21 19.81
N ASP C 158 -40.42 12.05 20.31
CA ASP C 158 -40.92 11.59 21.60
C ASP C 158 -39.84 11.43 22.67
N THR C 159 -38.59 11.83 22.39
CA THR C 159 -37.53 11.65 23.36
C THR C 159 -36.59 12.85 23.36
N PRO C 160 -36.53 13.60 24.45
CA PRO C 160 -35.51 14.66 24.56
C PRO C 160 -34.14 14.04 24.75
N MET C 161 -33.11 14.75 24.27
CA MET C 161 -31.76 14.21 24.31
C MET C 161 -30.75 15.34 24.29
N GLY C 162 -29.60 15.11 24.92
CA GLY C 162 -28.45 15.98 24.76
C GLY C 162 -28.73 17.46 24.94
N PHE C 163 -29.33 17.81 26.07
CA PHE C 163 -29.64 19.20 26.44
C PHE C 163 -30.79 19.81 25.64
N CYS C 164 -31.50 19.03 24.82
CA CYS C 164 -32.56 19.53 23.97
C CYS C 164 -33.89 18.95 24.44
N LEU C 165 -34.85 19.83 24.74
CA LEU C 165 -36.13 19.43 25.30
C LEU C 165 -37.29 19.52 24.32
N LEU C 166 -37.19 20.38 23.30
CA LEU C 166 -38.19 20.50 22.25
C LEU C 166 -37.47 20.64 20.91
N ALA C 167 -38.13 20.23 19.82
CA ALA C 167 -37.48 20.30 18.51
C ALA C 167 -37.66 21.70 17.94
N ASN C 168 -36.80 22.62 18.39
CA ASN C 168 -36.98 24.05 18.08
C ASN C 168 -37.12 24.31 16.59
N ILE C 169 -36.18 23.83 15.79
CA ILE C 169 -36.19 24.16 14.37
C ILE C 169 -37.39 23.50 13.68
N PRO C 170 -37.69 22.22 13.91
CA PRO C 170 -38.89 21.63 13.28
C PRO C 170 -40.19 22.29 13.70
N ILE C 171 -40.35 22.61 14.98
CA ILE C 171 -41.55 23.33 15.41
C ILE C 171 -41.68 24.63 14.64
N ALA C 172 -40.56 25.35 14.49
CA ALA C 172 -40.57 26.64 13.81
C ALA C 172 -40.93 26.49 12.33
N ILE C 173 -40.36 25.50 11.67
CA ILE C 173 -40.65 25.27 10.25
C ILE C 173 -42.12 24.89 10.06
N GLU C 174 -42.62 23.97 10.89
CA GLU C 174 -44.01 23.55 10.72
C GLU C 174 -44.98 24.69 11.03
N ALA C 175 -44.61 25.60 11.94
CA ALA C 175 -45.47 26.75 12.18
C ALA C 175 -45.45 27.69 10.98
N ALA C 176 -44.31 27.85 10.33
CA ALA C 176 -44.23 28.66 9.12
C ALA C 176 -45.03 28.04 7.98
N ARG C 177 -45.06 26.70 7.90
CA ARG C 177 -45.86 26.04 6.87
C ARG C 177 -47.33 26.29 7.07
N ALA C 178 -47.80 26.20 8.32
CA ALA C 178 -49.21 26.44 8.62
C ALA C 178 -49.60 27.87 8.29
N ARG C 179 -48.71 28.83 8.52
CA ARG C 179 -49.05 30.23 8.33
C ARG C 179 -48.72 30.76 6.93
N HIS C 180 -47.68 30.24 6.29
CA HIS C 180 -47.23 30.79 5.03
C HIS C 180 -47.16 29.79 3.87
N GLY C 181 -47.30 28.49 4.14
CA GLY C 181 -47.31 27.51 3.07
C GLY C 181 -45.97 27.26 2.41
N ILE C 182 -44.86 27.57 3.08
CA ILE C 182 -43.54 27.38 2.48
C ILE C 182 -43.32 25.91 2.12
N GLU C 183 -42.64 25.67 1.00
CA GLU C 183 -42.59 24.36 0.38
C GLU C 183 -41.26 23.62 0.56
N ARG C 184 -40.12 24.29 0.40
CA ARG C 184 -38.82 23.63 0.53
C ARG C 184 -37.94 24.45 1.45
N VAL C 185 -37.44 23.81 2.51
CA VAL C 185 -36.53 24.43 3.47
C VAL C 185 -35.30 23.56 3.59
N ALA C 186 -34.13 24.18 3.68
CA ALA C 186 -32.90 23.45 3.96
C ALA C 186 -32.43 23.82 5.35
N VAL C 187 -32.02 22.83 6.13
CA VAL C 187 -31.42 23.03 7.45
C VAL C 187 -29.98 22.56 7.38
N VAL C 188 -29.04 23.48 7.60
CA VAL C 188 -27.61 23.19 7.60
C VAL C 188 -27.15 23.31 9.04
N ASP C 189 -26.71 22.20 9.62
CA ASP C 189 -26.45 22.11 11.07
C ASP C 189 -24.94 22.01 11.23
N TRP C 190 -24.31 23.09 11.71
CA TRP C 190 -22.88 23.11 11.93
C TRP C 190 -22.49 23.04 13.40
N ASP C 191 -23.47 22.87 14.29
CA ASP C 191 -23.17 22.36 15.63
C ASP C 191 -22.28 21.13 15.46
N VAL C 192 -21.34 20.95 16.37
CA VAL C 192 -20.34 19.90 16.19
C VAL C 192 -20.90 18.50 16.40
N HIS C 193 -22.12 18.38 16.92
CA HIS C 193 -22.75 17.09 17.18
C HIS C 193 -23.81 16.83 16.12
N HIS C 194 -24.17 15.57 15.94
CA HIS C 194 -25.10 15.19 14.89
C HIS C 194 -26.51 15.68 15.23
N GLY C 195 -27.17 16.31 14.25
CA GLY C 195 -28.54 16.74 14.45
C GLY C 195 -29.52 15.61 14.25
N ASN C 196 -29.51 14.63 15.18
CA ASN C 196 -30.35 13.44 15.06
C ASN C 196 -31.82 13.78 15.20
N GLY C 197 -32.15 14.80 16.00
CA GLY C 197 -33.55 15.20 16.13
C GLY C 197 -34.10 15.77 14.84
N THR C 198 -33.40 16.73 14.23
CA THR C 198 -33.85 17.27 12.95
C THR C 198 -33.94 16.17 11.91
N GLN C 199 -32.94 15.29 11.87
CA GLN C 199 -32.97 14.20 10.91
C GLN C 199 -34.22 13.35 11.08
N ALA C 200 -34.55 12.99 12.32
CA ALA C 200 -35.70 12.13 12.57
C ALA C 200 -37.00 12.81 12.20
N CYS C 201 -37.12 14.11 12.45
CA CYS C 201 -38.39 14.81 12.22
C CYS C 201 -38.79 14.79 10.75
N TYR C 202 -37.82 14.79 9.84
CA TYR C 202 -38.12 14.92 8.42
C TYR C 202 -37.57 13.76 7.58
N TYR C 203 -37.27 12.63 8.23
CA TYR C 203 -36.49 11.60 7.55
C TYR C 203 -37.21 11.05 6.34
N ASP C 204 -38.54 11.01 6.37
CA ASP C 204 -39.32 10.45 5.28
C ASP C 204 -39.97 11.53 4.41
N ARG C 205 -39.47 12.76 4.47
CA ARG C 205 -40.11 13.89 3.82
C ARG C 205 -39.12 14.61 2.92
N SER C 206 -39.62 15.12 1.80
CA SER C 206 -38.81 15.81 0.83
C SER C 206 -38.89 17.33 0.94
N ASP C 207 -39.76 17.85 1.81
CA ASP C 207 -39.92 19.30 1.93
C ASP C 207 -38.93 19.94 2.90
N VAL C 208 -38.03 19.16 3.50
CA VAL C 208 -36.87 19.69 4.23
C VAL C 208 -35.65 18.89 3.83
N LEU C 209 -34.59 19.58 3.42
CA LEU C 209 -33.29 18.98 3.24
C LEU C 209 -32.51 19.20 4.53
N THR C 210 -32.15 18.11 5.21
CA THR C 210 -31.43 18.19 6.49
C THR C 210 -29.99 17.76 6.26
N ILE C 211 -29.06 18.66 6.60
CA ILE C 211 -27.63 18.45 6.42
C ILE C 211 -26.98 18.65 7.79
N SER C 212 -26.13 17.71 8.18
CA SER C 212 -25.40 17.83 9.44
C SER C 212 -23.92 17.59 9.18
N VAL C 213 -23.09 18.54 9.58
CA VAL C 213 -21.65 18.35 9.66
C VAL C 213 -21.33 18.18 11.13
N HIS C 214 -20.62 17.11 11.48
CA HIS C 214 -20.42 16.83 12.89
C HIS C 214 -19.14 16.03 13.08
N GLN C 215 -18.62 16.07 14.29
CA GLN C 215 -17.48 15.24 14.64
C GLN C 215 -17.91 13.78 14.58
N ASP C 216 -17.17 12.98 13.83
CA ASP C 216 -17.42 11.55 13.73
C ASP C 216 -17.46 10.94 15.13
N ARG C 217 -18.56 10.24 15.42
CA ARG C 217 -18.71 9.39 16.62
C ARG C 217 -18.93 10.14 17.92
N CYS C 218 -19.14 11.46 17.91
CA CYS C 218 -19.18 12.22 19.17
C CYS C 218 -20.54 12.13 19.87
N PHE C 219 -21.56 12.81 19.32
CA PHE C 219 -22.87 12.72 19.94
C PHE C 219 -23.96 12.73 18.86
N PRO C 220 -24.84 11.72 18.82
CA PRO C 220 -24.85 10.49 19.66
C PRO C 220 -23.54 9.70 19.55
N PRO C 221 -23.09 9.11 20.65
CA PRO C 221 -21.74 8.50 20.64
C PRO C 221 -21.69 7.29 19.72
N GLY C 222 -20.61 7.22 18.95
CA GLY C 222 -20.41 6.14 18.02
C GLY C 222 -21.03 6.34 16.65
N TYR C 223 -21.79 7.40 16.44
CA TYR C 223 -22.56 7.55 15.21
C TYR C 223 -21.78 8.35 14.17
N SER C 224 -21.81 7.86 12.92
CA SER C 224 -21.18 8.53 11.78
C SER C 224 -22.24 9.01 10.80
N GLY C 225 -22.89 8.08 10.09
CA GLY C 225 -24.17 8.36 9.46
C GLY C 225 -24.20 8.63 7.97
N VAL C 226 -23.07 8.49 7.24
CA VAL C 226 -23.08 8.86 5.82
C VAL C 226 -24.14 8.08 5.05
N GLU C 227 -24.36 6.82 5.40
CA GLU C 227 -25.29 6.00 4.62
C GLU C 227 -26.75 6.25 4.97
N GLU C 228 -27.04 7.03 6.01
CA GLU C 228 -28.43 7.34 6.36
C GLU C 228 -28.85 8.58 5.59
N ARG C 229 -29.53 8.36 4.46
CA ARG C 229 -29.84 9.42 3.50
C ARG C 229 -31.33 9.63 3.31
N GLY C 230 -32.16 9.08 4.19
CA GLY C 230 -33.59 9.31 4.19
C GLY C 230 -34.34 8.06 3.78
N GLU C 231 -35.67 8.18 3.73
CA GLU C 231 -36.48 7.05 3.31
C GLU C 231 -37.72 7.55 2.58
N GLY C 232 -38.25 6.70 1.70
CA GLY C 232 -39.46 7.08 0.99
C GLY C 232 -39.25 8.34 0.19
N ALA C 233 -40.22 9.25 0.27
CA ALA C 233 -40.09 10.55 -0.39
C ALA C 233 -38.88 11.32 0.11
N GLY C 234 -38.39 11.00 1.29
CA GLY C 234 -37.22 11.69 1.81
C GLY C 234 -35.89 11.12 1.37
N LEU C 235 -35.89 10.11 0.51
CA LEU C 235 -34.62 9.53 0.11
C LEU C 235 -33.79 10.55 -0.66
N GLY C 236 -32.55 10.76 -0.21
CA GLY C 236 -31.70 11.75 -0.82
C GLY C 236 -31.82 13.14 -0.22
N HIS C 237 -32.65 13.31 0.81
CA HIS C 237 -32.88 14.62 1.41
C HIS C 237 -32.36 14.71 2.84
N ASN C 238 -31.47 13.80 3.23
CA ASN C 238 -30.73 13.89 4.47
C ASN C 238 -29.26 13.63 4.13
N ILE C 239 -28.37 14.46 4.63
CA ILE C 239 -26.95 14.37 4.29
C ILE C 239 -26.18 14.51 5.59
N ASN C 240 -25.45 13.45 5.96
CA ASN C 240 -24.55 13.48 7.11
C ASN C 240 -23.11 13.54 6.63
N ILE C 241 -22.34 14.46 7.21
CA ILE C 241 -20.94 14.66 6.87
C ILE C 241 -20.14 14.54 8.16
N PRO C 242 -19.80 13.32 8.58
CA PRO C 242 -18.92 13.17 9.76
C PRO C 242 -17.49 13.54 9.40
N LEU C 243 -16.92 14.44 10.18
CA LEU C 243 -15.53 14.85 10.00
C LEU C 243 -14.69 14.33 11.16
N PRO C 244 -13.41 14.03 10.92
CA PRO C 244 -12.58 13.50 12.02
C PRO C 244 -12.42 14.51 13.14
N ALA C 245 -12.35 14.00 14.36
CA ALA C 245 -11.88 14.83 15.46
C ALA C 245 -10.54 15.46 15.08
N GLY C 246 -10.33 16.69 15.53
CA GLY C 246 -9.12 17.41 15.15
C GLY C 246 -9.20 18.14 13.83
N SER C 247 -10.38 18.25 13.22
CA SER C 247 -10.52 18.99 11.98
C SER C 247 -10.54 20.47 12.28
N GLY C 248 -9.91 21.26 11.41
CA GLY C 248 -9.88 22.69 11.52
C GLY C 248 -10.64 23.38 10.41
N GLN C 249 -10.32 24.66 10.23
CA GLN C 249 -11.07 25.50 9.29
C GLN C 249 -10.96 24.97 7.85
N ASP C 250 -9.76 24.55 7.43
CA ASP C 250 -9.58 24.07 6.07
C ASP C 250 -10.52 22.91 5.75
N THR C 251 -10.63 21.95 6.67
CA THR C 251 -11.48 20.79 6.43
C THR C 251 -12.95 21.19 6.37
N TYR C 252 -13.38 22.02 7.33
CA TYR C 252 -14.76 22.48 7.33
C TYR C 252 -15.10 23.23 6.04
N VAL C 253 -14.24 24.16 5.64
CA VAL C 253 -14.52 24.95 4.44
C VAL C 253 -14.60 24.04 3.21
N HIS C 254 -13.72 23.04 3.13
CA HIS C 254 -13.75 22.11 2.01
C HIS C 254 -15.06 21.32 1.97
N ALA C 255 -15.55 20.88 3.14
CA ALA C 255 -16.80 20.13 3.19
C ALA C 255 -17.97 21.01 2.78
N PHE C 256 -17.93 22.29 3.15
CA PHE C 256 -18.99 23.20 2.70
C PHE C 256 -18.90 23.47 1.21
N GLU C 257 -17.67 23.65 0.69
CA GLU C 257 -17.50 23.94 -0.73
C GLU C 257 -17.90 22.75 -1.60
N THR C 258 -17.62 21.54 -1.15
CA THR C 258 -17.77 20.38 -2.04
C THR C 258 -19.02 19.56 -1.78
N ILE C 259 -19.68 19.74 -0.63
CA ILE C 259 -20.87 18.95 -0.32
C ILE C 259 -22.06 19.87 0.00
N VAL C 260 -21.91 20.75 0.99
CA VAL C 260 -23.06 21.51 1.48
C VAL C 260 -23.59 22.44 0.39
N LEU C 261 -22.72 23.27 -0.18
CA LEU C 261 -23.17 24.22 -1.19
C LEU C 261 -23.75 23.55 -2.43
N PRO C 262 -23.10 22.56 -3.03
CA PRO C 262 -23.75 21.86 -4.15
C PRO C 262 -25.06 21.18 -3.79
N ALA C 263 -25.20 20.66 -2.58
CA ALA C 263 -26.47 20.05 -2.18
C ALA C 263 -27.57 21.10 -2.10
N LEU C 264 -27.25 22.30 -1.59
CA LEU C 264 -28.24 23.36 -1.55
C LEU C 264 -28.65 23.79 -2.95
N ASP C 265 -27.68 23.93 -3.86
CA ASP C 265 -27.98 24.35 -5.23
C ASP C 265 -28.92 23.37 -5.91
N ARG C 266 -28.72 22.07 -5.68
CA ARG C 266 -29.57 21.07 -6.31
C ARG C 266 -30.97 21.10 -5.72
N TYR C 267 -31.07 21.36 -4.42
CA TYR C 267 -32.35 21.27 -3.73
C TYR C 267 -33.25 22.47 -4.01
N ARG C 268 -32.67 23.65 -4.22
CA ARG C 268 -33.38 24.90 -4.44
C ARG C 268 -34.34 25.23 -3.28
N PRO C 269 -33.82 25.51 -2.09
CA PRO C 269 -34.70 25.83 -0.96
C PRO C 269 -35.32 27.21 -1.11
N ASP C 270 -36.49 27.38 -0.47
CA ASP C 270 -37.11 28.68 -0.33
C ASP C 270 -36.69 29.40 0.95
N LEU C 271 -36.01 28.70 1.84
CA LEU C 271 -35.47 29.28 3.06
C LEU C 271 -34.32 28.40 3.51
N ILE C 272 -33.27 29.01 4.04
CA ILE C 272 -32.16 28.27 4.62
C ILE C 272 -32.14 28.57 6.11
N VAL C 273 -32.15 27.52 6.92
CA VAL C 273 -32.02 27.62 8.36
C VAL C 273 -30.68 27.00 8.75
N VAL C 274 -29.88 27.72 9.53
CA VAL C 274 -28.64 27.17 10.06
C VAL C 274 -28.87 26.80 11.51
N ALA C 275 -28.58 25.54 11.87
CA ALA C 275 -28.57 25.13 13.27
C ALA C 275 -27.16 25.41 13.76
N SER C 276 -27.01 26.49 14.51
CA SER C 276 -25.69 27.06 14.79
C SER C 276 -25.30 26.73 16.22
N GLY C 277 -24.69 25.57 16.40
CA GLY C 277 -23.92 25.35 17.60
C GLY C 277 -22.52 25.90 17.40
N LEU C 278 -21.96 26.45 18.48
CA LEU C 278 -20.61 27.00 18.42
C LEU C 278 -19.61 26.10 19.11
N ASP C 279 -19.96 24.84 19.29
CA ASP C 279 -19.12 23.89 20.00
C ASP C 279 -18.04 23.23 19.16
N ALA C 280 -17.89 23.58 17.88
CA ALA C 280 -16.70 23.19 17.15
C ALA C 280 -15.54 24.14 17.41
N ASN C 281 -15.69 25.10 18.32
CA ASN C 281 -14.60 26.04 18.59
C ASN C 281 -13.41 25.32 19.24
N ALA C 282 -12.24 25.94 19.10
CA ALA C 282 -10.94 25.34 19.40
C ALA C 282 -10.73 24.99 20.88
N VAL C 283 -11.53 25.53 21.80
CA VAL C 283 -11.35 25.24 23.22
C VAL C 283 -12.62 24.65 23.85
N ASP C 284 -13.50 24.09 23.03
CA ASP C 284 -14.70 23.56 23.63
C ASP C 284 -14.40 22.26 24.36
N PRO C 285 -14.96 22.06 25.56
CA PRO C 285 -14.77 20.77 26.24
C PRO C 285 -15.55 19.62 25.63
N LEU C 286 -16.64 19.88 24.92
CA LEU C 286 -17.53 18.81 24.47
C LEU C 286 -17.30 18.37 23.03
N ALA C 287 -16.20 18.79 22.41
CA ALA C 287 -15.78 18.22 21.14
C ALA C 287 -14.30 18.53 20.96
N ARG C 288 -13.75 18.07 19.84
CA ARG C 288 -12.32 18.07 19.55
C ARG C 288 -11.96 18.84 18.29
N MET C 289 -12.77 19.82 17.89
CA MET C 289 -12.51 20.53 16.65
C MET C 289 -11.73 21.82 16.88
N LEU C 290 -11.29 22.44 15.77
CA LEU C 290 -10.36 23.55 15.82
C LEU C 290 -10.88 24.79 15.09
N LEU C 291 -12.20 24.99 15.05
CA LEU C 291 -12.71 26.22 14.47
C LEU C 291 -12.49 27.41 15.42
N PHE C 292 -12.41 28.60 14.84
CA PHE C 292 -12.30 29.82 15.64
C PHE C 292 -13.12 30.91 14.98
N SER C 293 -13.08 32.13 15.55
CA SER C 293 -14.02 33.16 15.12
C SER C 293 -13.93 33.44 13.63
N GLU C 294 -12.71 33.44 13.09
CA GLU C 294 -12.55 33.66 11.65
C GLU C 294 -13.27 32.59 10.84
N SER C 295 -13.26 31.34 11.31
CA SER C 295 -13.91 30.26 10.58
C SER C 295 -15.41 30.49 10.47
N TYR C 296 -16.03 30.95 11.56
CA TYR C 296 -17.47 31.20 11.52
C TYR C 296 -17.83 32.35 10.60
N ARG C 297 -16.95 33.35 10.46
CA ARG C 297 -17.17 34.39 9.46
C ARG C 297 -17.24 33.80 8.07
N VAL C 298 -16.29 32.91 7.74
CA VAL C 298 -16.27 32.28 6.43
C VAL C 298 -17.53 31.44 6.21
N LEU C 299 -17.87 30.59 7.17
CA LEU C 299 -19.03 29.73 7.01
C LEU C 299 -20.33 30.55 6.90
N THR C 300 -20.46 31.60 7.72
CA THR C 300 -21.65 32.42 7.65
C THR C 300 -21.75 33.12 6.30
N GLY C 301 -20.63 33.63 5.79
CA GLY C 301 -20.64 34.26 4.49
C GLY C 301 -21.02 33.30 3.37
N MET C 302 -20.56 32.05 3.48
CA MET C 302 -20.97 31.03 2.50
C MET C 302 -22.47 30.80 2.52
N MET C 303 -23.06 30.70 3.73
CA MET C 303 -24.50 30.51 3.82
C MET C 303 -25.25 31.75 3.31
N MET C 304 -24.72 32.95 3.59
CA MET C 304 -25.37 34.14 3.07
C MET C 304 -25.31 34.20 1.55
N ASP C 305 -24.18 33.84 0.96
CA ASP C 305 -24.09 33.83 -0.49
C ASP C 305 -25.06 32.82 -1.10
N ALA C 306 -25.16 31.63 -0.50
CA ALA C 306 -26.13 30.64 -0.96
C ALA C 306 -27.55 31.18 -0.87
N ALA C 307 -27.92 31.72 0.30
CA ALA C 307 -29.26 32.27 0.46
C ALA C 307 -29.51 33.41 -0.51
N ASP C 308 -28.48 34.19 -0.82
CA ASP C 308 -28.64 35.28 -1.80
C ASP C 308 -28.94 34.71 -3.18
N ARG C 309 -28.27 33.62 -3.56
CA ARG C 309 -28.46 33.05 -4.89
C ARG C 309 -29.75 32.23 -4.99
N LEU C 310 -30.17 31.60 -3.90
CA LEU C 310 -31.20 30.57 -3.95
C LEU C 310 -32.56 31.03 -3.44
N CYS C 311 -32.62 31.93 -2.46
CA CYS C 311 -33.89 32.25 -1.80
C CYS C 311 -33.90 33.68 -1.28
N GLU C 312 -33.42 34.62 -2.07
CA GLU C 312 -33.53 36.07 -1.80
C GLU C 312 -32.94 36.46 -0.46
N GLY C 313 -31.86 35.80 -0.07
CA GLY C 313 -31.19 36.11 1.17
C GLY C 313 -31.85 35.60 2.43
N ARG C 314 -32.94 34.83 2.32
CA ARG C 314 -33.69 34.35 3.47
C ARG C 314 -32.86 33.31 4.23
N LEU C 315 -32.31 33.72 5.36
CA LEU C 315 -31.38 32.90 6.14
C LEU C 315 -31.69 33.14 7.61
N ALA C 316 -32.10 32.10 8.32
CA ALA C 316 -32.38 32.18 9.74
C ALA C 316 -31.40 31.28 10.48
N VAL C 317 -30.74 31.81 11.49
CA VAL C 317 -29.69 31.07 12.21
C VAL C 317 -30.20 30.87 13.63
N VAL C 318 -30.22 29.62 14.08
CA VAL C 318 -30.81 29.27 15.37
C VAL C 318 -29.73 28.62 16.24
N HIS C 319 -29.51 29.19 17.42
CA HIS C 319 -28.43 28.70 18.28
C HIS C 319 -28.71 27.28 18.76
N GLU C 320 -27.64 26.49 18.86
CA GLU C 320 -27.75 25.15 19.44
C GLU C 320 -26.76 25.03 20.61
N GLY C 321 -25.65 24.32 20.41
CA GLY C 321 -24.67 24.10 21.45
C GLY C 321 -23.55 25.14 21.48
N GLY C 322 -22.56 24.86 22.33
CA GLY C 322 -21.43 25.74 22.55
C GLY C 322 -21.14 25.83 24.04
N TYR C 323 -19.96 25.41 24.48
CA TYR C 323 -19.71 25.14 25.90
C TYR C 323 -18.48 25.81 26.49
N SER C 324 -17.84 26.69 25.74
CA SER C 324 -16.70 27.45 26.28
C SER C 324 -17.21 28.84 26.65
N GLU C 325 -17.34 29.08 27.97
CA GLU C 325 -17.76 30.40 28.42
C GLU C 325 -16.83 31.49 27.90
N ALA C 326 -15.53 31.19 27.83
CA ALA C 326 -14.57 32.23 27.45
C ALA C 326 -14.62 32.53 25.96
N TYR C 327 -14.77 31.51 25.11
CA TYR C 327 -14.52 31.71 23.69
C TYR C 327 -15.77 31.73 22.82
N VAL C 328 -16.85 31.06 23.22
CA VAL C 328 -18.11 31.11 22.46
C VAL C 328 -18.51 32.54 22.11
N PRO C 329 -18.38 33.53 23.03
CA PRO C 329 -18.81 34.89 22.66
C PRO C 329 -18.15 35.44 21.40
N PHE C 330 -16.87 35.15 21.17
CA PHE C 330 -16.19 35.71 20.02
C PHE C 330 -16.66 35.06 18.74
N CYS C 331 -17.02 33.77 18.80
CA CYS C 331 -17.54 33.10 17.62
C CYS C 331 -18.95 33.59 17.30
N GLY C 332 -19.79 33.73 18.33
CA GLY C 332 -21.13 34.25 18.09
C GLY C 332 -21.10 35.68 17.57
N GLN C 333 -20.28 36.53 18.19
CA GLN C 333 -20.12 37.90 17.70
C GLN C 333 -19.73 37.91 16.23
N ALA C 334 -18.82 37.02 15.82
CA ALA C 334 -18.35 37.00 14.44
C ALA C 334 -19.48 36.65 13.48
N ILE C 335 -20.35 35.71 13.88
CA ILE C 335 -21.47 35.33 13.02
C ILE C 335 -22.43 36.50 12.83
N VAL C 336 -22.81 37.15 13.93
CA VAL C 336 -23.80 38.21 13.85
C VAL C 336 -23.25 39.40 13.06
N GLU C 337 -21.96 39.72 13.25
CA GLU C 337 -21.33 40.76 12.45
C GLU C 337 -21.41 40.42 10.97
N THR C 338 -21.20 39.15 10.62
CA THR C 338 -21.25 38.76 9.22
C THR C 338 -22.67 38.88 8.67
N LEU C 339 -23.66 38.45 9.45
CA LEU C 339 -25.06 38.54 9.02
C LEU C 339 -25.46 39.98 8.77
N ALA C 340 -25.02 40.90 9.64
CA ALA C 340 -25.36 42.31 9.52
C ALA C 340 -24.48 43.05 8.52
N GLY C 341 -23.40 42.44 8.04
CA GLY C 341 -22.49 43.10 7.13
C GLY C 341 -21.71 44.23 7.77
N VAL C 342 -21.41 44.11 9.07
CA VAL C 342 -20.79 45.17 9.83
C VAL C 342 -19.59 44.59 10.57
N ARG C 343 -18.56 45.40 10.76
CA ARG C 343 -17.48 45.10 11.67
C ARG C 343 -17.62 45.99 12.90
N THR C 344 -17.02 45.57 14.01
CA THR C 344 -17.05 46.36 15.23
C THR C 344 -15.64 46.53 15.77
N GLY C 345 -15.52 47.14 16.95
CA GLY C 345 -14.23 47.27 17.59
C GLY C 345 -13.76 46.04 18.33
N VAL C 346 -14.57 44.99 18.39
CA VAL C 346 -14.20 43.78 19.14
C VAL C 346 -12.95 43.17 18.53
N VAL C 347 -11.99 42.82 19.39
CA VAL C 347 -10.79 42.10 18.99
C VAL C 347 -10.83 40.74 19.66
N ASP C 348 -10.87 39.69 18.86
CA ASP C 348 -10.72 38.33 19.36
C ASP C 348 -9.29 38.14 19.81
N PRO C 349 -9.02 37.95 21.12
CA PRO C 349 -7.64 37.90 21.59
C PRO C 349 -6.90 36.65 21.20
N GLU C 350 -7.58 35.65 20.66
CA GLU C 350 -6.98 34.37 20.33
C GLU C 350 -6.73 34.17 18.84
N LEU C 351 -6.93 35.20 18.00
CA LEU C 351 -6.84 35.03 16.56
C LEU C 351 -5.50 34.43 16.16
N GLU C 352 -4.41 34.97 16.72
CA GLU C 352 -3.10 34.50 16.30
C GLU C 352 -2.84 33.07 16.78
N MET C 353 -3.16 32.78 18.05
CA MET C 353 -2.86 31.46 18.57
C MET C 353 -3.68 30.38 17.88
N PHE C 354 -4.99 30.61 17.71
CA PHE C 354 -5.84 29.57 17.14
C PHE C 354 -5.53 29.35 15.66
N ALA C 355 -5.07 30.38 14.95
CA ALA C 355 -4.55 30.17 13.61
C ALA C 355 -3.31 29.27 13.63
N LEU C 356 -2.41 29.49 14.61
CA LEU C 356 -1.22 28.64 14.69
C LEU C 356 -1.55 27.20 15.07
N TRP C 357 -2.67 26.97 15.75
CA TRP C 357 -3.08 25.63 16.15
C TRP C 357 -3.58 24.79 14.98
N GLN C 358 -3.90 25.41 13.84
CA GLN C 358 -4.56 24.68 12.76
C GLN C 358 -3.69 23.53 12.27
N PRO C 359 -4.31 22.44 11.80
CA PRO C 359 -3.53 21.27 11.38
C PRO C 359 -2.58 21.61 10.25
N GLY C 360 -1.51 20.83 10.15
CA GLY C 360 -0.56 20.99 9.07
C GLY C 360 -1.11 20.46 7.75
N ASP C 361 -0.31 20.68 6.69
CA ASP C 361 -0.72 20.30 5.34
C ASP C 361 -0.98 18.79 5.24
N ARG C 362 -0.15 17.98 5.88
CA ARG C 362 -0.28 16.53 5.74
C ARG C 362 -1.64 16.06 6.24
N ILE C 363 -2.06 16.55 7.41
CA ILE C 363 -3.36 16.15 7.94
C ILE C 363 -4.49 16.74 7.10
N ASN C 364 -4.35 18.01 6.67
CA ASN C 364 -5.41 18.65 5.88
C ASN C 364 -5.62 17.92 4.56
N ARG C 365 -4.54 17.45 3.94
CA ARG C 365 -4.66 16.73 2.68
C ARG C 365 -5.43 15.43 2.88
N PHE C 366 -5.13 14.70 3.95
CA PHE C 366 -5.84 13.47 4.23
C PHE C 366 -7.31 13.76 4.54
N HIS C 367 -7.59 14.77 5.36
CA HIS C 367 -8.98 15.08 5.66
C HIS C 367 -9.74 15.47 4.40
N ARG C 368 -9.09 16.18 3.49
CA ARG C 368 -9.73 16.54 2.23
C ARG C 368 -10.08 15.30 1.42
N GLU C 369 -9.17 14.32 1.41
CA GLU C 369 -9.44 13.05 0.72
C GLU C 369 -10.68 12.37 1.29
N LEU C 370 -10.82 12.38 2.62
CA LEU C 370 -12.00 11.80 3.25
C LEU C 370 -13.27 12.56 2.85
N VAL C 371 -13.19 13.89 2.81
CA VAL C 371 -14.33 14.70 2.37
C VAL C 371 -14.66 14.41 0.91
N ASP C 372 -13.63 14.30 0.06
CA ASP C 372 -13.85 14.01 -1.35
C ASP C 372 -14.55 12.67 -1.55
N GLU C 373 -14.19 11.67 -0.74
CA GLU C 373 -14.85 10.37 -0.87
C GLU C 373 -16.34 10.47 -0.50
N MET C 374 -16.65 11.20 0.56
CA MET C 374 -18.05 11.39 0.93
C MET C 374 -18.80 12.15 -0.14
N ALA C 375 -18.17 13.16 -0.73
CA ALA C 375 -18.82 13.94 -1.77
C ALA C 375 -19.17 13.07 -2.98
N ALA C 376 -18.28 12.15 -3.34
CA ALA C 376 -18.55 11.23 -4.45
C ALA C 376 -19.80 10.38 -4.19
N VAL C 377 -19.98 9.93 -2.94
CA VAL C 377 -21.15 9.13 -2.58
C VAL C 377 -22.40 10.00 -2.53
N LEU C 378 -22.33 11.12 -1.81
CA LEU C 378 -23.51 11.88 -1.46
C LEU C 378 -24.06 12.68 -2.63
N LEU C 379 -23.18 13.10 -3.54
CA LEU C 379 -23.59 13.90 -4.70
C LEU C 379 -23.60 13.09 -5.99
N GLY C 380 -23.22 11.82 -5.93
CA GLY C 380 -23.17 10.98 -7.13
C GLY C 380 -21.94 11.23 -7.98
N GLY D 10 -30.44 34.86 -24.88
CA GLY D 10 -29.81 36.07 -25.39
C GLY D 10 -29.02 36.71 -24.29
N THR D 11 -29.68 37.64 -23.63
CA THR D 11 -29.33 38.14 -22.29
C THR D 11 -27.81 38.08 -22.07
N MET D 12 -27.34 37.18 -21.21
CA MET D 12 -25.93 37.16 -20.84
C MET D 12 -25.17 36.25 -21.79
N SER D 13 -24.04 36.74 -22.29
CA SER D 13 -23.12 35.92 -23.06
C SER D 13 -22.21 35.17 -22.10
N ASN D 14 -21.23 34.44 -22.64
CA ASN D 14 -20.18 33.82 -21.86
C ASN D 14 -18.86 34.57 -22.01
N THR D 15 -18.91 35.85 -22.34
CA THR D 15 -17.72 36.67 -22.57
C THR D 15 -17.55 37.65 -21.43
N GLY D 16 -16.36 37.68 -20.85
CA GLY D 16 -16.02 38.65 -19.81
C GLY D 16 -15.33 39.87 -20.40
N PHE D 17 -15.61 41.03 -19.82
CA PHE D 17 -14.91 42.26 -20.16
C PHE D 17 -14.38 42.89 -18.89
N TYR D 18 -13.07 43.09 -18.82
CA TYR D 18 -12.38 43.45 -17.59
C TYR D 18 -11.84 44.86 -17.75
N THR D 19 -12.32 45.77 -16.91
CA THR D 19 -11.96 47.18 -17.02
C THR D 19 -12.08 47.80 -15.64
N HIS D 20 -11.27 48.82 -15.39
CA HIS D 20 -11.35 49.59 -14.15
C HIS D 20 -11.06 51.05 -14.42
N GLU D 21 -11.82 51.93 -13.77
CA GLU D 21 -11.71 53.36 -14.01
C GLU D 21 -10.28 53.87 -13.88
N SER D 22 -9.49 53.31 -12.94
CA SER D 22 -8.16 53.86 -12.68
C SER D 22 -7.22 53.73 -13.87
N THR D 23 -7.48 52.78 -14.77
CA THR D 23 -6.65 52.63 -15.96
C THR D 23 -6.66 53.90 -16.81
N PHE D 24 -7.73 54.68 -16.73
CA PHE D 24 -7.82 55.91 -17.50
C PHE D 24 -7.18 57.09 -16.80
N TRP D 25 -6.71 56.90 -15.57
CA TRP D 25 -6.06 57.96 -14.81
C TRP D 25 -4.54 57.94 -14.94
N HIS D 26 -3.97 56.91 -15.56
CA HIS D 26 -2.55 56.90 -15.88
C HIS D 26 -2.25 57.98 -16.91
N SER D 27 -1.17 58.74 -16.68
CA SER D 27 -0.80 59.80 -17.61
C SER D 27 0.68 59.71 -17.93
N THR D 28 1.00 59.86 -19.21
CA THR D 28 2.40 59.89 -19.62
C THR D 28 3.05 61.27 -19.50
N GLY D 29 2.29 62.31 -19.18
CA GLY D 29 2.84 63.66 -19.12
C GLY D 29 2.61 64.44 -20.38
N VAL D 30 3.29 65.58 -20.48
CA VAL D 30 3.14 66.48 -21.63
C VAL D 30 4.12 66.04 -22.71
N GLN D 31 3.60 65.47 -23.79
CA GLN D 31 4.33 65.25 -25.02
C GLN D 31 3.49 65.74 -26.18
N ALA D 32 4.14 66.11 -27.28
CA ALA D 32 3.46 66.31 -28.55
C ALA D 32 3.53 64.97 -29.26
N LEU D 33 2.38 64.32 -29.45
CA LEU D 33 2.35 62.89 -29.75
C LEU D 33 3.18 62.18 -28.69
N TYR D 34 4.22 61.46 -29.07
CA TYR D 34 5.14 60.89 -28.09
C TYR D 34 6.43 61.70 -27.94
N PHE D 35 6.55 62.86 -28.61
CA PHE D 35 7.81 63.62 -28.58
C PHE D 35 7.90 64.39 -27.26
N PRO D 36 8.99 64.25 -26.51
CA PRO D 36 9.15 65.08 -25.30
C PRO D 36 9.23 66.55 -25.68
N ILE D 37 8.65 67.40 -24.84
CA ILE D 37 8.72 68.84 -25.09
C ILE D 37 10.08 69.36 -24.62
N GLY D 38 10.36 70.60 -24.94
CA GLY D 38 11.72 71.05 -24.75
C GLY D 38 12.46 71.04 -26.07
N GLU D 39 13.40 71.98 -26.19
CA GLU D 39 14.16 72.19 -27.41
C GLU D 39 13.23 72.69 -28.52
N TRP D 40 12.98 71.85 -29.52
CA TRP D 40 12.28 72.29 -30.72
C TRP D 40 10.85 71.78 -30.81
N VAL D 41 10.36 71.09 -29.80
CA VAL D 41 9.01 70.52 -29.80
C VAL D 41 8.14 71.43 -28.94
N GLN D 42 7.23 72.14 -29.58
CA GLN D 42 6.35 73.06 -28.86
C GLN D 42 5.33 72.27 -28.04
N PRO D 43 5.03 72.69 -26.81
CA PRO D 43 3.98 72.01 -26.03
C PRO D 43 2.68 71.96 -26.80
N PRO D 44 1.93 70.87 -26.69
CA PRO D 44 0.68 70.74 -27.45
C PRO D 44 -0.40 71.61 -26.83
N SER D 45 -1.35 72.07 -27.67
CA SER D 45 -2.40 72.94 -27.17
C SER D 45 -3.66 72.19 -26.79
N GLY D 46 -4.02 71.16 -27.55
CA GLY D 46 -5.16 70.35 -27.17
C GLY D 46 -4.73 69.04 -26.55
N THR D 47 -4.85 67.96 -27.33
CA THR D 47 -4.49 66.64 -26.86
C THR D 47 -2.99 66.55 -26.62
N TYR D 48 -2.61 66.11 -25.43
CA TYR D 48 -1.21 65.89 -25.08
C TYR D 48 -0.97 64.39 -24.98
N GLY D 49 0.17 63.95 -25.46
CA GLY D 49 0.53 62.55 -25.42
C GLY D 49 0.02 61.78 -26.63
N ALA D 50 0.44 60.52 -26.70
CA ALA D 50 -0.01 59.56 -27.69
C ALA D 50 -0.90 58.49 -27.06
N ASP D 51 -0.41 57.84 -26.00
CA ASP D 51 -1.24 56.95 -25.18
C ASP D 51 -2.09 57.84 -24.27
N THR D 52 -3.13 58.41 -24.86
CA THR D 52 -4.02 59.23 -24.04
C THR D 52 -5.13 58.35 -23.47
N PRO D 53 -5.69 58.74 -22.33
CA PRO D 53 -6.77 57.94 -21.76
C PRO D 53 -7.91 57.73 -22.73
N GLU D 54 -8.20 58.72 -23.58
CA GLU D 54 -9.35 58.61 -24.47
C GLU D 54 -9.15 57.57 -25.56
N THR D 55 -7.90 57.25 -25.93
CA THR D 55 -7.67 56.19 -26.90
C THR D 55 -8.11 54.83 -26.39
N LYS D 56 -8.35 54.69 -25.08
CA LYS D 56 -8.93 53.49 -24.51
C LYS D 56 -10.33 53.70 -23.94
N ARG D 57 -10.60 54.87 -23.34
CA ARG D 57 -11.92 55.09 -22.75
C ARG D 57 -13.01 55.09 -23.82
N ARG D 58 -12.74 55.65 -24.99
CA ARG D 58 -13.80 55.75 -26.00
C ARG D 58 -14.27 54.38 -26.49
N PHE D 59 -13.37 53.38 -26.47
CA PHE D 59 -13.76 51.99 -26.73
C PHE D 59 -14.81 51.54 -25.72
N LEU D 60 -14.50 51.69 -24.43
CA LEU D 60 -15.48 51.35 -23.40
C LEU D 60 -16.78 52.13 -23.58
N ASN D 61 -16.69 53.43 -23.90
CA ASN D 61 -17.91 54.24 -24.02
C ASN D 61 -18.80 53.72 -25.15
N LEU D 62 -18.20 53.36 -26.29
CA LEU D 62 -18.98 52.80 -27.39
C LEU D 62 -19.60 51.47 -27.02
N LEU D 63 -18.83 50.60 -26.34
CA LEU D 63 -19.40 49.35 -25.85
C LEU D 63 -20.64 49.59 -25.01
N ARG D 64 -20.60 50.59 -24.12
CA ARG D 64 -21.76 50.88 -23.29
C ARG D 64 -22.91 51.44 -24.13
N MET D 65 -22.61 52.38 -25.04
CA MET D 65 -23.67 52.92 -25.89
C MET D 65 -24.33 51.87 -26.77
N SER D 66 -23.58 50.85 -27.19
CA SER D 66 -24.11 49.82 -28.06
C SER D 66 -25.09 48.89 -27.35
N GLY D 67 -25.12 48.92 -26.01
CA GLY D 67 -25.88 47.95 -25.26
C GLY D 67 -25.19 46.64 -24.99
N LEU D 68 -24.01 46.42 -25.58
CA LEU D 68 -23.37 45.12 -25.46
C LEU D 68 -22.99 44.79 -24.03
N THR D 69 -22.65 45.80 -23.23
CA THR D 69 -22.20 45.55 -21.85
C THR D 69 -23.27 44.85 -21.02
N ASP D 70 -24.54 45.01 -21.37
CA ASP D 70 -25.58 44.32 -20.62
C ASP D 70 -25.51 42.81 -20.83
N ARG D 71 -24.83 42.37 -21.88
CA ARG D 71 -24.70 40.96 -22.20
C ARG D 71 -23.31 40.42 -21.88
N LEU D 72 -22.46 41.21 -21.26
CA LEU D 72 -21.10 40.81 -20.90
C LEU D 72 -20.99 40.61 -19.40
N VAL D 73 -20.15 39.66 -19.00
CA VAL D 73 -19.76 39.51 -17.61
C VAL D 73 -18.68 40.54 -17.33
N MET D 74 -18.91 41.43 -16.38
CA MET D 74 -17.98 42.52 -16.10
C MET D 74 -17.58 42.56 -14.63
N PRO D 75 -16.64 41.70 -14.23
CA PRO D 75 -16.22 41.65 -12.82
C PRO D 75 -15.47 42.90 -12.40
N ALA D 76 -15.54 43.19 -11.10
CA ALA D 76 -14.77 44.31 -10.55
C ALA D 76 -13.28 44.05 -10.69
N GLY D 77 -12.55 45.10 -11.09
CA GLY D 77 -11.12 44.94 -11.29
C GLY D 77 -10.38 44.72 -9.98
N GLU D 78 -9.38 43.85 -10.02
CA GLU D 78 -8.57 43.53 -8.85
C GLU D 78 -7.10 43.57 -9.24
N PRO D 79 -6.27 44.35 -8.54
CA PRO D 79 -4.86 44.45 -8.94
C PRO D 79 -4.09 43.17 -8.64
N VAL D 80 -2.99 42.99 -9.38
CA VAL D 80 -1.99 42.00 -8.98
C VAL D 80 -1.23 42.50 -7.76
N THR D 81 -0.59 41.57 -7.06
CA THR D 81 0.27 41.88 -5.93
C THR D 81 1.73 41.95 -6.40
N VAL D 82 2.57 42.53 -5.55
CA VAL D 82 4.00 42.59 -5.83
C VAL D 82 4.56 41.18 -6.00
N GLU D 83 4.06 40.22 -5.23
CA GLU D 83 4.47 38.83 -5.41
C GLU D 83 4.19 38.35 -6.82
N ASP D 84 3.01 38.69 -7.37
CA ASP D 84 2.72 38.34 -8.75
C ASP D 84 3.73 38.96 -9.71
N CYS D 85 4.12 40.21 -9.46
CA CYS D 85 5.08 40.88 -10.32
C CYS D 85 6.44 40.17 -10.28
N LEU D 86 6.84 39.72 -9.09
CA LEU D 86 8.17 39.15 -8.91
C LEU D 86 8.36 37.81 -9.62
N ARG D 87 7.29 37.16 -10.09
CA ARG D 87 7.47 36.00 -10.95
C ARG D 87 8.11 36.36 -12.29
N ILE D 88 8.16 37.63 -12.63
CA ILE D 88 8.67 38.08 -13.92
C ILE D 88 9.77 39.11 -13.75
N HIS D 89 9.55 40.11 -12.89
CA HIS D 89 10.39 41.29 -12.71
C HIS D 89 11.27 41.15 -11.47
N PRO D 90 12.50 41.67 -11.52
CA PRO D 90 13.35 41.65 -10.33
C PRO D 90 12.86 42.64 -9.29
N ALA D 91 13.14 42.31 -8.01
CA ALA D 91 12.68 43.16 -6.93
C ALA D 91 13.22 44.58 -7.03
N ASP D 92 14.40 44.73 -7.61
CA ASP D 92 14.99 46.06 -7.76
C ASP D 92 14.18 46.94 -8.68
N TYR D 93 13.68 46.40 -9.80
CA TYR D 93 12.86 47.21 -10.69
C TYR D 93 11.58 47.64 -9.99
N ILE D 94 10.92 46.68 -9.33
CA ILE D 94 9.65 46.98 -8.66
C ILE D 94 9.86 48.02 -7.57
N ARG D 95 11.01 47.96 -6.88
CA ARG D 95 11.29 48.94 -5.83
C ARG D 95 11.47 50.35 -6.41
N ARG D 96 12.27 50.48 -7.47
CA ARG D 96 12.54 51.79 -8.05
C ARG D 96 11.30 52.36 -8.74
N PHE D 97 10.52 51.49 -9.38
CA PHE D 97 9.24 51.91 -9.95
C PHE D 97 8.33 52.49 -8.87
N LYS D 98 8.06 51.72 -7.81
CA LYS D 98 7.20 52.21 -6.75
C LYS D 98 7.78 53.47 -6.11
N GLU D 99 9.09 53.54 -5.98
CA GLU D 99 9.73 54.71 -5.39
C GLU D 99 9.49 55.97 -6.24
N ALA D 100 9.65 55.86 -7.56
CA ALA D 100 9.40 57.00 -8.42
C ALA D 100 7.90 57.34 -8.46
N SER D 101 7.04 56.32 -8.44
CA SER D 101 5.60 56.56 -8.45
C SER D 101 5.15 57.27 -7.18
N ASP D 102 5.75 56.93 -6.04
CA ASP D 102 5.38 57.62 -4.80
C ASP D 102 5.85 59.06 -4.77
N ALA D 103 6.89 59.39 -5.54
CA ALA D 103 7.32 60.77 -5.70
C ALA D 103 6.46 61.44 -6.77
N GLY D 104 7.05 61.80 -7.90
CA GLY D 104 6.28 62.44 -8.94
C GLY D 104 6.26 61.70 -10.27
N GLY D 105 6.55 60.40 -10.24
CA GLY D 105 6.62 59.63 -11.47
C GLY D 105 8.01 59.67 -12.07
N GLY D 106 8.08 59.35 -13.36
CA GLY D 106 9.36 59.37 -14.06
C GLY D 106 9.30 58.49 -15.31
N ASP D 107 10.48 58.04 -15.72
CA ASP D 107 10.61 57.11 -16.85
C ASP D 107 11.84 56.26 -16.58
N LEU D 108 11.64 54.99 -16.30
CA LEU D 108 12.74 54.09 -15.98
C LEU D 108 13.24 53.30 -17.18
N GLY D 109 12.71 53.55 -18.38
CA GLY D 109 13.16 52.85 -19.56
C GLY D 109 13.24 53.73 -20.80
N MET D 110 12.84 53.18 -21.94
CA MET D 110 12.82 53.89 -23.21
C MET D 110 11.35 54.15 -23.57
N LEU D 111 10.97 55.43 -23.55
CA LEU D 111 9.62 55.85 -23.95
C LEU D 111 8.55 55.19 -23.09
N ALA D 112 8.77 55.21 -21.76
CA ALA D 112 7.83 54.64 -20.80
C ALA D 112 7.53 55.60 -19.65
N PRO D 113 7.10 56.82 -19.94
CA PRO D 113 6.84 57.78 -18.86
C PRO D 113 5.58 57.44 -18.08
N PHE D 114 5.57 57.83 -16.80
CA PHE D 114 4.41 57.67 -15.95
C PHE D 114 4.38 58.79 -14.92
N SER D 115 3.22 58.98 -14.29
CA SER D 115 3.01 60.07 -13.36
C SER D 115 2.90 59.53 -11.93
N LYS D 116 2.73 60.45 -10.98
CA LYS D 116 2.51 60.08 -9.59
C LYS D 116 1.36 59.06 -9.47
N GLY D 117 1.61 57.98 -8.74
CA GLY D 117 0.62 56.94 -8.56
C GLY D 117 0.54 55.94 -9.69
N GLY D 118 1.38 56.05 -10.71
CA GLY D 118 1.32 55.14 -11.83
C GLY D 118 1.60 53.69 -11.46
N PHE D 119 2.31 53.46 -10.36
CA PHE D 119 2.58 52.08 -9.94
C PHE D 119 1.30 51.34 -9.61
N GLU D 120 0.45 51.93 -8.76
CA GLU D 120 -0.80 51.27 -8.41
C GLU D 120 -1.70 51.07 -9.61
N ILE D 121 -1.70 52.02 -10.55
CA ILE D 121 -2.51 51.83 -11.75
C ILE D 121 -1.96 50.68 -12.60
N ALA D 122 -0.63 50.56 -12.68
CA ALA D 122 -0.03 49.45 -13.41
C ALA D 122 -0.41 48.11 -12.79
N LEU D 123 -0.46 48.04 -11.46
CA LEU D 123 -0.90 46.81 -10.80
C LEU D 123 -2.34 46.48 -11.17
N MET D 124 -3.21 47.50 -11.25
CA MET D 124 -4.59 47.23 -11.63
C MET D 124 -4.67 46.75 -13.08
N SER D 125 -3.93 47.40 -13.98
CA SER D 125 -3.93 47.01 -15.38
C SER D 125 -3.49 45.56 -15.54
N ALA D 126 -2.41 45.18 -14.85
CA ALA D 126 -1.98 43.79 -14.91
C ALA D 126 -3.01 42.87 -14.28
N GLY D 127 -3.71 43.35 -13.25
CA GLY D 127 -4.75 42.55 -12.62
C GLY D 127 -5.93 42.27 -13.53
N LEU D 128 -6.26 43.19 -14.43
CA LEU D 128 -7.31 42.92 -15.41
C LEU D 128 -6.93 41.73 -16.30
N ALA D 129 -5.67 41.69 -16.74
CA ALA D 129 -5.21 40.56 -17.53
C ALA D 129 -5.18 39.28 -16.71
N ARG D 130 -4.69 39.35 -15.47
CA ARG D 130 -4.63 38.17 -14.61
C ARG D 130 -6.02 37.59 -14.40
N ALA D 131 -7.00 38.44 -14.12
CA ALA D 131 -8.35 37.97 -13.84
C ALA D 131 -9.00 37.40 -15.09
N ALA D 132 -8.76 38.02 -16.25
CA ALA D 132 -9.35 37.52 -17.49
C ALA D 132 -8.84 36.13 -17.81
N ILE D 133 -7.54 35.91 -17.67
CA ILE D 133 -6.96 34.60 -17.94
C ILE D 133 -7.44 33.57 -16.91
N ASP D 134 -7.51 33.98 -15.64
CA ASP D 134 -7.94 33.06 -14.60
C ASP D 134 -9.40 32.64 -14.80
N ASP D 135 -10.28 33.60 -15.09
CA ASP D 135 -11.70 33.29 -15.27
C ASP D 135 -11.95 32.44 -16.51
N VAL D 136 -11.11 32.55 -17.55
CA VAL D 136 -11.23 31.67 -18.69
C VAL D 136 -10.79 30.25 -18.32
N LEU D 137 -9.70 30.15 -17.55
CA LEU D 137 -9.17 28.84 -17.17
C LEU D 137 -10.12 28.09 -16.24
N THR D 138 -10.77 28.79 -15.32
CA THR D 138 -11.72 28.14 -14.42
C THR D 138 -13.11 27.96 -15.03
N GLY D 139 -13.34 28.47 -16.24
CA GLY D 139 -14.62 28.33 -16.87
C GLY D 139 -15.69 29.27 -16.36
N LYS D 140 -15.32 30.32 -15.62
CA LYS D 140 -16.28 31.35 -15.28
C LYS D 140 -16.82 32.03 -16.54
N VAL D 141 -15.96 32.19 -17.56
CA VAL D 141 -16.36 32.71 -18.85
C VAL D 141 -15.70 31.86 -19.92
N ARG D 142 -16.28 31.88 -21.12
CA ARG D 142 -15.68 31.14 -22.24
C ARG D 142 -14.50 31.88 -22.83
N ASN D 143 -14.59 33.21 -22.90
CA ASN D 143 -13.51 34.03 -23.42
C ASN D 143 -13.60 35.39 -22.76
N ALA D 144 -12.61 36.24 -23.00
CA ALA D 144 -12.56 37.49 -22.26
C ALA D 144 -11.75 38.52 -23.02
N TYR D 145 -12.06 39.79 -22.76
CA TYR D 145 -11.26 40.92 -23.22
C TYR D 145 -10.89 41.75 -22.00
N ALA D 146 -9.59 41.99 -21.79
CA ALA D 146 -9.13 42.82 -20.69
C ALA D 146 -8.63 44.15 -21.25
N LEU D 147 -9.26 45.26 -20.84
CA LEU D 147 -8.90 46.59 -21.31
C LEU D 147 -7.77 47.15 -20.42
N SER D 148 -6.61 46.54 -20.57
CA SER D 148 -5.45 46.91 -19.80
C SER D 148 -4.86 48.20 -20.35
N ARG D 149 -4.60 49.15 -19.46
CA ARG D 149 -3.85 50.37 -19.72
C ARG D 149 -3.22 50.75 -18.39
N PRO D 150 -1.89 50.92 -18.33
CA PRO D 150 -0.90 50.83 -19.41
C PRO D 150 -0.72 49.43 -19.97
N ALA D 151 -0.24 49.37 -21.21
CA ALA D 151 -0.04 48.11 -21.94
C ALA D 151 1.16 47.36 -21.37
N GLY D 152 1.42 46.17 -21.91
CA GLY D 152 2.45 45.30 -21.35
C GLY D 152 3.50 44.71 -22.28
N HIS D 153 3.19 44.56 -23.59
CA HIS D 153 3.95 43.63 -24.41
C HIS D 153 5.37 44.10 -24.77
N HIS D 154 5.75 45.36 -24.50
CA HIS D 154 7.12 45.81 -24.73
C HIS D 154 7.98 45.77 -23.47
N CYS D 155 7.39 45.51 -22.31
CA CYS D 155 8.12 45.59 -21.05
C CYS D 155 9.04 44.37 -20.89
N LEU D 156 10.33 44.60 -20.81
CA LEU D 156 11.27 43.53 -20.52
C LEU D 156 11.28 43.30 -19.01
N PRO D 157 11.78 42.13 -18.57
CA PRO D 157 11.85 41.86 -17.13
C PRO D 157 12.41 43.00 -16.27
N ASP D 158 13.48 43.68 -16.71
CA ASP D 158 14.05 44.77 -15.90
C ASP D 158 13.96 46.14 -16.57
N THR D 159 13.31 46.26 -17.73
CA THR D 159 13.30 47.53 -18.43
C THR D 159 11.93 47.81 -19.03
N PRO D 160 11.20 48.82 -18.55
CA PRO D 160 9.95 49.21 -19.21
C PRO D 160 10.26 49.89 -20.53
N MET D 161 9.34 49.79 -21.49
CA MET D 161 9.58 50.31 -22.82
CA MET D 161 9.58 50.29 -22.84
C MET D 161 8.26 50.59 -23.52
N GLY D 162 8.27 51.60 -24.39
CA GLY D 162 7.14 51.87 -25.28
C GLY D 162 5.77 51.81 -24.63
N PHE D 163 5.58 52.64 -23.61
CA PHE D 163 4.30 52.81 -22.90
C PHE D 163 3.96 51.65 -21.98
N CYS D 164 4.84 50.66 -21.83
CA CYS D 164 4.56 49.46 -21.03
C CYS D 164 5.44 49.45 -19.80
N LEU D 165 4.82 49.34 -18.63
CA LEU D 165 5.51 49.45 -17.34
C LEU D 165 5.65 48.12 -16.61
N LEU D 166 4.73 47.19 -16.82
CA LEU D 166 4.81 45.83 -16.30
C LEU D 166 4.49 44.86 -17.43
N ALA D 167 5.00 43.63 -17.31
CA ALA D 167 4.75 42.61 -18.34
C ALA D 167 3.41 41.94 -18.05
N ASN D 168 2.34 42.61 -18.47
CA ASN D 168 0.98 42.20 -18.12
C ASN D 168 0.70 40.74 -18.45
N ILE D 169 0.87 40.34 -19.71
CA ILE D 169 0.56 38.96 -20.10
C ILE D 169 1.43 37.94 -19.40
N PRO D 170 2.77 38.07 -19.38
CA PRO D 170 3.59 37.10 -18.62
C PRO D 170 3.25 37.04 -17.14
N ILE D 171 2.96 38.17 -16.49
CA ILE D 171 2.53 38.13 -15.10
C ILE D 171 1.26 37.30 -14.95
N ALA D 172 0.31 37.50 -15.87
CA ALA D 172 -0.96 36.79 -15.78
C ALA D 172 -0.76 35.30 -16.03
N ILE D 173 0.10 34.95 -16.99
CA ILE D 173 0.35 33.54 -17.29
C ILE D 173 1.01 32.84 -16.10
N GLU D 174 2.05 33.47 -15.54
CA GLU D 174 2.75 32.88 -14.40
C GLU D 174 1.86 32.81 -13.16
N ALA D 175 0.97 33.78 -12.98
CA ALA D 175 0.03 33.68 -11.87
C ALA D 175 -0.91 32.50 -12.06
N ALA D 176 -1.37 32.28 -13.29
CA ALA D 176 -2.25 31.15 -13.56
C ALA D 176 -1.52 29.83 -13.36
N ARG D 177 -0.24 29.77 -13.76
CA ARG D 177 0.53 28.54 -13.57
C ARG D 177 0.69 28.20 -12.09
N ALA D 178 0.93 29.21 -11.26
CA ALA D 178 1.07 28.97 -9.82
C ALA D 178 -0.23 28.49 -9.20
N ARG D 179 -1.37 28.92 -9.74
CA ARG D 179 -2.66 28.58 -9.15
C ARG D 179 -3.37 27.41 -9.81
N HIS D 180 -3.07 27.14 -11.08
CA HIS D 180 -3.77 26.10 -11.82
C HIS D 180 -2.85 25.10 -12.49
N GLY D 181 -1.60 25.47 -12.78
CA GLY D 181 -0.79 24.68 -13.68
C GLY D 181 -1.39 24.70 -15.08
N ILE D 182 -0.59 25.03 -16.07
CA ILE D 182 -1.06 24.93 -17.44
C ILE D 182 0.10 24.53 -18.34
N GLU D 183 -0.07 23.44 -19.08
CA GLU D 183 1.06 22.79 -19.73
C GLU D 183 1.66 23.68 -20.81
N ARG D 184 0.83 24.23 -21.69
CA ARG D 184 1.33 25.00 -22.82
C ARG D 184 0.37 26.15 -23.12
N VAL D 185 0.93 27.33 -23.37
CA VAL D 185 0.18 28.54 -23.67
C VAL D 185 0.71 29.13 -24.96
N ALA D 186 -0.18 29.63 -25.81
CA ALA D 186 0.23 30.37 -27.00
C ALA D 186 -0.20 31.83 -26.84
N VAL D 187 0.71 32.75 -27.11
CA VAL D 187 0.43 34.18 -27.11
C VAL D 187 0.55 34.67 -28.55
N VAL D 188 -0.55 35.20 -29.09
CA VAL D 188 -0.59 35.71 -30.45
C VAL D 188 -0.75 37.22 -30.35
N ASP D 189 0.24 37.97 -30.83
CA ASP D 189 0.32 39.41 -30.62
C ASP D 189 0.05 40.09 -31.96
N TRP D 190 -1.15 40.67 -32.10
CA TRP D 190 -1.51 41.39 -33.32
C TRP D 190 -1.48 42.91 -33.14
N ASP D 191 -1.01 43.40 -32.00
CA ASP D 191 -0.57 44.78 -31.94
C ASP D 191 0.43 45.01 -33.08
N VAL D 192 0.40 46.20 -33.68
CA VAL D 192 1.20 46.46 -34.86
C VAL D 192 2.69 46.54 -34.58
N HIS D 193 3.09 46.57 -33.31
CA HIS D 193 4.49 46.67 -32.92
C HIS D 193 4.96 45.32 -32.37
N HIS D 194 6.27 45.08 -32.44
CA HIS D 194 6.78 43.78 -32.04
C HIS D 194 6.63 43.57 -30.53
N GLY D 195 6.12 42.40 -30.14
CA GLY D 195 6.03 42.09 -28.72
C GLY D 195 7.36 41.65 -28.14
N ASN D 196 8.31 42.57 -28.05
CA ASN D 196 9.65 42.23 -27.58
C ASN D 196 9.65 41.82 -26.12
N GLY D 197 8.72 42.34 -25.32
CA GLY D 197 8.68 41.98 -23.91
C GLY D 197 8.24 40.54 -23.73
N THR D 198 7.15 40.15 -24.37
CA THR D 198 6.68 38.78 -24.29
C THR D 198 7.72 37.83 -24.83
N GLN D 199 8.36 38.19 -25.94
CA GLN D 199 9.40 37.33 -26.50
C GLN D 199 10.52 37.11 -25.50
N ALA D 200 10.99 38.19 -24.89
CA ALA D 200 12.11 38.08 -23.95
C ALA D 200 11.75 37.24 -22.73
N CYS D 201 10.50 37.36 -22.25
CA CYS D 201 10.11 36.65 -21.04
C CYS D 201 10.13 35.13 -21.22
N TYR D 202 9.89 34.65 -22.44
CA TYR D 202 9.77 33.21 -22.68
C TYR D 202 10.75 32.69 -23.73
N TYR D 203 11.79 33.46 -24.05
CA TYR D 203 12.62 33.13 -25.21
C TYR D 203 13.28 31.77 -25.07
N ASP D 204 13.65 31.39 -23.85
CA ASP D 204 14.34 30.12 -23.61
C ASP D 204 13.41 29.03 -23.08
N ARG D 205 12.10 29.17 -23.25
CA ARG D 205 11.15 28.22 -22.69
C ARG D 205 10.27 27.65 -23.78
N SER D 206 9.88 26.38 -23.61
CA SER D 206 9.03 25.70 -24.57
C SER D 206 7.56 25.70 -24.17
N ASP D 207 7.25 26.10 -22.95
CA ASP D 207 5.88 26.04 -22.45
C ASP D 207 5.05 27.26 -22.84
N VAL D 208 5.63 28.23 -23.56
CA VAL D 208 4.88 29.31 -24.17
C VAL D 208 5.36 29.47 -25.61
N LEU D 209 4.45 29.40 -26.56
CA LEU D 209 4.72 29.76 -27.95
C LEU D 209 4.36 31.23 -28.13
N THR D 210 5.35 32.06 -28.46
CA THR D 210 5.13 33.48 -28.62
C THR D 210 5.16 33.83 -30.11
N ILE D 211 4.08 34.42 -30.60
CA ILE D 211 3.94 34.78 -32.00
C ILE D 211 3.65 36.27 -32.06
N SER D 212 4.38 37.00 -32.90
CA SER D 212 4.15 38.42 -33.10
C SER D 212 4.03 38.71 -34.57
N VAL D 213 2.94 39.35 -34.97
CA VAL D 213 2.80 39.95 -36.29
C VAL D 213 2.96 41.45 -36.10
N HIS D 214 3.84 42.07 -36.88
CA HIS D 214 4.11 43.47 -36.62
C HIS D 214 4.58 44.14 -37.89
N GLN D 215 4.45 45.47 -37.93
CA GLN D 215 5.00 46.22 -39.04
C GLN D 215 6.52 46.12 -39.01
N ASP D 216 7.10 45.72 -40.13
CA ASP D 216 8.55 45.61 -40.26
C ASP D 216 9.21 46.91 -39.84
N ARG D 217 10.14 46.82 -38.90
CA ARG D 217 11.05 47.90 -38.51
C ARG D 217 10.41 49.02 -37.68
N CYS D 218 9.16 48.88 -37.24
CA CYS D 218 8.49 50.02 -36.59
C CYS D 218 8.90 50.19 -35.12
N PHE D 219 8.46 49.29 -34.25
CA PHE D 219 8.89 49.42 -32.86
C PHE D 219 9.06 48.05 -32.22
N PRO D 220 10.24 47.73 -31.69
CA PRO D 220 11.47 48.55 -31.65
C PRO D 220 11.95 48.96 -33.04
N PRO D 221 12.43 50.19 -33.21
CA PRO D 221 12.74 50.69 -34.57
C PRO D 221 13.88 49.91 -35.19
N GLY D 222 13.70 49.56 -36.47
CA GLY D 222 14.67 48.81 -37.23
C GLY D 222 14.59 47.31 -37.08
N TYR D 223 13.70 46.80 -36.23
CA TYR D 223 13.66 45.38 -35.92
C TYR D 223 12.69 44.63 -36.83
N SER D 224 13.15 43.51 -37.38
CA SER D 224 12.32 42.61 -38.18
C SER D 224 12.08 41.32 -37.42
N GLY D 225 13.11 40.47 -37.28
CA GLY D 225 13.09 39.43 -36.28
C GLY D 225 12.78 38.02 -36.75
N VAL D 226 12.64 37.78 -38.07
CA VAL D 226 12.27 36.45 -38.54
C VAL D 226 13.22 35.39 -38.02
N GLU D 227 14.51 35.73 -37.90
CA GLU D 227 15.50 34.72 -37.55
C GLU D 227 15.60 34.48 -36.05
N GLU D 228 14.88 35.24 -35.23
CA GLU D 228 14.93 35.04 -33.78
C GLU D 228 13.84 34.03 -33.42
N ARG D 229 14.24 32.77 -33.34
CA ARG D 229 13.32 31.66 -33.18
C ARG D 229 13.32 31.07 -31.78
N GLY D 230 14.06 31.66 -30.85
CA GLY D 230 14.20 31.12 -29.51
C GLY D 230 15.61 30.60 -29.29
N GLU D 231 15.86 30.18 -28.05
CA GLU D 231 17.14 29.60 -27.70
C GLU D 231 16.93 28.52 -26.66
N GLY D 232 17.82 27.53 -26.66
CA GLY D 232 17.70 26.44 -25.71
C GLY D 232 16.41 25.66 -25.91
N ALA D 233 15.70 25.40 -24.80
CA ALA D 233 14.41 24.74 -24.87
C ALA D 233 13.37 25.56 -25.61
N GLY D 234 13.60 26.86 -25.79
CA GLY D 234 12.69 27.69 -26.55
C GLY D 234 12.90 27.69 -28.05
N LEU D 235 13.90 26.96 -28.55
CA LEU D 235 14.18 26.99 -29.98
C LEU D 235 12.98 26.45 -30.75
N GLY D 236 12.50 27.24 -31.71
CA GLY D 236 11.31 26.91 -32.45
C GLY D 236 10.02 27.34 -31.80
N HIS D 237 10.08 28.04 -30.66
CA HIS D 237 8.87 28.45 -29.94
C HIS D 237 8.69 29.96 -29.90
N ASN D 238 9.39 30.68 -30.77
CA ASN D 238 9.14 32.10 -31.00
C ASN D 238 9.01 32.31 -32.51
N ILE D 239 7.98 33.05 -32.92
CA ILE D 239 7.71 33.27 -34.33
C ILE D 239 7.45 34.75 -34.53
N ASN D 240 8.30 35.41 -35.30
CA ASN D 240 8.13 36.81 -35.67
C ASN D 240 7.73 36.90 -37.13
N ILE D 241 6.67 37.64 -37.39
CA ILE D 241 6.13 37.83 -38.74
C ILE D 241 6.11 39.32 -39.05
N PRO D 242 7.22 39.90 -39.51
CA PRO D 242 7.21 41.32 -39.92
C PRO D 242 6.52 41.48 -41.27
N LEU D 243 5.50 42.31 -41.29
CA LEU D 243 4.81 42.59 -42.53
C LEU D 243 5.18 43.98 -43.02
N PRO D 244 5.14 44.22 -44.33
CA PRO D 244 5.49 45.55 -44.85
C PRO D 244 4.52 46.60 -44.35
N ALA D 245 5.03 47.81 -44.15
CA ALA D 245 4.15 48.96 -43.99
C ALA D 245 3.21 49.04 -45.19
N GLY D 246 1.98 49.49 -44.94
CA GLY D 246 1.00 49.55 -45.97
C GLY D 246 0.27 48.24 -46.23
N SER D 247 0.40 47.26 -45.34
CA SER D 247 -0.33 46.00 -45.48
C SER D 247 -1.76 46.19 -44.98
N GLY D 248 -2.70 45.54 -45.66
CA GLY D 248 -4.09 45.59 -45.23
C GLY D 248 -4.65 44.24 -44.83
N GLN D 249 -5.97 44.10 -44.92
CA GLN D 249 -6.63 42.91 -44.42
C GLN D 249 -6.15 41.66 -45.15
N ASP D 250 -6.03 41.72 -46.47
CA ASP D 250 -5.60 40.56 -47.23
C ASP D 250 -4.28 39.99 -46.71
N THR D 251 -3.29 40.86 -46.52
CA THR D 251 -1.98 40.40 -46.07
C THR D 251 -2.07 39.80 -44.68
N TYR D 252 -2.79 40.47 -43.76
CA TYR D 252 -2.91 39.95 -42.40
C TYR D 252 -3.62 38.61 -42.39
N VAL D 253 -4.74 38.51 -43.11
CA VAL D 253 -5.47 37.25 -43.14
C VAL D 253 -4.59 36.14 -43.69
N HIS D 254 -3.81 36.43 -44.74
CA HIS D 254 -2.94 35.41 -45.32
C HIS D 254 -1.87 34.96 -44.32
N ALA D 255 -1.28 35.91 -43.57
CA ALA D 255 -0.29 35.55 -42.57
C ALA D 255 -0.90 34.68 -41.48
N PHE D 256 -2.14 34.96 -41.08
CA PHE D 256 -2.79 34.11 -40.09
C PHE D 256 -3.11 32.74 -40.66
N GLU D 257 -3.58 32.68 -41.90
CA GLU D 257 -3.95 31.40 -42.52
C GLU D 257 -2.73 30.51 -42.72
N THR D 258 -1.61 31.08 -43.11
CA THR D 258 -0.47 30.26 -43.54
C THR D 258 0.64 30.16 -42.50
N ILE D 259 0.65 30.99 -41.47
CA ILE D 259 1.69 30.92 -40.45
C ILE D 259 1.10 30.75 -39.05
N VAL D 260 0.27 31.70 -38.60
CA VAL D 260 -0.22 31.68 -37.24
C VAL D 260 -1.04 30.43 -36.96
N LEU D 261 -2.07 30.18 -37.77
CA LEU D 261 -2.94 29.04 -37.53
C LEU D 261 -2.19 27.71 -37.59
N PRO D 262 -1.38 27.43 -38.62
CA PRO D 262 -0.60 26.17 -38.60
C PRO D 262 0.32 26.06 -37.40
N ALA D 263 0.97 27.16 -36.99
CA ALA D 263 1.84 27.11 -35.82
C ALA D 263 1.06 26.72 -34.57
N LEU D 264 -0.16 27.25 -34.42
CA LEU D 264 -0.99 26.89 -33.28
C LEU D 264 -1.40 25.41 -33.34
N ASP D 265 -1.75 24.92 -34.52
CA ASP D 265 -2.14 23.52 -34.66
C ASP D 265 -0.99 22.59 -34.29
N ARG D 266 0.24 22.94 -34.70
CA ARG D 266 1.41 22.12 -34.37
C ARG D 266 1.67 22.11 -32.87
N TYR D 267 1.45 23.25 -32.21
CA TYR D 267 1.87 23.39 -30.82
C TYR D 267 0.86 22.80 -29.85
N ARG D 268 -0.43 22.85 -30.20
CA ARG D 268 -1.54 22.37 -29.39
C ARG D 268 -1.52 22.99 -27.99
N PRO D 269 -1.74 24.30 -27.89
CA PRO D 269 -1.75 24.94 -26.57
C PRO D 269 -3.00 24.58 -25.79
N ASP D 270 -2.90 24.77 -24.48
CA ASP D 270 -4.03 24.58 -23.57
C ASP D 270 -4.76 25.87 -23.28
N LEU D 271 -4.24 27.00 -23.78
CA LEU D 271 -4.87 28.31 -23.64
C LEU D 271 -4.25 29.20 -24.70
N ILE D 272 -5.08 30.04 -25.33
CA ILE D 272 -4.62 31.01 -26.31
C ILE D 272 -4.84 32.40 -25.72
N VAL D 273 -3.78 33.20 -25.69
CA VAL D 273 -3.85 34.59 -25.25
C VAL D 273 -3.54 35.46 -26.47
N VAL D 274 -4.36 36.48 -26.71
CA VAL D 274 -4.11 37.42 -27.79
C VAL D 274 -3.69 38.74 -27.18
N ALA D 275 -2.53 39.24 -27.58
CA ALA D 275 -2.10 40.60 -27.23
C ALA D 275 -2.71 41.49 -28.29
N SER D 276 -3.80 42.19 -27.92
CA SER D 276 -4.64 42.89 -28.89
C SER D 276 -4.35 44.39 -28.84
N GLY D 277 -3.39 44.82 -29.63
CA GLY D 277 -3.26 46.23 -29.94
C GLY D 277 -4.12 46.51 -31.17
N LEU D 278 -4.74 47.68 -31.19
CA LEU D 278 -5.57 48.09 -32.31
C LEU D 278 -4.89 49.15 -33.16
N ASP D 279 -3.57 49.24 -33.08
CA ASP D 279 -2.82 50.27 -33.80
C ASP D 279 -2.45 49.89 -35.23
N ALA D 280 -2.85 48.71 -35.71
CA ALA D 280 -2.78 48.45 -37.14
C ALA D 280 -3.96 49.06 -37.90
N ASN D 281 -4.84 49.81 -37.21
CA ASN D 281 -5.99 50.38 -37.89
C ASN D 281 -5.54 51.44 -38.89
N ALA D 282 -6.42 51.68 -39.87
CA ALA D 282 -6.10 52.44 -41.07
C ALA D 282 -5.84 53.94 -40.83
N VAL D 283 -6.13 54.48 -39.65
CA VAL D 283 -5.84 55.89 -39.40
C VAL D 283 -4.96 56.07 -38.16
N ASP D 284 -4.23 55.04 -37.77
CA ASP D 284 -3.43 55.20 -36.57
C ASP D 284 -2.19 56.05 -36.87
N PRO D 285 -1.83 56.99 -35.99
CA PRO D 285 -0.59 57.76 -36.21
C PRO D 285 0.68 56.95 -35.99
N LEU D 286 0.64 55.90 -35.18
CA LEU D 286 1.87 55.21 -34.77
C LEU D 286 2.17 53.97 -35.59
N ALA D 287 1.47 53.76 -36.70
CA ALA D 287 1.89 52.75 -37.66
C ALA D 287 1.28 53.08 -39.01
N ARG D 288 1.59 52.23 -40.00
CA ARG D 288 1.27 52.49 -41.40
C ARG D 288 0.39 51.39 -42.00
N MET D 289 -0.42 50.72 -41.19
CA MET D 289 -1.22 49.60 -41.68
C MET D 289 -2.65 50.03 -42.00
N LEU D 290 -3.37 49.12 -42.66
CA LEU D 290 -4.68 49.43 -43.24
C LEU D 290 -5.79 48.51 -42.72
N LEU D 291 -5.67 48.01 -41.49
CA LEU D 291 -6.77 47.20 -40.97
C LEU D 291 -7.94 48.07 -40.58
N PHE D 292 -9.13 47.46 -40.59
CA PHE D 292 -10.32 48.18 -40.16
C PHE D 292 -11.23 47.22 -39.41
N SER D 293 -12.40 47.71 -38.98
CA SER D 293 -13.21 46.94 -38.05
C SER D 293 -13.53 45.55 -38.58
N GLU D 294 -13.81 45.43 -39.89
CA GLU D 294 -14.10 44.12 -40.45
C GLU D 294 -12.90 43.19 -40.30
N SER D 295 -11.69 43.73 -40.48
CA SER D 295 -10.48 42.92 -40.37
C SER D 295 -10.39 42.29 -39.00
N TYR D 296 -10.69 43.06 -37.95
CA TYR D 296 -10.61 42.51 -36.60
C TYR D 296 -11.69 41.47 -36.34
N ARG D 297 -12.86 41.58 -36.99
CA ARG D 297 -13.84 40.50 -36.90
C ARG D 297 -13.26 39.20 -37.45
N VAL D 298 -12.60 39.28 -38.61
CA VAL D 298 -12.05 38.07 -39.23
C VAL D 298 -10.95 37.47 -38.36
N LEU D 299 -10.03 38.32 -37.86
CA LEU D 299 -8.94 37.79 -37.05
C LEU D 299 -9.46 37.20 -35.75
N THR D 300 -10.44 37.85 -35.13
CA THR D 300 -10.97 37.30 -33.89
C THR D 300 -11.68 35.98 -34.14
N GLY D 301 -12.46 35.91 -35.23
CA GLY D 301 -13.09 34.65 -35.59
C GLY D 301 -12.09 33.54 -35.78
N MET D 302 -10.95 33.83 -36.41
CA MET D 302 -9.93 32.79 -36.62
C MET D 302 -9.38 32.30 -35.29
N MET D 303 -9.13 33.22 -34.35
CA MET D 303 -8.60 32.84 -33.04
CA MET D 303 -8.59 32.82 -33.06
C MET D 303 -9.63 32.06 -32.23
N MET D 304 -10.90 32.43 -32.34
CA MET D 304 -11.95 31.67 -31.66
C MET D 304 -12.04 30.27 -32.24
N ASP D 305 -11.97 30.14 -33.57
CA ASP D 305 -12.00 28.83 -34.19
C ASP D 305 -10.81 27.99 -33.74
N ALA D 306 -9.62 28.60 -33.68
CA ALA D 306 -8.46 27.86 -33.20
C ALA D 306 -8.65 27.42 -31.76
N ALA D 307 -9.14 28.33 -30.91
CA ALA D 307 -9.35 27.96 -29.51
C ALA D 307 -10.40 26.86 -29.38
N ASP D 308 -11.43 26.90 -30.23
CA ASP D 308 -12.44 25.84 -30.20
C ASP D 308 -11.84 24.49 -30.52
N ARG D 309 -10.95 24.44 -31.51
CA ARG D 309 -10.37 23.16 -31.93
C ARG D 309 -9.29 22.68 -30.98
N LEU D 310 -8.55 23.60 -30.34
CA LEU D 310 -7.33 23.23 -29.64
C LEU D 310 -7.43 23.25 -28.12
N CYS D 311 -8.28 24.08 -27.53
CA CYS D 311 -8.27 24.22 -26.08
C CYS D 311 -9.65 24.59 -25.54
N GLU D 312 -10.70 23.96 -26.10
CA GLU D 312 -12.05 24.06 -25.56
C GLU D 312 -12.54 25.51 -25.49
N GLY D 313 -12.15 26.30 -26.50
CA GLY D 313 -12.58 27.69 -26.61
C GLY D 313 -11.87 28.66 -25.69
N ARG D 314 -10.84 28.23 -24.96
CA ARG D 314 -10.20 29.09 -23.97
C ARG D 314 -9.37 30.15 -24.67
N LEU D 315 -9.88 31.38 -24.71
CA LEU D 315 -9.26 32.48 -25.43
C LEU D 315 -9.37 33.73 -24.56
N ALA D 316 -8.23 34.32 -24.21
CA ALA D 316 -8.21 35.57 -23.45
C ALA D 316 -7.52 36.63 -24.29
N VAL D 317 -8.14 37.80 -24.38
CA VAL D 317 -7.64 38.88 -25.24
C VAL D 317 -7.29 40.05 -24.34
N VAL D 318 -6.04 40.53 -24.43
CA VAL D 318 -5.54 41.57 -23.54
C VAL D 318 -5.17 42.78 -24.38
N HIS D 319 -5.74 43.94 -24.07
CA HIS D 319 -5.47 45.14 -24.85
C HIS D 319 -4.01 45.58 -24.72
N GLU D 320 -3.49 46.10 -25.83
CA GLU D 320 -2.16 46.69 -25.85
C GLU D 320 -2.24 48.13 -26.37
N GLY D 321 -1.74 48.40 -27.57
CA GLY D 321 -1.77 49.74 -28.14
C GLY D 321 -3.03 50.06 -28.94
N GLY D 322 -2.98 51.20 -29.62
CA GLY D 322 -4.12 51.76 -30.34
C GLY D 322 -4.20 53.25 -30.06
N TYR D 323 -4.03 54.08 -31.08
CA TYR D 323 -3.73 55.49 -30.88
C TYR D 323 -4.66 56.43 -31.63
N SER D 324 -5.69 55.91 -32.31
CA SER D 324 -6.68 56.76 -32.96
C SER D 324 -7.91 56.86 -32.06
N GLU D 325 -8.08 58.01 -31.41
CA GLU D 325 -9.27 58.21 -30.58
C GLU D 325 -10.55 58.03 -31.39
N ALA D 326 -10.54 58.41 -32.66
CA ALA D 326 -11.77 58.36 -33.44
C ALA D 326 -12.10 56.94 -33.88
N TYR D 327 -11.10 56.14 -34.24
CA TYR D 327 -11.40 54.88 -34.92
C TYR D 327 -11.16 53.63 -34.08
N VAL D 328 -10.25 53.67 -33.12
CA VAL D 328 -10.03 52.53 -32.23
C VAL D 328 -11.35 52.00 -31.64
N PRO D 329 -12.31 52.83 -31.22
CA PRO D 329 -13.52 52.25 -30.63
C PRO D 329 -14.25 51.29 -31.56
N PHE D 330 -14.28 51.57 -32.86
CA PHE D 330 -14.99 50.70 -33.78
C PHE D 330 -14.31 49.35 -33.94
N CYS D 331 -12.97 49.34 -33.89
CA CYS D 331 -12.24 48.09 -33.99
C CYS D 331 -12.41 47.28 -32.72
N GLY D 332 -12.32 47.92 -31.55
CA GLY D 332 -12.52 47.19 -30.31
C GLY D 332 -13.94 46.63 -30.20
N GLN D 333 -14.93 47.46 -30.56
CA GLN D 333 -16.31 47.01 -30.56
C GLN D 333 -16.48 45.74 -31.40
N ALA D 334 -15.88 45.72 -32.59
CA ALA D 334 -15.99 44.56 -33.47
C ALA D 334 -15.39 43.32 -32.84
N ILE D 335 -14.26 43.47 -32.13
CA ILE D 335 -13.65 42.32 -31.48
C ILE D 335 -14.58 41.74 -30.42
N VAL D 336 -15.11 42.59 -29.55
CA VAL D 336 -15.92 42.11 -28.44
C VAL D 336 -17.22 41.51 -28.96
N GLU D 337 -17.82 42.13 -29.98
CA GLU D 337 -18.99 41.54 -30.61
C GLU D 337 -18.70 40.13 -31.10
N THR D 338 -17.54 39.94 -31.72
CA THR D 338 -17.18 38.63 -32.24
C THR D 338 -16.99 37.62 -31.11
N LEU D 339 -16.29 38.01 -30.04
CA LEU D 339 -16.08 37.13 -28.90
C LEU D 339 -17.41 36.68 -28.30
N ALA D 340 -18.37 37.60 -28.22
CA ALA D 340 -19.66 37.33 -27.61
C ALA D 340 -20.64 36.67 -28.56
N GLY D 341 -20.35 36.66 -29.86
CA GLY D 341 -21.23 36.04 -30.83
C GLY D 341 -22.50 36.83 -31.09
N VAL D 342 -22.45 38.15 -30.91
CA VAL D 342 -23.63 38.99 -31.05
C VAL D 342 -23.28 40.22 -31.87
N ARG D 343 -24.26 40.71 -32.63
CA ARG D 343 -24.14 41.96 -33.34
C ARG D 343 -24.96 43.02 -32.59
N THR D 344 -24.63 44.28 -32.86
CA THR D 344 -25.36 45.41 -32.28
C THR D 344 -25.80 46.35 -33.39
N GLY D 345 -26.40 47.47 -32.99
CA GLY D 345 -26.78 48.48 -33.95
C GLY D 345 -25.67 49.43 -34.36
N VAL D 346 -24.46 49.26 -33.81
CA VAL D 346 -23.36 50.15 -34.15
C VAL D 346 -23.06 50.11 -35.63
N VAL D 347 -22.94 51.28 -36.25
CA VAL D 347 -22.55 51.41 -37.64
C VAL D 347 -21.15 52.01 -37.68
N ASP D 348 -20.20 51.29 -38.25
CA ASP D 348 -18.86 51.84 -38.44
C ASP D 348 -18.93 52.80 -39.62
N PRO D 349 -18.76 54.12 -39.41
CA PRO D 349 -18.98 55.06 -40.52
C PRO D 349 -17.94 54.95 -41.62
N GLU D 350 -16.80 54.35 -41.34
CA GLU D 350 -15.73 54.23 -42.34
C GLU D 350 -15.66 52.85 -42.97
N LEU D 351 -16.66 51.99 -42.72
CA LEU D 351 -16.55 50.60 -43.14
C LEU D 351 -16.29 50.49 -44.63
N GLU D 352 -17.01 51.27 -45.45
CA GLU D 352 -16.85 51.19 -46.89
C GLU D 352 -15.61 51.95 -47.35
N MET D 353 -15.36 53.14 -46.80
CA MET D 353 -14.18 53.90 -47.19
C MET D 353 -12.91 53.09 -46.97
N PHE D 354 -12.76 52.47 -45.80
CA PHE D 354 -11.51 51.75 -45.51
C PHE D 354 -11.41 50.47 -46.32
N ALA D 355 -12.53 49.88 -46.72
CA ALA D 355 -12.48 48.77 -47.69
C ALA D 355 -11.98 49.26 -49.05
N LEU D 356 -12.37 50.47 -49.45
CA LEU D 356 -11.90 51.00 -50.73
C LEU D 356 -10.43 51.43 -50.67
N TRP D 357 -9.90 51.69 -49.48
CA TRP D 357 -8.50 52.04 -49.30
C TRP D 357 -7.57 50.85 -49.39
N GLN D 358 -8.09 49.63 -49.36
CA GLN D 358 -7.23 48.46 -49.33
C GLN D 358 -6.33 48.41 -50.57
N PRO D 359 -5.12 47.87 -50.41
CA PRO D 359 -4.23 47.77 -51.56
C PRO D 359 -4.86 46.98 -52.71
N GLY D 360 -4.41 47.28 -53.91
CA GLY D 360 -4.86 46.57 -55.09
C GLY D 360 -4.26 45.18 -55.16
N ASP D 361 -4.71 44.42 -56.17
CA ASP D 361 -4.33 43.02 -56.27
C ASP D 361 -2.84 42.84 -56.52
N ARG D 362 -2.21 43.74 -57.26
CA ARG D 362 -0.78 43.64 -57.52
C ARG D 362 0.02 43.69 -56.23
N ILE D 363 -0.30 44.65 -55.36
CA ILE D 363 0.39 44.74 -54.07
C ILE D 363 0.07 43.52 -53.20
N ASN D 364 -1.20 43.16 -53.11
CA ASN D 364 -1.58 42.04 -52.26
C ASN D 364 -0.89 40.75 -52.70
N ARG D 365 -0.77 40.53 -54.02
CA ARG D 365 -0.07 39.32 -54.49
C ARG D 365 1.39 39.32 -54.06
N PHE D 366 2.06 40.45 -54.17
CA PHE D 366 3.46 40.49 -53.74
C PHE D 366 3.58 40.27 -52.24
N HIS D 367 2.69 40.90 -51.45
CA HIS D 367 2.76 40.69 -50.01
C HIS D 367 2.53 39.23 -49.64
N ARG D 368 1.62 38.55 -50.35
CA ARG D 368 1.41 37.12 -50.10
C ARG D 368 2.69 36.33 -50.40
N GLU D 369 3.41 36.69 -51.46
CA GLU D 369 4.67 36.01 -51.77
C GLU D 369 5.67 36.20 -50.64
N LEU D 370 5.75 37.41 -50.09
CA LEU D 370 6.63 37.62 -48.95
C LEU D 370 6.20 36.76 -47.77
N VAL D 371 4.90 36.65 -47.52
CA VAL D 371 4.41 35.85 -46.41
C VAL D 371 4.70 34.38 -46.66
N ASP D 372 4.51 33.92 -47.90
CA ASP D 372 4.80 32.52 -48.23
C ASP D 372 6.27 32.20 -47.98
N GLU D 373 7.16 33.12 -48.34
CA GLU D 373 8.59 32.89 -48.10
C GLU D 373 8.88 32.76 -46.62
N MET D 374 8.27 33.62 -45.80
CA MET D 374 8.46 33.53 -44.35
C MET D 374 7.87 32.24 -43.80
N ALA D 375 6.74 31.80 -44.35
CA ALA D 375 6.10 30.58 -43.86
C ALA D 375 6.99 29.37 -44.09
N ALA D 376 7.69 29.35 -45.23
CA ALA D 376 8.63 28.27 -45.51
C ALA D 376 9.79 28.29 -44.52
N VAL D 377 10.31 29.48 -44.21
CA VAL D 377 11.42 29.60 -43.26
C VAL D 377 10.97 29.24 -41.85
N LEU D 378 9.77 29.69 -41.44
CA LEU D 378 9.34 29.52 -40.06
C LEU D 378 8.73 28.15 -39.79
N LEU D 379 8.06 27.56 -40.79
CA LEU D 379 7.38 26.28 -40.60
C LEU D 379 8.11 25.13 -41.29
N GLY D 380 9.38 25.30 -41.62
CA GLY D 380 10.14 24.25 -42.29
C GLY D 380 11.60 24.61 -42.53
N MET E 12 0.98 0.05 53.27
CA MET E 12 0.84 -1.28 52.70
C MET E 12 1.63 -1.41 51.40
N SER E 13 1.36 -0.53 50.44
CA SER E 13 2.01 -0.62 49.14
C SER E 13 3.38 0.08 49.17
N ASN E 14 4.06 0.04 48.02
CA ASN E 14 5.37 0.64 47.86
C ASN E 14 5.33 1.90 47.02
N THR E 15 4.16 2.50 46.85
CA THR E 15 3.99 3.67 46.00
C THR E 15 3.84 4.90 46.86
N GLY E 16 4.63 5.94 46.57
CA GLY E 16 4.54 7.21 47.26
C GLY E 16 3.65 8.19 46.53
N PHE E 17 2.95 9.03 47.29
CA PHE E 17 2.16 10.11 46.70
C PHE E 17 2.51 11.39 47.46
N TYR E 18 2.97 12.40 46.73
CA TYR E 18 3.59 13.59 47.33
C TYR E 18 2.70 14.79 47.05
N THR E 19 2.10 15.34 48.10
CA THR E 19 1.19 16.45 47.94
C THR E 19 1.30 17.35 49.17
N HIS E 20 1.01 18.64 48.99
CA HIS E 20 0.97 19.57 50.11
C HIS E 20 -0.16 20.57 49.87
N GLU E 21 -0.87 20.93 50.95
CA GLU E 21 -2.04 21.78 50.83
C GLU E 21 -1.72 23.11 50.14
N SER E 22 -0.51 23.66 50.35
CA SER E 22 -0.22 24.98 49.82
C SER E 22 -0.23 25.01 48.29
N THR E 23 0.04 23.88 47.63
CA THR E 23 -0.03 23.86 46.17
C THR E 23 -1.40 24.27 45.64
N PHE E 24 -2.45 24.12 46.44
CA PHE E 24 -3.79 24.51 46.01
C PHE E 24 -4.09 25.96 46.29
N TRP E 25 -3.18 26.66 46.95
CA TRP E 25 -3.37 28.08 47.26
C TRP E 25 -2.73 28.99 46.22
N HIS E 26 -1.93 28.45 45.31
CA HIS E 26 -1.41 29.24 44.20
C HIS E 26 -2.57 29.69 43.31
N SER E 27 -2.56 30.95 42.92
CA SER E 27 -3.65 31.49 42.13
C SER E 27 -3.08 32.26 40.94
N THR E 28 -3.65 32.03 39.76
CA THR E 28 -3.26 32.76 38.57
C THR E 28 -4.00 34.09 38.42
N GLY E 29 -4.93 34.40 39.31
CA GLY E 29 -5.67 35.66 39.19
C GLY E 29 -6.94 35.45 38.38
N VAL E 30 -7.58 36.57 38.03
CA VAL E 30 -8.87 36.51 37.34
C VAL E 30 -8.64 36.43 35.83
N GLN E 31 -8.95 35.28 35.24
CA GLN E 31 -8.99 35.13 33.80
C GLN E 31 -10.25 34.39 33.43
N ALA E 32 -10.72 34.61 32.21
CA ALA E 32 -11.74 33.77 31.61
C ALA E 32 -11.00 32.69 30.84
N LEU E 33 -11.09 31.46 31.32
CA LEU E 33 -10.17 30.38 30.90
C LEU E 33 -8.78 30.93 31.16
N TYR E 34 -7.90 31.00 30.15
CA TYR E 34 -6.60 31.65 30.33
C TYR E 34 -6.57 33.07 29.75
N PHE E 35 -7.71 33.61 29.31
CA PHE E 35 -7.72 34.93 28.68
C PHE E 35 -7.72 36.01 29.75
N PRO E 36 -6.79 36.96 29.70
CA PRO E 36 -6.82 38.09 30.63
C PRO E 36 -8.10 38.90 30.43
N ILE E 37 -8.65 39.39 31.54
CA ILE E 37 -9.84 40.22 31.44
C ILE E 37 -9.44 41.61 30.98
N GLY E 38 -10.41 42.31 30.39
CA GLY E 38 -10.09 43.57 29.74
C GLY E 38 -11.26 44.02 28.89
N GLU E 39 -10.93 44.72 27.80
CA GLU E 39 -11.98 45.42 27.09
C GLU E 39 -13.02 44.46 26.49
N TRP E 40 -12.59 43.33 25.93
CA TRP E 40 -13.55 42.43 25.30
C TRP E 40 -13.74 41.10 26.01
N VAL E 41 -12.93 40.78 27.01
CA VAL E 41 -13.07 39.53 27.76
C VAL E 41 -13.76 39.85 29.08
N GLN E 42 -15.02 39.43 29.20
CA GLN E 42 -15.81 39.71 30.38
C GLN E 42 -15.29 38.89 31.56
N PRO E 43 -15.21 39.45 32.76
CA PRO E 43 -14.80 38.64 33.90
C PRO E 43 -15.71 37.46 34.08
N PRO E 44 -15.18 36.32 34.51
CA PRO E 44 -16.02 35.13 34.68
C PRO E 44 -16.89 35.21 35.92
N SER E 45 -18.01 34.48 35.88
CA SER E 45 -18.92 34.44 37.02
C SER E 45 -18.54 33.34 38.01
N GLY E 46 -18.51 32.10 37.53
CA GLY E 46 -18.18 30.99 38.41
C GLY E 46 -16.68 30.74 38.46
N THR E 47 -16.25 29.70 37.76
CA THR E 47 -14.84 29.32 37.75
C THR E 47 -14.02 30.41 37.06
N TYR E 48 -12.96 30.85 37.72
CA TYR E 48 -12.00 31.77 37.13
C TYR E 48 -10.67 31.06 36.91
N GLY E 49 -10.03 31.38 35.79
CA GLY E 49 -8.75 30.78 35.44
C GLY E 49 -8.92 29.44 34.73
N ALA E 50 -7.77 28.94 34.25
CA ALA E 50 -7.69 27.63 33.62
C ALA E 50 -6.98 26.62 34.51
N ASP E 51 -5.80 26.98 35.01
CA ASP E 51 -5.13 26.22 36.07
C ASP E 51 -5.80 26.60 37.39
N THR E 52 -6.98 26.07 37.57
CA THR E 52 -7.62 26.33 38.86
C THR E 52 -7.16 25.30 39.87
N PRO E 53 -7.19 25.62 41.16
CA PRO E 53 -6.79 24.62 42.16
C PRO E 53 -7.59 23.33 42.06
N GLU E 54 -8.88 23.42 41.71
CA GLU E 54 -9.74 22.24 41.67
C GLU E 54 -9.32 21.25 40.59
N THR E 55 -8.69 21.72 39.51
CA THR E 55 -8.21 20.78 38.48
C THR E 55 -7.12 19.85 39.00
N LYS E 56 -6.52 20.15 40.15
CA LYS E 56 -5.59 19.25 40.83
C LYS E 56 -6.14 18.70 42.14
N ARG E 57 -6.89 19.50 42.92
CA ARG E 57 -7.36 19.00 44.20
C ARG E 57 -8.37 17.86 44.03
N ARG E 58 -9.22 17.93 43.02
CA ARG E 58 -10.24 16.90 42.85
C ARG E 58 -9.61 15.53 42.58
N PHE E 59 -8.42 15.51 41.99
CA PHE E 59 -7.66 14.28 41.84
C PHE E 59 -7.31 13.71 43.22
N LEU E 60 -6.70 14.52 44.08
CA LEU E 60 -6.43 14.08 45.44
C LEU E 60 -7.71 13.67 46.16
N ASN E 61 -8.79 14.44 45.99
CA ASN E 61 -10.04 14.11 46.69
C ASN E 61 -10.54 12.73 46.31
N LEU E 62 -10.53 12.39 45.02
CA LEU E 62 -10.99 11.07 44.59
C LEU E 62 -10.07 9.97 45.13
N LEU E 63 -8.76 10.22 45.17
CA LEU E 63 -7.84 9.25 45.76
C LEU E 63 -8.21 8.94 47.21
N ARG E 64 -8.57 9.97 47.98
CA ARG E 64 -8.97 9.73 49.37
C ARG E 64 -10.29 8.97 49.43
N MET E 65 -11.26 9.34 48.61
CA MET E 65 -12.55 8.66 48.61
C MET E 65 -12.42 7.20 48.20
N SER E 66 -11.48 6.88 47.33
CA SER E 66 -11.31 5.51 46.85
C SER E 66 -10.76 4.58 47.92
N GLY E 67 -10.21 5.13 49.00
CA GLY E 67 -9.51 4.31 49.98
C GLY E 67 -8.05 4.06 49.64
N LEU E 68 -7.60 4.44 48.45
CA LEU E 68 -6.25 4.09 48.00
C LEU E 68 -5.17 4.73 48.87
N THR E 69 -5.43 5.92 49.41
CA THR E 69 -4.41 6.61 50.20
C THR E 69 -3.96 5.81 51.41
N ASP E 70 -4.78 4.89 51.91
CA ASP E 70 -4.38 4.06 53.03
C ASP E 70 -3.24 3.11 52.68
N ARG E 71 -3.08 2.77 51.40
CA ARG E 71 -2.00 1.90 50.96
C ARG E 71 -0.84 2.67 50.36
N LEU E 72 -0.90 4.00 50.33
CA LEU E 72 0.17 4.80 49.76
C LEU E 72 1.04 5.40 50.86
N VAL E 73 2.33 5.56 50.57
CA VAL E 73 3.24 6.30 51.43
C VAL E 73 3.08 7.77 51.08
N MET E 74 2.76 8.61 52.07
CA MET E 74 2.45 10.02 51.83
C MET E 74 3.29 10.91 52.75
N PRO E 75 4.55 11.13 52.40
CA PRO E 75 5.43 11.95 53.26
C PRO E 75 5.01 13.40 53.27
N ALA E 76 5.38 14.10 54.33
CA ALA E 76 5.10 15.53 54.42
C ALA E 76 5.89 16.28 53.35
N GLY E 77 5.24 17.23 52.69
CA GLY E 77 5.92 18.02 51.67
C GLY E 77 7.03 18.89 52.27
N GLU E 78 8.14 18.98 51.53
CA GLU E 78 9.26 19.83 51.90
C GLU E 78 9.72 20.60 50.67
N PRO E 79 9.87 21.92 50.77
CA PRO E 79 10.25 22.71 49.59
C PRO E 79 11.71 22.52 49.24
N VAL E 80 12.02 22.81 47.98
CA VAL E 80 13.42 22.97 47.57
C VAL E 80 13.95 24.30 48.08
N THR E 81 15.27 24.47 48.04
CA THR E 81 15.92 25.69 48.47
C THR E 81 16.32 26.54 47.26
N VAL E 82 16.71 27.78 47.53
CA VAL E 82 17.28 28.62 46.47
C VAL E 82 18.49 27.93 45.83
N GLU E 83 19.35 27.29 46.63
CA GLU E 83 20.48 26.56 46.07
C GLU E 83 20.03 25.55 45.03
N ASP E 84 18.98 24.79 45.33
CA ASP E 84 18.45 23.83 44.36
C ASP E 84 18.01 24.52 43.08
N CYS E 85 17.33 25.68 43.21
CA CYS E 85 16.86 26.39 42.01
C CYS E 85 18.00 26.88 41.17
N LEU E 86 19.10 27.30 41.82
CA LEU E 86 20.22 27.86 41.08
C LEU E 86 20.96 26.82 40.26
N ARG E 87 20.69 25.53 40.44
CA ARG E 87 21.31 24.55 39.54
C ARG E 87 20.73 24.65 38.14
N ILE E 88 19.57 25.31 37.99
CA ILE E 88 18.88 25.43 36.71
C ILE E 88 18.68 26.89 36.31
N HIS E 89 18.20 27.73 37.25
CA HIS E 89 17.79 29.09 36.91
C HIS E 89 18.86 30.11 37.31
N PRO E 90 18.99 31.18 36.54
CA PRO E 90 19.96 32.23 36.90
C PRO E 90 19.50 33.01 38.12
N ALA E 91 20.48 33.59 38.82
CA ALA E 91 20.16 34.35 40.02
C ALA E 91 19.19 35.49 39.74
N ASP E 92 19.33 36.13 38.57
CA ASP E 92 18.49 37.28 38.26
C ASP E 92 17.01 36.91 38.23
N TYR E 93 16.67 35.74 37.68
CA TYR E 93 15.28 35.33 37.64
C TYR E 93 14.76 35.02 39.04
N ILE E 94 15.51 34.22 39.81
CA ILE E 94 15.10 33.89 41.17
C ILE E 94 14.90 35.15 42.00
N ARG E 95 15.82 36.12 41.88
CA ARG E 95 15.71 37.37 42.62
C ARG E 95 14.44 38.13 42.23
N ARG E 96 14.16 38.25 40.93
CA ARG E 96 13.00 39.01 40.49
C ARG E 96 11.69 38.29 40.81
N PHE E 97 11.69 36.97 40.77
CA PHE E 97 10.52 36.19 41.14
C PHE E 97 10.18 36.39 42.61
N LYS E 98 11.19 36.26 43.49
CA LYS E 98 10.97 36.49 44.92
C LYS E 98 10.47 37.90 45.18
N GLU E 99 11.06 38.89 44.51
CA GLU E 99 10.67 40.28 44.66
C GLU E 99 9.20 40.50 44.29
N ALA E 100 8.78 39.99 43.13
CA ALA E 100 7.38 40.16 42.73
C ALA E 100 6.44 39.41 43.67
N SER E 101 6.86 38.23 44.14
CA SER E 101 6.04 37.42 45.03
C SER E 101 5.82 38.12 46.37
N ASP E 102 6.84 38.82 46.85
CA ASP E 102 6.73 39.52 48.12
C ASP E 102 5.82 40.73 48.01
N ALA E 103 5.67 41.28 46.81
CA ALA E 103 4.75 42.40 46.60
C ALA E 103 3.35 41.88 46.32
N GLY E 104 2.94 41.83 45.06
CA GLY E 104 1.58 41.43 44.78
C GLY E 104 1.46 40.35 43.72
N GLY E 105 2.57 39.68 43.43
CA GLY E 105 2.61 38.74 42.33
C GLY E 105 2.98 39.42 41.02
N GLY E 106 2.67 38.74 39.92
CA GLY E 106 2.94 39.30 38.61
C GLY E 106 2.95 38.21 37.56
N ASP E 107 3.69 38.49 36.48
CA ASP E 107 3.89 37.53 35.40
C ASP E 107 5.21 37.92 34.76
N LEU E 108 6.24 37.10 34.97
CA LEU E 108 7.58 37.39 34.50
C LEU E 108 7.89 36.69 33.18
N GLY E 109 6.91 36.01 32.59
CA GLY E 109 7.15 35.33 31.34
C GLY E 109 5.98 35.42 30.39
N MET E 110 5.64 34.30 29.75
CA MET E 110 4.53 34.23 28.80
C MET E 110 3.46 33.33 29.42
N LEU E 111 2.33 33.94 29.78
CA LEU E 111 1.19 33.20 30.32
C LEU E 111 1.59 32.41 31.57
N ALA E 112 2.29 33.09 32.49
CA ALA E 112 2.72 32.49 33.76
C ALA E 112 2.39 33.39 34.95
N PRO E 113 1.12 33.74 35.14
CA PRO E 113 0.78 34.64 36.26
C PRO E 113 0.83 33.93 37.60
N PHE E 114 1.10 34.72 38.64
CA PHE E 114 1.07 34.21 40.00
C PHE E 114 0.69 35.34 40.95
N SER E 115 0.33 34.97 42.17
CA SER E 115 -0.15 35.90 43.16
C SER E 115 0.89 36.07 44.27
N LYS E 116 0.58 36.96 45.22
CA LYS E 116 1.44 37.16 46.36
C LYS E 116 1.73 35.84 47.05
N GLY E 117 3.01 35.60 47.33
CA GLY E 117 3.44 34.37 47.97
C GLY E 117 3.63 33.21 47.01
N GLY E 118 3.47 33.43 45.71
CA GLY E 118 3.65 32.36 44.74
C GLY E 118 5.05 31.75 44.76
N PHE E 119 6.06 32.53 45.17
CA PHE E 119 7.41 31.99 45.18
C PHE E 119 7.53 30.81 46.14
N GLU E 120 7.04 30.98 47.37
CA GLU E 120 7.15 29.90 48.35
C GLU E 120 6.35 28.68 47.92
N ILE E 121 5.19 28.89 47.29
CA ILE E 121 4.40 27.75 46.82
C ILE E 121 5.12 27.05 45.67
N ALA E 122 5.75 27.81 44.78
CA ALA E 122 6.54 27.18 43.73
C ALA E 122 7.68 26.34 44.29
N LEU E 123 8.33 26.81 45.37
CA LEU E 123 9.37 26.01 46.01
C LEU E 123 8.80 24.72 46.58
N MET E 124 7.59 24.79 47.17
CA MET E 124 6.96 23.57 47.65
C MET E 124 6.63 22.61 46.51
N SER E 125 6.07 23.14 45.41
CA SER E 125 5.72 22.28 44.28
C SER E 125 6.94 21.57 43.72
N ALA E 126 8.05 22.30 43.58
CA ALA E 126 9.29 21.66 43.12
C ALA E 126 9.78 20.65 44.14
N GLY E 127 9.60 20.96 45.43
CA GLY E 127 10.02 20.03 46.48
C GLY E 127 9.26 18.72 46.46
N LEU E 128 8.01 18.73 46.01
CA LEU E 128 7.30 17.48 45.88
C LEU E 128 7.96 16.59 44.84
N ALA E 129 8.33 17.17 43.70
CA ALA E 129 9.05 16.41 42.68
C ALA E 129 10.42 15.96 43.19
N ARG E 130 11.13 16.85 43.90
CA ARG E 130 12.46 16.51 44.38
C ARG E 130 12.42 15.32 45.33
N ALA E 131 11.47 15.33 46.26
CA ALA E 131 11.36 14.23 47.23
C ALA E 131 10.91 12.94 46.55
N ALA E 132 9.97 13.03 45.61
CA ALA E 132 9.50 11.83 44.91
C ALA E 132 10.67 11.15 44.22
N ILE E 133 11.49 11.93 43.52
CA ILE E 133 12.64 11.35 42.83
C ILE E 133 13.66 10.81 43.83
N ASP E 134 13.93 11.55 44.90
CA ASP E 134 14.89 11.09 45.89
C ASP E 134 14.45 9.79 46.54
N ASP E 135 13.18 9.70 46.92
CA ASP E 135 12.69 8.51 47.63
C ASP E 135 12.65 7.28 46.73
N VAL E 136 12.43 7.49 45.43
CA VAL E 136 12.55 6.37 44.50
C VAL E 136 14.02 5.94 44.41
N LEU E 137 14.94 6.90 44.35
CA LEU E 137 16.34 6.56 44.17
C LEU E 137 16.92 5.84 45.38
N THR E 138 16.52 6.22 46.59
CA THR E 138 17.01 5.59 47.80
C THR E 138 16.26 4.32 48.16
N GLY E 139 15.21 3.97 47.41
CA GLY E 139 14.46 2.77 47.70
C GLY E 139 13.44 2.90 48.80
N LYS E 140 13.15 4.11 49.27
CA LYS E 140 12.08 4.28 50.25
C LYS E 140 10.72 3.88 49.66
N VAL E 141 10.53 4.11 48.36
CA VAL E 141 9.36 3.63 47.64
C VAL E 141 9.81 3.08 46.30
N ARG E 142 8.99 2.21 45.71
CA ARG E 142 9.33 1.66 44.41
C ARG E 142 9.04 2.66 43.29
N ASN E 143 7.92 3.36 43.38
CA ASN E 143 7.56 4.40 42.42
C ASN E 143 6.79 5.48 43.17
N ALA E 144 6.47 6.56 42.47
CA ALA E 144 5.91 7.70 43.16
C ALA E 144 5.15 8.59 42.18
N TYR E 145 4.15 9.31 42.69
CA TYR E 145 3.45 10.35 41.95
C TYR E 145 3.52 11.62 42.78
N ALA E 146 4.03 12.70 42.19
CA ALA E 146 4.12 13.99 42.89
C ALA E 146 3.08 14.92 42.29
N LEU E 147 2.16 15.40 43.13
CA LEU E 147 1.09 16.28 42.65
C LEU E 147 1.59 17.73 42.69
N SER E 148 2.49 18.04 41.78
CA SER E 148 3.07 19.37 41.70
C SER E 148 2.08 20.35 41.08
N ARG E 149 1.95 21.51 41.70
CA ARG E 149 1.23 22.66 41.18
C ARG E 149 1.83 23.87 41.89
N PRO E 150 2.34 24.87 41.18
CA PRO E 150 2.36 25.01 39.71
C PRO E 150 3.25 23.98 39.02
N ALA E 151 2.92 23.75 37.75
CA ALA E 151 3.62 22.80 36.89
C ALA E 151 4.98 23.37 36.51
N GLY E 152 5.76 22.56 35.80
CA GLY E 152 7.15 22.91 35.53
C GLY E 152 7.66 22.81 34.11
N HIS E 153 7.04 21.97 33.27
CA HIS E 153 7.74 21.53 32.06
C HIS E 153 7.84 22.58 30.95
N HIS E 154 7.13 23.70 31.04
CA HIS E 154 7.33 24.79 30.07
C HIS E 154 8.32 25.85 30.54
N CYS E 155 8.79 25.79 31.79
CA CYS E 155 9.62 26.85 32.33
C CYS E 155 11.03 26.73 31.74
N LEU E 156 11.47 27.77 31.04
CA LEU E 156 12.84 27.83 30.56
C LEU E 156 13.73 28.27 31.71
N PRO E 157 15.04 28.02 31.62
CA PRO E 157 15.94 28.50 32.68
C PRO E 157 15.73 29.95 33.06
N ASP E 158 15.53 30.84 32.09
CA ASP E 158 15.37 32.25 32.42
C ASP E 158 13.96 32.80 32.24
N THR E 159 12.98 31.98 31.84
CA THR E 159 11.69 32.52 31.46
C THR E 159 10.56 31.55 31.84
N PRO E 160 9.70 31.92 32.79
CA PRO E 160 8.53 31.09 33.08
C PRO E 160 7.55 31.18 31.92
N MET E 161 6.79 30.10 31.74
CA MET E 161 5.91 30.01 30.57
CA MET E 161 5.89 30.04 30.60
C MET E 161 4.77 29.04 30.89
N GLY E 162 3.59 29.35 30.34
CA GLY E 162 2.49 28.40 30.31
C GLY E 162 2.18 27.74 31.64
N PHE E 163 1.93 28.58 32.65
CA PHE E 163 1.54 28.16 34.00
C PHE E 163 2.69 27.56 34.80
N CYS E 164 3.93 27.60 34.30
CA CYS E 164 5.08 26.98 34.94
C CYS E 164 6.04 28.07 35.40
N LEU E 165 6.37 28.09 36.69
CA LEU E 165 7.18 29.13 37.31
C LEU E 165 8.60 28.68 37.66
N LEU E 166 8.79 27.40 37.91
CA LEU E 166 10.12 26.83 38.12
C LEU E 166 10.19 25.53 37.33
N ALA E 167 11.42 25.11 36.99
CA ALA E 167 11.61 23.89 36.22
C ALA E 167 11.65 22.70 37.17
N ASN E 168 10.46 22.26 37.59
CA ASN E 168 10.35 21.25 38.66
C ASN E 168 11.19 20.02 38.40
N ILE E 169 11.01 19.36 37.25
CA ILE E 169 11.74 18.11 36.99
C ILE E 169 13.24 18.33 36.92
N PRO E 170 13.75 19.31 36.14
CA PRO E 170 15.21 19.53 36.12
C PRO E 170 15.79 19.88 37.48
N ILE E 171 15.08 20.69 38.27
CA ILE E 171 15.57 21.00 39.61
C ILE E 171 15.70 19.72 40.42
N ALA E 172 14.69 18.85 40.30
CA ALA E 172 14.67 17.60 41.05
C ALA E 172 15.79 16.67 40.61
N ILE E 173 16.02 16.58 39.30
CA ILE E 173 17.07 15.72 38.78
C ILE E 173 18.43 16.22 39.23
N GLU E 174 18.68 17.53 39.12
CA GLU E 174 19.99 18.05 39.48
C GLU E 174 20.26 17.93 40.98
N ALA E 175 19.21 18.03 41.79
CA ALA E 175 19.36 17.78 43.22
C ALA E 175 19.70 16.31 43.48
N ALA E 176 19.08 15.41 42.73
CA ALA E 176 19.44 13.99 42.82
C ALA E 176 20.88 13.75 42.40
N ARG E 177 21.34 14.44 41.37
CA ARG E 177 22.74 14.28 40.95
C ARG E 177 23.69 14.70 42.06
N ALA E 178 23.43 15.87 42.65
CA ALA E 178 24.33 16.38 43.68
C ALA E 178 24.36 15.48 44.90
N ARG E 179 23.28 14.77 45.17
CA ARG E 179 23.18 13.94 46.37
C ARG E 179 23.56 12.48 46.11
N HIS E 180 23.28 11.96 44.91
CA HIS E 180 23.44 10.54 44.62
C HIS E 180 24.31 10.22 43.43
N GLY E 181 24.62 11.19 42.57
CA GLY E 181 25.50 10.94 41.45
C GLY E 181 24.89 10.13 40.31
N ILE E 182 23.57 10.18 40.14
CA ILE E 182 22.93 9.40 39.10
C ILE E 182 23.41 9.83 37.71
N GLU E 183 23.65 8.85 36.85
CA GLU E 183 24.36 9.02 35.58
C GLU E 183 23.45 9.32 34.39
N ARG E 184 22.40 8.54 34.20
CA ARG E 184 21.49 8.75 33.07
C ARG E 184 20.04 8.70 33.55
N VAL E 185 19.27 9.71 33.16
CA VAL E 185 17.85 9.81 33.50
C VAL E 185 17.07 10.02 32.21
N ALA E 186 15.92 9.37 32.09
CA ALA E 186 15.02 9.61 30.97
C ALA E 186 13.79 10.33 31.50
N VAL E 187 13.37 11.38 30.80
CA VAL E 187 12.12 12.09 31.10
C VAL E 187 11.17 11.83 29.94
N VAL E 188 10.03 11.23 30.23
CA VAL E 188 9.00 10.93 29.25
C VAL E 188 7.81 11.82 29.59
N ASP E 189 7.50 12.76 28.71
CA ASP E 189 6.52 13.82 28.98
C ASP E 189 5.28 13.50 28.16
N TRP E 190 4.20 13.04 28.83
CA TRP E 190 2.93 12.76 28.15
C TRP E 190 1.87 13.82 28.41
N ASP E 191 2.22 14.92 29.07
CA ASP E 191 1.41 16.12 28.98
C ASP E 191 1.16 16.42 27.51
N VAL E 192 -0.03 16.92 27.20
CA VAL E 192 -0.39 17.09 25.80
C VAL E 192 0.36 18.23 25.12
N HIS E 193 1.05 19.07 25.89
CA HIS E 193 1.79 20.19 25.34
C HIS E 193 3.28 19.85 25.34
N HIS E 194 4.03 20.53 24.48
CA HIS E 194 5.46 20.24 24.35
C HIS E 194 6.23 20.64 25.60
N GLY E 195 7.10 19.73 26.07
CA GLY E 195 7.99 20.01 27.20
C GLY E 195 9.18 20.88 26.83
N ASN E 196 8.91 22.13 26.43
CA ASN E 196 10.00 22.97 25.92
C ASN E 196 10.96 23.36 27.03
N GLY E 197 10.49 23.44 28.27
CA GLY E 197 11.39 23.74 29.37
C GLY E 197 12.39 22.63 29.62
N THR E 198 11.88 21.41 29.81
CA THR E 198 12.76 20.26 30.01
C THR E 198 13.73 20.13 28.84
N GLN E 199 13.23 20.31 27.62
CA GLN E 199 14.09 20.21 26.45
C GLN E 199 15.22 21.23 26.52
N ALA E 200 14.90 22.47 26.85
CA ALA E 200 15.92 23.51 26.90
C ALA E 200 16.94 23.25 28.00
N CYS E 201 16.49 22.74 29.15
CA CYS E 201 17.39 22.57 30.28
C CYS E 201 18.49 21.58 29.96
N TYR E 202 18.22 20.58 29.11
CA TYR E 202 19.17 19.51 28.87
C TYR E 202 19.60 19.40 27.41
N TYR E 203 19.35 20.43 26.60
CA TYR E 203 19.42 20.27 25.15
C TYR E 203 20.82 19.86 24.68
N ASP E 204 21.86 20.34 25.37
CA ASP E 204 23.23 20.04 25.01
C ASP E 204 23.90 18.99 25.90
N ARG E 205 23.10 18.17 26.58
CA ARG E 205 23.61 17.20 27.54
C ARG E 205 23.17 15.80 27.19
N SER E 206 24.05 14.83 27.44
CA SER E 206 23.74 13.43 27.19
C SER E 206 23.26 12.69 28.43
N ASP E 207 23.29 13.31 29.60
CA ASP E 207 22.93 12.62 30.83
C ASP E 207 21.43 12.68 31.12
N VAL E 208 20.64 13.30 30.25
CA VAL E 208 19.19 13.20 30.33
C VAL E 208 18.67 13.00 28.90
N LEU E 209 17.86 11.98 28.72
CA LEU E 209 17.12 11.78 27.47
C LEU E 209 15.74 12.40 27.69
N THR E 210 15.42 13.44 26.93
CA THR E 210 14.12 14.10 27.06
C THR E 210 13.25 13.71 25.88
N ILE E 211 12.06 13.18 26.16
CA ILE E 211 11.10 12.73 25.16
C ILE E 211 9.79 13.44 25.44
N SER E 212 9.18 13.99 24.40
CA SER E 212 7.89 14.67 24.55
C SER E 212 6.95 14.17 23.47
N VAL E 213 5.79 13.66 23.89
CA VAL E 213 4.67 13.37 23.01
C VAL E 213 3.68 14.51 23.20
N HIS E 214 3.27 15.17 22.12
CA HIS E 214 2.43 16.35 22.31
C HIS E 214 1.56 16.58 21.09
N GLN E 215 0.46 17.32 21.29
CA GLN E 215 -0.36 17.69 20.16
C GLN E 215 0.43 18.62 19.26
N ASP E 216 0.51 18.27 17.98
CA ASP E 216 1.19 19.09 16.99
C ASP E 216 0.65 20.52 17.05
N ARG E 217 1.55 21.49 17.21
CA ARG E 217 1.29 22.92 17.07
C ARG E 217 0.52 23.55 18.23
N CYS E 218 0.28 22.83 19.33
CA CYS E 218 -0.59 23.37 20.38
C CYS E 218 0.12 24.37 21.30
N PHE E 219 1.05 23.88 22.14
CA PHE E 219 1.76 24.83 23.00
C PHE E 219 3.18 24.35 23.23
N PRO E 220 4.20 25.15 22.90
CA PRO E 220 4.14 26.49 22.28
C PRO E 220 3.42 26.47 20.93
N PRO E 221 2.63 27.49 20.63
CA PRO E 221 1.79 27.43 19.42
C PRO E 221 2.61 27.42 18.15
N GLY E 222 2.20 26.57 17.21
CA GLY E 222 2.88 26.40 15.96
C GLY E 222 4.03 25.39 15.97
N TYR E 223 4.42 24.88 17.14
CA TYR E 223 5.63 24.08 17.25
C TYR E 223 5.34 22.60 17.03
N SER E 224 6.19 21.94 16.24
CA SER E 224 6.11 20.50 16.00
C SER E 224 7.33 19.82 16.60
N GLY E 225 8.51 20.01 16.02
CA GLY E 225 9.75 19.75 16.71
C GLY E 225 10.49 18.46 16.40
N VAL E 226 10.04 17.65 15.43
CA VAL E 226 10.72 16.39 15.16
C VAL E 226 12.20 16.59 14.85
N GLU E 227 12.53 17.68 14.15
CA GLU E 227 13.92 17.90 13.75
C GLU E 227 14.82 18.42 14.87
N GLU E 228 14.25 18.84 16.02
CA GLU E 228 15.07 19.33 17.14
C GLU E 228 15.46 18.13 17.98
N ARG E 229 16.68 17.63 17.75
CA ARG E 229 17.14 16.40 18.37
C ARG E 229 18.34 16.60 19.29
N GLY E 230 18.60 17.84 19.70
CA GLY E 230 19.70 18.13 20.60
C GLY E 230 20.87 18.78 19.86
N GLU E 231 21.90 19.11 20.64
CA GLU E 231 23.11 19.69 20.08
C GLU E 231 24.29 19.25 20.94
N GLY E 232 25.47 19.20 20.32
CA GLY E 232 26.66 18.84 21.07
C GLY E 232 26.52 17.46 21.65
N ALA E 233 26.84 17.32 22.95
CA ALA E 233 26.71 16.02 23.58
C ALA E 233 25.26 15.58 23.67
N GLY E 234 24.33 16.51 23.54
CA GLY E 234 22.92 16.18 23.54
C GLY E 234 22.37 15.70 22.22
N LEU E 235 23.19 15.63 21.17
CA LEU E 235 22.67 15.20 19.87
C LEU E 235 22.11 13.79 19.98
N GLY E 236 20.88 13.60 19.52
CA GLY E 236 20.21 12.32 19.63
C GLY E 236 19.61 12.02 21.00
N HIS E 237 19.65 12.96 21.93
CA HIS E 237 19.10 12.76 23.27
C HIS E 237 17.89 13.65 23.54
N ASN E 238 17.27 14.19 22.49
CA ASN E 238 15.96 14.83 22.59
C ASN E 238 15.10 14.24 21.49
N ILE E 239 13.86 13.89 21.84
CA ILE E 239 12.96 13.22 20.90
C ILE E 239 11.60 13.88 21.05
N ASN E 240 11.14 14.54 19.98
CA ASN E 240 9.81 15.15 19.96
C ASN E 240 8.92 14.30 19.07
N ILE E 241 7.71 14.01 19.57
CA ILE E 241 6.73 13.17 18.86
C ILE E 241 5.43 13.97 18.77
N PRO E 242 5.31 14.88 17.80
CA PRO E 242 4.04 15.60 17.62
C PRO E 242 3.00 14.68 17.00
N LEU E 243 1.85 14.62 17.61
CA LEU E 243 0.74 13.82 17.12
C LEU E 243 -0.39 14.73 16.66
N PRO E 244 -1.17 14.32 15.67
CA PRO E 244 -2.25 15.20 15.20
C PRO E 244 -3.29 15.43 16.28
N ALA E 245 -3.88 16.62 16.25
CA ALA E 245 -5.07 16.84 17.05
C ALA E 245 -6.09 15.77 16.70
N GLY E 246 -6.88 15.38 17.69
CA GLY E 246 -7.85 14.31 17.49
C GLY E 246 -7.29 12.90 17.58
N SER E 247 -6.07 12.73 18.08
CA SER E 247 -5.53 11.38 18.27
C SER E 247 -6.10 10.75 19.53
N GLY E 248 -6.37 9.45 19.45
CA GLY E 248 -6.87 8.71 20.58
C GLY E 248 -5.87 7.69 21.11
N GLN E 249 -6.40 6.73 21.88
CA GLN E 249 -5.57 5.76 22.56
C GLN E 249 -4.72 4.94 21.59
N ASP E 250 -5.32 4.47 20.50
CA ASP E 250 -4.56 3.68 19.52
C ASP E 250 -3.29 4.40 19.06
N THR E 251 -3.42 5.69 18.71
CA THR E 251 -2.27 6.44 18.21
C THR E 251 -1.20 6.60 19.30
N TYR E 252 -1.62 6.96 20.52
CA TYR E 252 -0.67 7.13 21.62
C TYR E 252 0.06 5.83 21.92
N VAL E 253 -0.68 4.72 22.01
CA VAL E 253 -0.06 3.43 22.30
C VAL E 253 0.95 3.06 21.21
N HIS E 254 0.61 3.33 19.95
CA HIS E 254 1.54 3.02 18.85
C HIS E 254 2.81 3.85 18.96
N ALA E 255 2.67 5.13 19.32
CA ALA E 255 3.85 5.98 19.49
C ALA E 255 4.74 5.49 20.62
N PHE E 256 4.14 5.01 21.72
CA PHE E 256 4.95 4.49 22.82
C PHE E 256 5.61 3.17 22.44
N GLU E 257 4.88 2.31 21.71
CA GLU E 257 5.44 1.02 21.30
C GLU E 257 6.59 1.19 20.33
N THR E 258 6.48 2.12 19.39
CA THR E 258 7.45 2.18 18.30
C THR E 258 8.52 3.26 18.48
N ILE E 259 8.29 4.23 19.36
CA ILE E 259 9.29 5.28 19.57
C ILE E 259 9.74 5.34 21.02
N VAL E 260 8.80 5.54 21.95
CA VAL E 260 9.20 5.81 23.33
C VAL E 260 9.93 4.63 23.94
N LEU E 261 9.32 3.45 23.91
CA LEU E 261 9.94 2.28 24.53
C LEU E 261 11.27 1.89 23.88
N PRO E 262 11.37 1.78 22.55
CA PRO E 262 12.70 1.50 21.97
C PRO E 262 13.75 2.55 22.32
N ALA E 263 13.35 3.82 22.41
CA ALA E 263 14.31 4.85 22.78
C ALA E 263 14.84 4.64 24.19
N LEU E 264 13.95 4.30 25.13
CA LEU E 264 14.38 4.02 26.49
C LEU E 264 15.29 2.80 26.52
N ASP E 265 14.96 1.76 25.75
CA ASP E 265 15.80 0.57 25.69
C ASP E 265 17.21 0.89 25.21
N ARG E 266 17.35 1.81 24.25
CA ARG E 266 18.69 2.13 23.74
C ARG E 266 19.47 3.02 24.69
N TYR E 267 18.76 3.86 25.45
CA TYR E 267 19.43 4.82 26.32
C TYR E 267 19.85 4.19 27.64
N ARG E 268 19.10 3.20 28.13
CA ARG E 268 19.37 2.54 29.40
C ARG E 268 19.46 3.53 30.57
N PRO E 269 18.36 4.19 30.91
CA PRO E 269 18.39 5.12 32.03
C PRO E 269 18.49 4.40 33.36
N ASP E 270 19.05 5.11 34.36
CA ASP E 270 19.07 4.62 35.73
C ASP E 270 17.80 5.01 36.50
N LEU E 271 16.98 5.87 35.92
CA LEU E 271 15.74 6.34 36.52
C LEU E 271 14.88 6.85 35.36
N ILE E 272 13.58 6.57 35.42
CA ILE E 272 12.63 7.11 34.46
C ILE E 272 11.73 8.09 35.19
N VAL E 273 11.65 9.32 34.69
CA VAL E 273 10.72 10.31 35.20
C VAL E 273 9.65 10.53 34.14
N VAL E 274 8.38 10.54 34.55
CA VAL E 274 7.27 10.85 33.66
C VAL E 274 6.77 12.24 34.02
N ALA E 275 6.73 13.14 33.04
CA ALA E 275 6.05 14.43 33.18
C ALA E 275 4.60 14.18 32.81
N SER E 276 3.77 14.04 33.82
CA SER E 276 2.41 13.54 33.67
C SER E 276 1.45 14.71 33.71
N GLY E 277 1.21 15.32 32.56
CA GLY E 277 0.02 16.15 32.41
C GLY E 277 -1.13 15.26 31.97
N LEU E 278 -2.33 15.60 32.43
CA LEU E 278 -3.53 14.83 32.12
C LEU E 278 -4.43 15.54 31.12
N ASP E 279 -3.87 16.50 30.38
CA ASP E 279 -4.64 17.31 29.47
C ASP E 279 -4.81 16.71 28.09
N ALA E 280 -4.34 15.48 27.84
CA ALA E 280 -4.73 14.75 26.64
C ALA E 280 -6.08 14.08 26.79
N ASN E 281 -6.76 14.29 27.93
CA ASN E 281 -8.04 13.62 28.13
C ASN E 281 -9.10 14.18 27.20
N ALA E 282 -10.13 13.35 26.96
CA ALA E 282 -11.10 13.57 25.91
C ALA E 282 -11.99 14.79 26.08
N VAL E 283 -12.05 15.41 27.27
CA VAL E 283 -12.87 16.60 27.47
C VAL E 283 -12.04 17.81 27.95
N ASP E 284 -10.73 17.78 27.74
CA ASP E 284 -9.94 18.92 28.19
C ASP E 284 -10.16 20.13 27.28
N PRO E 285 -10.33 21.32 27.86
CA PRO E 285 -10.47 22.52 27.02
C PRO E 285 -9.18 22.96 26.34
N LEU E 286 -8.01 22.60 26.86
CA LEU E 286 -6.75 23.13 26.37
C LEU E 286 -6.02 22.20 25.40
N ALA E 287 -6.65 21.14 24.95
CA ALA E 287 -6.13 20.37 23.83
C ALA E 287 -7.29 19.64 23.17
N ARG E 288 -6.97 18.88 22.13
CA ARG E 288 -7.94 18.24 21.24
C ARG E 288 -7.76 16.72 21.18
N MET E 289 -7.22 16.10 22.22
CA MET E 289 -6.94 14.67 22.18
C MET E 289 -8.07 13.87 22.83
N LEU E 290 -8.03 12.55 22.63
CA LEU E 290 -9.11 11.65 22.99
C LEU E 290 -8.69 10.56 23.98
N LEU E 291 -7.69 10.82 24.81
CA LEU E 291 -7.36 9.80 25.80
C LEU E 291 -8.41 9.78 26.93
N PHE E 292 -8.52 8.63 27.60
CA PHE E 292 -9.40 8.49 28.75
C PHE E 292 -8.71 7.62 29.80
N SER E 293 -9.42 7.32 30.90
CA SER E 293 -8.75 6.73 32.06
C SER E 293 -8.08 5.40 31.69
N GLU E 294 -8.73 4.60 30.85
CA GLU E 294 -8.13 3.34 30.43
C GLU E 294 -6.81 3.55 29.69
N SER E 295 -6.72 4.62 28.89
CA SER E 295 -5.48 4.90 28.17
C SER E 295 -4.33 5.14 29.12
N TYR E 296 -4.57 5.87 30.21
CA TYR E 296 -3.50 6.16 31.14
C TYR E 296 -3.09 4.91 31.92
N ARG E 297 -4.02 3.96 32.12
CA ARG E 297 -3.60 2.68 32.69
C ARG E 297 -2.62 1.97 31.76
N VAL E 298 -2.90 1.99 30.45
CA VAL E 298 -2.02 1.34 29.48
C VAL E 298 -0.66 2.02 29.45
N LEU E 299 -0.65 3.35 29.35
CA LEU E 299 0.62 4.08 29.28
C LEU E 299 1.43 3.92 30.56
N THR E 300 0.78 3.97 31.72
CA THR E 300 1.50 3.78 32.98
C THR E 300 2.07 2.37 33.08
N GLY E 301 1.29 1.37 32.66
CA GLY E 301 1.79 0.01 32.65
C GLY E 301 3.01 -0.15 31.77
N MET E 302 3.02 0.53 30.61
CA MET E 302 4.19 0.44 29.74
C MET E 302 5.41 1.08 30.38
N MET E 303 5.22 2.22 31.04
CA MET E 303 6.33 2.86 31.72
C MET E 303 6.84 2.00 32.87
N MET E 304 5.92 1.33 33.58
CA MET E 304 6.34 0.45 34.66
C MET E 304 7.09 -0.75 34.12
N ASP E 305 6.64 -1.32 33.00
CA ASP E 305 7.37 -2.43 32.39
CA ASP E 305 7.37 -2.43 32.39
C ASP E 305 8.77 -2.00 31.97
N ALA E 306 8.88 -0.82 31.34
CA ALA E 306 10.20 -0.31 30.98
C ALA E 306 11.07 -0.11 32.22
N ALA E 307 10.52 0.47 33.29
CA ALA E 307 11.32 0.68 34.49
C ALA E 307 11.74 -0.64 35.13
N ASP E 308 10.86 -1.65 35.08
CA ASP E 308 11.20 -2.96 35.63
C ASP E 308 12.38 -3.58 34.89
N ARG E 309 12.40 -3.43 33.56
CA ARG E 309 13.45 -4.02 32.73
C ARG E 309 14.75 -3.22 32.79
N LEU E 310 14.65 -1.89 32.88
CA LEU E 310 15.81 -1.03 32.65
C LEU E 310 16.45 -0.49 33.92
N CYS E 311 15.70 -0.30 35.01
CA CYS E 311 16.24 0.41 36.15
C CYS E 311 15.54 0.01 37.44
N GLU E 312 15.32 -1.30 37.63
CA GLU E 312 14.84 -1.86 38.90
C GLU E 312 13.52 -1.24 39.35
N GLY E 313 12.68 -0.86 38.38
CA GLY E 313 11.37 -0.32 38.69
C GLY E 313 11.36 1.14 39.09
N ARG E 314 12.50 1.82 39.04
CA ARG E 314 12.60 3.19 39.53
C ARG E 314 11.86 4.12 38.57
N LEU E 315 10.67 4.57 38.99
CA LEU E 315 9.78 5.37 38.15
C LEU E 315 9.19 6.46 39.04
N ALA E 316 9.40 7.72 38.66
CA ALA E 316 8.79 8.84 39.37
C ALA E 316 7.92 9.62 38.41
N VAL E 317 6.70 9.91 38.82
CA VAL E 317 5.71 10.55 37.96
C VAL E 317 5.39 11.90 38.59
N VAL E 318 5.51 12.97 37.81
CA VAL E 318 5.38 14.33 38.32
C VAL E 318 4.27 15.03 37.53
N HIS E 319 3.26 15.51 38.25
CA HIS E 319 2.11 16.13 37.60
C HIS E 319 2.50 17.40 36.87
N GLU E 320 1.84 17.63 35.72
CA GLU E 320 2.03 18.84 34.95
C GLU E 320 0.66 19.50 34.72
N GLY E 321 0.11 19.44 33.51
CA GLY E 321 -1.17 20.05 33.22
C GLY E 321 -2.35 19.12 33.42
N GLY E 322 -3.51 19.57 32.93
CA GLY E 322 -4.78 18.88 33.09
C GLY E 322 -5.81 19.89 33.57
N TYR E 323 -6.86 20.11 32.76
CA TYR E 323 -7.73 21.29 32.92
C TYR E 323 -9.21 20.97 32.95
N SER E 324 -9.59 19.69 32.95
CA SER E 324 -10.99 19.30 33.13
C SER E 324 -11.20 18.95 34.59
N GLU E 325 -11.89 19.83 35.33
CA GLU E 325 -12.17 19.54 36.73
C GLU E 325 -12.98 18.25 36.87
N ALA E 326 -13.90 18.01 35.93
CA ALA E 326 -14.76 16.83 36.02
C ALA E 326 -14.00 15.53 35.74
N TYR E 327 -13.09 15.54 34.76
CA TYR E 327 -12.57 14.27 34.27
C TYR E 327 -11.13 13.96 34.66
N VAL E 328 -10.30 14.97 34.89
CA VAL E 328 -8.91 14.73 35.32
C VAL E 328 -8.83 13.77 36.50
N PRO E 329 -9.72 13.85 37.52
CA PRO E 329 -9.58 12.93 38.65
C PRO E 329 -9.60 11.45 38.26
N PHE E 330 -10.44 11.05 37.28
CA PHE E 330 -10.49 9.65 36.90
C PHE E 330 -9.20 9.21 36.22
N CYS E 331 -8.57 10.11 35.46
CA CYS E 331 -7.32 9.75 34.82
C CYS E 331 -6.20 9.66 35.83
N GLY E 332 -6.15 10.61 36.77
CA GLY E 332 -5.13 10.53 37.80
C GLY E 332 -5.30 9.30 38.69
N GLN E 333 -6.55 9.03 39.11
CA GLN E 333 -6.82 7.82 39.89
C GLN E 333 -6.32 6.57 39.17
N ALA E 334 -6.56 6.49 37.87
CA ALA E 334 -6.14 5.31 37.10
C ALA E 334 -4.64 5.15 37.12
N ILE E 335 -3.90 6.25 37.01
CA ILE E 335 -2.44 6.19 37.03
C ILE E 335 -1.95 5.67 38.38
N VAL E 336 -2.47 6.23 39.47
CA VAL E 336 -1.97 5.86 40.79
C VAL E 336 -2.33 4.41 41.11
N GLU E 337 -3.54 3.97 40.71
CA GLU E 337 -3.89 2.57 40.87
C GLU E 337 -2.90 1.67 40.14
N THR E 338 -2.52 2.07 38.93
CA THR E 338 -1.59 1.25 38.17
C THR E 338 -0.22 1.21 38.85
N LEU E 339 0.28 2.37 39.29
CA LEU E 339 1.58 2.41 39.98
C LEU E 339 1.56 1.51 41.22
N ALA E 340 0.45 1.49 41.95
CA ALA E 340 0.35 0.72 43.17
C ALA E 340 -0.01 -0.74 42.94
N GLY E 341 -0.40 -1.10 41.72
CA GLY E 341 -0.78 -2.47 41.41
C GLY E 341 -2.07 -2.92 42.06
N VAL E 342 -3.03 -2.01 42.24
CA VAL E 342 -4.30 -2.34 42.87
C VAL E 342 -5.44 -1.75 42.06
N ARG E 343 -6.64 -2.26 42.32
CA ARG E 343 -7.86 -1.67 41.81
C ARG E 343 -8.68 -1.21 43.00
N THR E 344 -9.62 -0.31 42.75
CA THR E 344 -10.49 0.17 43.82
C THR E 344 -11.93 0.05 43.37
N GLY E 345 -12.84 0.55 44.18
CA GLY E 345 -14.23 0.57 43.79
C GLY E 345 -14.63 1.68 42.84
N VAL E 346 -13.70 2.57 42.50
CA VAL E 346 -14.04 3.72 41.68
C VAL E 346 -14.54 3.25 40.32
N VAL E 347 -15.62 3.89 39.86
CA VAL E 347 -16.21 3.60 38.55
C VAL E 347 -16.06 4.87 37.72
N ASP E 348 -15.25 4.81 36.68
CA ASP E 348 -15.20 5.94 35.75
C ASP E 348 -16.51 5.96 34.98
N PRO E 349 -17.37 6.98 35.14
CA PRO E 349 -18.68 6.94 34.49
C PRO E 349 -18.65 7.15 32.99
N GLU E 350 -17.51 7.54 32.42
CA GLU E 350 -17.43 7.82 31.00
C GLU E 350 -16.74 6.74 30.18
N LEU E 351 -16.44 5.57 30.78
CA LEU E 351 -15.69 4.54 30.08
C LEU E 351 -16.34 4.17 28.76
N GLU E 352 -17.65 3.91 28.77
CA GLU E 352 -18.31 3.48 27.54
C GLU E 352 -18.34 4.60 26.50
N MET E 353 -18.68 5.82 26.92
CA MET E 353 -18.82 6.90 25.95
C MET E 353 -17.48 7.27 25.32
N PHE E 354 -16.43 7.41 26.14
CA PHE E 354 -15.15 7.82 25.59
C PHE E 354 -14.53 6.72 24.72
N ALA E 355 -14.86 5.46 24.99
CA ALA E 355 -14.46 4.40 24.07
C ALA E 355 -15.18 4.53 22.73
N LEU E 356 -16.47 4.90 22.76
CA LEU E 356 -17.21 5.10 21.51
C LEU E 356 -16.71 6.32 20.73
N TRP E 357 -16.11 7.31 21.41
CA TRP E 357 -15.62 8.50 20.74
C TRP E 357 -14.32 8.26 19.98
N GLN E 358 -13.64 7.14 20.23
CA GLN E 358 -12.33 6.91 19.66
C GLN E 358 -12.39 6.93 18.13
N PRO E 359 -11.33 7.41 17.47
CA PRO E 359 -11.34 7.50 16.01
C PRO E 359 -11.53 6.14 15.34
N GLY E 360 -12.09 6.18 14.13
CA GLY E 360 -12.31 5.00 13.34
C GLY E 360 -11.03 4.48 12.70
N ASP E 361 -11.17 3.36 11.99
CA ASP E 361 -10.00 2.65 11.47
C ASP E 361 -9.23 3.48 10.45
N ARG E 362 -9.95 4.19 9.57
CA ARG E 362 -9.28 4.97 8.53
C ARG E 362 -8.32 5.97 9.15
N ILE E 363 -8.80 6.72 10.14
CA ILE E 363 -7.97 7.72 10.79
C ILE E 363 -6.84 7.07 11.56
N ASN E 364 -7.12 5.99 12.30
CA ASN E 364 -6.08 5.34 13.08
C ASN E 364 -4.97 4.82 12.18
N ARG E 365 -5.31 4.29 11.01
CA ARG E 365 -4.26 3.79 10.12
CA ARG E 365 -4.28 3.80 10.09
C ARG E 365 -3.42 4.94 9.56
N PHE E 366 -4.03 6.07 9.26
CA PHE E 366 -3.25 7.21 8.78
C PHE E 366 -2.34 7.73 9.89
N HIS E 367 -2.86 7.86 11.11
CA HIS E 367 -2.02 8.32 12.22
C HIS E 367 -0.88 7.36 12.52
N ARG E 368 -1.14 6.05 12.42
CA ARG E 368 -0.07 5.08 12.58
C ARG E 368 1.01 5.28 11.54
N GLU E 369 0.63 5.60 10.30
CA GLU E 369 1.62 5.84 9.25
C GLU E 369 2.48 7.06 9.58
N LEU E 370 1.87 8.12 10.12
CA LEU E 370 2.65 9.28 10.55
C LEU E 370 3.63 8.90 11.65
N VAL E 371 3.18 8.11 12.62
CA VAL E 371 4.04 7.67 13.70
C VAL E 371 5.17 6.81 13.14
N ASP E 372 4.85 5.90 12.21
CA ASP E 372 5.88 5.07 11.60
C ASP E 372 6.94 5.90 10.89
N GLU E 373 6.53 6.95 10.19
CA GLU E 373 7.51 7.80 9.53
C GLU E 373 8.44 8.47 10.54
N MET E 374 7.89 8.88 11.68
CA MET E 374 8.73 9.49 12.71
C MET E 374 9.69 8.46 13.30
N ALA E 375 9.21 7.24 13.55
CA ALA E 375 10.11 6.23 14.09
C ALA E 375 11.26 5.94 13.14
N ALA E 376 11.01 6.03 11.84
CA ALA E 376 12.07 5.74 10.86
C ALA E 376 13.13 6.84 10.86
N VAL E 377 12.74 8.08 11.18
CA VAL E 377 13.68 9.19 11.28
C VAL E 377 14.41 9.17 12.61
N LEU E 378 13.70 8.85 13.69
CA LEU E 378 14.24 8.99 15.03
C LEU E 378 15.01 7.76 15.51
N LEU E 379 14.63 6.56 15.06
CA LEU E 379 15.20 5.33 15.61
C LEU E 379 15.74 4.42 14.53
N GLY E 380 14.97 4.21 13.48
CA GLY E 380 15.34 3.28 12.41
C GLY E 380 15.58 1.87 12.91
N GLY F 10 51.98 -24.33 22.13
CA GLY F 10 51.58 -25.71 22.01
C GLY F 10 50.29 -25.93 21.23
N THR F 11 49.16 -25.84 21.92
CA THR F 11 47.88 -26.20 21.34
C THR F 11 47.16 -24.97 20.75
N MET F 12 46.01 -25.22 20.14
CA MET F 12 45.39 -24.24 19.25
C MET F 12 44.73 -23.11 20.01
N SER F 13 44.96 -21.87 19.55
CA SER F 13 44.24 -20.73 20.07
C SER F 13 42.84 -20.69 19.46
N ASN F 14 42.04 -19.74 19.92
CA ASN F 14 40.73 -19.48 19.34
C ASN F 14 40.74 -18.26 18.41
N THR F 15 41.88 -18.00 17.75
CA THR F 15 42.01 -16.84 16.89
C THR F 15 42.13 -17.31 15.45
N GLY F 16 41.34 -16.73 14.57
CA GLY F 16 41.39 -17.04 13.15
C GLY F 16 42.22 -16.02 12.40
N PHE F 17 42.91 -16.49 11.36
CA PHE F 17 43.64 -15.60 10.47
C PHE F 17 43.28 -15.97 9.04
N TYR F 18 42.74 -15.02 8.28
CA TYR F 18 42.11 -15.27 6.99
C TYR F 18 42.94 -14.60 5.91
N THR F 19 43.55 -15.42 5.03
CA THR F 19 44.41 -14.89 3.99
C THR F 19 44.31 -15.82 2.79
N HIS F 20 44.54 -15.26 1.60
CA HIS F 20 44.58 -16.06 0.38
C HIS F 20 45.68 -15.53 -0.52
N GLU F 21 46.39 -16.44 -1.18
CA GLU F 21 47.52 -16.04 -2.02
C GLU F 21 47.12 -15.00 -3.05
N SER F 22 45.90 -15.08 -3.60
CA SER F 22 45.54 -14.20 -4.71
C SER F 22 45.48 -12.73 -4.30
N THR F 23 45.27 -12.42 -3.03
CA THR F 23 45.26 -11.02 -2.60
C THR F 23 46.59 -10.33 -2.89
N PHE F 24 47.69 -11.09 -2.98
CA PHE F 24 49.00 -10.50 -3.26
C PHE F 24 49.26 -10.34 -4.75
N TRP F 25 48.35 -10.82 -5.59
CA TRP F 25 48.48 -10.69 -7.03
C TRP F 25 47.75 -9.48 -7.60
N HIS F 26 46.94 -8.80 -6.79
CA HIS F 26 46.37 -7.53 -7.23
C HIS F 26 47.48 -6.51 -7.43
N SER F 27 47.41 -5.76 -8.52
CA SER F 27 48.44 -4.78 -8.81
C SER F 27 47.81 -3.44 -9.19
N THR F 28 48.34 -2.36 -8.63
CA THR F 28 47.88 -1.02 -8.96
C THR F 28 48.56 -0.44 -10.21
N GLY F 29 49.51 -1.15 -10.80
CA GLY F 29 50.20 -0.61 -11.97
C GLY F 29 51.46 0.14 -11.57
N VAL F 30 52.06 0.82 -12.55
CA VAL F 30 53.31 1.55 -12.31
C VAL F 30 53.00 2.94 -11.78
N GLN F 31 53.37 3.19 -10.52
CA GLN F 31 53.32 4.51 -9.94
C GLN F 31 54.60 4.71 -9.15
N ALA F 32 55.03 5.97 -9.04
CA ALA F 32 56.10 6.33 -8.11
C ALA F 32 55.40 6.71 -6.82
N LEU F 33 55.60 5.88 -5.79
CA LEU F 33 54.71 5.90 -4.63
C LEU F 33 53.29 5.77 -5.15
N TYR F 34 52.42 6.73 -4.90
CA TYR F 34 51.10 6.73 -5.52
C TYR F 34 50.98 7.69 -6.70
N PHE F 35 52.07 8.35 -7.11
CA PHE F 35 52.00 9.33 -8.21
C PHE F 35 51.95 8.61 -9.55
N PRO F 36 51.01 8.94 -10.43
CA PRO F 36 51.02 8.36 -11.77
C PRO F 36 52.26 8.82 -12.52
N ILE F 37 52.84 7.92 -13.31
CA ILE F 37 53.98 8.29 -14.13
C ILE F 37 53.51 9.11 -15.33
N GLY F 38 54.41 9.92 -15.84
CA GLY F 38 54.02 10.90 -16.85
C GLY F 38 55.12 11.92 -17.01
N GLU F 39 54.73 13.15 -17.38
CA GLU F 39 55.74 14.08 -17.88
C GLU F 39 56.80 14.41 -16.84
N TRP F 40 56.40 14.58 -15.57
CA TRP F 40 57.39 14.95 -14.55
C TRP F 40 57.66 13.90 -13.47
N VAL F 41 56.89 12.81 -13.43
CA VAL F 41 57.11 11.75 -12.46
C VAL F 41 57.83 10.61 -13.16
N GLN F 42 59.11 10.44 -12.84
CA GLN F 42 59.92 9.42 -13.51
C GLN F 42 59.48 8.03 -13.05
N PRO F 43 59.39 7.06 -13.95
CA PRO F 43 59.04 5.70 -13.53
C PRO F 43 60.00 5.21 -12.45
N PRO F 44 59.50 4.48 -11.48
CA PRO F 44 60.36 4.01 -10.39
C PRO F 44 61.28 2.89 -10.85
N SER F 45 62.39 2.73 -10.13
CA SER F 45 63.35 1.67 -10.44
C SER F 45 63.05 0.39 -9.68
N GLY F 46 63.12 0.43 -8.36
CA GLY F 46 62.81 -0.75 -7.57
C GLY F 46 61.32 -0.92 -7.33
N THR F 47 60.90 -0.74 -6.08
CA THR F 47 59.50 -0.79 -5.69
C THR F 47 58.66 0.16 -6.55
N TYR F 48 57.63 -0.39 -7.21
CA TYR F 48 56.65 0.42 -7.90
C TYR F 48 55.35 0.39 -7.09
N GLY F 49 54.67 1.54 -7.04
CA GLY F 49 53.42 1.68 -6.32
C GLY F 49 53.59 1.97 -4.85
N ALA F 50 52.45 2.24 -4.20
CA ALA F 50 52.38 2.41 -2.76
C ALA F 50 51.74 1.21 -2.08
N ASP F 51 50.55 0.79 -2.54
CA ASP F 51 49.94 -0.45 -2.08
C ASP F 51 50.61 -1.60 -2.82
N THR F 52 51.84 -1.92 -2.39
CA THR F 52 52.53 -3.03 -3.02
C THR F 52 52.14 -4.32 -2.32
N PRO F 53 52.19 -5.46 -3.02
CA PRO F 53 51.89 -6.74 -2.35
C PRO F 53 52.73 -6.99 -1.12
N GLU F 54 54.00 -6.55 -1.14
CA GLU F 54 54.91 -6.80 -0.03
C GLU F 54 54.50 -6.07 1.24
N THR F 55 53.80 -4.94 1.12
CA THR F 55 53.33 -4.25 2.33
C THR F 55 52.29 -5.08 3.09
N LYS F 56 51.73 -6.12 2.49
CA LYS F 56 50.87 -7.07 3.20
C LYS F 56 51.50 -8.45 3.34
N ARG F 57 52.23 -8.93 2.33
CA ARG F 57 52.75 -10.29 2.41
C ARG F 57 53.79 -10.42 3.52
N ARG F 58 54.60 -9.39 3.73
CA ARG F 58 55.66 -9.49 4.73
C ARG F 58 55.08 -9.66 6.14
N PHE F 59 53.87 -9.13 6.37
CA PHE F 59 53.15 -9.37 7.62
C PHE F 59 52.86 -10.87 7.76
N LEU F 60 52.27 -11.48 6.73
CA LEU F 60 52.04 -12.92 6.77
C LEU F 60 53.35 -13.68 6.92
N ASN F 61 54.41 -13.25 6.23
CA ASN F 61 55.68 -13.98 6.28
C ASN F 61 56.24 -13.97 7.69
N LEU F 62 56.17 -12.85 8.38
CA LEU F 62 56.68 -12.80 9.75
C LEU F 62 55.83 -13.66 10.68
N LEU F 63 54.51 -13.67 10.47
CA LEU F 63 53.66 -14.55 11.26
C LEU F 63 54.09 -16.00 11.12
N ARG F 64 54.37 -16.43 9.89
CA ARG F 64 54.81 -17.81 9.69
CA ARG F 64 54.82 -17.81 9.68
C ARG F 64 56.16 -18.06 10.36
N MET F 65 57.11 -17.15 10.18
CA MET F 65 58.43 -17.31 10.80
C MET F 65 58.33 -17.39 12.31
N SER F 66 57.41 -16.63 12.90
CA SER F 66 57.28 -16.56 14.35
C SER F 66 56.77 -17.86 14.95
N GLY F 67 56.25 -18.77 14.14
CA GLY F 67 55.60 -19.97 14.64
C GLY F 67 54.16 -19.76 15.07
N LEU F 68 53.68 -18.53 15.10
CA LEU F 68 52.33 -18.27 15.60
C LEU F 68 51.27 -18.95 14.74
N THR F 69 51.52 -19.09 13.43
CA THR F 69 50.50 -19.66 12.56
C THR F 69 50.12 -21.08 12.96
N ASP F 70 51.03 -21.81 13.61
CA ASP F 70 50.69 -23.17 14.05
C ASP F 70 49.57 -23.16 15.08
N ARG F 71 49.34 -22.04 15.76
CA ARG F 71 48.30 -21.95 16.78
C ARG F 71 47.14 -21.08 16.34
N LEU F 72 47.06 -20.70 15.08
CA LEU F 72 45.95 -19.94 14.54
C LEU F 72 45.07 -20.84 13.69
N VAL F 73 43.77 -20.56 13.72
CA VAL F 73 42.83 -21.21 12.80
C VAL F 73 42.92 -20.47 11.48
N MET F 74 43.27 -21.18 10.40
CA MET F 74 43.51 -20.54 9.10
C MET F 74 42.68 -21.21 8.01
N PRO F 75 41.40 -20.85 7.91
CA PRO F 75 40.52 -21.48 6.91
C PRO F 75 40.88 -21.02 5.49
N ALA F 76 40.54 -21.87 4.53
CA ALA F 76 40.73 -21.53 3.14
C ALA F 76 39.87 -20.33 2.77
N GLY F 77 40.45 -19.40 2.01
CA GLY F 77 39.70 -18.23 1.59
C GLY F 77 38.57 -18.61 0.65
N GLU F 78 37.44 -17.91 0.78
CA GLU F 78 36.28 -18.05 -0.09
C GLU F 78 35.78 -16.66 -0.49
N PRO F 79 35.57 -16.40 -1.77
CA PRO F 79 35.13 -15.06 -2.17
C PRO F 79 33.67 -14.82 -1.84
N VAL F 80 33.32 -13.54 -1.75
CA VAL F 80 31.90 -13.18 -1.72
C VAL F 80 31.33 -13.33 -3.12
N THR F 81 30.01 -13.29 -3.23
CA THR F 81 29.30 -13.38 -4.50
C THR F 81 28.82 -11.99 -4.93
N VAL F 82 28.35 -11.92 -6.18
CA VAL F 82 27.72 -10.69 -6.66
C VAL F 82 26.53 -10.33 -5.78
N GLU F 83 25.74 -11.34 -5.36
CA GLU F 83 24.64 -11.07 -4.45
C GLU F 83 25.11 -10.33 -3.20
N ASP F 84 26.26 -10.73 -2.65
CA ASP F 84 26.78 -10.06 -1.46
C ASP F 84 27.13 -8.61 -1.76
N CYS F 85 27.79 -8.38 -2.90
CA CYS F 85 28.17 -7.03 -3.27
C CYS F 85 26.96 -6.13 -3.48
N LEU F 86 25.88 -6.67 -4.05
CA LEU F 86 24.70 -5.84 -4.30
C LEU F 86 23.98 -5.38 -3.05
N ARG F 87 24.30 -5.94 -1.88
CA ARG F 87 23.72 -5.38 -0.66
C ARG F 87 24.26 -3.99 -0.35
N ILE F 88 25.36 -3.59 -1.01
CA ILE F 88 26.02 -2.31 -0.78
C ILE F 88 26.15 -1.50 -2.06
N HIS F 89 26.57 -2.14 -3.15
CA HIS F 89 26.96 -1.44 -4.36
C HIS F 89 25.87 -1.55 -5.42
N PRO F 90 25.66 -0.49 -6.21
CA PRO F 90 24.68 -0.59 -7.29
C PRO F 90 25.14 -1.52 -8.41
N ALA F 91 24.17 -2.07 -9.11
CA ALA F 91 24.48 -3.00 -10.20
C ALA F 91 25.38 -2.35 -11.26
N ASP F 92 25.18 -1.06 -11.53
CA ASP F 92 25.97 -0.41 -12.58
C ASP F 92 27.46 -0.43 -12.25
N TYR F 93 27.82 -0.18 -10.99
CA TYR F 93 29.24 -0.22 -10.63
C TYR F 93 29.80 -1.62 -10.76
N ILE F 94 29.10 -2.62 -10.21
CA ILE F 94 29.58 -4.00 -10.28
C ILE F 94 29.77 -4.43 -11.73
N ARG F 95 28.79 -4.10 -12.58
CA ARG F 95 28.87 -4.45 -14.00
C ARG F 95 30.08 -3.81 -14.66
N ARG F 96 30.29 -2.51 -14.42
CA ARG F 96 31.41 -1.81 -15.04
C ARG F 96 32.75 -2.27 -14.49
N PHE F 97 32.80 -2.61 -13.20
CA PHE F 97 34.03 -3.12 -12.60
C PHE F 97 34.40 -4.47 -13.21
N LYS F 98 33.42 -5.38 -13.32
CA LYS F 98 33.68 -6.67 -13.95
C LYS F 98 34.13 -6.49 -15.40
N GLU F 99 33.49 -5.57 -16.12
CA GLU F 99 33.84 -5.31 -17.51
C GLU F 99 35.29 -4.85 -17.66
N ALA F 100 35.71 -3.87 -16.85
CA ALA F 100 37.08 -3.37 -16.95
C ALA F 100 38.08 -4.44 -16.51
N SER F 101 37.72 -5.23 -15.51
CA SER F 101 38.60 -6.29 -15.02
C SER F 101 38.81 -7.37 -16.08
N ASP F 102 37.77 -7.68 -16.86
CA ASP F 102 37.91 -8.68 -17.91
C ASP F 102 38.78 -8.19 -19.06
N ALA F 103 38.80 -6.88 -19.29
CA ALA F 103 39.69 -6.29 -20.27
C ALA F 103 41.10 -6.19 -19.71
N GLY F 104 41.55 -4.98 -19.38
CA GLY F 104 42.90 -4.84 -18.86
C GLY F 104 42.99 -4.03 -17.59
N GLY F 105 41.91 -4.00 -16.81
CA GLY F 105 41.87 -3.20 -15.61
C GLY F 105 41.44 -1.77 -15.89
N GLY F 106 41.75 -0.90 -14.94
CA GLY F 106 41.40 0.51 -15.10
C GLY F 106 41.40 1.20 -13.74
N ASP F 107 40.61 2.28 -13.67
CA ASP F 107 40.41 3.02 -12.43
C ASP F 107 39.05 3.69 -12.58
N LEU F 108 38.06 3.20 -11.83
CA LEU F 108 36.69 3.68 -11.93
C LEU F 108 36.38 4.75 -10.89
N GLY F 109 37.38 5.19 -10.13
CA GLY F 109 37.15 6.17 -9.09
C GLY F 109 38.28 7.17 -8.95
N MET F 110 38.67 7.46 -7.71
CA MET F 110 39.76 8.38 -7.41
C MET F 110 40.86 7.59 -6.74
N LEU F 111 42.00 7.44 -7.42
CA LEU F 111 43.16 6.73 -6.86
C LEU F 111 42.82 5.29 -6.46
N ALA F 112 42.14 4.58 -7.37
CA ALA F 112 41.77 3.18 -7.17
C ALA F 112 42.09 2.33 -8.39
N PRO F 113 43.35 2.29 -8.83
CA PRO F 113 43.68 1.50 -10.02
C PRO F 113 43.70 0.01 -9.74
N PHE F 114 43.44 -0.77 -10.79
CA PHE F 114 43.52 -2.23 -10.69
C PHE F 114 43.89 -2.80 -12.05
N SER F 115 44.33 -4.04 -12.04
CA SER F 115 44.80 -4.69 -13.26
C SER F 115 43.78 -5.74 -13.71
N LYS F 116 44.11 -6.41 -14.81
CA LYS F 116 43.26 -7.47 -15.32
C LYS F 116 43.01 -8.51 -14.24
N GLY F 117 41.74 -8.89 -14.07
CA GLY F 117 41.37 -9.86 -13.06
C GLY F 117 41.21 -9.30 -11.67
N GLY F 118 41.30 -7.98 -11.51
CA GLY F 118 41.18 -7.39 -10.19
C GLY F 118 39.82 -7.61 -9.58
N PHE F 119 38.79 -7.83 -10.40
CA PHE F 119 37.45 -8.08 -9.86
C PHE F 119 37.42 -9.33 -9.02
N GLU F 120 37.93 -10.45 -9.54
CA GLU F 120 37.90 -11.69 -8.78
C GLU F 120 38.73 -11.57 -7.51
N ILE F 121 39.87 -10.89 -7.58
CA ILE F 121 40.70 -10.72 -6.38
C ILE F 121 39.98 -9.87 -5.35
N ALA F 122 39.30 -8.81 -5.80
CA ALA F 122 38.50 -8.02 -4.86
C ALA F 122 37.41 -8.85 -4.20
N LEU F 123 36.76 -9.76 -4.95
CA LEU F 123 35.77 -10.64 -4.33
C LEU F 123 36.42 -11.53 -3.27
N MET F 124 37.64 -12.03 -3.54
CA MET F 124 38.32 -12.83 -2.53
C MET F 124 38.67 -11.99 -1.29
N SER F 125 39.20 -10.79 -1.51
CA SER F 125 39.54 -9.92 -0.39
C SER F 125 38.32 -9.64 0.48
N ALA F 126 37.18 -9.31 -0.13
CA ALA F 126 35.97 -9.10 0.64
C ALA F 126 35.55 -10.39 1.34
N GLY F 127 35.78 -11.54 0.68
CA GLY F 127 35.42 -12.82 1.26
C GLY F 127 36.20 -13.15 2.53
N LEU F 128 37.45 -12.71 2.61
CA LEU F 128 38.21 -12.91 3.84
C LEU F 128 37.54 -12.18 5.00
N ALA F 129 37.10 -10.94 4.77
CA ALA F 129 36.37 -10.22 5.81
C ALA F 129 35.04 -10.88 6.13
N ARG F 130 34.32 -11.34 5.10
CA ARG F 130 33.03 -11.97 5.36
C ARG F 130 33.19 -13.22 6.22
N ALA F 131 34.19 -14.05 5.91
CA ALA F 131 34.34 -15.30 6.65
C ALA F 131 34.81 -15.04 8.07
N ALA F 132 35.70 -14.05 8.24
CA ALA F 132 36.17 -13.71 9.58
C ALA F 132 35.00 -13.32 10.47
N ILE F 133 34.15 -12.44 9.97
CA ILE F 133 32.99 -12.00 10.75
C ILE F 133 32.03 -13.15 11.00
N ASP F 134 31.77 -13.97 9.97
CA ASP F 134 30.85 -15.08 10.14
C ASP F 134 31.36 -16.08 11.18
N ASP F 135 32.65 -16.42 11.11
CA ASP F 135 33.18 -17.42 12.04
C ASP F 135 33.25 -16.88 13.47
N VAL F 136 33.44 -15.57 13.63
CA VAL F 136 33.34 -14.99 14.97
C VAL F 136 31.91 -15.10 15.47
N LEU F 137 30.94 -14.84 14.60
CA LEU F 137 29.53 -14.83 15.02
C LEU F 137 29.03 -16.23 15.36
N THR F 138 29.44 -17.24 14.60
CA THR F 138 29.02 -18.61 14.88
C THR F 138 29.81 -19.27 15.99
N GLY F 139 30.86 -18.62 16.49
CA GLY F 139 31.67 -19.20 17.54
C GLY F 139 32.75 -20.17 17.08
N LYS F 140 33.00 -20.26 15.77
CA LYS F 140 34.10 -21.08 15.28
C LYS F 140 35.45 -20.56 15.79
N VAL F 141 35.59 -19.25 15.96
CA VAL F 141 36.74 -18.64 16.61
C VAL F 141 36.23 -17.55 17.54
N ARG F 142 37.08 -17.16 18.50
CA ARG F 142 36.69 -16.09 19.40
C ARG F 142 36.91 -14.72 18.77
N ASN F 143 38.01 -14.56 18.04
CA ASN F 143 38.31 -13.33 17.32
C ASN F 143 39.07 -13.71 16.06
N ALA F 144 39.32 -12.73 15.20
CA ALA F 144 39.87 -13.05 13.90
C ALA F 144 40.57 -11.82 13.32
N TYR F 145 41.56 -12.07 12.46
CA TYR F 145 42.20 -11.04 11.66
C TYR F 145 42.09 -11.47 10.20
N ALA F 146 41.56 -10.59 9.36
CA ALA F 146 41.44 -10.87 7.93
C ALA F 146 42.42 -9.99 7.17
N LEU F 147 43.34 -10.61 6.45
CA LEU F 147 44.36 -9.88 5.69
C LEU F 147 43.80 -9.53 4.31
N SER F 148 42.84 -8.61 4.32
CA SER F 148 42.22 -8.19 3.06
C SER F 148 43.16 -7.28 2.29
N ARG F 149 43.26 -7.52 1.00
CA ARG F 149 43.92 -6.64 0.06
C ARG F 149 43.30 -7.01 -1.29
N PRO F 150 42.73 -6.05 -2.04
CA PRO F 150 42.62 -4.61 -1.77
C PRO F 150 41.79 -4.30 -0.54
N ALA F 151 42.06 -3.14 0.05
CA ALA F 151 41.38 -2.65 1.23
C ALA F 151 39.99 -2.14 0.85
N GLY F 152 39.21 -1.76 1.86
CA GLY F 152 37.82 -1.44 1.64
C GLY F 152 37.29 -0.12 2.16
N HIS F 153 37.92 0.50 3.16
CA HIS F 153 37.19 1.50 3.94
C HIS F 153 37.02 2.86 3.27
N HIS F 154 37.67 3.13 2.14
CA HIS F 154 37.40 4.35 1.40
C HIS F 154 36.37 4.16 0.29
N CYS F 155 35.94 2.92 0.02
CA CYS F 155 35.07 2.67 -1.12
C CYS F 155 33.65 3.13 -0.80
N LEU F 156 33.18 4.12 -1.55
CA LEU F 156 31.78 4.51 -1.46
C LEU F 156 30.91 3.50 -2.20
N PRO F 157 29.61 3.46 -1.91
CA PRO F 157 28.73 2.56 -2.68
C PRO F 157 28.91 2.65 -4.19
N ASP F 158 28.99 3.86 -4.75
CA ASP F 158 29.05 4.03 -6.19
C ASP F 158 30.46 4.32 -6.72
N THR F 159 31.45 4.49 -5.84
CA THR F 159 32.73 5.06 -6.26
C THR F 159 33.89 4.45 -5.49
N PRO F 160 34.79 3.71 -6.14
CA PRO F 160 36.00 3.25 -5.46
C PRO F 160 36.96 4.40 -5.26
N MET F 161 37.78 4.29 -4.21
CA MET F 161 38.63 5.41 -3.84
C MET F 161 39.79 4.90 -3.00
N GLY F 162 40.96 5.54 -3.13
CA GLY F 162 42.06 5.32 -2.21
C GLY F 162 42.45 3.88 -2.02
N PHE F 163 42.70 3.18 -3.12
CA PHE F 163 43.14 1.79 -3.14
C PHE F 163 42.04 0.79 -2.78
N CYS F 164 40.79 1.25 -2.60
CA CYS F 164 39.70 0.38 -2.18
C CYS F 164 38.70 0.24 -3.32
N LEU F 165 38.40 -1.02 -3.69
CA LEU F 165 37.55 -1.34 -4.84
C LEU F 165 36.17 -1.87 -4.47
N LEU F 166 36.04 -2.50 -3.30
CA LEU F 166 34.74 -2.91 -2.78
C LEU F 166 34.69 -2.54 -1.31
N ALA F 167 33.48 -2.36 -0.78
CA ALA F 167 33.32 -1.98 0.62
C ALA F 167 33.36 -3.25 1.49
N ASN F 168 34.58 -3.71 1.78
CA ASN F 168 34.77 -5.02 2.39
C ASN F 168 33.97 -5.19 3.67
N ILE F 169 34.14 -4.26 4.62
CA ILE F 169 33.48 -4.39 5.92
C ILE F 169 31.97 -4.30 5.77
N PRO F 170 31.40 -3.31 5.08
CA PRO F 170 29.93 -3.28 4.92
C PRO F 170 29.38 -4.50 4.21
N ILE F 171 30.04 -5.00 3.16
CA ILE F 171 29.59 -6.23 2.52
C ILE F 171 29.55 -7.37 3.52
N ALA F 172 30.59 -7.46 4.36
CA ALA F 172 30.68 -8.54 5.34
C ALA F 172 29.59 -8.44 6.39
N ILE F 173 29.30 -7.21 6.83
CA ILE F 173 28.28 -7.01 7.85
C ILE F 173 26.91 -7.34 7.29
N GLU F 174 26.61 -6.86 6.08
CA GLU F 174 25.28 -7.10 5.52
C GLU F 174 25.08 -8.58 5.21
N ALA F 175 26.15 -9.29 4.84
CA ALA F 175 26.06 -10.73 4.66
C ALA F 175 25.75 -11.42 5.99
N ALA F 176 26.38 -10.96 7.08
CA ALA F 176 26.09 -11.52 8.40
C ALA F 176 24.66 -11.23 8.84
N ARG F 177 24.15 -10.04 8.51
CA ARG F 177 22.75 -9.72 8.83
C ARG F 177 21.79 -10.67 8.12
N ALA F 178 22.04 -10.92 6.84
CA ALA F 178 21.13 -11.77 6.07
C ALA F 178 21.14 -13.20 6.56
N ARG F 179 22.26 -13.65 7.12
CA ARG F 179 22.36 -15.04 7.56
C ARG F 179 22.13 -15.23 9.05
N HIS F 180 22.44 -14.21 9.86
CA HIS F 180 22.35 -14.32 11.32
C HIS F 180 21.43 -13.33 12.00
N GLY F 181 21.03 -12.25 11.33
CA GLY F 181 20.12 -11.29 11.94
C GLY F 181 20.72 -10.41 13.01
N ILE F 182 22.02 -10.14 12.95
CA ILE F 182 22.66 -9.35 14.00
C ILE F 182 22.12 -7.92 14.02
N GLU F 183 21.89 -7.39 15.22
CA GLU F 183 21.13 -6.16 15.45
C GLU F 183 21.99 -4.90 15.49
N ARG F 184 23.11 -4.91 16.21
CA ARG F 184 23.96 -3.73 16.32
C ARG F 184 25.42 -4.13 16.17
N VAL F 185 26.15 -3.42 15.30
CA VAL F 185 27.57 -3.66 15.08
C VAL F 185 28.30 -2.35 15.22
N ALA F 186 29.48 -2.37 15.82
CA ALA F 186 30.33 -1.19 15.87
C ALA F 186 31.55 -1.43 15.00
N VAL F 187 31.90 -0.43 14.19
CA VAL F 187 33.13 -0.47 13.40
C VAL F 187 34.06 0.61 13.94
N VAL F 188 35.23 0.20 14.41
CA VAL F 188 36.24 1.11 14.91
C VAL F 188 37.39 1.09 13.92
N ASP F 189 37.65 2.22 13.28
CA ASP F 189 38.59 2.29 12.17
C ASP F 189 39.83 3.02 12.68
N TRP F 190 40.95 2.28 12.86
CA TRP F 190 42.20 2.88 13.33
C TRP F 190 43.24 3.01 12.22
N ASP F 191 42.88 2.67 10.99
CA ASP F 191 43.66 3.13 9.86
C ASP F 191 43.82 4.64 9.97
N VAL F 192 45.00 5.14 9.59
CA VAL F 192 45.30 6.55 9.80
C VAL F 192 44.47 7.47 8.93
N HIS F 193 43.77 6.96 7.92
CA HIS F 193 42.95 7.78 7.05
C HIS F 193 41.47 7.61 7.41
N HIS F 194 40.67 8.60 7.04
CA HIS F 194 39.25 8.58 7.38
C HIS F 194 38.52 7.45 6.64
N GLY F 195 37.69 6.69 7.36
CA GLY F 195 36.84 5.66 6.78
C GLY F 195 35.60 6.25 6.11
N ASN F 196 35.80 7.02 5.05
CA ASN F 196 34.68 7.69 4.42
C ASN F 196 33.73 6.71 3.75
N GLY F 197 34.24 5.56 3.30
CA GLY F 197 33.39 4.54 2.70
C GLY F 197 32.45 3.91 3.72
N THR F 198 33.01 3.45 4.84
CA THR F 198 32.18 2.90 5.90
C THR F 198 31.18 3.94 6.39
N GLN F 199 31.63 5.18 6.56
CA GLN F 199 30.72 6.23 7.02
C GLN F 199 29.54 6.40 6.07
N ALA F 200 29.82 6.48 4.76
CA ALA F 200 28.75 6.68 3.79
C ALA F 200 27.79 5.50 3.75
N CYS F 201 28.30 4.27 3.90
CA CYS F 201 27.45 3.10 3.75
C CYS F 201 26.38 3.03 4.85
N TYR F 202 26.67 3.60 6.02
CA TYR F 202 25.76 3.49 7.16
C TYR F 202 25.28 4.85 7.69
N TYR F 203 25.46 5.93 6.93
CA TYR F 203 25.33 7.27 7.49
C TYR F 203 23.94 7.53 8.04
N ASP F 204 22.91 6.95 7.43
CA ASP F 204 21.53 7.18 7.84
C ASP F 204 20.93 6.00 8.61
N ARG F 205 21.78 5.11 9.14
CA ARG F 205 21.32 3.91 9.82
C ARG F 205 21.80 3.90 11.25
N SER F 206 21.01 3.30 12.13
CA SER F 206 21.35 3.16 13.54
C SER F 206 21.91 1.80 13.88
N ASP F 207 21.91 0.86 12.93
CA ASP F 207 22.32 -0.50 13.22
C ASP F 207 23.81 -0.72 13.04
N VAL F 208 24.56 0.32 12.69
CA VAL F 208 26.01 0.30 12.76
C VAL F 208 26.49 1.63 13.33
N LEU F 209 27.31 1.54 14.37
CA LEU F 209 28.05 2.69 14.88
C LEU F 209 29.40 2.70 14.19
N THR F 210 29.67 3.75 13.41
CA THR F 210 30.93 3.87 12.70
C THR F 210 31.79 4.91 13.40
N ILE F 211 33.00 4.51 13.80
CA ILE F 211 33.95 5.39 14.48
C ILE F 211 35.23 5.39 13.67
N SER F 212 35.78 6.57 13.41
CA SER F 212 37.05 6.67 12.69
C SER F 212 37.99 7.59 13.45
N VAL F 213 39.17 7.08 13.79
CA VAL F 213 40.27 7.89 14.30
C VAL F 213 41.23 8.06 13.14
N HIS F 214 41.59 9.31 12.81
CA HIS F 214 42.40 9.51 11.61
C HIS F 214 43.21 10.79 11.75
N GLN F 215 44.28 10.85 10.95
CA GLN F 215 45.06 12.07 10.88
C GLN F 215 44.21 13.18 10.29
N ASP F 216 44.16 14.32 10.98
CA ASP F 216 43.39 15.46 10.52
C ASP F 216 43.87 15.86 9.14
N ARG F 217 42.93 15.94 8.19
CA ARG F 217 43.13 16.51 6.86
C ARG F 217 43.89 15.62 5.88
N CYS F 218 44.19 14.36 6.24
CA CYS F 218 45.08 13.55 5.39
C CYS F 218 44.35 12.95 4.20
N PHE F 219 43.49 11.96 4.43
CA PHE F 219 42.76 11.39 3.29
C PHE F 219 41.37 10.95 3.71
N PRO F 220 40.31 11.45 3.05
CA PRO F 220 40.32 12.45 1.95
C PRO F 220 40.97 13.77 2.37
N PRO F 221 41.71 14.40 1.46
CA PRO F 221 42.53 15.56 1.85
C PRO F 221 41.68 16.72 2.30
N GLY F 222 42.10 17.35 3.40
CA GLY F 222 41.40 18.48 3.97
C GLY F 222 40.26 18.13 4.91
N TYR F 223 39.90 16.87 5.04
CA TYR F 223 38.73 16.48 5.82
C TYR F 223 39.09 16.27 7.29
N SER F 224 38.25 16.83 8.18
CA SER F 224 38.36 16.62 9.62
C SER F 224 37.19 15.77 10.10
N GLY F 225 35.99 16.34 10.12
CA GLY F 225 34.77 15.57 10.20
C GLY F 225 34.07 15.47 11.55
N VAL F 226 34.53 16.18 12.58
CA VAL F 226 33.88 16.05 13.90
C VAL F 226 32.39 16.33 13.82
N GLU F 227 31.99 17.29 12.99
CA GLU F 227 30.58 17.70 12.93
C GLU F 227 29.71 16.77 12.10
N GLU F 228 30.29 15.80 11.39
CA GLU F 228 29.51 14.85 10.60
C GLU F 228 29.18 13.66 11.50
N ARG F 229 27.98 13.69 12.09
CA ARG F 229 27.60 12.73 13.10
C ARG F 229 26.41 11.85 12.69
N GLY F 230 26.08 11.80 11.40
CA GLY F 230 24.99 10.98 10.89
C GLY F 230 23.79 11.81 10.50
N GLU F 231 22.80 11.12 9.94
CA GLU F 231 21.55 11.76 9.56
C GLU F 231 20.40 10.79 9.80
N GLY F 232 19.23 11.34 10.06
CA GLY F 232 18.08 10.47 10.23
C GLY F 232 18.29 9.53 11.40
N ALA F 233 17.99 8.25 11.17
CA ALA F 233 18.18 7.25 12.22
C ALA F 233 19.64 7.10 12.60
N GLY F 234 20.55 7.50 11.71
CA GLY F 234 21.96 7.47 12.03
C GLY F 234 22.49 8.64 12.82
N LEU F 235 21.66 9.61 13.19
CA LEU F 235 22.15 10.74 13.97
C LEU F 235 22.76 10.25 15.28
N GLY F 236 24.00 10.66 15.54
CA GLY F 236 24.70 10.21 16.73
C GLY F 236 25.33 8.83 16.59
N HIS F 237 25.30 8.23 15.40
CA HIS F 237 25.88 6.91 15.19
C HIS F 237 27.08 6.95 14.24
N ASN F 238 27.62 8.14 14.00
CA ASN F 238 28.91 8.29 13.33
C ASN F 238 29.77 9.18 14.20
N ILE F 239 31.03 8.79 14.41
CA ILE F 239 31.94 9.51 15.28
C ILE F 239 33.28 9.63 14.58
N ASN F 240 33.67 10.86 14.22
CA ASN F 240 34.98 11.13 13.66
C ASN F 240 35.89 11.78 14.69
N ILE F 241 37.11 11.27 14.80
CA ILE F 241 38.10 11.75 15.77
C ILE F 241 39.37 12.11 15.01
N PRO F 242 39.43 13.31 14.42
CA PRO F 242 40.66 13.75 13.76
C PRO F 242 41.72 14.11 14.79
N LEU F 243 42.88 13.53 14.65
CA LEU F 243 44.01 13.81 15.52
C LEU F 243 45.07 14.57 14.75
N PRO F 244 45.85 15.43 15.41
CA PRO F 244 46.88 16.19 14.67
C PRO F 244 47.94 15.25 14.12
N ALA F 245 48.51 15.64 12.98
CA ALA F 245 49.72 15.00 12.51
C ALA F 245 50.76 15.07 13.60
N GLY F 246 51.60 14.04 13.68
CA GLY F 246 52.58 13.98 14.75
C GLY F 246 52.08 13.43 16.07
N SER F 247 50.89 12.84 16.11
CA SER F 247 50.39 12.24 17.34
C SER F 247 51.04 10.89 17.55
N GLY F 248 51.32 10.58 18.82
CA GLY F 248 51.87 9.29 19.14
C GLY F 248 50.97 8.46 20.02
N GLN F 249 51.56 7.48 20.70
CA GLN F 249 50.78 6.50 21.45
C GLN F 249 49.94 7.16 22.53
N ASP F 250 50.52 8.09 23.30
CA ASP F 250 49.77 8.75 24.36
C ASP F 250 48.46 9.35 23.85
N THR F 251 48.52 10.09 22.75
CA THR F 251 47.33 10.73 22.20
C THR F 251 46.30 9.71 21.73
N TYR F 252 46.73 8.68 20.99
CA TYR F 252 45.81 7.66 20.53
C TYR F 252 45.14 6.96 21.70
N VAL F 253 45.92 6.60 22.73
CA VAL F 253 45.37 5.91 23.88
C VAL F 253 44.35 6.77 24.59
N HIS F 254 44.64 8.08 24.71
CA HIS F 254 43.69 8.99 25.35
C HIS F 254 42.40 9.10 24.54
N ALA F 255 42.50 9.13 23.20
CA ALA F 255 41.31 9.17 22.38
C ALA F 255 40.47 7.91 22.54
N PHE F 256 41.12 6.75 22.67
CA PHE F 256 40.38 5.51 22.88
C PHE F 256 39.73 5.49 24.27
N GLU F 257 40.45 5.94 25.29
CA GLU F 257 39.92 5.92 26.65
C GLU F 257 38.74 6.87 26.79
N THR F 258 38.81 8.06 26.19
CA THR F 258 37.82 9.09 26.46
C THR F 258 36.71 9.17 25.42
N ILE F 259 36.92 8.64 24.21
CA ILE F 259 35.89 8.69 23.17
C ILE F 259 35.46 7.31 22.70
N VAL F 260 36.40 6.50 22.19
CA VAL F 260 36.00 5.25 21.53
C VAL F 260 35.36 4.30 22.53
N LEU F 261 36.05 4.03 23.64
CA LEU F 261 35.53 3.06 24.60
C LEU F 261 34.19 3.48 25.22
N PRO F 262 34.01 4.73 25.65
CA PRO F 262 32.68 5.13 26.14
C PRO F 262 31.59 5.09 25.08
N ALA F 263 31.93 5.40 23.82
CA ALA F 263 30.94 5.29 22.75
C ALA F 263 30.48 3.85 22.57
N LEU F 264 31.41 2.89 22.61
CA LEU F 264 31.05 1.49 22.52
C LEU F 264 30.18 1.07 23.70
N ASP F 265 30.52 1.51 24.91
CA ASP F 265 29.71 1.17 26.09
C ASP F 265 28.28 1.67 25.94
N ARG F 266 28.09 2.85 25.36
CA ARG F 266 26.73 3.38 25.24
C ARG F 266 25.95 2.69 24.13
N TYR F 267 26.63 2.30 23.05
CA TYR F 267 25.95 1.70 21.91
C TYR F 267 25.60 0.24 22.17
N ARG F 268 26.42 -0.49 22.93
CA ARG F 268 26.18 -1.90 23.22
C ARG F 268 26.11 -2.75 21.95
N PRO F 269 27.20 -2.81 21.19
CA PRO F 269 27.19 -3.62 19.96
C PRO F 269 27.13 -5.10 20.28
N ASP F 270 26.62 -5.87 19.32
CA ASP F 270 26.65 -7.32 19.39
C ASP F 270 27.89 -7.91 18.74
N LEU F 271 28.68 -7.08 18.06
CA LEU F 271 29.93 -7.47 17.43
C LEU F 271 30.73 -6.20 17.23
N ILE F 272 32.05 -6.28 17.44
CA ILE F 272 32.94 -5.16 17.17
C ILE F 272 33.83 -5.54 16.00
N VAL F 273 33.87 -4.69 14.99
CA VAL F 273 34.77 -4.85 13.85
C VAL F 273 35.80 -3.73 13.92
N VAL F 274 37.07 -4.07 13.79
CA VAL F 274 38.13 -3.08 13.71
C VAL F 274 38.59 -3.02 12.28
N ALA F 275 38.55 -1.82 11.68
CA ALA F 275 39.17 -1.60 10.37
C ALA F 275 40.62 -1.26 10.68
N SER F 276 41.49 -2.25 10.51
CA SER F 276 42.87 -2.16 10.99
C SER F 276 43.79 -1.81 9.83
N GLY F 277 43.97 -0.52 9.60
CA GLY F 277 45.12 -0.08 8.82
C GLY F 277 46.29 0.12 9.77
N LEU F 278 47.48 -0.18 9.26
CA LEU F 278 48.70 -0.08 10.04
C LEU F 278 49.54 1.13 9.64
N ASP F 279 48.93 2.08 8.94
CA ASP F 279 49.62 3.23 8.38
C ASP F 279 49.78 4.39 9.36
N ALA F 280 49.34 4.26 10.62
CA ALA F 280 49.73 5.23 11.64
C ALA F 280 51.11 4.92 12.22
N ASN F 281 51.81 3.93 11.67
CA ASN F 281 53.12 3.58 12.22
C ASN F 281 54.14 4.66 11.94
N ALA F 282 55.20 4.68 12.77
CA ALA F 282 56.13 5.80 12.86
C ALA F 282 56.97 6.02 11.61
N VAL F 283 57.04 5.08 10.67
CA VAL F 283 57.81 5.28 9.45
C VAL F 283 56.96 5.16 8.19
N ASP F 284 55.65 5.33 8.31
CA ASP F 284 54.82 5.19 7.12
C ASP F 284 54.98 6.42 6.22
N PRO F 285 55.12 6.23 4.91
CA PRO F 285 55.18 7.38 4.01
C PRO F 285 53.85 8.09 3.83
N LEU F 286 52.72 7.42 4.06
CA LEU F 286 51.41 7.99 3.72
C LEU F 286 50.69 8.63 4.90
N ALA F 287 51.38 8.82 6.03
CA ALA F 287 50.83 9.62 7.11
C ALA F 287 51.99 10.08 7.97
N ARG F 288 51.65 10.83 9.02
CA ARG F 288 52.61 11.54 9.87
C ARG F 288 52.50 11.14 11.34
N MET F 289 52.01 9.93 11.62
CA MET F 289 51.78 9.54 13.01
C MET F 289 52.96 8.74 13.55
N LEU F 290 52.95 8.51 14.87
CA LEU F 290 54.11 7.96 15.58
C LEU F 290 53.78 6.69 16.36
N LEU F 291 52.79 5.93 15.92
CA LEU F 291 52.51 4.65 16.58
C LEU F 291 53.61 3.64 16.25
N PHE F 292 53.78 2.66 17.14
CA PHE F 292 54.70 1.56 16.88
C PHE F 292 54.10 0.30 17.44
N SER F 293 54.85 -0.81 17.42
CA SER F 293 54.24 -2.11 17.65
C SER F 293 53.60 -2.19 19.03
N GLU F 294 54.26 -1.61 20.04
CA GLU F 294 53.70 -1.61 21.39
C GLU F 294 52.35 -0.91 21.42
N SER F 295 52.21 0.18 20.66
CA SER F 295 50.94 0.92 20.62
C SER F 295 49.81 0.02 20.14
N TYR F 296 50.04 -0.76 19.10
CA TYR F 296 48.99 -1.64 18.60
C TYR F 296 48.65 -2.75 19.58
N ARG F 297 49.62 -3.20 20.39
CA ARG F 297 49.28 -4.12 21.47
C ARG F 297 48.29 -3.47 22.43
N VAL F 298 48.56 -2.22 22.82
CA VAL F 298 47.67 -1.52 23.75
C VAL F 298 46.28 -1.36 23.15
N LEU F 299 46.20 -0.88 21.90
CA LEU F 299 44.90 -0.63 21.28
C LEU F 299 44.12 -1.93 21.06
N THR F 300 44.81 -2.99 20.66
CA THR F 300 44.15 -4.28 20.48
C THR F 300 43.63 -4.80 21.81
N GLY F 301 44.42 -4.64 22.87
CA GLY F 301 43.95 -5.07 24.18
C GLY F 301 42.72 -4.31 24.63
N MET F 302 42.66 -3.01 24.34
CA MET F 302 41.48 -2.23 24.69
C MET F 302 40.25 -2.72 23.92
N MET F 303 40.41 -3.03 22.64
CA MET F 303 39.29 -3.56 21.86
CA MET F 303 39.27 -3.54 21.89
C MET F 303 38.87 -4.94 22.37
N MET F 304 39.84 -5.76 22.78
CA MET F 304 39.49 -7.07 23.31
C MET F 304 38.76 -6.94 24.63
N ASP F 305 39.20 -6.02 25.49
CA ASP F 305 38.51 -5.79 26.75
C ASP F 305 37.08 -5.31 26.50
N ALA F 306 36.90 -4.38 25.56
CA ALA F 306 35.56 -3.91 25.22
C ALA F 306 34.69 -5.05 24.71
N ALA F 307 35.22 -5.86 23.79
CA ALA F 307 34.44 -7.00 23.28
C ALA F 307 34.12 -8.00 24.38
N ASP F 308 35.05 -8.21 25.30
CA ASP F 308 34.80 -9.14 26.41
C ASP F 308 33.63 -8.67 27.25
N ARG F 309 33.52 -7.36 27.47
CA ARG F 309 32.49 -6.80 28.35
C ARG F 309 31.15 -6.67 27.61
N LEU F 310 31.19 -6.36 26.32
CA LEU F 310 29.99 -5.96 25.60
C LEU F 310 29.39 -7.04 24.72
N CYS F 311 30.19 -7.96 24.19
CA CYS F 311 29.66 -8.88 23.19
C CYS F 311 30.42 -10.20 23.19
N GLU F 312 30.70 -10.73 24.38
CA GLU F 312 31.22 -12.09 24.54
C GLU F 312 32.52 -12.31 23.77
N GLY F 313 33.35 -11.26 23.71
CA GLY F 313 34.64 -11.35 23.04
C GLY F 313 34.60 -11.28 21.53
N ARG F 314 33.44 -11.06 20.94
CA ARG F 314 33.29 -11.14 19.48
C ARG F 314 33.95 -9.94 18.83
N LEU F 315 35.14 -10.16 18.25
CA LEU F 315 35.95 -9.09 17.70
C LEU F 315 36.55 -9.58 16.39
N ALA F 316 36.25 -8.89 15.29
CA ALA F 316 36.82 -9.22 14.00
C ALA F 316 37.64 -8.03 13.50
N VAL F 317 38.88 -8.30 13.09
CA VAL F 317 39.81 -7.26 12.69
C VAL F 317 40.10 -7.46 11.21
N VAL F 318 39.90 -6.41 10.41
CA VAL F 318 40.01 -6.50 8.96
C VAL F 318 41.07 -5.51 8.51
N HIS F 319 42.08 -6.01 7.79
CA HIS F 319 43.17 -5.15 7.35
C HIS F 319 42.70 -4.10 6.35
N GLU F 320 43.31 -2.91 6.46
CA GLU F 320 43.07 -1.83 5.51
C GLU F 320 44.41 -1.39 4.92
N GLY F 321 44.94 -0.23 5.31
CA GLY F 321 46.18 0.29 4.77
C GLY F 321 47.41 -0.11 5.58
N GLY F 322 48.53 0.52 5.22
CA GLY F 322 49.83 0.29 5.84
C GLY F 322 50.84 0.16 4.73
N TYR F 323 51.88 1.02 4.73
CA TYR F 323 52.68 1.21 3.53
C TYR F 323 54.18 1.14 3.78
N SER F 324 54.61 0.81 4.99
CA SER F 324 56.03 0.58 5.27
C SER F 324 56.29 -0.93 5.18
N GLU F 325 56.96 -1.35 4.11
CA GLU F 325 57.30 -2.77 3.97
C GLU F 325 58.15 -3.24 5.13
N ALA F 326 59.05 -2.38 5.61
CA ALA F 326 59.95 -2.79 6.68
C ALA F 326 59.25 -2.90 8.02
N TYR F 327 58.31 -1.99 8.33
CA TYR F 327 57.81 -1.93 9.69
C TYR F 327 56.39 -2.46 9.89
N VAL F 328 55.52 -2.41 8.89
CA VAL F 328 54.16 -2.95 9.04
C VAL F 328 54.16 -4.36 9.61
N PRO F 329 55.08 -5.26 9.21
CA PRO F 329 55.00 -6.62 9.75
C PRO F 329 55.09 -6.69 11.26
N PHE F 330 55.90 -5.84 11.90
CA PHE F 330 56.01 -5.88 13.36
C PHE F 330 54.74 -5.41 14.04
N CYS F 331 54.04 -4.45 13.43
CA CYS F 331 52.77 -4.00 13.98
C CYS F 331 51.69 -5.05 13.80
N GLY F 332 51.60 -5.65 12.62
CA GLY F 332 50.63 -6.72 12.43
C GLY F 332 50.89 -7.90 13.35
N GLN F 333 52.13 -8.33 13.43
CA GLN F 333 52.50 -9.40 14.36
C GLN F 333 52.04 -9.08 15.79
N ALA F 334 52.25 -7.84 16.23
CA ALA F 334 51.85 -7.45 17.58
C ALA F 334 50.34 -7.59 17.78
N ILE F 335 49.55 -7.19 16.78
CA ILE F 335 48.10 -7.30 16.88
C ILE F 335 47.66 -8.75 17.00
N VAL F 336 48.18 -9.63 16.13
CA VAL F 336 47.74 -11.01 16.13
C VAL F 336 48.18 -11.73 17.41
N GLU F 337 49.38 -11.44 17.89
CA GLU F 337 49.80 -11.97 19.18
C GLU F 337 48.83 -11.55 20.27
N THR F 338 48.38 -10.30 20.23
CA THR F 338 47.47 -9.84 21.27
C THR F 338 46.11 -10.55 21.17
N LEU F 339 45.58 -10.69 19.94
CA LEU F 339 44.30 -11.37 19.77
C LEU F 339 44.38 -12.81 20.27
N ALA F 340 45.49 -13.48 20.00
CA ALA F 340 45.67 -14.88 20.37
C ALA F 340 46.11 -15.04 21.83
N GLY F 341 46.50 -13.96 22.47
CA GLY F 341 46.94 -14.01 23.86
C GLY F 341 48.25 -14.72 24.07
N VAL F 342 49.15 -14.66 23.10
CA VAL F 342 50.45 -15.33 23.23
C VAL F 342 51.55 -14.36 22.81
N ARG F 343 52.76 -14.66 23.27
CA ARG F 343 53.96 -13.97 22.82
C ARG F 343 54.79 -14.97 22.01
N THR F 344 55.67 -14.41 21.17
CA THR F 344 56.58 -15.22 20.36
C THR F 344 58.00 -14.75 20.60
N GLY F 345 58.94 -15.33 19.86
CA GLY F 345 60.32 -14.91 19.93
C GLY F 345 60.64 -13.67 19.13
N VAL F 346 59.67 -13.13 18.39
CA VAL F 346 59.92 -11.97 17.54
C VAL F 346 60.40 -10.79 18.37
N VAL F 347 61.46 -10.15 17.92
CA VAL F 347 62.01 -8.95 18.54
C VAL F 347 61.79 -7.80 17.57
N ASP F 348 60.96 -6.84 17.95
CA ASP F 348 60.83 -5.65 17.12
C ASP F 348 62.11 -4.83 17.26
N PRO F 349 62.90 -4.65 16.20
CA PRO F 349 64.21 -4.00 16.36
C PRO F 349 64.12 -2.51 16.64
N GLU F 350 62.96 -1.89 16.49
CA GLU F 350 62.84 -0.45 16.66
C GLU F 350 62.16 -0.04 17.96
N LEU F 351 61.96 -0.97 18.89
CA LEU F 351 61.23 -0.66 20.13
C LEU F 351 61.83 0.53 20.85
N GLU F 352 63.15 0.51 21.06
CA GLU F 352 63.75 1.60 21.83
C GLU F 352 63.74 2.91 21.04
N MET F 353 64.05 2.87 19.75
CA MET F 353 64.10 4.11 18.98
C MET F 353 62.72 4.76 18.88
N PHE F 354 61.70 3.98 18.51
CA PHE F 354 60.38 4.58 18.32
C PHE F 354 59.78 5.06 19.64
N ALA F 355 60.16 4.47 20.76
CA ALA F 355 59.79 5.03 22.06
C ALA F 355 60.46 6.39 22.29
N LEU F 356 61.74 6.53 21.91
CA LEU F 356 62.42 7.81 22.06
C LEU F 356 61.84 8.88 21.15
N TRP F 357 61.24 8.49 20.02
CA TRP F 357 60.66 9.45 19.09
C TRP F 357 59.36 10.06 19.59
N GLN F 358 58.72 9.45 20.59
CA GLN F 358 57.39 9.88 21.02
C GLN F 358 57.40 11.35 21.44
N PRO F 359 56.30 12.07 21.21
CA PRO F 359 56.27 13.49 21.56
C PRO F 359 56.53 13.76 23.04
N GLY F 360 57.09 14.94 23.31
CA GLY F 360 57.31 15.37 24.67
C GLY F 360 56.01 15.73 25.39
N ASP F 361 56.17 15.96 26.71
CA ASP F 361 55.03 16.21 27.59
C ASP F 361 54.21 17.41 27.14
N ARG F 362 54.87 18.47 26.68
CA ARG F 362 54.16 19.69 26.30
C ARG F 362 53.19 19.41 25.17
N ILE F 363 53.67 18.75 24.11
CA ILE F 363 52.79 18.41 22.99
C ILE F 363 51.70 17.46 23.43
N ASN F 364 52.04 16.44 24.22
CA ASN F 364 51.04 15.47 24.62
C ASN F 364 49.92 16.13 25.40
N ARG F 365 50.25 17.10 26.25
CA ARG F 365 49.24 17.81 27.03
C ARG F 365 48.29 18.59 26.11
N PHE F 366 48.83 19.26 25.10
CA PHE F 366 47.99 20.00 24.18
C PHE F 366 47.11 19.06 23.35
N HIS F 367 47.70 17.97 22.85
CA HIS F 367 46.89 16.99 22.11
C HIS F 367 45.78 16.40 22.98
N ARG F 368 46.07 16.14 24.27
CA ARG F 368 45.03 15.66 25.17
C ARG F 368 43.91 16.68 25.31
N GLU F 369 44.26 17.97 25.34
CA GLU F 369 43.23 19.01 25.44
C GLU F 369 42.33 19.01 24.20
N LEU F 370 42.92 18.82 23.01
CA LEU F 370 42.11 18.72 21.80
C LEU F 370 41.16 17.54 21.86
N VAL F 371 41.66 16.39 22.32
CA VAL F 371 40.85 15.19 22.47
C VAL F 371 39.72 15.44 23.48
N ASP F 372 40.06 16.04 24.61
CA ASP F 372 39.05 16.36 25.62
C ASP F 372 37.95 17.26 25.06
N GLU F 373 38.30 18.23 24.22
CA GLU F 373 37.27 19.07 23.63
C GLU F 373 36.34 18.27 22.73
N MET F 374 36.90 17.32 21.97
CA MET F 374 36.06 16.48 21.12
C MET F 374 35.16 15.58 21.94
N ALA F 375 35.69 15.01 23.03
CA ALA F 375 34.87 14.17 23.88
C ALA F 375 33.70 14.97 24.47
N ALA F 376 33.91 16.25 24.75
CA ALA F 376 32.84 17.08 25.28
C ALA F 376 31.74 17.34 24.25
N VAL F 377 32.10 17.38 22.97
CA VAL F 377 31.12 17.57 21.91
C VAL F 377 30.41 16.28 21.58
N LEU F 378 31.14 15.16 21.58
CA LEU F 378 30.64 13.89 21.07
C LEU F 378 29.95 13.04 22.13
N LEU F 379 30.35 13.15 23.40
CA LEU F 379 29.83 12.24 24.41
C LEU F 379 29.28 12.98 25.63
N GLY F 380 30.04 13.95 26.12
CA GLY F 380 29.68 14.67 27.34
C GLY F 380 29.56 13.78 28.57
N THR G 11 -4.77 -3.98 -49.54
CA THR G 11 -5.67 -2.83 -49.52
C THR G 11 -7.11 -3.32 -49.31
N MET G 12 -7.87 -2.54 -48.54
CA MET G 12 -9.23 -2.77 -48.09
C MET G 12 -9.36 -2.16 -46.70
N SER G 13 -8.47 -2.57 -45.79
CA SER G 13 -8.37 -1.86 -44.52
C SER G 13 -7.48 -0.64 -44.69
N ASN G 14 -7.40 0.16 -43.63
CA ASN G 14 -6.52 1.32 -43.62
C ASN G 14 -5.23 1.06 -42.86
N THR G 15 -4.83 -0.21 -42.68
CA THR G 15 -3.63 -0.57 -41.94
C THR G 15 -2.51 -0.96 -42.90
N GLY G 16 -1.33 -0.41 -42.68
CA GLY G 16 -0.16 -0.77 -43.47
C GLY G 16 0.68 -1.81 -42.75
N PHE G 17 1.28 -2.72 -43.52
CA PHE G 17 2.26 -3.66 -43.00
C PHE G 17 3.52 -3.58 -43.85
N TYR G 18 4.64 -3.26 -43.19
CA TYR G 18 5.89 -2.95 -43.87
C TYR G 18 6.90 -4.05 -43.60
N THR G 19 7.30 -4.78 -44.64
CA THR G 19 8.22 -5.89 -44.48
C THR G 19 9.02 -6.04 -45.76
N HIS G 20 10.25 -6.56 -45.64
CA HIS G 20 11.06 -6.85 -46.80
C HIS G 20 11.86 -8.12 -46.54
N GLU G 21 11.96 -8.96 -47.57
CA GLU G 21 12.62 -10.25 -47.42
C GLU G 21 14.02 -10.14 -46.83
N SER G 22 14.76 -9.08 -47.17
CA SER G 22 16.16 -8.99 -46.73
C SER G 22 16.31 -8.93 -45.21
N THR G 23 15.27 -8.48 -44.50
CA THR G 23 15.35 -8.42 -43.03
C THR G 23 15.54 -9.81 -42.42
N PHE G 24 15.14 -10.86 -43.13
CA PHE G 24 15.31 -12.22 -42.65
C PHE G 24 16.67 -12.79 -43.01
N TRP G 25 17.47 -12.05 -43.77
CA TRP G 25 18.79 -12.52 -44.18
C TRP G 25 19.89 -11.99 -43.28
N HIS G 26 19.57 -11.09 -42.36
CA HIS G 26 20.54 -10.66 -41.35
C HIS G 26 20.80 -11.82 -40.40
N SER G 27 22.07 -12.03 -40.06
CA SER G 27 22.43 -13.12 -39.17
C SER G 27 23.40 -12.64 -38.11
N THR G 28 23.17 -13.05 -36.87
CA THR G 28 24.05 -12.72 -35.75
C THR G 28 25.22 -13.69 -35.62
N GLY G 29 25.28 -14.76 -36.41
CA GLY G 29 26.37 -15.71 -36.29
C GLY G 29 26.06 -16.87 -35.37
N VAL G 30 27.09 -17.68 -35.10
CA VAL G 30 26.94 -18.88 -34.29
C VAL G 30 26.96 -18.50 -32.82
N GLN G 31 25.82 -18.60 -32.15
CA GLN G 31 25.76 -18.48 -30.70
C GLN G 31 24.83 -19.56 -30.19
N ALA G 32 25.05 -19.98 -28.94
CA ALA G 32 24.07 -20.81 -28.24
C ALA G 32 23.19 -19.85 -27.46
N LEU G 33 21.91 -19.78 -27.83
CA LEU G 33 21.05 -18.64 -27.48
C LEU G 33 21.78 -17.36 -27.86
N TYR G 34 22.12 -16.51 -26.89
CA TYR G 34 22.94 -15.35 -27.17
C TYR G 34 24.38 -15.51 -26.69
N PHE G 35 24.75 -16.70 -26.19
CA PHE G 35 26.11 -16.87 -25.65
C PHE G 35 27.08 -17.14 -26.80
N PRO G 36 28.17 -16.39 -26.88
CA PRO G 36 29.20 -16.71 -27.89
C PRO G 36 29.77 -18.10 -27.62
N ILE G 37 30.10 -18.81 -28.71
CA ILE G 37 30.74 -20.11 -28.54
C ILE G 37 32.20 -19.89 -28.15
N GLY G 38 32.77 -20.93 -27.57
CA GLY G 38 34.09 -20.75 -27.00
C GLY G 38 34.39 -21.90 -26.07
N GLU G 39 35.19 -21.63 -25.04
CA GLU G 39 35.77 -22.74 -24.29
C GLU G 39 34.69 -23.61 -23.66
N TRP G 40 33.65 -23.00 -23.06
CA TRP G 40 32.67 -23.79 -22.34
C TRP G 40 31.27 -23.77 -22.96
N VAL G 41 31.04 -22.98 -24.00
CA VAL G 41 29.74 -22.93 -24.68
C VAL G 41 29.84 -23.73 -25.97
N GLN G 42 29.19 -24.88 -25.99
CA GLN G 42 29.26 -25.78 -27.14
C GLN G 42 28.46 -25.18 -28.30
N PRO G 43 28.97 -25.25 -29.52
CA PRO G 43 28.18 -24.77 -30.66
C PRO G 43 26.84 -25.48 -30.70
N PRO G 44 25.77 -24.78 -31.08
CA PRO G 44 24.45 -25.41 -31.10
C PRO G 44 24.32 -26.36 -32.29
N SER G 45 23.41 -27.32 -32.13
CA SER G 45 22.92 -28.12 -33.24
C SER G 45 21.50 -27.68 -33.54
N GLY G 46 21.20 -27.47 -34.80
CA GLY G 46 19.94 -26.83 -35.13
C GLY G 46 20.00 -25.34 -34.83
N THR G 47 18.96 -24.84 -34.19
CA THR G 47 18.78 -23.40 -34.00
C THR G 47 20.00 -22.75 -33.37
N TYR G 48 20.59 -21.82 -34.11
CA TYR G 48 21.72 -21.04 -33.64
C TYR G 48 21.30 -19.59 -33.46
N GLY G 49 21.78 -18.96 -32.40
CA GLY G 49 21.44 -17.59 -32.11
C GLY G 49 20.13 -17.49 -31.34
N ALA G 50 19.83 -16.24 -30.94
CA ALA G 50 18.60 -15.90 -30.25
C ALA G 50 17.67 -15.07 -31.12
N ASP G 51 18.19 -13.98 -31.70
CA ASP G 51 17.46 -13.25 -32.74
C ASP G 51 17.62 -14.03 -34.04
N THR G 52 16.84 -15.13 -34.14
CA THR G 52 16.91 -15.90 -35.39
C THR G 52 15.95 -15.28 -36.39
N PRO G 53 16.21 -15.46 -37.69
CA PRO G 53 15.24 -14.98 -38.69
C PRO G 53 13.83 -15.50 -38.45
N GLU G 54 13.72 -16.74 -37.98
CA GLU G 54 12.41 -17.36 -37.81
C GLU G 54 11.58 -16.70 -36.71
N THR G 55 12.23 -16.08 -35.72
CA THR G 55 11.45 -15.38 -34.67
C THR G 55 10.72 -14.17 -35.20
N LYS G 56 10.98 -13.75 -36.44
CA LYS G 56 10.21 -12.70 -37.12
C LYS G 56 9.48 -13.21 -38.36
N ARG G 57 10.09 -14.11 -39.13
CA ARG G 57 9.43 -14.55 -40.35
C ARG G 57 8.14 -15.31 -40.04
N ARG G 58 8.12 -16.08 -38.95
CA ARG G 58 6.93 -16.89 -38.64
C ARG G 58 5.71 -16.02 -38.34
N PHE G 59 5.95 -14.79 -37.87
CA PHE G 59 4.88 -13.80 -37.69
C PHE G 59 4.29 -13.43 -39.05
N LEU G 60 5.15 -13.04 -40.00
CA LEU G 60 4.69 -12.76 -41.36
C LEU G 60 3.99 -13.97 -41.95
N ASN G 61 4.56 -15.17 -41.74
CA ASN G 61 3.98 -16.38 -42.34
C ASN G 61 2.56 -16.62 -41.87
N LEU G 62 2.32 -16.40 -40.57
CA LEU G 62 0.97 -16.58 -40.02
C LEU G 62 0.03 -15.52 -40.57
N LEU G 63 0.49 -14.28 -40.69
CA LEU G 63 -0.32 -13.23 -41.30
C LEU G 63 -0.78 -13.64 -42.69
N ARG G 64 0.12 -14.25 -43.47
CA ARG G 64 -0.25 -14.72 -44.80
C ARG G 64 -1.25 -15.87 -44.72
N MET G 65 -0.97 -16.87 -43.87
CA MET G 65 -1.89 -17.99 -43.75
C MET G 65 -3.27 -17.57 -43.30
N SER G 66 -3.36 -16.55 -42.45
CA SER G 66 -4.64 -16.10 -41.93
C SER G 66 -5.49 -15.38 -42.98
N GLY G 67 -4.89 -15.00 -44.10
CA GLY G 67 -5.57 -14.22 -45.11
C GLY G 67 -5.62 -12.73 -44.82
N LEU G 68 -5.15 -12.30 -43.65
CA LEU G 68 -5.27 -10.89 -43.30
C LEU G 68 -4.47 -10.00 -44.25
N THR G 69 -3.38 -10.53 -44.83
CA THR G 69 -2.55 -9.73 -45.74
C THR G 69 -3.34 -9.23 -46.95
N ASP G 70 -4.44 -9.90 -47.31
CA ASP G 70 -5.26 -9.43 -48.43
C ASP G 70 -5.90 -8.08 -48.13
N ARG G 71 -6.13 -7.77 -46.86
CA ARG G 71 -6.78 -6.53 -46.47
C ARG G 71 -5.81 -5.48 -45.96
N LEU G 72 -4.51 -5.76 -45.97
CA LEU G 72 -3.50 -4.83 -45.51
C LEU G 72 -2.83 -4.15 -46.69
N VAL G 73 -2.46 -2.89 -46.50
CA VAL G 73 -1.64 -2.15 -47.46
C VAL G 73 -0.19 -2.55 -47.20
N MET G 74 0.48 -3.10 -48.21
CA MET G 74 1.83 -3.65 -48.04
C MET G 74 2.78 -3.07 -49.09
N PRO G 75 3.29 -1.86 -48.85
CA PRO G 75 4.17 -1.22 -49.82
C PRO G 75 5.54 -1.89 -49.89
N ALA G 76 6.20 -1.73 -51.03
CA ALA G 76 7.55 -2.23 -51.18
C ALA G 76 8.49 -1.51 -50.22
N GLY G 77 9.37 -2.28 -49.59
CA GLY G 77 10.30 -1.68 -48.65
C GLY G 77 11.33 -0.81 -49.35
N GLU G 78 11.68 0.29 -48.69
CA GLU G 78 12.64 1.26 -49.21
C GLU G 78 13.62 1.57 -48.08
N PRO G 79 14.93 1.43 -48.30
CA PRO G 79 15.88 1.67 -47.22
C PRO G 79 16.02 3.16 -46.94
N VAL G 80 16.40 3.48 -45.70
CA VAL G 80 16.85 4.84 -45.41
C VAL G 80 18.19 5.09 -46.10
N THR G 81 18.54 6.37 -46.21
CA THR G 81 19.84 6.76 -46.74
C THR G 81 20.81 7.01 -45.59
N VAL G 82 22.08 7.13 -45.95
CA VAL G 82 23.09 7.54 -44.98
C VAL G 82 22.74 8.90 -44.39
N GLU G 83 22.18 9.80 -45.21
CA GLU G 83 21.77 11.11 -44.71
C GLU G 83 20.76 10.96 -43.58
N ASP G 84 19.79 10.06 -43.73
CA ASP G 84 18.81 9.83 -42.67
C ASP G 84 19.49 9.32 -41.40
N CYS G 85 20.49 8.45 -41.55
CA CYS G 85 21.19 7.90 -40.39
C CYS G 85 21.96 8.99 -39.65
N LEU G 86 22.53 9.94 -40.38
CA LEU G 86 23.35 10.98 -39.77
C LEU G 86 22.55 12.00 -38.97
N ARG G 87 21.22 11.97 -39.04
CA ARG G 87 20.44 12.78 -38.13
C ARG G 87 20.51 12.26 -36.69
N ILE G 88 21.04 11.05 -36.49
CA ILE G 88 21.10 10.44 -35.16
C ILE G 88 22.53 9.99 -34.86
N HIS G 89 23.18 9.34 -35.83
CA HIS G 89 24.46 8.68 -35.62
C HIS G 89 25.61 9.50 -36.21
N PRO G 90 26.76 9.49 -35.56
CA PRO G 90 27.93 10.16 -36.13
C PRO G 90 28.44 9.44 -37.38
N ALA G 91 29.07 10.22 -38.26
CA ALA G 91 29.64 9.68 -39.48
C ALA G 91 30.65 8.57 -39.20
N ASP G 92 31.39 8.67 -38.08
CA ASP G 92 32.41 7.68 -37.78
C ASP G 92 31.80 6.30 -37.53
N TYR G 93 30.69 6.23 -36.80
CA TYR G 93 30.03 4.95 -36.58
C TYR G 93 29.52 4.37 -37.88
N ILE G 94 28.81 5.19 -38.67
CA ILE G 94 28.27 4.70 -39.95
C ILE G 94 29.38 4.18 -40.84
N ARG G 95 30.53 4.87 -40.85
CA ARG G 95 31.65 4.45 -41.69
C ARG G 95 32.23 3.11 -41.24
N ARG G 96 32.45 2.96 -39.93
CA ARG G 96 33.00 1.70 -39.42
C ARG G 96 32.02 0.55 -39.57
N PHE G 97 30.73 0.82 -39.36
CA PHE G 97 29.69 -0.19 -39.62
C PHE G 97 29.74 -0.64 -41.07
N LYS G 98 29.74 0.31 -42.02
CA LYS G 98 29.80 -0.05 -43.42
C LYS G 98 31.08 -0.80 -43.76
N GLU G 99 32.21 -0.38 -43.18
CA GLU G 99 33.47 -1.06 -43.48
C GLU G 99 33.47 -2.49 -42.97
N ALA G 100 32.99 -2.73 -41.75
CA ALA G 100 32.92 -4.09 -41.24
C ALA G 100 31.93 -4.95 -42.04
N SER G 101 30.80 -4.36 -42.44
CA SER G 101 29.83 -5.10 -43.24
C SER G 101 30.38 -5.48 -44.60
N ASP G 102 31.25 -4.65 -45.17
CA ASP G 102 31.82 -4.95 -46.47
C ASP G 102 32.85 -6.06 -46.39
N ALA G 103 33.49 -6.22 -45.22
CA ALA G 103 34.40 -7.34 -45.02
C ALA G 103 33.58 -8.58 -44.66
N GLY G 104 33.66 -9.02 -43.41
CA GLY G 104 32.95 -10.22 -43.01
C GLY G 104 31.95 -10.04 -41.87
N GLY G 105 31.62 -8.81 -41.54
CA GLY G 105 30.76 -8.53 -40.39
C GLY G 105 31.55 -8.13 -39.17
N GLY G 106 30.92 -8.27 -38.01
CA GLY G 106 31.60 -7.98 -36.75
C GLY G 106 30.61 -7.69 -35.65
N ASP G 107 31.12 -7.01 -34.61
CA ASP G 107 30.27 -6.54 -33.52
C ASP G 107 30.94 -5.28 -32.98
N LEU G 108 30.34 -4.12 -33.25
CA LEU G 108 30.92 -2.83 -32.89
C LEU G 108 30.42 -2.31 -31.55
N GLY G 109 29.63 -3.10 -30.84
CA GLY G 109 29.14 -2.66 -29.54
C GLY G 109 29.07 -3.81 -28.56
N MET G 110 27.96 -3.92 -27.84
CA MET G 110 27.75 -4.92 -26.81
C MET G 110 26.58 -5.80 -27.24
N LEU G 111 26.87 -7.07 -27.52
CA LEU G 111 25.84 -8.01 -27.98
C LEU G 111 25.08 -7.49 -29.20
N ALA G 112 25.84 -7.04 -30.21
CA ALA G 112 25.26 -6.56 -31.47
C ALA G 112 26.01 -7.13 -32.67
N PRO G 113 26.12 -8.46 -32.77
CA PRO G 113 26.85 -9.05 -33.91
C PRO G 113 26.05 -8.97 -35.21
N PHE G 114 26.78 -8.89 -36.32
CA PHE G 114 26.18 -8.93 -37.65
C PHE G 114 27.14 -9.58 -38.62
N SER G 115 26.61 -9.98 -39.77
CA SER G 115 27.38 -10.71 -40.78
C SER G 115 27.63 -9.80 -41.98
N LYS G 116 28.31 -10.36 -42.99
CA LYS G 116 28.57 -9.61 -44.21
C LYS G 116 27.28 -9.11 -44.84
N GLY G 117 27.28 -7.85 -45.25
CA GLY G 117 26.10 -7.24 -45.84
C GLY G 117 25.08 -6.76 -44.83
N GLY G 118 25.35 -6.89 -43.53
CA GLY G 118 24.41 -6.46 -42.52
C GLY G 118 24.09 -4.99 -42.55
N PHE G 119 24.99 -4.17 -43.10
CA PHE G 119 24.74 -2.73 -43.14
C PHE G 119 23.56 -2.40 -44.04
N GLU G 120 23.55 -2.96 -45.26
CA GLU G 120 22.44 -2.68 -46.16
C GLU G 120 21.12 -3.20 -45.60
N ILE G 121 21.15 -4.34 -44.91
CA ILE G 121 19.92 -4.85 -44.33
C ILE G 121 19.44 -3.93 -43.21
N ALA G 122 20.38 -3.39 -42.42
CA ALA G 122 19.97 -2.45 -41.37
C ALA G 122 19.34 -1.20 -41.97
N LEU G 123 19.84 -0.74 -43.13
CA LEU G 123 19.21 0.40 -43.79
C LEU G 123 17.78 0.08 -44.23
N MET G 124 17.55 -1.14 -44.74
CA MET G 124 16.19 -1.53 -45.11
C MET G 124 15.30 -1.64 -43.88
N SER G 125 15.83 -2.21 -42.79
CA SER G 125 15.03 -2.34 -41.57
C SER G 125 14.59 -0.97 -41.06
N ALA G 126 15.52 -0.01 -41.00
CA ALA G 126 15.16 1.35 -40.62
C ALA G 126 14.20 1.97 -41.63
N GLY G 127 14.34 1.61 -42.91
CA GLY G 127 13.43 2.14 -43.91
C GLY G 127 12.00 1.69 -43.76
N LEU G 128 11.80 0.48 -43.23
CA LEU G 128 10.43 0.03 -42.95
C LEU G 128 9.77 0.90 -41.88
N ALA G 129 10.53 1.22 -40.82
CA ALA G 129 10.00 2.12 -39.81
C ALA G 129 9.80 3.52 -40.37
N ARG G 130 10.74 4.00 -41.19
CA ARG G 130 10.60 5.35 -41.72
C ARG G 130 9.36 5.48 -42.62
N ALA G 131 9.14 4.49 -43.49
CA ALA G 131 7.98 4.53 -44.38
C ALA G 131 6.67 4.39 -43.62
N ALA G 132 6.66 3.55 -42.59
CA ALA G 132 5.44 3.37 -41.81
C ALA G 132 5.03 4.68 -41.14
N ILE G 133 5.98 5.36 -40.51
CA ILE G 133 5.68 6.62 -39.86
C ILE G 133 5.28 7.68 -40.89
N ASP G 134 5.99 7.75 -42.01
CA ASP G 134 5.66 8.74 -43.02
C ASP G 134 4.27 8.50 -43.62
N ASP G 135 3.93 7.25 -43.90
CA ASP G 135 2.63 6.94 -44.49
C ASP G 135 1.49 7.20 -43.51
N VAL G 136 1.73 7.02 -42.21
CA VAL G 136 0.72 7.38 -41.21
C VAL G 136 0.53 8.90 -41.19
N LEU G 137 1.63 9.65 -41.23
CA LEU G 137 1.56 11.11 -41.12
C LEU G 137 0.89 11.74 -42.33
N THR G 138 1.10 11.18 -43.51
CA THR G 138 0.47 11.70 -44.73
C THR G 138 -0.94 11.17 -44.93
N GLY G 139 -1.40 10.25 -44.07
CA GLY G 139 -2.72 9.70 -44.23
C GLY G 139 -2.86 8.65 -45.30
N LYS G 140 -1.74 8.16 -45.86
CA LYS G 140 -1.81 7.03 -46.79
C LYS G 140 -2.42 5.81 -46.11
N VAL G 141 -2.11 5.61 -44.82
CA VAL G 141 -2.74 4.58 -44.00
C VAL G 141 -3.11 5.22 -42.67
N ARG G 142 -4.07 4.60 -41.96
CA ARG G 142 -4.46 5.13 -40.66
C ARG G 142 -3.47 4.72 -39.56
N ASN G 143 -2.99 3.49 -39.62
CA ASN G 143 -1.99 3.01 -38.69
C ASN G 143 -1.13 2.00 -39.42
N ALA G 144 -0.07 1.52 -38.76
CA ALA G 144 0.89 0.70 -39.48
C ALA G 144 1.69 -0.14 -38.51
N TYR G 145 2.14 -1.30 -39.00
CA TYR G 145 3.10 -2.17 -38.31
C TYR G 145 4.30 -2.37 -39.22
N ALA G 146 5.49 -2.06 -38.73
CA ALA G 146 6.73 -2.24 -39.48
C ALA G 146 7.50 -3.41 -38.87
N LEU G 147 7.72 -4.45 -39.67
CA LEU G 147 8.41 -5.66 -39.19
C LEU G 147 9.92 -5.45 -39.35
N SER G 148 10.47 -4.58 -38.52
CA SER G 148 11.88 -4.25 -38.60
C SER G 148 12.71 -5.38 -37.98
N ARG G 149 13.78 -5.77 -38.69
CA ARG G 149 14.78 -6.68 -38.16
C ARG G 149 16.01 -6.33 -38.99
N PRO G 150 17.13 -5.99 -38.35
CA PRO G 150 17.39 -5.92 -36.90
C PRO G 150 16.60 -4.83 -36.20
N ALA G 151 16.41 -5.00 -34.89
CA ALA G 151 15.67 -4.05 -34.07
C ALA G 151 16.50 -2.80 -33.82
N GLY G 152 15.92 -1.83 -33.11
CA GLY G 152 16.57 -0.54 -32.98
C GLY G 152 16.66 0.08 -31.60
N HIS G 153 15.80 -0.32 -30.66
CA HIS G 153 15.56 0.50 -29.48
C HIS G 153 16.68 0.47 -28.43
N HIS G 154 17.67 -0.41 -28.57
CA HIS G 154 18.84 -0.36 -27.70
C HIS G 154 20.02 0.38 -28.31
N CYS G 155 19.94 0.79 -29.57
CA CYS G 155 21.08 1.39 -30.24
C CYS G 155 21.29 2.82 -29.76
N LEU G 156 22.47 3.09 -29.16
CA LEU G 156 22.85 4.44 -28.81
C LEU G 156 23.34 5.16 -30.05
N PRO G 157 23.35 6.50 -30.05
CA PRO G 157 23.89 7.21 -31.22
C PRO G 157 25.26 6.73 -31.66
N ASP G 158 26.15 6.42 -30.72
CA ASP G 158 27.51 6.00 -31.03
C ASP G 158 27.75 4.52 -30.88
N THR G 159 26.83 3.76 -30.27
CA THR G 159 27.14 2.39 -29.90
C THR G 159 25.97 1.43 -30.13
N PRO G 160 26.11 0.45 -31.00
CA PRO G 160 25.06 -0.57 -31.14
C PRO G 160 25.05 -1.48 -29.92
N MET G 161 23.88 -2.02 -29.60
CA MET G 161 23.71 -2.80 -28.37
CA MET G 161 23.72 -2.80 -28.39
C MET G 161 22.51 -3.72 -28.54
N GLY G 162 22.60 -4.89 -27.90
CA GLY G 162 21.45 -5.78 -27.75
C GLY G 162 20.65 -6.04 -29.00
N PHE G 163 21.35 -6.45 -30.06
CA PHE G 163 20.78 -6.86 -31.34
C PHE G 163 20.34 -5.68 -32.21
N CYS G 164 20.68 -4.46 -31.83
CA CYS G 164 20.22 -3.26 -32.52
C CYS G 164 21.41 -2.53 -33.12
N LEU G 165 21.38 -2.32 -34.44
CA LEU G 165 22.52 -1.78 -35.18
C LEU G 165 22.32 -0.33 -35.59
N LEU G 166 21.08 0.09 -35.80
CA LEU G 166 20.74 1.49 -36.05
C LEU G 166 19.56 1.85 -35.17
N ALA G 167 19.39 3.15 -34.90
CA ALA G 167 18.29 3.63 -34.07
C ALA G 167 17.06 3.84 -34.95
N ASN G 168 16.36 2.73 -35.23
CA ASN G 168 15.27 2.74 -36.20
C ASN G 168 14.25 3.84 -35.93
N ILE G 169 13.66 3.84 -34.73
CA ILE G 169 12.60 4.80 -34.43
C ILE G 169 13.10 6.24 -34.46
N PRO G 170 14.21 6.59 -33.81
CA PRO G 170 14.69 7.98 -33.92
C PRO G 170 15.04 8.38 -35.34
N ILE G 171 15.65 7.50 -36.13
CA ILE G 171 15.92 7.83 -37.53
C ILE G 171 14.62 8.17 -38.24
N ALA G 172 13.57 7.38 -37.98
CA ALA G 172 12.30 7.59 -38.65
C ALA G 172 11.63 8.88 -38.19
N ILE G 173 11.73 9.19 -36.91
CA ILE G 173 11.13 10.41 -36.37
C ILE G 173 11.82 11.63 -36.95
N GLU G 174 13.16 11.62 -36.95
CA GLU G 174 13.88 12.77 -37.46
C GLU G 174 13.67 12.96 -38.97
N ALA G 175 13.52 11.86 -39.72
CA ALA G 175 13.19 12.00 -41.14
C ALA G 175 11.82 12.66 -41.30
N ALA G 176 10.86 12.30 -40.45
CA ALA G 176 9.53 12.88 -40.53
C ALA G 176 9.56 14.35 -40.13
N ARG G 177 10.34 14.70 -39.12
CA ARG G 177 10.50 16.11 -38.75
C ARG G 177 11.04 16.91 -39.92
N ALA G 178 12.08 16.38 -40.60
CA ALA G 178 12.68 17.11 -41.70
C ALA G 178 11.72 17.30 -42.86
N ARG G 179 10.74 16.41 -42.99
CA ARG G 179 9.83 16.45 -44.13
C ARG G 179 8.51 17.14 -43.80
N HIS G 180 7.94 16.91 -42.62
CA HIS G 180 6.62 17.41 -42.29
C HIS G 180 6.59 18.41 -41.14
N GLY G 181 7.68 18.57 -40.41
CA GLY G 181 7.73 19.56 -39.34
C GLY G 181 7.01 19.17 -38.07
N ILE G 182 6.72 17.88 -37.88
CA ILE G 182 5.98 17.45 -36.71
C ILE G 182 6.73 17.85 -35.44
N GLU G 183 5.99 18.22 -34.42
CA GLU G 183 6.59 18.88 -33.27
C GLU G 183 6.71 18.02 -32.03
N ARG G 184 5.70 17.21 -31.70
CA ARG G 184 5.78 16.34 -30.54
C ARG G 184 5.33 14.94 -30.91
N VAL G 185 6.14 13.96 -30.54
CA VAL G 185 5.87 12.55 -30.80
C VAL G 185 6.02 11.84 -29.47
N ALA G 186 5.16 10.85 -29.23
CA ALA G 186 5.31 9.97 -28.08
C ALA G 186 5.75 8.60 -28.58
N VAL G 187 6.74 8.01 -27.91
CA VAL G 187 7.19 6.65 -28.18
C VAL G 187 6.90 5.82 -26.94
N VAL G 188 6.10 4.77 -27.12
CA VAL G 188 5.68 3.91 -26.02
C VAL G 188 6.30 2.54 -26.31
N ASP G 189 7.22 2.10 -25.46
CA ASP G 189 8.02 0.91 -25.72
C ASP G 189 7.52 -0.19 -24.81
N TRP G 190 6.88 -1.23 -25.39
CA TRP G 190 6.43 -2.37 -24.60
C TRP G 190 7.27 -3.62 -24.84
N ASP G 191 8.35 -3.52 -25.59
CA ASP G 191 9.35 -4.56 -25.55
C ASP G 191 9.75 -4.75 -24.09
N VAL G 192 10.02 -5.99 -23.70
CA VAL G 192 10.24 -6.31 -22.29
C VAL G 192 11.54 -5.75 -21.77
N HIS G 193 12.43 -5.29 -22.63
CA HIS G 193 13.71 -4.73 -22.24
C HIS G 193 13.64 -3.21 -22.33
N HIS G 194 14.51 -2.54 -21.57
CA HIS G 194 14.43 -1.09 -21.50
C HIS G 194 14.88 -0.48 -22.83
N GLY G 195 14.12 0.49 -23.33
CA GLY G 195 14.52 1.18 -24.53
C GLY G 195 15.61 2.21 -24.28
N ASN G 196 16.83 1.77 -23.99
CA ASN G 196 17.88 2.70 -23.59
C ASN G 196 18.35 3.54 -24.77
N GLY G 197 18.23 3.00 -25.99
CA GLY G 197 18.63 3.74 -27.17
C GLY G 197 17.69 4.90 -27.46
N THR G 198 16.38 4.62 -27.50
CA THR G 198 15.40 5.68 -27.65
C THR G 198 15.57 6.74 -26.57
N GLN G 199 15.72 6.28 -25.32
CA GLN G 199 15.88 7.21 -24.20
C GLN G 199 17.06 8.14 -24.43
N ALA G 200 18.20 7.59 -24.84
CA ALA G 200 19.40 8.40 -25.00
C ALA G 200 19.28 9.40 -26.14
N CYS G 201 18.62 9.02 -27.23
CA CYS G 201 18.53 9.90 -28.39
C CYS G 201 17.77 11.18 -28.07
N TYR G 202 16.81 11.12 -27.14
CA TYR G 202 15.95 12.26 -26.84
C TYR G 202 16.01 12.74 -25.40
N TYR G 203 17.00 12.28 -24.61
CA TYR G 203 16.96 12.49 -23.18
C TYR G 203 16.92 13.97 -22.80
N ASP G 204 17.57 14.82 -23.58
CA ASP G 204 17.61 16.24 -23.28
C ASP G 204 16.68 17.07 -24.16
N ARG G 205 15.71 16.43 -24.80
CA ARG G 205 14.80 17.09 -25.73
C ARG G 205 13.37 16.93 -25.25
N SER G 206 12.56 17.95 -25.51
CA SER G 206 11.15 17.89 -25.14
C SER G 206 10.24 17.49 -26.28
N ASP G 207 10.77 17.35 -27.50
CA ASP G 207 9.94 17.07 -28.67
C ASP G 207 9.64 15.58 -28.88
N VAL G 208 10.17 14.70 -28.03
CA VAL G 208 9.73 13.31 -27.95
C VAL G 208 9.51 12.96 -26.49
N LEU G 209 8.35 12.38 -26.20
CA LEU G 209 8.11 11.76 -24.90
C LEU G 209 8.43 10.28 -25.04
N THR G 210 9.45 9.82 -24.32
CA THR G 210 9.88 8.42 -24.38
C THR G 210 9.39 7.69 -23.13
N ILE G 211 8.62 6.63 -23.34
CA ILE G 211 8.09 5.81 -22.26
C ILE G 211 8.54 4.39 -22.51
N SER G 212 9.05 3.74 -21.47
CA SER G 212 9.47 2.34 -21.56
C SER G 212 8.85 1.56 -20.42
N VAL G 213 8.09 0.53 -20.76
CA VAL G 213 7.65 -0.46 -19.78
C VAL G 213 8.55 -1.66 -19.99
N HIS G 214 9.21 -2.11 -18.93
CA HIS G 214 10.18 -3.18 -19.12
C HIS G 214 10.34 -4.00 -17.86
N GLN G 215 10.92 -5.19 -18.00
CA GLN G 215 11.18 -6.02 -16.84
C GLN G 215 12.31 -5.40 -16.02
N ASP G 216 12.05 -5.20 -14.74
CA ASP G 216 13.04 -4.63 -13.83
C ASP G 216 14.32 -5.45 -13.88
N ARG G 217 15.45 -4.77 -14.11
CA ARG G 217 16.80 -5.33 -14.01
C ARG G 217 17.21 -6.23 -15.16
N CYS G 218 16.41 -6.34 -16.23
CA CYS G 218 16.69 -7.36 -17.25
C CYS G 218 17.73 -6.91 -18.27
N PHE G 219 17.35 -6.00 -19.17
CA PHE G 219 18.36 -5.53 -20.10
C PHE G 219 18.18 -4.05 -20.40
N PRO G 220 19.18 -3.22 -20.09
CA PRO G 220 20.52 -3.53 -19.54
C PRO G 220 20.50 -4.19 -18.16
N PRO G 221 21.39 -5.15 -17.88
CA PRO G 221 21.24 -5.97 -16.67
C PRO G 221 21.44 -5.14 -15.40
N GLY G 222 20.51 -5.29 -14.45
CA GLY G 222 20.55 -4.54 -13.23
C GLY G 222 19.86 -3.19 -13.29
N TYR G 223 19.42 -2.74 -14.46
CA TYR G 223 18.86 -1.40 -14.63
C TYR G 223 17.37 -1.37 -14.32
N SER G 224 16.97 -0.34 -13.56
CA SER G 224 15.56 -0.10 -13.24
C SER G 224 15.09 1.19 -13.89
N GLY G 225 15.56 2.34 -13.41
CA GLY G 225 15.50 3.58 -14.16
C GLY G 225 14.37 4.54 -13.85
N VAL G 226 13.55 4.27 -12.82
CA VAL G 226 12.45 5.18 -12.49
C VAL G 226 12.94 6.62 -12.34
N GLU G 227 14.11 6.79 -11.73
CA GLU G 227 14.57 8.13 -11.39
C GLU G 227 15.11 8.91 -12.59
N GLU G 228 15.31 8.23 -13.73
CA GLU G 228 15.82 8.88 -14.93
C GLU G 228 14.64 9.50 -15.67
N ARG G 229 14.38 10.78 -15.40
CA ARG G 229 13.20 11.45 -15.91
C ARG G 229 13.53 12.46 -17.02
N GLY G 230 14.78 12.50 -17.46
CA GLY G 230 15.22 13.43 -18.49
C GLY G 230 16.14 14.48 -17.91
N GLU G 231 16.67 15.33 -18.79
CA GLU G 231 17.55 16.39 -18.35
C GLU G 231 17.34 17.63 -19.21
N GLY G 232 17.48 18.80 -18.58
CA GLY G 232 17.32 20.04 -19.33
C GLY G 232 15.92 20.17 -19.90
N ALA G 233 15.86 20.46 -21.20
CA ALA G 233 14.57 20.56 -21.89
C ALA G 233 13.79 19.26 -21.83
N GLY G 234 14.48 18.14 -21.64
CA GLY G 234 13.78 16.86 -21.55
C GLY G 234 13.31 16.46 -20.17
N LEU G 235 13.54 17.29 -19.14
CA LEU G 235 13.12 16.91 -17.80
C LEU G 235 11.61 16.70 -17.78
N GLY G 236 11.19 15.53 -17.29
CA GLY G 236 9.79 15.15 -17.26
C GLY G 236 9.30 14.47 -18.53
N HIS G 237 10.13 14.34 -19.55
CA HIS G 237 9.73 13.79 -20.84
C HIS G 237 10.33 12.41 -21.10
N ASN G 238 10.80 11.74 -20.06
CA ASN G 238 11.19 10.34 -20.12
C ASN G 238 10.57 9.63 -18.93
N ILE G 239 9.92 8.50 -19.19
CA ILE G 239 9.20 7.76 -18.16
C ILE G 239 9.61 6.30 -18.26
N ASN G 240 10.29 5.80 -17.23
CA ASN G 240 10.64 4.39 -17.14
C ASN G 240 9.75 3.70 -16.13
N ILE G 241 9.16 2.57 -16.54
CA ILE G 241 8.22 1.84 -15.73
C ILE G 241 8.74 0.41 -15.58
N PRO G 242 9.66 0.15 -14.65
CA PRO G 242 10.17 -1.22 -14.46
C PRO G 242 9.15 -2.03 -13.69
N LEU G 243 8.73 -3.13 -14.29
CA LEU G 243 7.77 -4.04 -13.68
C LEU G 243 8.49 -5.30 -13.20
N PRO G 244 7.99 -5.92 -12.13
CA PRO G 244 8.66 -7.12 -11.61
C PRO G 244 8.62 -8.25 -12.63
N ALA G 245 9.71 -9.02 -12.67
CA ALA G 245 9.66 -10.31 -13.32
C ALA G 245 8.43 -11.07 -12.85
N GLY G 246 7.80 -11.80 -13.76
CA GLY G 246 6.60 -12.53 -13.40
C GLY G 246 5.33 -11.74 -13.50
N SER G 247 5.36 -10.54 -14.06
CA SER G 247 4.13 -9.75 -14.21
C SER G 247 3.29 -10.30 -15.36
N GLY G 248 1.97 -10.26 -15.20
CA GLY G 248 1.06 -10.69 -16.21
C GLY G 248 0.23 -9.56 -16.80
N GLN G 249 -0.87 -9.94 -17.46
CA GLN G 249 -1.69 -8.96 -18.16
C GLN G 249 -2.25 -7.91 -17.21
N ASP G 250 -2.75 -8.32 -16.04
CA ASP G 250 -3.32 -7.38 -15.08
C ASP G 250 -2.35 -6.25 -14.75
N THR G 251 -1.09 -6.59 -14.48
CA THR G 251 -0.10 -5.59 -14.09
C THR G 251 0.21 -4.65 -15.25
N TYR G 252 0.39 -5.20 -16.46
CA TYR G 252 0.68 -4.37 -17.62
C TYR G 252 -0.47 -3.42 -17.91
N VAL G 253 -1.70 -3.93 -17.90
CA VAL G 253 -2.86 -3.08 -18.16
C VAL G 253 -2.95 -1.95 -17.14
N HIS G 254 -2.70 -2.26 -15.86
CA HIS G 254 -2.76 -1.24 -14.82
C HIS G 254 -1.70 -0.16 -15.05
N ALA G 255 -0.49 -0.57 -15.45
CA ALA G 255 0.53 0.42 -15.72
C ALA G 255 0.15 1.30 -16.90
N PHE G 256 -0.51 0.72 -17.91
CA PHE G 256 -0.93 1.55 -19.04
C PHE G 256 -2.04 2.51 -18.62
N GLU G 257 -2.99 2.03 -17.81
CA GLU G 257 -4.11 2.87 -17.40
C GLU G 257 -3.67 4.01 -16.50
N THR G 258 -2.70 3.76 -15.61
CA THR G 258 -2.38 4.73 -14.55
C THR G 258 -1.15 5.57 -14.83
N ILE G 259 -0.27 5.14 -15.74
CA ILE G 259 0.91 5.92 -16.07
C ILE G 259 0.95 6.32 -17.53
N VAL G 260 0.86 5.34 -18.43
CA VAL G 260 1.09 5.62 -19.85
C VAL G 260 0.03 6.57 -20.40
N LEU G 261 -1.24 6.18 -20.25
CA LEU G 261 -2.33 6.99 -20.81
C LEU G 261 -2.37 8.40 -20.23
N PRO G 262 -2.30 8.59 -18.91
CA PRO G 262 -2.23 9.98 -18.39
C PRO G 262 -1.06 10.78 -18.92
N ALA G 263 0.11 10.15 -19.11
CA ALA G 263 1.24 10.88 -19.65
C ALA G 263 1.00 11.32 -21.09
N LEU G 264 0.41 10.44 -21.90
CA LEU G 264 0.09 10.81 -23.28
C LEU G 264 -0.92 11.96 -23.33
N ASP G 265 -1.91 11.94 -22.44
CA ASP G 265 -2.93 12.98 -22.45
C ASP G 265 -2.34 14.35 -22.17
N ARG G 266 -1.43 14.42 -21.20
CA ARG G 266 -0.81 15.70 -20.87
C ARG G 266 0.10 16.18 -21.99
N TYR G 267 0.80 15.26 -22.64
CA TYR G 267 1.82 15.64 -23.61
C TYR G 267 1.23 16.07 -24.95
N ARG G 268 0.09 15.50 -25.33
CA ARG G 268 -0.64 15.84 -26.55
C ARG G 268 0.25 15.71 -27.78
N PRO G 269 0.67 14.49 -28.11
CA PRO G 269 1.53 14.30 -29.28
C PRO G 269 0.73 14.38 -30.58
N ASP G 270 1.45 14.60 -31.67
CA ASP G 270 0.88 14.58 -33.02
C ASP G 270 0.88 13.19 -33.62
N LEU G 271 1.55 12.24 -32.97
CA LEU G 271 1.79 10.90 -33.49
C LEU G 271 2.22 10.05 -32.32
N ILE G 272 1.69 8.84 -32.24
CA ILE G 272 2.14 7.85 -31.26
C ILE G 272 2.86 6.73 -31.99
N VAL G 273 4.09 6.45 -31.54
CA VAL G 273 4.88 5.33 -32.04
C VAL G 273 4.99 4.31 -30.92
N VAL G 274 4.71 3.03 -31.23
CA VAL G 274 4.90 1.95 -30.28
C VAL G 274 6.12 1.16 -30.72
N ALA G 275 7.08 1.00 -29.82
CA ALA G 275 8.22 0.11 -30.03
C ALA G 275 7.75 -1.24 -29.53
N SER G 276 7.38 -2.13 -30.46
CA SER G 276 6.66 -3.35 -30.17
C SER G 276 7.61 -4.54 -30.22
N GLY G 277 8.25 -4.82 -29.11
CA GLY G 277 8.86 -6.12 -28.91
C GLY G 277 7.82 -7.05 -28.35
N LEU G 278 7.88 -8.31 -28.74
CA LEU G 278 6.92 -9.31 -28.30
C LEU G 278 7.53 -10.27 -27.28
N ASP G 279 8.62 -9.86 -26.65
CA ASP G 279 9.36 -10.73 -25.73
C ASP G 279 8.83 -10.72 -24.31
N ALA G 280 7.74 -10.01 -24.03
CA ALA G 280 7.04 -10.18 -22.76
C ALA G 280 6.11 -11.38 -22.78
N ASN G 281 6.10 -12.15 -23.89
CA ASN G 281 5.20 -13.28 -23.99
C ASN G 281 5.60 -14.37 -23.00
N ALA G 282 4.61 -15.19 -22.64
CA ALA G 282 4.68 -16.14 -21.54
C ALA G 282 5.70 -17.26 -21.74
N VAL G 283 6.22 -17.48 -22.94
CA VAL G 283 7.24 -18.53 -23.16
C VAL G 283 8.54 -17.96 -23.73
N ASP G 284 8.79 -16.66 -23.55
CA ASP G 284 10.02 -16.16 -24.15
C ASP G 284 11.23 -16.56 -23.32
N PRO G 285 12.31 -17.03 -23.96
CA PRO G 285 13.52 -17.32 -23.17
C PRO G 285 14.22 -16.10 -22.62
N LEU G 286 14.02 -14.89 -23.19
CA LEU G 286 14.84 -13.75 -22.82
C LEU G 286 14.14 -12.78 -21.86
N ALA G 287 13.02 -13.18 -21.28
CA ALA G 287 12.42 -12.45 -20.18
C ALA G 287 11.52 -13.40 -19.40
N ARG G 288 10.92 -12.87 -18.35
CA ARG G 288 10.17 -13.65 -17.36
C ARG G 288 8.73 -13.17 -17.22
N MET G 289 8.15 -12.61 -18.27
CA MET G 289 6.80 -12.05 -18.15
C MET G 289 5.76 -13.03 -18.68
N LEU G 290 4.49 -12.67 -18.47
CA LEU G 290 3.38 -13.60 -18.66
C LEU G 290 2.32 -13.05 -19.61
N LEU G 291 2.70 -12.18 -20.54
CA LEU G 291 1.70 -11.71 -21.50
C LEU G 291 1.40 -12.79 -22.55
N PHE G 292 0.20 -12.72 -23.11
CA PHE G 292 -0.15 -13.63 -24.21
C PHE G 292 -0.95 -12.86 -25.24
N SER G 293 -1.45 -13.56 -26.27
CA SER G 293 -2.00 -12.85 -27.42
C SER G 293 -3.15 -11.92 -27.01
N GLU G 294 -4.00 -12.35 -26.09
CA GLU G 294 -5.09 -11.49 -25.64
C GLU G 294 -4.59 -10.21 -24.98
N SER G 295 -3.47 -10.27 -24.27
CA SER G 295 -2.91 -9.08 -23.65
C SER G 295 -2.53 -8.06 -24.71
N TYR G 296 -1.91 -8.51 -25.79
CA TYR G 296 -1.50 -7.61 -26.86
C TYR G 296 -2.71 -7.03 -27.59
N ARG G 297 -3.81 -7.76 -27.66
CA ARG G 297 -5.05 -7.16 -28.16
C ARG G 297 -5.48 -5.99 -27.29
N VAL G 298 -5.45 -6.19 -25.97
CA VAL G 298 -5.90 -5.13 -25.06
C VAL G 298 -4.97 -3.92 -25.16
N LEU G 299 -3.65 -4.15 -25.12
CA LEU G 299 -2.71 -3.03 -25.14
C LEU G 299 -2.78 -2.28 -26.46
N THR G 300 -2.92 -3.00 -27.59
CA THR G 300 -3.02 -2.32 -28.88
C THR G 300 -4.29 -1.47 -28.91
N GLY G 301 -5.38 -2.02 -28.40
CA GLY G 301 -6.63 -1.27 -28.36
C GLY G 301 -6.51 0.00 -27.52
N MET G 302 -5.77 -0.07 -26.42
CA MET G 302 -5.57 1.13 -25.59
C MET G 302 -4.79 2.19 -26.33
N MET G 303 -3.76 1.79 -27.08
CA MET G 303 -2.98 2.73 -27.88
CA MET G 303 -2.99 2.76 -27.85
C MET G 303 -3.80 3.30 -29.02
N MET G 304 -4.64 2.48 -29.65
CA MET G 304 -5.51 2.97 -30.70
C MET G 304 -6.51 3.99 -30.16
N ASP G 305 -7.09 3.72 -29.00
CA ASP G 305 -8.05 4.67 -28.44
C ASP G 305 -7.36 5.97 -28.05
N ALA G 306 -6.13 5.87 -27.54
CA ALA G 306 -5.36 7.08 -27.24
C ALA G 306 -5.09 7.87 -28.50
N ALA G 307 -4.63 7.18 -29.57
CA ALA G 307 -4.36 7.88 -30.82
C ALA G 307 -5.64 8.48 -31.40
N ASP G 308 -6.77 7.79 -31.24
CA ASP G 308 -8.04 8.34 -31.71
C ASP G 308 -8.36 9.64 -30.99
N ARG G 309 -8.10 9.70 -29.68
CA ARG G 309 -8.41 10.89 -28.89
CA ARG G 309 -8.42 10.89 -28.90
C ARG G 309 -7.43 12.02 -29.17
N LEU G 310 -6.14 11.69 -29.35
CA LEU G 310 -5.07 12.68 -29.32
C LEU G 310 -4.57 13.12 -30.69
N CYS G 311 -4.54 12.23 -31.69
CA CYS G 311 -3.85 12.58 -32.93
C CYS G 311 -4.48 11.89 -34.14
N GLU G 312 -5.82 11.91 -34.21
CA GLU G 312 -6.54 11.45 -35.38
C GLU G 312 -6.21 10.00 -35.75
N GLY G 313 -5.94 9.17 -34.74
CA GLY G 313 -5.64 7.76 -34.98
C GLY G 313 -4.23 7.47 -35.44
N ARG G 314 -3.35 8.46 -35.48
CA ARG G 314 -2.01 8.28 -36.03
C ARG G 314 -1.17 7.45 -35.07
N LEU G 315 -1.00 6.18 -35.42
CA LEU G 315 -0.31 5.20 -34.57
C LEU G 315 0.57 4.35 -35.48
N ALA G 316 1.88 4.35 -35.23
CA ALA G 316 2.82 3.52 -35.99
C ALA G 316 3.47 2.57 -35.01
N VAL G 317 3.46 1.29 -35.34
CA VAL G 317 3.99 0.24 -34.47
C VAL G 317 5.21 -0.36 -35.16
N VAL G 318 6.35 -0.38 -34.46
CA VAL G 318 7.61 -0.81 -35.04
C VAL G 318 8.14 -1.99 -34.24
N HIS G 319 8.42 -3.10 -34.93
CA HIS G 319 8.84 -4.31 -34.23
C HIS G 319 10.21 -4.13 -33.60
N GLU G 320 10.39 -4.71 -32.41
CA GLU G 320 11.70 -4.77 -31.76
C GLU G 320 12.07 -6.23 -31.49
N GLY G 321 12.01 -6.67 -30.23
CA GLY G 321 12.40 -8.02 -29.86
C GLY G 321 11.25 -9.04 -29.95
N GLY G 322 11.54 -10.24 -29.45
CA GLY G 322 10.60 -11.35 -29.45
C GLY G 322 11.34 -12.61 -29.86
N TYR G 323 11.41 -13.63 -29.00
CA TYR G 323 12.38 -14.70 -29.19
C TYR G 323 11.80 -16.10 -29.09
N SER G 324 10.48 -16.23 -29.01
CA SER G 324 9.82 -17.53 -29.07
C SER G 324 9.33 -17.74 -30.50
N GLU G 325 10.03 -18.61 -31.24
CA GLU G 325 9.58 -18.93 -32.58
C GLU G 325 8.17 -19.48 -32.58
N ALA G 326 7.82 -20.26 -31.56
CA ALA G 326 6.50 -20.89 -31.54
C ALA G 326 5.40 -19.89 -31.24
N TYR G 327 5.65 -18.95 -30.32
CA TYR G 327 4.53 -18.17 -29.80
C TYR G 327 4.46 -16.73 -30.28
N VAL G 328 5.59 -16.12 -30.62
CA VAL G 328 5.58 -14.74 -31.13
C VAL G 328 4.58 -14.55 -32.27
N PRO G 329 4.43 -15.51 -33.20
CA PRO G 329 3.47 -15.28 -34.30
C PRO G 329 2.06 -14.97 -33.82
N PHE G 330 1.59 -15.62 -32.75
CA PHE G 330 0.22 -15.39 -32.31
C PHE G 330 0.05 -14.02 -31.68
N CYS G 331 1.09 -13.53 -31.00
CA CYS G 331 1.03 -12.19 -30.44
C CYS G 331 1.07 -11.13 -31.54
N GLY G 332 1.95 -11.31 -32.53
CA GLY G 332 2.01 -10.37 -33.62
C GLY G 332 0.72 -10.36 -34.42
N GLN G 333 0.18 -11.54 -34.71
CA GLN G 333 -1.10 -11.65 -35.41
C GLN G 333 -2.19 -10.90 -34.67
N ALA G 334 -2.24 -11.05 -33.34
CA ALA G 334 -3.26 -10.36 -32.54
C ALA G 334 -3.15 -8.86 -32.65
N ILE G 335 -1.91 -8.33 -32.66
CA ILE G 335 -1.71 -6.89 -32.76
C ILE G 335 -2.22 -6.37 -34.10
N VAL G 336 -1.84 -7.03 -35.19
CA VAL G 336 -2.20 -6.55 -36.52
C VAL G 336 -3.71 -6.66 -36.73
N GLU G 337 -4.32 -7.74 -36.25
CA GLU G 337 -5.78 -7.84 -36.30
C GLU G 337 -6.43 -6.68 -35.58
N THR G 338 -5.85 -6.28 -34.45
CA THR G 338 -6.43 -5.17 -33.69
C THR G 338 -6.26 -3.85 -34.44
N LEU G 339 -5.07 -3.60 -34.99
CA LEU G 339 -4.83 -2.38 -35.77
C LEU G 339 -5.81 -2.29 -36.94
N ALA G 340 -6.07 -3.41 -37.62
CA ALA G 340 -6.93 -3.44 -38.79
C ALA G 340 -8.41 -3.55 -38.45
N GLY G 341 -8.76 -3.85 -37.20
CA GLY G 341 -10.16 -4.06 -36.81
C GLY G 341 -10.81 -5.22 -37.50
N VAL G 342 -10.07 -6.30 -37.76
CA VAL G 342 -10.56 -7.43 -38.56
C VAL G 342 -10.07 -8.72 -37.90
N ARG G 343 -11.00 -9.58 -37.47
CA ARG G 343 -10.63 -10.88 -36.94
C ARG G 343 -10.45 -11.88 -38.08
N THR G 344 -9.76 -12.98 -37.79
CA THR G 344 -9.46 -14.02 -38.76
C THR G 344 -9.88 -15.38 -38.20
N GLY G 345 -9.62 -16.43 -38.97
CA GLY G 345 -9.83 -17.77 -38.47
C GLY G 345 -8.76 -18.27 -37.51
N VAL G 346 -7.69 -17.50 -37.29
CA VAL G 346 -6.60 -17.96 -36.43
C VAL G 346 -7.10 -18.13 -35.01
N VAL G 347 -6.84 -19.30 -34.42
CA VAL G 347 -7.09 -19.51 -33.00
C VAL G 347 -5.76 -19.80 -32.32
N ASP G 348 -5.44 -19.01 -31.32
CA ASP G 348 -4.22 -19.21 -30.54
C ASP G 348 -4.40 -20.48 -29.72
N PRO G 349 -3.57 -21.51 -29.94
CA PRO G 349 -3.77 -22.78 -29.22
C PRO G 349 -3.48 -22.70 -27.73
N GLU G 350 -2.86 -21.63 -27.25
CA GLU G 350 -2.44 -21.54 -25.86
C GLU G 350 -3.32 -20.64 -25.03
N LEU G 351 -4.45 -20.18 -25.58
CA LEU G 351 -5.27 -19.18 -24.89
C LEU G 351 -5.67 -19.64 -23.51
N GLU G 352 -6.12 -20.90 -23.39
CA GLU G 352 -6.61 -21.38 -22.11
C GLU G 352 -5.48 -21.58 -21.12
N MET G 353 -4.37 -22.19 -21.58
CA MET G 353 -3.27 -22.44 -20.65
C MET G 353 -2.63 -21.15 -20.17
N PHE G 354 -2.43 -20.18 -21.07
CA PHE G 354 -1.75 -18.96 -20.64
C PHE G 354 -2.64 -18.10 -19.77
N ALA G 355 -3.97 -18.19 -19.93
CA ALA G 355 -4.86 -17.58 -18.96
C ALA G 355 -4.73 -18.22 -17.58
N LEU G 356 -4.58 -19.55 -17.53
CA LEU G 356 -4.42 -20.24 -16.26
C LEU G 356 -3.10 -19.89 -15.57
N TRP G 357 -2.06 -19.56 -16.36
CA TRP G 357 -0.77 -19.18 -15.80
C TRP G 357 -0.76 -17.81 -15.13
N GLN G 358 -1.76 -16.96 -15.35
CA GLN G 358 -1.69 -15.60 -14.85
C GLN G 358 -1.54 -15.58 -13.33
N PRO G 359 -0.86 -14.56 -12.80
CA PRO G 359 -0.63 -14.51 -11.34
C PRO G 359 -1.94 -14.43 -10.58
N GLY G 360 -1.90 -14.92 -9.33
CA GLY G 360 -3.05 -14.87 -8.46
C GLY G 360 -3.32 -13.47 -7.91
N ASP G 361 -4.45 -13.35 -7.22
CA ASP G 361 -4.88 -12.06 -6.70
C ASP G 361 -3.86 -11.44 -5.75
N ARG G 362 -3.24 -12.25 -4.88
CA ARG G 362 -2.28 -11.72 -3.93
CA ARG G 362 -2.27 -11.72 -3.92
C ARG G 362 -1.13 -11.02 -4.63
N ILE G 363 -0.55 -11.69 -5.63
CA ILE G 363 0.56 -11.10 -6.38
C ILE G 363 0.10 -9.89 -7.17
N ASN G 364 -1.05 -9.99 -7.84
CA ASN G 364 -1.53 -8.86 -8.64
C ASN G 364 -1.74 -7.62 -7.78
N ARG G 365 -2.30 -7.80 -6.58
CA ARG G 365 -2.50 -6.66 -5.70
C ARG G 365 -1.18 -6.00 -5.31
N PHE G 366 -0.15 -6.81 -5.02
CA PHE G 366 1.14 -6.24 -4.68
C PHE G 366 1.75 -5.51 -5.87
N HIS G 367 1.69 -6.11 -7.08
CA HIS G 367 2.23 -5.45 -8.25
C HIS G 367 1.50 -4.14 -8.53
N ARG G 368 0.18 -4.11 -8.31
CA ARG G 368 -0.58 -2.88 -8.48
C ARG G 368 -0.09 -1.79 -7.53
N GLU G 369 0.19 -2.18 -6.29
CA GLU G 369 0.74 -1.25 -5.32
C GLU G 369 2.07 -0.66 -5.79
N LEU G 370 2.94 -1.51 -6.34
CA LEU G 370 4.20 -1.01 -6.86
C LEU G 370 3.98 -0.03 -8.02
N VAL G 371 3.04 -0.36 -8.91
CA VAL G 371 2.73 0.55 -10.01
C VAL G 371 2.15 1.86 -9.48
N ASP G 372 1.23 1.77 -8.51
CA ASP G 372 0.64 2.98 -7.94
C ASP G 372 1.70 3.89 -7.33
N GLU G 373 2.72 3.30 -6.70
CA GLU G 373 3.79 4.12 -6.12
C GLU G 373 4.60 4.84 -7.20
N MET G 374 4.94 4.13 -8.28
CA MET G 374 5.63 4.79 -9.38
C MET G 374 4.77 5.88 -9.99
N ALA G 375 3.46 5.64 -10.13
CA ALA G 375 2.60 6.63 -10.74
C ALA G 375 2.62 7.94 -9.98
N ALA G 376 2.65 7.86 -8.65
CA ALA G 376 2.68 9.07 -7.82
C ALA G 376 3.98 9.84 -8.04
N VAL G 377 5.10 9.13 -8.19
CA VAL G 377 6.37 9.78 -8.50
C VAL G 377 6.34 10.29 -9.93
N LEU G 378 6.24 9.38 -10.90
CA LEU G 378 6.27 9.73 -12.32
C LEU G 378 5.13 10.67 -12.72
N LEU G 379 4.14 10.88 -11.84
CA LEU G 379 3.12 11.93 -11.92
C LEU G 379 3.41 13.07 -12.90
N MET H 12 16.71 -25.48 41.48
CA MET H 12 15.46 -25.58 40.73
C MET H 12 15.62 -26.52 39.52
N SER H 13 14.70 -27.49 39.40
CA SER H 13 15.01 -28.73 38.69
C SER H 13 14.60 -28.76 37.23
N ASN H 14 13.57 -27.99 36.84
CA ASN H 14 12.89 -28.06 35.53
C ASN H 14 11.73 -29.07 35.52
N THR H 15 11.36 -29.60 36.68
CA THR H 15 10.22 -30.51 36.79
C THR H 15 9.09 -29.80 37.52
N GLY H 16 7.90 -29.84 36.93
CA GLY H 16 6.74 -29.24 37.55
C GLY H 16 5.97 -30.30 38.34
N PHE H 17 5.41 -29.87 39.46
CA PHE H 17 4.49 -30.71 40.24
C PHE H 17 3.20 -29.94 40.47
N TYR H 18 2.10 -30.49 39.99
CA TYR H 18 0.82 -29.78 39.91
C TYR H 18 -0.13 -30.41 40.92
N THR H 19 -0.51 -29.64 41.95
CA THR H 19 -1.36 -30.14 42.99
C THR H 19 -2.21 -29.00 43.53
N HIS H 20 -3.37 -29.33 44.06
CA HIS H 20 -4.21 -28.35 44.72
C HIS H 20 -4.96 -29.02 45.86
N GLU H 21 -5.09 -28.29 46.98
CA GLU H 21 -5.70 -28.85 48.18
C GLU H 21 -7.08 -29.44 47.93
N SER H 22 -7.87 -28.85 47.02
CA SER H 22 -9.26 -29.28 46.86
C SER H 22 -9.38 -30.71 46.36
N THR H 23 -8.35 -31.22 45.66
CA THR H 23 -8.36 -32.60 45.18
C THR H 23 -8.48 -33.60 46.32
N PHE H 24 -8.04 -33.22 47.52
CA PHE H 24 -8.15 -34.11 48.68
C PHE H 24 -9.51 -33.99 49.38
N TRP H 25 -10.36 -33.07 48.94
CA TRP H 25 -11.68 -32.88 49.54
C TRP H 25 -12.78 -33.63 48.80
N HIS H 26 -12.48 -34.20 47.64
CA HIS H 26 -13.42 -35.09 46.97
C HIS H 26 -13.59 -36.36 47.81
N SER H 27 -14.84 -36.81 47.96
CA SER H 27 -15.13 -38.00 48.74
C SER H 27 -16.10 -38.91 47.99
N THR H 28 -15.81 -40.21 48.01
CA THR H 28 -16.70 -41.19 47.39
C THR H 28 -17.85 -41.64 48.30
N GLY H 29 -17.90 -41.17 49.54
CA GLY H 29 -18.94 -41.63 50.46
C GLY H 29 -18.51 -42.85 51.26
N VAL H 30 -19.46 -43.43 51.97
CA VAL H 30 -19.18 -44.55 52.86
C VAL H 30 -19.24 -45.84 52.06
N GLN H 31 -18.09 -46.50 51.91
CA GLN H 31 -18.02 -47.84 51.37
C GLN H 31 -17.03 -48.61 52.24
N ALA H 32 -17.20 -49.94 52.27
CA ALA H 32 -16.16 -50.81 52.81
C ALA H 32 -15.29 -51.21 51.65
N LEU H 33 -14.04 -50.72 51.63
CA LEU H 33 -13.22 -50.71 50.41
C LEU H 33 -14.02 -50.00 49.33
N TYR H 34 -14.39 -50.70 48.25
CA TYR H 34 -15.29 -50.14 47.26
C TYR H 34 -16.69 -50.74 47.32
N PHE H 35 -16.97 -51.59 48.31
CA PHE H 35 -18.29 -52.24 48.40
C PHE H 35 -19.29 -51.25 48.98
N PRO H 36 -20.44 -51.05 48.34
CA PRO H 36 -21.49 -50.24 48.97
C PRO H 36 -21.98 -50.90 50.25
N ILE H 37 -22.30 -50.07 51.25
CA ILE H 37 -22.87 -50.63 52.47
C ILE H 37 -24.33 -51.00 52.22
N GLY H 38 -24.83 -51.91 53.04
CA GLY H 38 -26.14 -52.50 52.77
C GLY H 38 -26.35 -53.70 53.66
N GLU H 39 -27.12 -54.67 53.14
CA GLU H 39 -27.59 -55.70 54.07
C GLU H 39 -26.45 -56.55 54.62
N TRP H 40 -25.47 -56.88 53.79
CA TRP H 40 -24.40 -57.75 54.25
C TRP H 40 -23.04 -57.08 54.36
N VAL H 41 -22.88 -55.85 53.87
CA VAL H 41 -21.61 -55.13 53.97
C VAL H 41 -21.71 -54.15 55.13
N GLN H 42 -21.03 -54.46 56.24
CA GLN H 42 -21.06 -53.64 57.43
C GLN H 42 -20.35 -52.31 57.16
N PRO H 43 -20.89 -51.19 57.63
CA PRO H 43 -20.17 -49.92 57.47
C PRO H 43 -18.78 -50.01 58.09
N PRO H 44 -17.79 -49.39 57.49
CA PRO H 44 -16.42 -49.45 58.04
C PRO H 44 -16.29 -48.62 59.30
N SER H 45 -15.33 -49.02 60.14
CA SER H 45 -15.07 -48.29 61.38
C SER H 45 -13.97 -47.25 61.23
N GLY H 46 -12.84 -47.63 60.63
CA GLY H 46 -11.76 -46.68 60.42
C GLY H 46 -11.86 -46.00 59.07
N THR H 47 -10.91 -46.27 58.18
CA THR H 47 -10.94 -45.69 56.85
C THR H 47 -12.17 -46.19 56.10
N TYR H 48 -12.83 -45.26 55.43
CA TYR H 48 -13.97 -45.58 54.59
C TYR H 48 -13.59 -45.29 53.15
N GLY H 49 -14.09 -46.13 52.23
CA GLY H 49 -13.77 -45.98 50.82
C GLY H 49 -12.49 -46.69 50.44
N ALA H 50 -12.22 -46.64 49.13
CA ALA H 50 -10.99 -47.15 48.56
C ALA H 50 -10.11 -46.02 48.01
N ASP H 51 -10.69 -45.15 47.19
CA ASP H 51 -10.02 -43.91 46.78
C ASP H 51 -10.17 -42.92 47.92
N THR H 52 -9.37 -43.12 48.95
CA THR H 52 -9.44 -42.16 50.05
C THR H 52 -8.52 -40.98 49.77
N PRO H 53 -8.80 -39.82 50.33
CA PRO H 53 -7.89 -38.69 50.15
C PRO H 53 -6.46 -39.01 50.53
N GLU H 54 -6.25 -39.85 51.56
CA GLU H 54 -4.90 -40.11 52.05
C GLU H 54 -4.09 -40.97 51.09
N THR H 55 -4.72 -41.76 50.22
CA THR H 55 -3.96 -42.53 49.23
C THR H 55 -3.28 -41.61 48.22
N LYS H 56 -3.62 -40.32 48.20
CA LYS H 56 -2.92 -39.35 47.37
C LYS H 56 -2.21 -38.29 48.20
N ARG H 57 -2.81 -37.83 49.30
CA ARG H 57 -2.16 -36.78 50.07
C ARG H 57 -0.82 -37.25 50.65
N ARG H 58 -0.73 -38.52 51.06
CA ARG H 58 0.49 -38.99 51.70
C ARG H 58 1.67 -38.97 50.75
N PHE H 59 1.42 -39.09 49.44
CA PHE H 59 2.44 -38.92 48.42
C PHE H 59 2.98 -37.49 48.47
N LEU H 60 2.08 -36.51 48.40
CA LEU H 60 2.49 -35.11 48.52
C LEU H 60 3.21 -34.83 49.85
N ASN H 61 2.71 -35.41 50.95
CA ASN H 61 3.33 -35.15 52.24
C ASN H 61 4.77 -35.65 52.28
N LEU H 62 5.02 -36.83 51.72
CA LEU H 62 6.38 -37.36 51.68
C LEU H 62 7.27 -36.49 50.81
N LEU H 63 6.74 -36.02 49.67
CA LEU H 63 7.49 -35.09 48.84
C LEU H 63 7.94 -33.86 49.63
N ARG H 64 7.04 -33.32 50.46
CA ARG H 64 7.42 -32.17 51.28
C ARG H 64 8.47 -32.54 52.31
N MET H 65 8.26 -33.66 53.02
CA MET H 65 9.22 -34.08 54.04
C MET H 65 10.59 -34.32 53.45
N SER H 66 10.67 -34.79 52.20
CA SER H 66 11.95 -35.12 51.58
C SER H 66 12.76 -33.87 51.22
N GLY H 67 12.13 -32.70 51.21
CA GLY H 67 12.76 -31.49 50.72
C GLY H 67 12.66 -31.29 49.23
N LEU H 68 12.18 -32.30 48.49
CA LEU H 68 12.24 -32.24 47.04
C LEU H 68 11.39 -31.11 46.48
N THR H 69 10.29 -30.75 47.17
CA THR H 69 9.44 -29.66 46.69
C THR H 69 10.18 -28.34 46.56
N ASP H 70 11.28 -28.16 47.30
CA ASP H 70 12.05 -26.92 47.18
C ASP H 70 12.70 -26.77 45.80
N ARG H 71 12.88 -27.88 45.08
CA ARG H 71 13.50 -27.84 43.76
C ARG H 71 12.51 -28.10 42.65
N LEU H 72 11.22 -28.20 42.96
CA LEU H 72 10.19 -28.41 41.96
C LEU H 72 9.46 -27.11 41.69
N VAL H 73 9.09 -26.90 40.43
CA VAL H 73 8.21 -25.80 40.03
C VAL H 73 6.78 -26.22 40.37
N MET H 74 6.12 -25.45 41.24
CA MET H 74 4.79 -25.82 41.74
C MET H 74 3.78 -24.71 41.52
N PRO H 75 3.26 -24.57 40.31
CA PRO H 75 2.30 -23.51 40.02
C PRO H 75 0.98 -23.73 40.75
N ALA H 76 0.26 -22.63 40.96
CA ALA H 76 -1.05 -22.71 41.58
C ALA H 76 -2.03 -23.39 40.63
N GLY H 77 -2.86 -24.27 41.17
CA GLY H 77 -3.79 -25.00 40.35
C GLY H 77 -4.87 -24.09 39.77
N GLU H 78 -5.27 -24.39 38.54
CA GLU H 78 -6.30 -23.64 37.84
C GLU H 78 -7.24 -24.66 37.23
N PRO H 79 -8.54 -24.55 37.43
CA PRO H 79 -9.46 -25.56 36.90
C PRO H 79 -9.64 -25.39 35.40
N VAL H 80 -10.03 -26.48 34.75
CA VAL H 80 -10.50 -26.38 33.36
C VAL H 80 -11.87 -25.74 33.37
N THR H 81 -12.33 -25.31 32.20
CA THR H 81 -13.65 -24.72 32.05
C THR H 81 -14.62 -25.74 31.47
N VAL H 82 -15.90 -25.37 31.46
CA VAL H 82 -16.90 -26.19 30.80
C VAL H 82 -16.57 -26.35 29.32
N GLU H 83 -16.07 -25.27 28.70
CA GLU H 83 -15.68 -25.37 27.29
C GLU H 83 -14.60 -26.44 27.09
N ASP H 84 -13.62 -26.50 27.98
CA ASP H 84 -12.61 -27.55 27.90
C ASP H 84 -13.26 -28.93 28.00
N CYS H 85 -14.22 -29.09 28.92
CA CYS H 85 -14.88 -30.37 29.09
C CYS H 85 -15.67 -30.77 27.84
N LEU H 86 -16.29 -29.80 27.18
CA LEU H 86 -17.15 -30.09 26.04
C LEU H 86 -16.40 -30.54 24.80
N ARG H 87 -15.07 -30.49 24.80
CA ARG H 87 -14.32 -31.09 23.71
C ARG H 87 -14.35 -32.61 23.76
N ILE H 88 -14.71 -33.19 24.91
CA ILE H 88 -14.75 -34.64 25.10
C ILE H 88 -16.14 -35.13 25.48
N HIS H 89 -16.79 -34.44 26.42
CA HIS H 89 -18.04 -34.88 27.01
C HIS H 89 -19.22 -34.13 26.42
N PRO H 90 -20.35 -34.80 26.21
CA PRO H 90 -21.55 -34.09 25.75
C PRO H 90 -22.08 -33.17 26.84
N ALA H 91 -22.80 -32.12 26.40
CA ALA H 91 -23.30 -31.12 27.35
C ALA H 91 -24.30 -31.73 28.32
N ASP H 92 -25.00 -32.79 27.92
CA ASP H 92 -25.98 -33.41 28.82
C ASP H 92 -25.29 -34.00 30.05
N TYR H 93 -24.20 -34.74 29.85
CA TYR H 93 -23.48 -35.30 30.99
C TYR H 93 -22.98 -34.21 31.92
N ILE H 94 -22.31 -33.20 31.37
CA ILE H 94 -21.79 -32.10 32.18
C ILE H 94 -22.91 -31.39 32.93
N ARG H 95 -24.10 -31.30 32.34
CA ARG H 95 -25.22 -30.67 33.03
C ARG H 95 -25.69 -31.53 34.21
N ARG H 96 -25.86 -32.83 33.99
CA ARG H 96 -26.36 -33.70 35.05
C ARG H 96 -25.33 -33.86 36.16
N PHE H 97 -24.05 -33.92 35.81
CA PHE H 97 -22.97 -33.91 36.79
C PHE H 97 -23.07 -32.67 37.69
N LYS H 98 -23.10 -31.48 37.08
CA LYS H 98 -23.16 -30.25 37.86
C LYS H 98 -24.40 -30.19 38.73
N GLU H 99 -25.53 -30.67 38.21
CA GLU H 99 -26.78 -30.60 38.97
C GLU H 99 -26.75 -31.53 40.18
N ALA H 100 -26.23 -32.75 40.01
CA ALA H 100 -26.09 -33.66 41.15
C ALA H 100 -25.10 -33.11 42.17
N SER H 101 -24.00 -32.53 41.68
CA SER H 101 -22.99 -31.99 42.58
C SER H 101 -23.53 -30.81 43.38
N ASP H 102 -24.38 -29.99 42.76
CA ASP H 102 -25.01 -28.89 43.48
C ASP H 102 -26.00 -29.38 44.52
N ALA H 103 -26.55 -30.58 44.36
CA ALA H 103 -27.42 -31.17 45.36
C ALA H 103 -26.59 -31.92 46.39
N GLY H 104 -26.73 -33.24 46.46
CA GLY H 104 -26.01 -34.03 47.44
C GLY H 104 -24.91 -34.91 46.90
N GLY H 105 -24.58 -34.82 45.62
CA GLY H 105 -23.70 -35.77 44.99
C GLY H 105 -24.50 -36.86 44.30
N GLY H 106 -23.82 -37.97 44.02
CA GLY H 106 -24.48 -39.08 43.39
C GLY H 106 -23.47 -40.01 42.73
N ASP H 107 -23.95 -40.74 41.74
CA ASP H 107 -23.09 -41.64 40.96
C ASP H 107 -23.82 -41.82 39.64
N LEU H 108 -23.29 -41.20 38.58
CA LEU H 108 -23.93 -41.23 37.27
C LEU H 108 -23.37 -42.31 36.36
N GLY H 109 -22.59 -43.24 36.89
CA GLY H 109 -21.98 -44.29 36.09
C GLY H 109 -21.83 -45.56 36.89
N MET H 110 -20.75 -46.28 36.63
CA MET H 110 -20.46 -47.54 37.30
C MET H 110 -19.29 -47.30 38.25
N LEU H 111 -19.55 -47.36 39.55
CA LEU H 111 -18.52 -47.21 40.56
C LEU H 111 -17.79 -45.86 40.43
N ALA H 112 -18.57 -44.80 40.30
CA ALA H 112 -18.05 -43.42 40.23
C ALA H 112 -18.82 -42.48 41.17
N PRO H 113 -18.84 -42.79 42.46
CA PRO H 113 -19.57 -41.93 43.40
C PRO H 113 -18.83 -40.63 43.70
N PHE H 114 -19.60 -39.59 44.01
CA PHE H 114 -19.03 -38.31 44.39
C PHE H 114 -19.98 -37.59 45.34
N SER H 115 -19.44 -36.59 46.04
CA SER H 115 -20.19 -35.89 47.08
C SER H 115 -20.56 -34.48 46.59
N LYS H 116 -21.28 -33.75 47.45
CA LYS H 116 -21.62 -32.37 47.14
C LYS H 116 -20.36 -31.57 46.81
N GLY H 117 -20.44 -30.78 45.73
CA GLY H 117 -19.31 -30.01 45.29
C GLY H 117 -18.28 -30.76 44.48
N GLY H 118 -18.51 -32.04 44.19
CA GLY H 118 -17.52 -32.83 43.48
C GLY H 118 -17.28 -32.37 42.05
N PHE H 119 -18.22 -31.63 41.46
CA PHE H 119 -18.03 -31.15 40.10
C PHE H 119 -16.88 -30.14 40.05
N GLU H 120 -16.88 -29.17 40.96
CA GLU H 120 -15.82 -28.17 40.95
C GLU H 120 -14.46 -28.81 41.22
N ILE H 121 -14.41 -29.82 42.08
CA ILE H 121 -13.14 -30.49 42.36
C ILE H 121 -12.65 -31.23 41.13
N ALA H 122 -13.58 -31.84 40.38
CA ALA H 122 -13.20 -32.54 39.17
C ALA H 122 -12.63 -31.57 38.13
N LEU H 123 -13.19 -30.36 38.05
CA LEU H 123 -12.63 -29.37 37.14
C LEU H 123 -11.21 -29.00 37.55
N MET H 124 -10.93 -28.94 38.85
CA MET H 124 -9.59 -28.63 39.30
C MET H 124 -8.64 -29.78 39.03
N SER H 125 -9.10 -31.01 39.24
CA SER H 125 -8.27 -32.17 38.96
C SER H 125 -7.89 -32.21 37.48
N ALA H 126 -8.86 -32.02 36.59
CA ALA H 126 -8.56 -31.96 35.17
C ALA H 126 -7.64 -30.79 34.85
N GLY H 127 -7.80 -29.67 35.56
CA GLY H 127 -6.94 -28.52 35.33
C GLY H 127 -5.49 -28.76 35.67
N LEU H 128 -5.21 -29.60 36.67
CA LEU H 128 -3.82 -29.93 36.97
C LEU H 128 -3.19 -30.67 35.80
N ALA H 129 -3.94 -31.58 35.19
CA ALA H 129 -3.45 -32.27 34.00
C ALA H 129 -3.31 -31.31 32.83
N ARG H 130 -4.31 -30.43 32.62
CA ARG H 130 -4.22 -29.47 31.53
C ARG H 130 -2.98 -28.60 31.67
N ALA H 131 -2.72 -28.08 32.87
CA ALA H 131 -1.59 -27.17 33.06
C ALA H 131 -0.26 -27.88 32.90
N ALA H 132 -0.16 -29.11 33.41
CA ALA H 132 1.09 -29.86 33.30
C ALA H 132 1.44 -30.10 31.84
N ILE H 133 0.46 -30.51 31.04
CA ILE H 133 0.72 -30.78 29.63
C ILE H 133 1.05 -29.51 28.88
N ASP H 134 0.31 -28.42 29.16
CA ASP H 134 0.58 -27.16 28.49
C ASP H 134 1.97 -26.63 28.84
N ASP H 135 2.34 -26.69 30.12
CA ASP H 135 3.65 -26.18 30.54
C ASP H 135 4.79 -27.00 29.95
N VAL H 136 4.59 -28.30 29.75
CA VAL H 136 5.60 -29.10 29.07
C VAL H 136 5.71 -28.68 27.61
N LEU H 137 4.56 -28.47 26.94
CA LEU H 137 4.55 -28.12 25.54
C LEU H 137 5.19 -26.75 25.28
N THR H 138 4.94 -25.79 26.15
CA THR H 138 5.55 -24.48 25.97
C THR H 138 6.97 -24.40 26.51
N GLY H 139 7.42 -25.40 27.24
CA GLY H 139 8.77 -25.41 27.75
C GLY H 139 8.98 -24.68 29.07
N LYS H 140 7.89 -24.30 29.75
CA LYS H 140 8.06 -23.75 31.10
C LYS H 140 8.73 -24.76 32.02
N VAL H 141 8.46 -26.05 31.82
CA VAL H 141 9.16 -27.13 32.50
C VAL H 141 9.52 -28.19 31.46
N ARG H 142 10.55 -28.98 31.79
CA ARG H 142 10.93 -30.08 30.90
C ARG H 142 9.98 -31.27 31.02
N ASN H 143 9.55 -31.58 32.24
CA ASN H 143 8.61 -32.66 32.46
C ASN H 143 7.75 -32.27 33.67
N ALA H 144 6.74 -33.09 33.95
CA ALA H 144 5.81 -32.69 34.99
C ALA H 144 5.07 -33.90 35.54
N TYR H 145 4.62 -33.76 36.79
CA TYR H 145 3.71 -34.71 37.42
C TYR H 145 2.49 -33.94 37.93
N ALA H 146 1.30 -34.37 37.52
CA ALA H 146 0.05 -33.76 37.96
C ALA H 146 -0.64 -34.73 38.92
N LEU H 147 -0.84 -34.29 40.16
CA LEU H 147 -1.47 -35.13 41.18
C LEU H 147 -2.98 -34.98 41.09
N SER H 148 -3.54 -35.56 40.03
CA SER H 148 -4.96 -35.44 39.78
C SER H 148 -5.72 -36.40 40.68
N ARG H 149 -6.78 -35.90 41.31
CA ARG H 149 -7.75 -36.69 42.05
C ARG H 149 -9.02 -35.85 42.00
N PRO H 150 -10.15 -36.41 41.50
CA PRO H 150 -10.37 -37.77 41.02
C PRO H 150 -9.60 -38.10 39.74
N ALA H 151 -9.34 -39.39 39.54
CA ALA H 151 -8.63 -39.86 38.36
C ALA H 151 -9.51 -39.73 37.12
N GLY H 152 -8.94 -40.08 35.96
CA GLY H 152 -9.67 -39.87 34.73
C GLY H 152 -9.70 -40.99 33.71
N HIS H 153 -8.81 -41.98 33.80
CA HIS H 153 -8.59 -42.84 32.64
C HIS H 153 -9.68 -43.89 32.39
N HIS H 154 -10.66 -44.05 33.29
CA HIS H 154 -11.79 -44.92 33.00
C HIS H 154 -13.00 -44.16 32.49
N CYS H 155 -12.96 -42.84 32.47
CA CYS H 155 -14.15 -42.06 32.13
C CYS H 155 -14.39 -42.10 30.62
N LEU H 156 -15.54 -42.65 30.22
CA LEU H 156 -15.98 -42.58 28.84
C LEU H 156 -16.57 -41.20 28.57
N PRO H 157 -16.64 -40.79 27.30
CA PRO H 157 -17.23 -39.48 26.99
C PRO H 157 -18.58 -39.20 27.64
N ASP H 158 -19.46 -40.18 27.76
CA ASP H 158 -20.75 -39.94 28.38
C ASP H 158 -20.99 -40.75 29.65
N THR H 159 -19.99 -41.45 30.16
CA THR H 159 -20.21 -42.29 31.33
C THR H 159 -19.00 -42.30 32.25
N PRO H 160 -19.12 -41.77 33.46
CA PRO H 160 -18.03 -41.92 34.44
C PRO H 160 -17.98 -43.35 34.92
N MET H 161 -16.77 -43.79 35.26
CA MET H 161 -16.56 -45.18 35.67
C MET H 161 -15.33 -45.25 36.55
N GLY H 162 -15.32 -46.22 37.46
CA GLY H 162 -14.13 -46.59 38.21
C GLY H 162 -13.37 -45.43 38.84
N PHE H 163 -14.09 -44.62 39.61
CA PHE H 163 -13.55 -43.49 40.36
C PHE H 163 -13.19 -42.29 39.49
N CYS H 164 -13.56 -42.31 38.21
CA CYS H 164 -13.17 -41.27 37.26
C CYS H 164 -14.41 -40.54 36.79
N LEU H 165 -14.42 -39.22 36.97
CA LEU H 165 -15.59 -38.39 36.70
C LEU H 165 -15.45 -37.53 35.45
N LEU H 166 -14.23 -37.18 35.06
CA LEU H 166 -13.97 -36.50 33.79
C LEU H 166 -12.76 -37.14 33.15
N ALA H 167 -12.68 -37.03 31.82
CA ALA H 167 -11.58 -37.65 31.07
C ALA H 167 -10.39 -36.68 31.10
N ASN H 168 -9.65 -36.74 32.22
CA ASN H 168 -8.59 -35.75 32.48
C ASN H 168 -7.58 -35.64 31.34
N ILE H 169 -6.94 -36.75 30.99
CA ILE H 169 -5.92 -36.71 29.93
C ILE H 169 -6.48 -36.25 28.60
N PRO H 170 -7.59 -36.81 28.09
CA PRO H 170 -8.13 -36.31 26.81
C PRO H 170 -8.54 -34.85 26.86
N ILE H 171 -9.18 -34.41 27.93
CA ILE H 171 -9.49 -32.98 28.05
C ILE H 171 -8.22 -32.15 27.94
N ALA H 172 -7.14 -32.62 28.57
CA ALA H 172 -5.90 -31.86 28.58
C ALA H 172 -5.24 -31.86 27.20
N ILE H 173 -5.30 -32.99 26.50
CA ILE H 173 -4.73 -33.05 25.16
C ILE H 173 -5.50 -32.14 24.21
N GLU H 174 -6.84 -32.24 24.24
CA GLU H 174 -7.64 -31.41 23.35
C GLU H 174 -7.54 -29.93 23.67
N ALA H 175 -7.33 -29.57 24.93
CA ALA H 175 -7.12 -28.17 25.26
C ALA H 175 -5.81 -27.67 24.68
N ALA H 176 -4.76 -28.49 24.76
CA ALA H 176 -3.48 -28.12 24.15
C ALA H 176 -3.61 -28.01 22.63
N ARG H 177 -4.34 -28.95 22.01
CA ARG H 177 -4.58 -28.87 20.57
C ARG H 177 -5.27 -27.58 20.18
N ALA H 178 -6.24 -27.13 20.98
CA ALA H 178 -7.00 -25.93 20.63
C ALA H 178 -6.15 -24.68 20.62
N ARG H 179 -5.04 -24.66 21.37
CA ARG H 179 -4.13 -23.52 21.36
C ARG H 179 -2.86 -23.77 20.55
N HIS H 180 -2.30 -24.98 20.65
CA HIS H 180 -0.98 -25.27 20.12
C HIS H 180 -0.96 -26.09 18.85
N GLY H 181 -1.95 -26.94 18.62
CA GLY H 181 -1.93 -27.82 17.47
C GLY H 181 -0.83 -28.85 17.53
N ILE H 182 -1.14 -30.06 18.00
CA ILE H 182 -0.14 -31.12 18.16
C ILE H 182 -0.49 -32.24 17.21
N GLU H 183 0.49 -32.71 16.45
CA GLU H 183 0.25 -33.70 15.42
C GLU H 183 0.05 -35.09 16.00
N ARG H 184 0.89 -35.47 16.96
CA ARG H 184 0.87 -36.82 17.51
C ARG H 184 1.22 -36.78 18.98
N VAL H 185 0.38 -37.42 19.79
CA VAL H 185 0.63 -37.60 21.22
C VAL H 185 0.52 -39.08 21.52
N ALA H 186 1.39 -39.58 22.38
CA ALA H 186 1.29 -40.95 22.87
C ALA H 186 0.91 -40.91 24.34
N VAL H 187 -0.03 -41.78 24.73
CA VAL H 187 -0.43 -41.94 26.13
C VAL H 187 -0.07 -43.35 26.54
N VAL H 188 0.79 -43.46 27.54
CA VAL H 188 1.25 -44.75 28.05
C VAL H 188 0.70 -44.88 29.46
N ASP H 189 -0.17 -45.87 29.67
CA ASP H 189 -0.96 -46.00 30.88
C ASP H 189 -0.39 -47.18 31.65
N TRP H 190 0.28 -46.91 32.77
CA TRP H 190 0.79 -47.97 33.63
C TRP H 190 -0.01 -48.17 34.91
N ASP H 191 -1.11 -47.45 35.08
CA ASP H 191 -2.08 -47.85 36.07
C ASP H 191 -2.43 -49.32 35.83
N VAL H 192 -2.64 -50.06 36.92
CA VAL H 192 -2.80 -51.50 36.81
C VAL H 192 -4.11 -51.91 36.17
N HIS H 193 -5.05 -50.98 35.99
CA HIS H 193 -6.34 -51.27 35.38
C HIS H 193 -6.35 -50.69 33.96
N HIS H 194 -7.19 -51.27 33.10
CA HIS H 194 -7.18 -50.86 31.71
C HIS H 194 -7.71 -49.44 31.55
N GLY H 195 -6.98 -48.62 30.80
CA GLY H 195 -7.48 -47.29 30.49
C GLY H 195 -8.56 -47.29 29.44
N ASN H 196 -9.75 -47.79 29.78
CA ASN H 196 -10.82 -47.90 28.79
C ASN H 196 -11.35 -46.53 28.37
N GLY H 197 -11.26 -45.54 29.26
CA GLY H 197 -11.73 -44.20 28.92
C GLY H 197 -10.83 -43.54 27.89
N THR H 198 -9.53 -43.53 28.12
CA THR H 198 -8.60 -43.02 27.12
C THR H 198 -8.76 -43.76 25.80
N GLN H 199 -8.89 -45.08 25.87
CA GLN H 199 -9.05 -45.87 24.65
C GLN H 199 -10.25 -45.40 23.85
N ALA H 200 -11.38 -45.19 24.54
CA ALA H 200 -12.61 -44.84 23.83
C ALA H 200 -12.56 -43.44 23.25
N CYS H 201 -11.90 -42.50 23.93
CA CYS H 201 -11.86 -41.12 23.45
C CYS H 201 -11.15 -41.01 22.11
N TYR H 202 -10.19 -41.89 21.83
CA TYR H 202 -9.37 -41.78 20.63
C TYR H 202 -9.40 -43.02 19.75
N TYR H 203 -10.40 -43.90 19.92
CA TYR H 203 -10.33 -45.22 19.31
C TYR H 203 -10.28 -45.16 17.79
N ASP H 204 -10.92 -44.16 17.19
CA ASP H 204 -10.98 -44.04 15.74
C ASP H 204 -10.10 -42.90 15.22
N ARG H 205 -9.06 -42.55 15.99
CA ARG H 205 -8.19 -41.44 15.66
C ARG H 205 -6.75 -41.90 15.64
N SER H 206 -5.96 -41.32 14.74
CA SER H 206 -4.54 -41.61 14.62
C SER H 206 -3.65 -40.57 15.29
N ASP H 207 -4.22 -39.44 15.73
CA ASP H 207 -3.41 -38.39 16.33
C ASP H 207 -3.07 -38.66 17.79
N VAL H 208 -3.61 -39.71 18.39
CA VAL H 208 -3.20 -40.17 19.72
C VAL H 208 -2.99 -41.68 19.66
N LEU H 209 -1.82 -42.13 20.08
CA LEU H 209 -1.55 -43.54 20.29
C LEU H 209 -1.83 -43.85 21.76
N THR H 210 -2.78 -44.75 22.01
CA THR H 210 -3.14 -45.11 23.38
C THR H 210 -2.59 -46.50 23.68
N ILE H 211 -1.78 -46.60 24.73
CA ILE H 211 -1.16 -47.85 25.15
C ILE H 211 -1.54 -48.07 26.60
N SER H 212 -2.01 -49.29 26.92
CA SER H 212 -2.36 -49.63 28.28
C SER H 212 -1.67 -50.92 28.68
N VAL H 213 -0.90 -50.88 29.76
CA VAL H 213 -0.38 -52.08 30.39
C VAL H 213 -1.23 -52.30 31.63
N HIS H 214 -1.88 -53.45 31.74
CA HIS H 214 -2.81 -53.62 32.85
C HIS H 214 -2.87 -55.08 33.26
N GLN H 215 -3.41 -55.31 34.45
CA GLN H 215 -3.60 -56.68 34.90
C GLN H 215 -4.72 -57.32 34.11
N ASP H 216 -4.44 -58.48 33.51
CA ASP H 216 -5.42 -59.20 32.73
C ASP H 216 -6.69 -59.44 33.56
N ARG H 217 -7.84 -59.08 33.00
CA ARG H 217 -9.16 -59.39 33.54
C ARG H 217 -9.56 -58.58 34.77
N CYS H 218 -8.78 -57.57 35.16
CA CYS H 218 -9.03 -56.91 36.45
C CYS H 218 -10.15 -55.87 36.38
N PHE H 219 -9.88 -54.71 35.79
CA PHE H 219 -10.96 -53.75 35.66
C PHE H 219 -10.85 -53.06 34.32
N PRO H 220 -11.87 -53.17 33.44
CA PRO H 220 -13.17 -53.89 33.59
C PRO H 220 -13.06 -55.40 33.85
N PRO H 221 -13.93 -55.99 34.67
CA PRO H 221 -13.71 -57.38 35.12
C PRO H 221 -13.87 -58.38 33.98
N GLY H 222 -12.84 -59.21 33.80
CA GLY H 222 -12.83 -60.17 32.71
C GLY H 222 -12.25 -59.67 31.41
N TYR H 223 -11.87 -58.40 31.33
CA TYR H 223 -11.39 -57.79 30.09
C TYR H 223 -9.90 -58.03 29.90
N SER H 224 -9.51 -58.42 28.68
CA SER H 224 -8.10 -58.56 28.30
C SER H 224 -7.73 -57.49 27.27
N GLY H 225 -8.28 -57.57 26.06
CA GLY H 225 -8.25 -56.47 25.12
C GLY H 225 -7.16 -56.45 24.07
N VAL H 226 -6.33 -57.50 23.98
CA VAL H 226 -5.25 -57.51 22.99
C VAL H 226 -5.80 -57.24 21.58
N GLU H 227 -6.96 -57.78 21.27
CA GLU H 227 -7.48 -57.72 19.92
C GLU H 227 -8.09 -56.37 19.55
N GLU H 228 -8.23 -55.45 20.51
CA GLU H 228 -8.81 -54.14 20.25
C GLU H 228 -7.67 -53.20 19.86
N ARG H 229 -7.43 -53.06 18.55
CA ARG H 229 -6.29 -52.32 18.05
C ARG H 229 -6.68 -50.99 17.40
N GLY H 230 -7.95 -50.60 17.51
CA GLY H 230 -8.45 -49.37 16.92
C GLY H 230 -9.47 -49.67 15.82
N GLU H 231 -10.05 -48.59 15.29
CA GLU H 231 -10.97 -48.73 14.17
C GLU H 231 -10.78 -47.56 13.22
N GLY H 232 -11.02 -47.82 11.93
CA GLY H 232 -10.88 -46.78 10.93
C GLY H 232 -9.49 -46.16 10.94
N ALA H 233 -9.45 -44.83 10.99
CA ALA H 233 -8.17 -44.13 11.00
C ALA H 233 -7.33 -44.46 12.23
N GLY H 234 -7.94 -44.97 13.29
CA GLY H 234 -7.21 -45.36 14.48
C GLY H 234 -6.70 -46.78 14.49
N LEU H 235 -6.95 -47.56 13.44
CA LEU H 235 -6.50 -48.94 13.41
C LEU H 235 -4.98 -49.00 13.52
N GLY H 236 -4.49 -49.79 14.47
CA GLY H 236 -3.08 -49.83 14.79
C GLY H 236 -2.61 -48.81 15.80
N HIS H 237 -3.49 -47.92 16.27
CA HIS H 237 -3.13 -46.83 17.18
C HIS H 237 -3.70 -47.01 18.58
N ASN H 238 -4.09 -48.25 18.93
CA ASN H 238 -4.41 -48.62 20.31
C ASN H 238 -3.73 -49.94 20.60
N ILE H 239 -3.03 -50.02 21.73
CA ILE H 239 -2.24 -51.19 22.10
C ILE H 239 -2.58 -51.57 23.53
N ASN H 240 -3.22 -52.72 23.72
CA ASN H 240 -3.52 -53.24 25.04
C ASN H 240 -2.55 -54.36 25.39
N ILE H 241 -1.95 -54.27 26.56
CA ILE H 241 -0.95 -55.23 27.00
C ILE H 241 -1.39 -55.82 28.32
N PRO H 242 -2.29 -56.80 28.32
CA PRO H 242 -2.69 -57.45 29.58
C PRO H 242 -1.58 -58.35 30.08
N LEU H 243 -1.19 -58.13 31.33
CA LEU H 243 -0.18 -58.96 31.97
C LEU H 243 -0.83 -59.82 33.04
N PRO H 244 -0.29 -61.01 33.31
CA PRO H 244 -0.91 -61.88 34.31
C PRO H 244 -0.83 -61.26 35.70
N ALA H 245 -1.88 -61.49 36.49
CA ALA H 245 -1.78 -61.24 37.92
C ALA H 245 -0.53 -61.88 38.47
N GLY H 246 0.12 -61.20 39.41
CA GLY H 246 1.36 -61.71 39.98
C GLY H 246 2.61 -61.34 39.22
N SER H 247 2.52 -60.46 38.22
CA SER H 247 3.70 -60.04 37.47
C SER H 247 4.52 -59.06 38.33
N GLY H 248 5.84 -59.17 38.23
CA GLY H 248 6.74 -58.29 38.93
C GLY H 248 7.51 -57.37 38.01
N GLN H 249 8.58 -56.79 38.55
CA GLN H 249 9.36 -55.81 37.81
C GLN H 249 9.91 -56.38 36.51
N ASP H 250 10.46 -57.60 36.55
CA ASP H 250 11.03 -58.22 35.36
C ASP H 250 10.03 -58.26 34.22
N THR H 251 8.78 -58.64 34.50
CA THR H 251 7.77 -58.74 33.46
C THR H 251 7.39 -57.36 32.92
N TYR H 252 7.19 -56.39 33.81
CA TYR H 252 6.84 -55.04 33.37
C TYR H 252 7.94 -54.45 32.51
N VAL H 253 9.19 -54.54 32.98
CA VAL H 253 10.29 -53.98 32.20
C VAL H 253 10.38 -54.65 30.84
N HIS H 254 10.17 -55.97 30.76
CA HIS H 254 10.22 -56.65 29.48
C HIS H 254 9.11 -56.17 28.55
N ALA H 255 7.91 -55.96 29.08
CA ALA H 255 6.83 -55.45 28.23
C ALA H 255 7.14 -54.06 27.72
N PHE H 256 7.81 -53.24 28.54
CA PHE H 256 8.19 -51.91 28.09
C PHE H 256 9.31 -51.98 27.06
N GLU H 257 10.31 -52.83 27.29
CA GLU H 257 11.41 -52.98 26.34
C GLU H 257 10.94 -53.51 24.99
N THR H 258 9.98 -54.45 24.98
CA THR H 258 9.67 -55.18 23.75
C THR H 258 8.41 -54.72 23.05
N ILE H 259 7.51 -54.01 23.73
CA ILE H 259 6.27 -53.52 23.12
C ILE H 259 6.17 -52.01 23.19
N VAL H 260 6.25 -51.44 24.39
CA VAL H 260 5.95 -50.02 24.57
C VAL H 260 6.96 -49.16 23.82
N LEU H 261 8.24 -49.33 24.13
CA LEU H 261 9.28 -48.50 23.50
C LEU H 261 9.31 -48.67 21.98
N PRO H 262 9.31 -49.89 21.43
CA PRO H 262 9.22 -50.01 19.96
C PRO H 262 7.99 -49.34 19.37
N ALA H 263 6.84 -49.42 20.05
CA ALA H 263 5.64 -48.77 19.54
C ALA H 263 5.78 -47.26 19.50
N LEU H 264 6.41 -46.67 20.54
CA LEU H 264 6.65 -45.24 20.54
C LEU H 264 7.60 -44.83 19.43
N ASP H 265 8.65 -45.62 19.19
CA ASP H 265 9.61 -45.33 18.12
C ASP H 265 8.92 -45.29 16.76
N ARG H 266 8.02 -46.24 16.49
CA ARG H 266 7.32 -46.24 15.20
C ARG H 266 6.38 -45.05 15.08
N TYR H 267 5.75 -44.65 16.18
CA TYR H 267 4.68 -43.69 16.08
C TYR H 267 5.21 -42.27 15.98
N ARG H 268 6.37 -41.99 16.59
CA ARG H 268 7.04 -40.69 16.59
C ARG H 268 6.15 -39.62 17.21
N PRO H 269 5.89 -39.71 18.52
CA PRO H 269 5.03 -38.70 19.16
C PRO H 269 5.78 -37.38 19.35
N ASP H 270 5.00 -36.30 19.41
CA ASP H 270 5.55 -34.99 19.76
C ASP H 270 5.45 -34.70 21.26
N LEU H 271 4.76 -35.56 22.00
CA LEU H 271 4.57 -35.43 23.44
C LEU H 271 4.22 -36.81 23.95
N ILE H 272 4.82 -37.20 25.07
CA ILE H 272 4.46 -38.45 25.74
C ILE H 272 3.76 -38.10 27.05
N VAL H 273 2.56 -38.65 27.24
CA VAL H 273 1.81 -38.53 28.48
C VAL H 273 1.76 -39.91 29.13
N VAL H 274 2.13 -39.99 30.41
CA VAL H 274 2.00 -41.21 31.17
C VAL H 274 0.80 -41.08 32.09
N ALA H 275 -0.14 -42.00 31.98
CA ALA H 275 -1.24 -42.14 32.94
C ALA H 275 -0.68 -43.01 34.06
N SER H 276 -0.30 -42.38 35.17
CA SER H 276 0.48 -43.01 36.23
C SER H 276 -0.44 -43.33 37.41
N GLY H 277 -1.06 -44.50 37.38
CA GLY H 277 -1.60 -45.09 38.58
C GLY H 277 -0.50 -45.88 39.26
N LEU H 278 -0.52 -45.88 40.58
CA LEU H 278 0.49 -46.56 41.36
C LEU H 278 -0.06 -47.84 41.99
N ASP H 279 -1.16 -48.36 41.45
CA ASP H 279 -1.82 -49.52 42.02
C ASP H 279 -1.25 -50.86 41.56
N ALA H 280 -0.19 -50.86 40.74
CA ALA H 280 0.54 -52.10 40.53
C ALA H 280 1.52 -52.38 41.66
N ASN H 281 1.53 -51.55 42.70
CA ASN H 281 2.49 -51.74 43.79
C ASN H 281 2.16 -53.03 44.55
N ALA H 282 3.19 -53.57 45.20
CA ALA H 282 3.19 -54.91 45.78
C ALA H 282 2.21 -55.11 46.93
N VAL H 283 1.67 -54.04 47.54
CA VAL H 283 0.69 -54.23 48.62
C VAL H 283 -0.64 -53.57 48.30
N ASP H 284 -0.94 -53.35 47.03
CA ASP H 284 -2.20 -52.69 46.74
C ASP H 284 -3.36 -53.65 46.95
N PRO H 285 -4.46 -53.22 47.57
CA PRO H 285 -5.61 -54.11 47.68
C PRO H 285 -6.35 -54.29 46.38
N LEU H 286 -6.24 -53.36 45.43
CA LEU H 286 -7.08 -53.40 44.24
C LEU H 286 -6.41 -54.03 43.03
N ALA H 287 -5.25 -54.67 43.20
CA ALA H 287 -4.66 -55.47 42.13
C ALA H 287 -3.68 -56.45 42.76
N ARG H 288 -3.06 -57.28 41.91
CA ARG H 288 -2.25 -58.41 42.33
C ARG H 288 -0.83 -58.34 41.77
N MET H 289 -0.31 -57.15 41.53
CA MET H 289 1.02 -57.02 40.93
C MET H 289 2.09 -56.78 42.00
N LEU H 290 3.35 -56.84 41.57
CA LEU H 290 4.48 -56.85 42.50
C LEU H 290 5.50 -55.75 42.21
N LEU H 291 5.07 -54.62 41.65
CA LEU H 291 6.01 -53.52 41.47
C LEU H 291 6.33 -52.87 42.81
N PHE H 292 7.51 -52.27 42.90
CA PHE H 292 7.85 -51.49 44.08
C PHE H 292 8.60 -50.23 43.63
N SER H 293 9.06 -49.43 44.60
CA SER H 293 9.58 -48.11 44.27
C SER H 293 10.69 -48.18 43.23
N GLU H 294 11.59 -49.16 43.36
CA GLU H 294 12.69 -49.30 42.41
C GLU H 294 12.17 -49.58 41.00
N SER H 295 11.06 -50.33 40.88
CA SER H 295 10.46 -50.58 39.58
C SER H 295 10.01 -49.28 38.92
N TYR H 296 9.35 -48.41 39.69
CA TYR H 296 8.89 -47.15 39.11
C TYR H 296 10.05 -46.24 38.72
N ARG H 297 11.19 -46.31 39.42
CA ARG H 297 12.37 -45.58 38.95
C ARG H 297 12.81 -46.07 37.58
N VAL H 298 12.83 -47.39 37.36
CA VAL H 298 13.26 -47.92 36.08
C VAL H 298 12.29 -47.52 34.98
N LEU H 299 10.98 -47.71 35.21
CA LEU H 299 9.99 -47.39 34.19
C LEU H 299 9.99 -45.89 33.87
N THR H 300 10.15 -45.04 34.89
CA THR H 300 10.19 -43.62 34.63
C THR H 300 11.43 -43.26 33.81
N GLY H 301 12.56 -43.85 34.15
CA GLY H 301 13.77 -43.66 33.36
C GLY H 301 13.59 -44.08 31.92
N MET H 302 12.87 -45.18 31.67
CA MET H 302 12.65 -45.61 30.30
C MET H 302 11.79 -44.62 29.53
N MET H 303 10.77 -44.05 30.18
CA MET H 303 9.94 -43.06 29.51
C MET H 303 10.67 -41.74 29.31
N MET H 304 11.54 -41.36 30.24
CA MET H 304 12.35 -40.17 30.04
C MET H 304 13.33 -40.35 28.89
N ASP H 305 13.97 -41.51 28.80
CA ASP H 305 14.90 -41.75 27.69
C ASP H 305 14.16 -41.75 26.36
N ALA H 306 12.95 -42.33 26.32
CA ALA H 306 12.13 -42.28 25.11
C ALA H 306 11.78 -40.85 24.74
N ALA H 307 11.36 -40.05 25.73
CA ALA H 307 11.03 -38.66 25.46
C ALA H 307 12.25 -37.88 24.98
N ASP H 308 13.43 -38.17 25.56
CA ASP H 308 14.65 -37.53 25.08
C ASP H 308 14.90 -37.85 23.62
N ARG H 309 14.71 -39.10 23.22
CA ARG H 309 14.98 -39.50 21.84
C ARG H 309 13.93 -38.95 20.88
N LEU H 310 12.66 -38.94 21.28
CA LEU H 310 11.58 -38.72 20.34
C LEU H 310 10.98 -37.32 20.36
N CYS H 311 11.00 -36.62 21.50
CA CYS H 311 10.23 -35.38 21.58
C CYS H 311 10.86 -34.39 22.55
N GLU H 312 12.18 -34.27 22.53
CA GLU H 312 12.89 -33.21 23.26
C GLU H 312 12.59 -33.26 24.76
N GLY H 313 12.42 -34.47 25.29
CA GLY H 313 12.18 -34.67 26.70
C GLY H 313 10.77 -34.37 27.16
N ARG H 314 9.85 -34.08 26.25
CA ARG H 314 8.51 -33.62 26.63
C ARG H 314 7.71 -34.80 27.18
N LEU H 315 7.61 -34.85 28.51
CA LEU H 315 6.99 -35.97 29.21
C LEU H 315 6.12 -35.39 30.31
N ALA H 316 4.81 -35.67 30.26
CA ALA H 316 3.89 -35.23 31.30
C ALA H 316 3.29 -36.46 31.94
N VAL H 317 3.30 -36.52 33.26
CA VAL H 317 2.85 -37.69 34.01
C VAL H 317 1.64 -37.26 34.84
N VAL H 318 0.52 -37.97 34.68
CA VAL H 318 -0.74 -37.60 35.31
C VAL H 318 -1.20 -38.75 36.20
N HIS H 319 -1.43 -38.46 37.48
CA HIS H 319 -1.80 -39.50 38.44
C HIS H 319 -3.16 -40.09 38.12
N GLU H 320 -3.30 -41.41 38.33
CA GLU H 320 -4.58 -42.10 38.23
C GLU H 320 -4.89 -42.80 39.55
N GLY H 321 -4.79 -44.13 39.60
CA GLY H 321 -5.09 -44.89 40.80
C GLY H 321 -3.90 -45.08 41.73
N GLY H 322 -4.10 -45.94 42.73
CA GLY H 322 -3.11 -46.27 43.75
C GLY H 322 -3.81 -46.26 45.09
N TYR H 323 -3.84 -47.38 45.81
CA TYR H 323 -4.77 -47.56 46.92
C TYR H 323 -4.13 -48.02 48.21
N SER H 324 -2.81 -48.10 48.28
CA SER H 324 -2.11 -48.40 49.51
C SER H 324 -1.67 -47.09 50.15
N GLU H 325 -2.34 -46.69 51.23
CA GLU H 325 -1.94 -45.46 51.91
C GLU H 325 -0.49 -45.55 52.39
N ALA H 326 -0.06 -46.74 52.79
CA ALA H 326 1.27 -46.87 53.36
C ALA H 326 2.35 -46.84 52.29
N TYR H 327 2.10 -47.46 51.13
CA TYR H 327 3.20 -47.69 50.20
C TYR H 327 3.19 -46.81 48.96
N VAL H 328 2.03 -46.34 48.50
CA VAL H 328 1.96 -45.43 47.36
C VAL H 328 2.93 -44.25 47.48
N PRO H 329 3.10 -43.64 48.67
CA PRO H 329 4.02 -42.50 48.76
C PRO H 329 5.43 -42.81 48.28
N PHE H 330 5.95 -44.00 48.58
CA PHE H 330 7.33 -44.30 48.19
C PHE H 330 7.45 -44.49 46.68
N CYS H 331 6.41 -45.02 46.04
CA CYS H 331 6.41 -45.18 44.60
C CYS H 331 6.31 -43.83 43.91
N GLY H 332 5.41 -42.97 44.39
CA GLY H 332 5.30 -41.63 43.83
C GLY H 332 6.56 -40.82 44.02
N GLN H 333 7.15 -40.89 45.22
CA GLN H 333 8.41 -40.20 45.49
C GLN H 333 9.49 -40.63 44.50
N ALA H 334 9.56 -41.94 44.21
CA ALA H 334 10.58 -42.43 43.29
C ALA H 334 10.40 -41.88 41.89
N ILE H 335 9.15 -41.74 41.43
CA ILE H 335 8.89 -41.21 40.09
C ILE H 335 9.33 -39.75 40.00
N VAL H 336 8.93 -38.94 40.98
CA VAL H 336 9.26 -37.52 40.94
C VAL H 336 10.76 -37.30 41.04
N GLU H 337 11.43 -38.07 41.90
CA GLU H 337 12.88 -37.99 41.97
C GLU H 337 13.52 -38.32 40.63
N THR H 338 12.97 -39.29 39.91
CA THR H 338 13.53 -39.65 38.62
C THR H 338 13.29 -38.55 37.58
N LEU H 339 12.06 -38.01 37.54
CA LEU H 339 11.75 -36.90 36.65
C LEU H 339 12.68 -35.70 36.89
N ALA H 340 12.95 -35.39 38.16
CA ALA H 340 13.76 -34.24 38.51
C ALA H 340 15.26 -34.50 38.44
N GLY H 341 15.66 -35.76 38.38
CA GLY H 341 17.08 -36.09 38.34
C GLY H 341 17.81 -35.81 39.64
N VAL H 342 17.12 -35.92 40.79
CA VAL H 342 17.75 -35.67 42.08
C VAL H 342 17.27 -36.72 43.07
N ARG H 343 18.20 -37.19 43.91
CA ARG H 343 17.86 -38.12 44.97
C ARG H 343 17.72 -37.34 46.29
N THR H 344 17.02 -37.95 47.24
CA THR H 344 16.80 -37.33 48.53
C THR H 344 17.26 -38.27 49.64
N GLY H 345 16.99 -37.91 50.88
CA GLY H 345 17.28 -38.79 51.99
C GLY H 345 16.26 -39.87 52.22
N VAL H 346 15.17 -39.86 51.46
CA VAL H 346 14.11 -40.86 51.65
C VAL H 346 14.66 -42.24 51.35
N VAL H 347 14.50 -43.16 52.31
CA VAL H 347 14.79 -44.57 52.09
C VAL H 347 13.48 -45.34 52.20
N ASP H 348 13.16 -46.08 51.15
CA ASP H 348 11.97 -46.90 51.16
C ASP H 348 12.21 -48.07 52.12
N PRO H 349 11.43 -48.21 53.18
CA PRO H 349 11.71 -49.25 54.18
C PRO H 349 11.47 -50.66 53.69
N GLU H 350 10.79 -50.83 52.54
CA GLU H 350 10.44 -52.15 52.06
C GLU H 350 11.31 -52.61 50.90
N LEU H 351 12.40 -51.88 50.60
CA LEU H 351 13.22 -52.18 49.42
C LEU H 351 13.67 -53.63 49.41
N GLU H 352 14.21 -54.11 50.53
CA GLU H 352 14.74 -55.47 50.57
C GLU H 352 13.62 -56.50 50.53
N MET H 353 12.54 -56.27 51.29
CA MET H 353 11.46 -57.24 51.34
C MET H 353 10.79 -57.41 49.98
N PHE H 354 10.48 -56.29 49.31
CA PHE H 354 9.75 -56.38 48.05
C PHE H 354 10.63 -56.89 46.92
N ALA H 355 11.96 -56.73 47.04
CA ALA H 355 12.84 -57.44 46.12
C ALA H 355 12.79 -58.95 46.34
N LEU H 356 12.76 -59.38 47.61
CA LEU H 356 12.68 -60.82 47.89
C LEU H 356 11.36 -61.43 47.42
N TRP H 357 10.29 -60.61 47.36
CA TRP H 357 8.98 -61.08 46.91
C TRP H 357 8.91 -61.35 45.40
N GLN H 358 9.86 -60.85 44.61
CA GLN H 358 9.72 -60.91 43.16
C GLN H 358 9.63 -62.36 42.68
N PRO H 359 8.94 -62.60 41.56
CA PRO H 359 8.72 -63.98 41.10
C PRO H 359 10.04 -64.67 40.76
N GLY H 360 10.02 -66.00 40.85
CA GLY H 360 11.18 -66.78 40.47
C GLY H 360 11.41 -66.82 38.96
N ASP H 361 12.56 -67.38 38.58
CA ASP H 361 12.96 -67.42 37.18
C ASP H 361 11.96 -68.20 36.33
N ARG H 362 11.44 -69.30 36.88
CA ARG H 362 10.52 -70.13 36.11
C ARG H 362 9.28 -69.34 35.72
N ILE H 363 8.70 -68.64 36.69
CA ILE H 363 7.54 -67.79 36.43
C ILE H 363 7.89 -66.68 35.47
N ASN H 364 9.01 -65.99 35.70
CA ASN H 364 9.40 -64.87 34.85
C ASN H 364 9.60 -65.32 33.40
N ARG H 365 10.18 -66.51 33.20
CA ARG H 365 10.38 -67.02 31.85
C ARG H 365 9.05 -67.21 31.12
N PHE H 366 8.06 -67.78 31.81
CA PHE H 366 6.76 -67.96 31.20
C PHE H 366 6.11 -66.62 30.89
N HIS H 367 6.16 -65.68 31.83
CA HIS H 367 5.59 -64.35 31.59
C HIS H 367 6.29 -63.67 30.40
N ARG H 368 7.60 -63.86 30.28
CA ARG H 368 8.31 -63.29 29.14
C ARG H 368 7.82 -63.87 27.83
N GLU H 369 7.58 -65.19 27.80
CA GLU H 369 7.03 -65.81 26.60
C GLU H 369 5.68 -65.23 26.24
N LEU H 370 4.83 -65.00 27.24
CA LEU H 370 3.53 -64.38 26.97
C LEU H 370 3.69 -62.98 26.39
N VAL H 371 4.61 -62.19 26.94
CA VAL H 371 4.89 -60.86 26.40
C VAL H 371 5.45 -60.96 24.97
N ASP H 372 6.38 -61.89 24.75
CA ASP H 372 6.96 -62.05 23.42
C ASP H 372 5.89 -62.39 22.39
N GLU H 373 4.91 -63.20 22.77
CA GLU H 373 3.82 -63.54 21.85
C GLU H 373 3.01 -62.31 21.49
N MET H 374 2.68 -61.47 22.48
CA MET H 374 1.93 -60.26 22.18
C MET H 374 2.74 -59.30 21.32
N ALA H 375 4.05 -59.23 21.57
CA ALA H 375 4.89 -58.33 20.78
C ALA H 375 4.85 -58.70 19.31
N ALA H 376 4.89 -60.00 19.01
CA ALA H 376 4.80 -60.45 17.62
C ALA H 376 3.45 -60.06 17.01
N VAL H 377 2.36 -60.35 17.72
CA VAL H 377 1.03 -59.99 17.23
C VAL H 377 0.92 -58.47 17.06
N LEU H 378 1.06 -57.73 18.16
CA LEU H 378 1.06 -56.27 18.12
C LEU H 378 2.22 -55.73 17.29
N LEU H 379 2.58 -56.44 16.21
CA LEU H 379 3.64 -56.10 15.27
C LEU H 379 5.05 -56.26 15.83
#